data_9CQ9
#
_entry.id   9CQ9
#
_cell.length_a   1.00
_cell.length_b   1.00
_cell.length_c   1.00
_cell.angle_alpha   90.00
_cell.angle_beta   90.00
_cell.angle_gamma   90.00
#
_symmetry.space_group_name_H-M   'P 1'
#
_entity_poly.entity_id   1
_entity_poly.type   'polypeptide(L)'
_entity_poly.pdbx_seq_one_letter_code
;MAPNNTQQEEASKGGNSSPEAYLPYSGDIAIAGISGRYPESDSVGEFRDNLFGKVNMLTCDDRRWKLGHLDLPDVLGKLR
SVDRFDSEFFNLNSKQTEMLDPQTRLLLEVCYEAIVDAGESLASVKGSRTGMYLAISSSEPEQAWICRQDPYIVMGCPHT
MSPNRISFFFDLHGPSIAYDTACSSVLVALEAAFQHMRTGVIDSAIVAGVNTCFRALTSKVYQNMGMLGPEACKAFDSSG
NGYARSEIVSALFLKKSSDSKRIYCSVVNVKTNNDGFTPQGLTFPSGEIQEQLMRNVYADCKLNPKEVSYFECHGTGTPA
GDPQETNAIYRVMCTPDKREPLLIGSVKSNMGHAETGSAMASITKVILAMHEGFIAPNLHFRSPNPKIEGLRDGKMAVVT
EATPWSGGYMAINSFGMGGSNAHAVLRSYDVSSSKPHPSAHKPRLFTYSARTEHGLRAILREAQTHAASMEFHALCQASA
DAPLGSMPYRGATILNGQHDFEVVEKCKSKAREVWFIYAGMGSQWVGMARCLMQLDVFRHSLEKSAAVLKPHGVDLLNIL
SEGTEDTLRTILNPFVCITSIQVALTDLLWSMGIRPDGIVGHSMGEVGCAYCDGCLTAEEAVLTAYWRGKCVTDGKVPPG
KMAAVGLTWEEAKSQCPAGVVPACHNAEDSVTISGAADVMLKFMEELKAKDVFVREVNSSNIAYHSYFMENIYASLKDSL
SKVISPKPRTARWLPTSVPEELWDSAPAQSSSAEFHANNLVSPVLFHEALQKIPPTAIAIELAPHGLLQSVIKRTLGNES
VCVGLQKRNYADNLEFLFASLGKCFANGLSLNPLACYPPVEFPVPKGTPRLSDMVAGAWDHSAQWLVPKNEDFEGRVQAS
GSDSSYSIDVSADSPDRYLLDHQVDGRELFPACGCLVLAWKTLAALNGRDFEQMPVRLSRVEIHQAMFLPKSGSATVTVS
VMPRTGEFQVCENENLLASGFVTCPDKDVLETSTHAQTRSSLQDRPATEVLTRDEVYRELILRGYEYGPYFQGILRASVD
GQESEITWDGRWVSFMDSVLQMDILARPGDYQMLPIKFQSINIDPRVQPAAPAEDEDVVVLPGRFDPVLDIVSAGGVEIR
GLETISASRRLTHAPEVVEEYRFVPHHVTGRDDPGAKRPGATVDIREYADACLAFAVQGIKKWLSEDKDKVLPQKDLLQD
ALGLANQDLGSKSSSSDFISAKAALERILKQQNGHQQHGFGLFHTLNLAFSEPLEIGFRETLKNKIHHMRYDMWDDCLMS
AVECADSLKLCIDTVAENTTSHIVNVLEAGAAKGAFYRRAIPEALAKFSGKDYRYTVGDASPMDDAKEFSVKTLQFDAYD
PANFPASQAHAHDLLVLKWVLHQQEDLDAAMAGFCGFVRPGGFILVQEFVHRLPTLLAVEAVTDHPLPRKSGDRVLGRYY
SAAQWRELFRRHGLVEVIHRSDGALADMFLLRSRVEVMTPPTVLHLDDLSCSWLEEVKAKYSDLEAMPQDARLWLVGKSD
CNGMLGFFNCLRQEPGSERVRCVQVCGDSVPDLSPGSAEFKYLAEMDLAFNVHKDGKWGVYRHLAITDDQRRQQFPTEHA
FVDTLTSGDLSTLTWVRSPLNLHASSEKGQDCELCTVYMAGVVSRDLALACGKLRRDELPAGMFCKEGTLGIEFSGRDTK
GKRVMGLCAPPALASSVLCLRSSLWSVPQHWSLEEAATVPVAYSTAYYALVIRGHVRPGDTVLVHAGGSPVGQAAIAVAQ
SCGCEIFISTATDAETSSLKSMFPRLKDRNFCSCKDASFERHVKKETSGKGVDIILNCTTGELLGASIRLLASRGRFLNL
ASGRGSDAELVFSGSGRRDTSFHDINLDTLIDAQGPEWTELTSLVQKGIQSGLVKPLARTVYAMDRLVDVFKLLEEGAQA
GKLLVKIREEEAEKITLPAKKTFEAVPRTFFHPAKSYVIVGGLGGFGLELAHWMVLRGVRKLVLTSRNGITTGYQTRKIA
FLRSLGADIVVCAVNVTSQAAADRLVKTATDLGPLGGVFNLGLNLRDALLVEQTAENYKQTLEAKIQTTSLLDGISRSPK
IQPTLDHFVMFSSLSAGHGIPGQTNYGWGNSYMDRLCEKRRAQGLPGLSIQWASIADVGFVGTKGNNVVIEGKWPQRMYN
CLQVCDYFLSQNRPVVACHVLAEKVKAAVEGEETVGQQVIKAVGNVLGLKSVSGVDPDKVFLDLGLDSLMSVEIKQMLER
DLDLALGTKDIQMLTFAQLQAMVQHVHHHHHH
;
_entity_poly.pdbx_strand_id   A,B
#
# COMPACT_ATOMS: atom_id res chain seq x y z
N ASP A 883 -14.07 20.35 5.65
CA ASP A 883 -13.18 21.48 5.40
C ASP A 883 -13.25 22.48 6.54
N SER A 884 -12.87 22.05 7.73
CA SER A 884 -12.90 22.92 8.90
C SER A 884 -11.74 23.90 8.85
N SER A 885 -11.90 24.95 8.05
CA SER A 885 -10.81 25.89 7.81
C SER A 885 -10.40 26.59 9.09
N TYR A 886 -9.09 26.74 9.28
CA TYR A 886 -8.52 27.48 10.40
C TYR A 886 -7.77 28.68 9.85
N SER A 887 -8.07 29.85 10.40
CA SER A 887 -7.42 31.11 10.00
C SER A 887 -6.48 31.52 11.12
N ILE A 888 -5.20 31.24 10.94
CA ILE A 888 -4.20 31.66 11.91
C ILE A 888 -3.82 33.12 11.65
N ASP A 889 -3.49 33.83 12.72
CA ASP A 889 -3.03 35.20 12.62
C ASP A 889 -1.72 35.35 13.38
N VAL A 890 -0.84 36.19 12.86
CA VAL A 890 0.49 36.34 13.44
C VAL A 890 0.77 37.81 13.75
N SER A 891 -0.27 38.58 14.02
CA SER A 891 -0.12 39.99 14.33
C SER A 891 0.50 40.13 15.72
N ALA A 892 0.72 41.38 16.14
CA ALA A 892 1.37 41.62 17.43
C ALA A 892 0.50 41.17 18.59
N ASP A 893 -0.77 41.59 18.60
CA ASP A 893 -1.65 41.29 19.73
C ASP A 893 -2.28 39.91 19.65
N SER A 894 -2.23 39.25 18.51
CA SER A 894 -2.85 37.94 18.39
C SER A 894 -2.12 36.94 19.27
N PRO A 895 -2.81 35.90 19.76
CA PRO A 895 -2.12 34.89 20.58
C PRO A 895 -1.00 34.18 19.85
N ASP A 896 -1.11 33.97 18.54
CA ASP A 896 -0.21 33.12 17.79
C ASP A 896 1.08 33.83 17.38
N ARG A 897 1.38 34.99 17.95
CA ARG A 897 2.66 35.62 17.67
C ARG A 897 3.81 34.68 17.97
N TYR A 898 3.67 33.85 19.01
CA TYR A 898 4.73 32.91 19.36
C TYR A 898 5.09 31.99 18.22
N LEU A 899 4.17 31.76 17.28
CA LEU A 899 4.45 30.87 16.16
C LEU A 899 5.58 31.40 15.29
N LEU A 900 5.92 32.69 15.40
CA LEU A 900 7.04 33.23 14.65
C LEU A 900 8.38 32.87 15.26
N ASP A 901 8.39 32.21 16.41
CA ASP A 901 9.65 31.82 17.04
C ASP A 901 10.26 30.56 16.46
N HIS A 902 9.49 29.80 15.67
CA HIS A 902 9.94 28.53 15.12
C HIS A 902 10.64 28.78 13.77
N GLN A 903 11.86 29.31 13.86
CA GLN A 903 12.64 29.66 12.68
C GLN A 903 13.63 28.56 12.34
N VAL A 904 13.73 28.26 11.04
CA VAL A 904 14.64 27.25 10.53
C VAL A 904 15.48 27.89 9.44
N ASP A 905 16.65 28.38 9.80
CA ASP A 905 17.58 29.02 8.86
C ASP A 905 17.01 30.36 8.38
N GLY A 906 16.54 31.16 9.32
CA GLY A 906 16.08 32.50 8.99
C GLY A 906 14.76 32.57 8.26
N ARG A 907 13.93 31.54 8.36
CA ARG A 907 12.62 31.54 7.75
C ARG A 907 11.60 31.06 8.77
N GLU A 908 10.49 31.77 8.90
CA GLU A 908 9.48 31.41 9.89
C GLU A 908 8.60 30.28 9.37
N LEU A 909 9.05 29.05 9.49
CA LEU A 909 8.32 27.89 9.00
C LEU A 909 7.24 27.51 10.00
N PHE A 910 6.06 27.15 9.49
CA PHE A 910 4.99 26.68 10.35
C PHE A 910 5.31 25.26 10.82
N PRO A 911 5.48 25.02 12.11
CA PRO A 911 5.96 23.72 12.55
C PRO A 911 4.96 22.61 12.24
N ALA A 912 5.50 21.42 11.94
CA ALA A 912 4.64 20.27 11.70
C ALA A 912 3.77 19.99 12.91
N CYS A 913 4.28 20.24 14.11
CA CYS A 913 3.45 20.11 15.30
C CYS A 913 2.18 20.95 15.18
N GLY A 914 2.27 22.09 14.50
CA GLY A 914 1.07 22.88 14.28
C GLY A 914 0.03 22.14 13.46
N CYS A 915 0.46 21.48 12.38
CA CYS A 915 -0.47 20.70 11.58
C CYS A 915 -1.06 19.55 12.39
N LEU A 916 -0.22 18.90 13.21
CA LEU A 916 -0.74 17.81 14.03
C LEU A 916 -1.80 18.32 15.00
N VAL A 917 -1.54 19.44 15.66
CA VAL A 917 -2.51 19.98 16.60
C VAL A 917 -3.79 20.40 15.88
N LEU A 918 -3.64 20.94 14.67
CA LEU A 918 -4.83 21.33 13.90
C LEU A 918 -5.69 20.13 13.56
N ALA A 919 -5.06 19.03 13.13
CA ALA A 919 -5.83 17.81 12.87
C ALA A 919 -6.48 17.31 14.15
N TRP A 920 -5.78 17.41 15.27
CA TRP A 920 -6.36 17.02 16.56
C TRP A 920 -7.62 17.82 16.85
N LYS A 921 -7.53 19.14 16.70
CA LYS A 921 -8.69 19.99 16.95
C LYS A 921 -9.82 19.68 15.99
N THR A 922 -9.49 19.41 14.73
CA THR A 922 -10.54 19.09 13.75
C THR A 922 -11.28 17.83 14.14
N LEU A 923 -10.55 16.79 14.54
CA LEU A 923 -11.22 15.57 14.96
C LEU A 923 -12.05 15.82 16.21
N ALA A 924 -11.54 16.60 17.15
CA ALA A 924 -12.29 16.90 18.36
C ALA A 924 -13.59 17.62 18.03
N ALA A 925 -13.52 18.61 17.15
CA ALA A 925 -14.72 19.36 16.77
C ALA A 925 -15.71 18.48 16.05
N LEU A 926 -15.21 17.65 15.12
CA LEU A 926 -16.12 16.82 14.34
C LEU A 926 -16.83 15.78 15.19
N ASN A 927 -16.28 15.46 16.36
CA ASN A 927 -16.88 14.50 17.27
C ASN A 927 -17.54 15.14 18.48
N GLY A 928 -17.74 16.46 18.45
CA GLY A 928 -18.39 17.13 19.56
C GLY A 928 -17.61 17.01 20.85
N ARG A 929 -16.30 17.24 20.77
CA ARG A 929 -15.41 17.16 21.91
C ARG A 929 -14.54 18.41 21.96
N ASP A 930 -13.90 18.63 23.10
CA ASP A 930 -12.95 19.71 23.26
C ASP A 930 -11.53 19.16 23.12
N PHE A 931 -10.69 19.91 22.40
CA PHE A 931 -9.35 19.42 22.10
C PHE A 931 -8.41 19.47 23.29
N GLU A 932 -8.90 19.68 24.51
CA GLU A 932 -8.07 19.62 25.71
C GLU A 932 -8.38 18.42 26.59
N GLN A 933 -9.35 17.58 26.20
CA GLN A 933 -9.69 16.41 27.01
C GLN A 933 -9.94 15.19 26.15
N MET A 934 -9.40 15.15 24.94
CA MET A 934 -9.63 14.05 24.01
C MET A 934 -8.30 13.38 23.68
N PRO A 935 -8.00 12.19 24.21
CA PRO A 935 -6.79 11.49 23.77
C PRO A 935 -6.89 11.19 22.28
N VAL A 936 -5.75 11.33 21.59
CA VAL A 936 -5.71 11.18 20.15
C VAL A 936 -4.47 10.41 19.76
N ARG A 937 -4.51 9.82 18.57
CA ARG A 937 -3.38 9.08 18.00
C ARG A 937 -3.33 9.37 16.52
N LEU A 938 -2.21 9.91 16.06
CA LEU A 938 -1.98 10.18 14.65
C LEU A 938 -0.94 9.20 14.12
N SER A 939 -1.30 8.45 13.09
CA SER A 939 -0.45 7.40 12.56
C SER A 939 -0.19 7.61 11.09
N ARG A 940 0.90 6.99 10.62
CA ARG A 940 1.28 7.04 9.20
C ARG A 940 1.45 8.48 8.72
N VAL A 941 1.69 9.39 9.66
CA VAL A 941 1.78 10.81 9.33
C VAL A 941 2.96 11.03 8.41
N GLU A 942 2.75 11.83 7.37
CA GLU A 942 3.81 12.22 6.45
C GLU A 942 3.72 13.72 6.19
N ILE A 943 4.88 14.37 6.16
CA ILE A 943 4.98 15.82 6.00
C ILE A 943 5.45 16.10 4.58
N HIS A 944 4.64 16.84 3.82
CA HIS A 944 4.95 17.11 2.43
C HIS A 944 5.70 18.42 2.26
N GLN A 945 5.10 19.53 2.70
CA GLN A 945 5.68 20.85 2.54
C GLN A 945 5.69 21.57 3.88
N ALA A 946 6.37 22.71 3.90
CA ALA A 946 6.46 23.57 5.07
C ALA A 946 6.00 24.97 4.68
N MET A 947 4.89 25.42 5.27
CA MET A 947 4.37 26.74 4.96
C MET A 947 5.26 27.80 5.59
N PHE A 948 5.47 28.90 4.87
CA PHE A 948 6.23 30.04 5.36
C PHE A 948 5.26 31.03 5.98
N LEU A 949 5.35 31.19 7.30
CA LEU A 949 4.44 32.09 7.99
C LEU A 949 4.73 33.53 7.59
N PRO A 950 3.71 34.35 7.33
CA PRO A 950 3.97 35.76 7.03
C PRO A 950 4.58 36.46 8.24
N LYS A 951 5.39 37.48 7.96
CA LYS A 951 5.95 38.28 9.04
C LYS A 951 4.87 38.96 9.85
N SER A 952 3.82 39.46 9.17
CA SER A 952 2.66 40.01 9.85
C SER A 952 1.46 39.91 8.92
N GLY A 953 0.39 39.29 9.40
CA GLY A 953 -0.79 39.06 8.61
C GLY A 953 -1.54 37.85 9.13
N SER A 954 -2.20 37.15 8.20
CA SER A 954 -2.95 35.96 8.56
C SER A 954 -2.83 34.95 7.43
N ALA A 955 -2.94 33.67 7.77
CA ALA A 955 -2.88 32.58 6.81
C ALA A 955 -4.08 31.64 7.03
N THR A 956 -4.42 30.91 5.99
CA THR A 956 -5.55 30.00 6.00
C THR A 956 -5.06 28.58 5.74
N VAL A 957 -5.50 27.63 6.56
CA VAL A 957 -5.14 26.22 6.41
C VAL A 957 -6.40 25.39 6.63
N THR A 958 -6.73 24.54 5.66
CA THR A 958 -7.92 23.71 5.73
C THR A 958 -7.56 22.32 6.21
N VAL A 959 -8.55 21.64 6.78
CA VAL A 959 -8.39 20.28 7.28
C VAL A 959 -9.56 19.46 6.75
N SER A 960 -9.26 18.30 6.17
CA SER A 960 -10.27 17.43 5.59
C SER A 960 -10.03 16.01 6.10
N VAL A 961 -10.85 15.57 7.03
CA VAL A 961 -10.74 14.22 7.58
C VAL A 961 -11.93 13.41 7.09
N MET A 962 -11.71 12.15 6.96
CA MET A 962 -12.76 11.24 6.54
C MET A 962 -13.49 10.70 7.77
N PRO A 963 -14.76 10.35 7.65
CA PRO A 963 -15.51 9.91 8.85
C PRO A 963 -14.95 8.62 9.44
N ARG A 964 -14.85 7.57 8.62
CA ARG A 964 -14.54 6.23 9.12
C ARG A 964 -13.04 6.05 9.33
N THR A 965 -12.25 6.19 8.27
CA THR A 965 -10.83 5.90 8.35
C THR A 965 -10.04 6.98 9.07
N GLY A 966 -10.63 8.17 9.25
CA GLY A 966 -9.90 9.24 9.89
C GLY A 966 -8.66 9.67 9.13
N GLU A 967 -8.71 9.64 7.80
CA GLU A 967 -7.56 10.00 6.98
C GLU A 967 -7.56 11.51 6.79
N PHE A 968 -6.82 12.21 7.63
CA PHE A 968 -6.83 13.66 7.59
C PHE A 968 -5.93 14.17 6.47
N GLN A 969 -6.11 15.43 6.12
CA GLN A 969 -5.32 16.07 5.07
C GLN A 969 -5.18 17.55 5.35
N VAL A 970 -4.13 17.96 6.04
CA VAL A 970 -3.95 19.37 6.39
C VAL A 970 -3.24 20.05 5.22
N CYS A 971 -3.95 20.95 4.53
CA CYS A 971 -3.42 21.60 3.36
C CYS A 971 -3.77 23.08 3.41
N GLU A 972 -3.02 23.87 2.66
CA GLU A 972 -3.29 25.28 2.52
C GLU A 972 -3.26 25.65 1.04
N ASN A 973 -4.09 26.62 0.67
CA ASN A 973 -4.19 27.06 -0.71
C ASN A 973 -4.33 25.85 -1.63
N GLU A 974 -3.28 25.55 -2.41
CA GLU A 974 -3.34 24.47 -3.38
C GLU A 974 -2.30 23.38 -3.12
N ASN A 975 -1.40 23.59 -2.17
CA ASN A 975 -0.31 22.66 -1.89
C ASN A 975 -0.56 21.98 -0.55
N LEU A 976 -0.51 20.66 -0.55
CA LEU A 976 -0.75 19.87 0.65
C LEU A 976 0.42 19.99 1.61
N LEU A 977 0.13 20.13 2.90
CA LEU A 977 1.14 20.24 3.94
C LEU A 977 1.42 18.91 4.63
N ALA A 978 0.39 18.22 5.10
CA ALA A 978 0.61 16.96 5.80
C ALA A 978 -0.60 16.06 5.63
N SER A 979 -0.39 14.76 5.83
CA SER A 979 -1.45 13.77 5.70
C SER A 979 -1.22 12.69 6.75
N GLY A 980 -1.93 11.59 6.62
CA GLY A 980 -1.90 10.50 7.58
C GLY A 980 -3.28 10.24 8.14
N PHE A 981 -3.35 9.36 9.13
CA PHE A 981 -4.60 9.01 9.77
C PHE A 981 -4.62 9.56 11.18
N VAL A 982 -5.81 9.93 11.66
CA VAL A 982 -5.99 10.44 13.01
C VAL A 982 -7.21 9.74 13.62
N THR A 983 -7.08 9.30 14.87
CA THR A 983 -8.17 8.61 15.54
C THR A 983 -8.11 8.92 17.03
N CYS A 984 -9.10 8.42 17.75
CA CYS A 984 -9.19 8.60 19.20
C CYS A 984 -9.29 7.24 19.87
N PRO A 985 -8.19 6.66 20.34
CA PRO A 985 -8.28 5.35 20.99
C PRO A 985 -8.73 5.43 22.44
N ASP A 986 -8.86 4.28 23.09
CA ASP A 986 -9.23 4.20 24.50
C ASP A 986 -7.97 4.19 25.36
N LYS A 987 -8.10 3.81 26.63
CA LYS A 987 -6.99 3.88 27.58
C LYS A 987 -5.66 3.53 26.92
N ASP A 988 -5.65 2.56 26.01
CA ASP A 988 -4.43 2.12 25.36
C ASP A 988 -3.99 3.20 24.36
N VAL A 989 -3.41 4.27 24.89
CA VAL A 989 -2.99 5.39 24.06
C VAL A 989 -1.50 5.64 24.27
N LEU A 990 -1.06 5.75 25.52
CA LEU A 990 0.36 5.89 25.80
C LEU A 990 0.95 4.54 26.19
N GLU A 991 2.25 4.38 25.90
CA GLU A 991 2.89 3.06 26.02
C GLU A 991 4.30 3.20 26.60
N THR A 992 4.64 4.39 27.11
CA THR A 992 6.00 4.64 27.58
C THR A 992 6.11 4.60 29.10
N SER A 993 5.08 5.05 29.80
CA SER A 993 5.03 5.14 31.26
C SER A 993 5.77 6.35 31.81
N THR A 994 6.41 7.17 30.97
CA THR A 994 7.02 8.40 31.47
C THR A 994 5.99 9.41 31.91
N HIS A 995 4.74 9.31 31.41
CA HIS A 995 3.71 10.22 31.86
C HIS A 995 3.46 10.06 33.36
N ALA A 996 3.40 8.82 33.82
CA ALA A 996 3.17 8.57 35.24
C ALA A 996 4.31 9.13 36.09
N GLN A 997 5.55 8.95 35.64
CA GLN A 997 6.69 9.46 36.38
C GLN A 997 6.55 10.95 36.59
N THR A 998 6.84 11.41 37.80
CA THR A 998 6.76 12.81 38.15
C THR A 998 8.05 13.37 38.72
N ARG A 999 8.94 12.54 39.25
CA ARG A 999 10.21 12.99 39.79
C ARG A 999 11.20 13.19 38.66
N SER A 1000 12.02 14.24 38.78
CA SER A 1000 12.99 14.54 37.74
C SER A 1000 14.32 13.83 37.98
N SER A 1001 14.93 14.09 39.13
CA SER A 1001 16.20 13.47 39.52
C SER A 1001 17.37 13.96 38.68
N LEU A 1002 17.10 14.84 37.71
CA LEU A 1002 18.18 15.31 36.85
C LEU A 1002 19.09 16.28 37.58
N GLN A 1003 18.55 16.99 38.58
CA GLN A 1003 19.38 17.85 39.41
C GLN A 1003 20.25 16.99 40.33
N ASP A 1004 21.20 17.63 41.00
CA ASP A 1004 22.16 16.92 41.85
C ASP A 1004 22.99 15.93 41.05
N ARG A 1005 23.20 16.24 39.77
CA ARG A 1005 24.09 15.50 38.91
C ARG A 1005 25.25 16.42 38.49
N PRO A 1006 26.49 15.93 38.48
CA PRO A 1006 27.61 16.85 38.22
C PRO A 1006 27.38 17.65 36.95
N ALA A 1007 27.77 18.92 37.00
CA ALA A 1007 27.58 19.79 35.84
C ALA A 1007 28.23 19.21 34.60
N THR A 1008 29.30 18.43 34.78
CA THR A 1008 29.96 17.80 33.65
C THR A 1008 29.09 16.74 32.98
N GLU A 1009 27.97 16.35 33.61
CA GLU A 1009 27.10 15.33 33.04
C GLU A 1009 25.68 15.83 32.80
N VAL A 1010 25.47 17.14 32.72
CA VAL A 1010 24.15 17.69 32.43
C VAL A 1010 24.32 18.90 31.53
N LEU A 1011 23.51 18.98 30.48
CA LEU A 1011 23.49 20.13 29.57
C LEU A 1011 22.36 21.06 29.98
N THR A 1012 22.68 22.35 30.12
CA THR A 1012 21.67 23.34 30.43
C THR A 1012 20.90 23.70 29.17
N ARG A 1013 19.93 24.61 29.30
CA ARG A 1013 19.17 25.05 28.14
C ARG A 1013 20.09 25.68 27.11
N ASP A 1014 21.03 26.50 27.56
CA ASP A 1014 21.88 27.24 26.64
C ASP A 1014 22.58 26.31 25.67
N GLU A 1015 23.27 25.29 26.20
CA GLU A 1015 24.02 24.38 25.33
C GLU A 1015 23.09 23.47 24.54
N VAL A 1016 22.01 23.01 25.16
CA VAL A 1016 21.08 22.13 24.46
C VAL A 1016 20.61 22.80 23.19
N TYR A 1017 20.31 24.11 23.25
CA TYR A 1017 19.86 24.80 22.06
C TYR A 1017 20.99 25.40 21.25
N ARG A 1018 22.19 25.49 21.82
CA ARG A 1018 23.35 25.79 21.00
C ARG A 1018 23.58 24.71 19.97
N GLU A 1019 23.41 23.45 20.38
CA GLU A 1019 23.57 22.36 19.41
C GLU A 1019 22.57 22.51 18.26
N LEU A 1020 21.31 22.78 18.58
CA LEU A 1020 20.29 22.84 17.55
C LEU A 1020 20.47 24.07 16.65
N ILE A 1021 20.82 25.21 17.23
CA ILE A 1021 21.12 26.37 16.39
C ILE A 1021 22.32 26.10 15.51
N LEU A 1022 23.29 25.33 16.00
CA LEU A 1022 24.42 24.94 15.17
C LEU A 1022 23.95 24.12 13.98
N ARG A 1023 23.02 23.19 14.20
CA ARG A 1023 22.50 22.41 13.07
C ARG A 1023 21.79 23.32 12.07
N GLY A 1024 21.02 24.28 12.57
CA GLY A 1024 20.33 25.21 11.69
C GLY A 1024 18.96 25.66 12.18
N TYR A 1025 18.45 25.02 13.23
CA TYR A 1025 17.16 25.40 13.82
C TYR A 1025 17.42 26.51 14.83
N GLU A 1026 16.89 27.70 14.57
CA GLU A 1026 17.12 28.86 15.45
C GLU A 1026 15.79 29.20 16.10
N TYR A 1027 15.57 28.66 17.30
CA TYR A 1027 14.30 28.82 17.99
C TYR A 1027 14.27 30.11 18.80
N GLY A 1028 13.07 30.69 18.89
CA GLY A 1028 12.86 31.85 19.73
C GLY A 1028 12.57 31.44 21.15
N PRO A 1029 12.42 32.42 22.05
CA PRO A 1029 12.23 32.07 23.47
C PRO A 1029 11.00 31.23 23.73
N TYR A 1030 9.93 31.38 22.93
CA TYR A 1030 8.70 30.68 23.24
C TYR A 1030 8.79 29.19 22.92
N PHE A 1031 9.61 28.81 21.94
CA PHE A 1031 9.77 27.42 21.57
C PHE A 1031 10.94 26.74 22.25
N GLN A 1032 11.75 27.48 23.02
CA GLN A 1032 12.87 26.89 23.73
C GLN A 1032 12.34 26.15 24.96
N GLY A 1033 11.58 25.09 24.68
CA GLY A 1033 10.90 24.37 25.73
C GLY A 1033 11.66 23.17 26.26
N ILE A 1034 12.96 23.32 26.48
CA ILE A 1034 13.76 22.31 27.16
C ILE A 1034 14.62 23.02 28.20
N LEU A 1035 14.54 22.55 29.45
CA LEU A 1035 15.25 23.20 30.54
C LEU A 1035 16.58 22.52 30.85
N ARG A 1036 16.66 21.20 30.69
CA ARG A 1036 17.89 20.49 30.99
C ARG A 1036 17.88 19.18 30.23
N ALA A 1037 19.07 18.63 29.99
CA ALA A 1037 19.20 17.34 29.34
C ALA A 1037 20.40 16.61 29.91
N SER A 1038 20.45 15.31 29.68
CA SER A 1038 21.58 14.50 30.07
C SER A 1038 22.56 14.40 28.92
N VAL A 1039 23.79 13.97 29.22
CA VAL A 1039 24.78 13.81 28.17
C VAL A 1039 24.35 12.72 27.21
N ASP A 1040 23.70 11.68 27.71
CA ASP A 1040 23.19 10.64 26.84
C ASP A 1040 22.06 11.13 25.95
N GLY A 1041 21.53 12.32 26.21
CA GLY A 1041 20.42 12.82 25.43
C GLY A 1041 19.13 12.08 25.68
N GLN A 1042 19.06 11.29 26.75
CA GLN A 1042 17.89 10.48 27.06
C GLN A 1042 16.99 11.14 28.09
N GLU A 1043 17.52 11.46 29.26
CA GLU A 1043 16.74 12.13 30.29
C GLU A 1043 16.78 13.63 30.08
N SER A 1044 15.61 14.27 30.19
CA SER A 1044 15.52 15.70 29.96
C SER A 1044 14.30 16.27 30.66
N GLU A 1045 14.26 17.60 30.75
CA GLU A 1045 13.22 18.34 31.43
C GLU A 1045 12.60 19.36 30.48
N ILE A 1046 11.28 19.38 30.41
CA ILE A 1046 10.53 20.27 29.53
C ILE A 1046 9.75 21.26 30.38
N THR A 1047 9.54 22.46 29.86
CA THR A 1047 8.77 23.49 30.54
C THR A 1047 7.41 23.58 29.88
N TRP A 1048 6.41 23.02 30.56
CA TRP A 1048 5.04 23.12 30.09
C TRP A 1048 4.43 24.44 30.55
N ASP A 1049 3.97 25.23 29.58
CA ASP A 1049 3.41 26.55 29.84
C ASP A 1049 2.20 26.83 28.95
N GLY A 1050 1.28 25.87 28.85
CA GLY A 1050 0.02 26.12 28.18
C GLY A 1050 -0.07 25.73 26.71
N ARG A 1051 0.78 26.31 25.86
CA ARG A 1051 0.67 26.06 24.44
C ARG A 1051 1.07 24.63 24.12
N TRP A 1052 0.25 23.95 23.32
CA TRP A 1052 0.55 22.57 22.94
C TRP A 1052 1.62 22.51 21.87
N VAL A 1053 1.60 23.44 20.92
CA VAL A 1053 2.57 23.40 19.83
C VAL A 1053 3.98 23.53 20.38
N SER A 1054 4.19 24.43 21.34
CA SER A 1054 5.51 24.59 21.93
C SER A 1054 5.98 23.29 22.56
N PHE A 1055 5.09 22.61 23.29
CA PHE A 1055 5.47 21.37 23.95
C PHE A 1055 5.81 20.28 22.93
N MET A 1056 4.98 20.13 21.90
CA MET A 1056 5.25 19.11 20.90
C MET A 1056 6.55 19.37 20.18
N ASP A 1057 6.82 20.63 19.84
CA ASP A 1057 8.08 20.92 19.16
C ASP A 1057 9.27 20.74 20.11
N SER A 1058 9.05 20.93 21.41
CA SER A 1058 10.11 20.63 22.38
C SER A 1058 10.44 19.13 22.35
N VAL A 1059 9.41 18.30 22.33
CA VAL A 1059 9.64 16.86 22.26
C VAL A 1059 10.36 16.49 20.97
N LEU A 1060 9.90 17.06 19.86
CA LEU A 1060 10.55 16.76 18.58
C LEU A 1060 12.00 17.24 18.59
N GLN A 1061 12.27 18.34 19.29
CA GLN A 1061 13.65 18.80 19.44
C GLN A 1061 14.46 17.79 20.21
N MET A 1062 13.86 17.18 21.23
CA MET A 1062 14.54 16.09 21.92
C MET A 1062 14.91 14.99 20.93
N ASP A 1063 13.96 14.61 20.08
CA ASP A 1063 14.21 13.56 19.11
C ASP A 1063 15.36 13.92 18.17
N ILE A 1064 15.35 15.15 17.66
CA ILE A 1064 16.41 15.60 16.76
C ILE A 1064 17.75 15.58 17.48
N LEU A 1065 17.76 16.02 18.74
CA LEU A 1065 18.98 15.98 19.53
C LEU A 1065 19.47 14.54 19.70
N ALA A 1066 18.56 13.58 19.64
CA ALA A 1066 18.96 12.19 19.83
C ALA A 1066 19.86 11.68 18.71
N ARG A 1067 19.83 12.31 17.53
CA ARG A 1067 20.60 11.86 16.38
C ARG A 1067 21.62 12.91 15.99
N PRO A 1068 22.86 12.84 16.50
CA PRO A 1068 23.83 13.88 16.22
C PRO A 1068 24.26 13.89 14.76
N GLY A 1069 24.98 14.94 14.40
CA GLY A 1069 25.46 15.11 13.04
C GLY A 1069 25.80 16.56 12.77
N ASP A 1070 25.81 16.92 11.49
CA ASP A 1070 26.03 18.30 11.10
C ASP A 1070 25.14 18.72 9.92
N TYR A 1071 24.18 17.90 9.52
CA TYR A 1071 23.28 18.18 8.42
C TYR A 1071 21.92 18.59 8.96
N GLN A 1072 21.30 19.56 8.30
CA GLN A 1072 20.01 20.07 8.74
C GLN A 1072 18.96 18.99 8.49
N MET A 1073 18.70 18.18 9.50
CA MET A 1073 17.70 17.13 9.38
C MET A 1073 16.32 17.74 9.24
N LEU A 1074 15.49 17.12 8.40
CA LEU A 1074 14.13 17.58 8.16
C LEU A 1074 13.17 16.40 8.31
N PRO A 1075 12.25 16.42 9.28
CA PRO A 1075 11.29 15.31 9.40
C PRO A 1075 10.43 15.16 8.17
N ILE A 1076 10.12 13.92 7.78
CA ILE A 1076 9.24 13.70 6.62
C ILE A 1076 8.11 12.76 7.03
N LYS A 1077 8.43 11.62 7.61
CA LYS A 1077 7.44 10.62 7.97
C LYS A 1077 7.55 10.25 9.44
N PHE A 1078 6.42 10.22 10.12
CA PHE A 1078 6.29 9.74 11.49
C PHE A 1078 5.71 8.32 11.44
N GLN A 1079 5.55 7.70 12.61
CA GLN A 1079 4.93 6.39 12.66
C GLN A 1079 3.75 6.39 13.63
N SER A 1080 3.88 7.14 14.72
CA SER A 1080 2.83 7.16 15.73
C SER A 1080 3.07 8.32 16.67
N ILE A 1081 2.10 9.22 16.78
CA ILE A 1081 2.14 10.34 17.70
C ILE A 1081 0.89 10.21 18.57
N ASN A 1082 1.08 9.81 19.83
CA ASN A 1082 -0.04 9.62 20.74
C ASN A 1082 -0.03 10.73 21.77
N ILE A 1083 -1.17 11.43 21.89
CA ILE A 1083 -1.32 12.53 22.83
C ILE A 1083 -2.43 12.18 23.80
N ASP A 1084 -2.16 12.31 25.09
CA ASP A 1084 -3.14 12.01 26.14
C ASP A 1084 -3.23 13.21 27.07
N PRO A 1085 -4.03 14.22 26.74
CA PRO A 1085 -4.06 15.43 27.57
C PRO A 1085 -4.50 15.18 29.00
N ARG A 1086 -5.28 14.13 29.24
CA ARG A 1086 -5.79 13.88 30.59
C ARG A 1086 -4.65 13.69 31.58
N VAL A 1087 -3.71 12.80 31.27
CA VAL A 1087 -2.62 12.53 32.21
C VAL A 1087 -1.69 13.73 32.29
N GLN A 1088 -1.72 14.62 31.31
CA GLN A 1088 -0.80 15.74 31.30
C GLN A 1088 -1.12 16.69 32.44
N PRO A 1089 -0.11 17.29 33.09
CA PRO A 1089 -0.39 18.29 34.12
C PRO A 1089 -1.14 19.49 33.54
N ALA A 1090 -1.97 20.10 34.38
CA ALA A 1090 -2.78 21.22 33.95
C ALA A 1090 -1.91 22.42 33.62
N ALA A 1091 -2.42 23.28 32.74
CA ALA A 1091 -1.65 24.44 32.31
C ALA A 1091 -1.39 25.35 33.51
N PRO A 1092 -0.17 25.87 33.66
CA PRO A 1092 0.07 26.84 34.73
C PRO A 1092 -0.78 28.08 34.57
N ALA A 1093 -1.20 28.64 35.69
CA ALA A 1093 -1.77 29.98 35.67
C ALA A 1093 -0.67 30.98 35.36
N GLU A 1094 -1.05 32.26 35.27
CA GLU A 1094 -0.07 33.28 34.96
C GLU A 1094 0.99 33.39 36.06
N ASP A 1095 0.58 33.31 37.32
CA ASP A 1095 1.49 33.48 38.44
C ASP A 1095 2.20 32.19 38.84
N GLU A 1096 1.73 31.04 38.36
CA GLU A 1096 2.31 29.75 38.72
C GLU A 1096 3.50 29.38 37.85
N ASP A 1097 4.14 30.37 37.22
CA ASP A 1097 5.27 30.15 36.32
C ASP A 1097 5.01 28.95 35.42
N VAL A 1098 5.94 27.99 35.38
CA VAL A 1098 5.88 26.86 34.45
C VAL A 1098 5.74 25.58 35.25
N VAL A 1099 5.54 24.47 34.53
CA VAL A 1099 5.59 23.14 35.13
C VAL A 1099 6.78 22.42 34.52
N VAL A 1100 7.59 21.78 35.37
CA VAL A 1100 8.70 20.99 34.86
C VAL A 1100 8.25 19.55 34.67
N LEU A 1101 8.33 19.06 33.44
CA LEU A 1101 7.88 17.74 33.09
C LEU A 1101 9.08 16.88 32.71
N PRO A 1102 9.22 15.68 33.25
CA PRO A 1102 10.31 14.80 32.81
C PRO A 1102 10.00 14.20 31.44
N GLY A 1103 11.05 13.95 30.68
CA GLY A 1103 10.93 13.36 29.37
C GLY A 1103 12.09 12.44 29.09
N ARG A 1104 11.80 11.34 28.41
CA ARG A 1104 12.80 10.32 28.13
C ARG A 1104 12.72 9.90 26.68
N PHE A 1105 13.86 9.54 26.12
CA PHE A 1105 13.98 9.06 24.75
C PHE A 1105 14.54 7.65 24.77
N ASP A 1106 13.70 6.67 24.41
CA ASP A 1106 14.13 5.28 24.36
C ASP A 1106 14.70 4.99 22.98
N PRO A 1107 15.99 4.67 22.85
CA PRO A 1107 16.57 4.46 21.52
C PRO A 1107 16.26 3.11 20.91
N VAL A 1108 15.86 2.11 21.71
CA VAL A 1108 15.54 0.81 21.15
C VAL A 1108 14.47 0.95 20.07
N LEU A 1109 13.30 1.46 20.46
CA LEU A 1109 12.23 1.74 19.51
C LEU A 1109 12.32 3.13 18.92
N ASP A 1110 13.24 3.98 19.39
CA ASP A 1110 13.35 5.35 18.94
C ASP A 1110 12.03 6.09 19.20
N ILE A 1111 11.69 6.20 20.48
CA ILE A 1111 10.42 6.78 20.90
C ILE A 1111 10.71 7.85 21.93
N VAL A 1112 10.21 9.06 21.71
CA VAL A 1112 10.43 10.19 22.60
C VAL A 1112 9.12 10.49 23.32
N SER A 1113 9.14 10.43 24.65
CA SER A 1113 7.92 10.65 25.42
C SER A 1113 8.20 11.67 26.50
N ALA A 1114 7.36 12.71 26.54
CA ALA A 1114 7.42 13.72 27.59
C ALA A 1114 6.00 14.06 28.01
N GLY A 1115 5.80 14.21 29.31
CA GLY A 1115 4.49 14.55 29.82
C GLY A 1115 3.40 13.66 29.26
N GLY A 1116 2.51 14.25 28.45
CA GLY A 1116 1.40 13.52 27.88
C GLY A 1116 1.50 13.20 26.40
N VAL A 1117 2.67 13.37 25.79
CA VAL A 1117 2.83 13.11 24.37
C VAL A 1117 3.81 11.95 24.20
N GLU A 1118 3.75 11.31 23.03
CA GLU A 1118 4.62 10.18 22.71
C GLU A 1118 4.83 10.13 21.21
N ILE A 1119 5.98 10.60 20.73
CA ILE A 1119 6.28 10.62 19.31
C ILE A 1119 7.18 9.44 18.97
N ARG A 1120 6.96 8.85 17.80
CA ARG A 1120 7.68 7.65 17.42
C ARG A 1120 8.00 7.70 15.93
N GLY A 1121 9.07 7.02 15.54
CA GLY A 1121 9.46 6.96 14.15
C GLY A 1121 10.38 8.08 13.75
N LEU A 1122 9.84 9.10 13.08
CA LEU A 1122 10.60 10.28 12.67
C LEU A 1122 11.68 9.92 11.66
N GLU A 1123 11.23 9.40 10.53
CA GLU A 1123 12.11 9.31 9.36
C GLU A 1123 12.36 10.70 8.83
N THR A 1124 13.58 10.96 8.39
CA THR A 1124 14.01 12.30 8.04
C THR A 1124 14.88 12.30 6.79
N ILE A 1125 14.96 13.46 6.16
CA ILE A 1125 15.83 13.66 5.02
C ILE A 1125 16.80 14.79 5.35
N SER A 1126 17.71 15.09 4.44
CA SER A 1126 18.64 16.19 4.63
C SER A 1126 18.19 17.40 3.84
N ALA A 1127 18.81 18.54 4.14
CA ALA A 1127 18.55 19.78 3.42
C ALA A 1127 19.88 20.50 3.23
N SER A 1128 19.91 21.38 2.23
CA SER A 1128 21.14 22.03 1.81
C SER A 1128 21.37 23.36 2.52
N ARG A 1129 20.71 23.60 3.65
CA ARG A 1129 20.94 24.81 4.42
C ARG A 1129 20.58 26.04 3.60
N ARG A 1130 20.68 27.22 4.21
CA ARG A 1130 20.50 28.47 3.48
C ARG A 1130 21.19 29.60 4.23
N LEU A 1131 22.36 30.03 3.75
CA LEU A 1131 23.12 31.08 4.42
C LEU A 1131 22.23 32.29 4.68
N THR A 1132 22.09 32.65 5.96
CA THR A 1132 21.17 33.71 6.33
C THR A 1132 21.67 35.08 5.94
N HIS A 1133 22.99 35.26 5.82
CA HIS A 1133 23.56 36.59 5.62
C HIS A 1133 24.00 36.76 4.18
N ALA A 1134 24.65 37.88 3.90
CA ALA A 1134 25.25 38.11 2.59
C ALA A 1134 26.50 37.26 2.46
N PRO A 1135 26.97 37.03 1.23
CA PRO A 1135 28.15 36.20 1.02
C PRO A 1135 29.33 36.70 1.83
N GLU A 1136 30.04 35.77 2.46
CA GLU A 1136 31.22 36.12 3.22
C GLU A 1136 32.26 36.78 2.32
N VAL A 1137 32.86 37.85 2.82
CA VAL A 1137 33.87 38.58 2.06
C VAL A 1137 35.26 38.03 2.37
N VAL A 1138 35.64 36.94 1.71
CA VAL A 1138 36.98 36.41 1.90
C VAL A 1138 37.98 37.42 1.35
N GLU A 1139 39.07 37.60 2.07
CA GLU A 1139 40.10 38.55 1.65
C GLU A 1139 41.43 38.19 2.28
N GLU A 1140 42.50 38.49 1.58
CA GLU A 1140 43.85 38.17 2.02
C GLU A 1140 44.54 39.45 2.47
N TYR A 1141 45.20 39.37 3.61
CA TYR A 1141 46.04 40.47 4.07
C TYR A 1141 47.30 40.51 3.22
N ARG A 1142 47.77 41.69 2.88
CA ARG A 1142 48.95 41.80 2.04
C ARG A 1142 49.57 43.18 2.18
N PHE A 1143 50.90 43.22 2.11
CA PHE A 1143 51.62 44.48 2.20
C PHE A 1143 51.66 45.10 0.81
N VAL A 1144 50.69 45.96 0.52
CA VAL A 1144 50.59 46.61 -0.78
C VAL A 1144 51.54 47.79 -0.78
N PRO A 1145 52.52 47.85 -1.68
CA PRO A 1145 53.45 48.97 -1.69
C PRO A 1145 52.83 50.19 -2.37
N HIS A 1146 53.53 51.32 -2.23
CA HIS A 1146 53.11 52.54 -2.92
C HIS A 1146 53.34 52.40 -4.42
N HIS A 1147 54.60 52.26 -4.82
CA HIS A 1147 54.94 52.20 -6.23
C HIS A 1147 55.37 50.81 -6.65
N THR A 1162 43.93 39.30 -21.50
CA THR A 1162 43.50 39.74 -22.82
C THR A 1162 44.69 40.27 -23.61
N VAL A 1163 44.40 41.11 -24.60
CA VAL A 1163 45.45 41.67 -25.44
C VAL A 1163 46.45 42.42 -24.57
N ASP A 1164 47.73 42.30 -24.91
CA ASP A 1164 48.75 43.12 -24.28
C ASP A 1164 48.32 44.58 -24.35
N ILE A 1165 48.08 45.19 -23.18
CA ILE A 1165 47.49 46.52 -23.16
C ILE A 1165 48.39 47.51 -23.90
N ARG A 1166 49.70 47.33 -23.79
CA ARG A 1166 50.62 48.21 -24.52
C ARG A 1166 50.42 48.06 -26.03
N GLU A 1167 50.24 46.82 -26.50
CA GLU A 1167 50.03 46.60 -27.92
C GLU A 1167 48.72 47.21 -28.39
N TYR A 1168 47.64 46.99 -27.63
CA TYR A 1168 46.37 47.65 -27.94
C TYR A 1168 46.55 49.15 -28.04
N ALA A 1169 47.24 49.75 -27.07
CA ALA A 1169 47.41 51.20 -27.06
C ALA A 1169 48.19 51.66 -28.27
N ASP A 1170 49.28 50.97 -28.61
CA ASP A 1170 50.10 51.37 -29.74
C ASP A 1170 49.33 51.25 -31.05
N ALA A 1171 48.60 50.15 -31.21
CA ALA A 1171 47.82 49.96 -32.43
C ALA A 1171 46.75 51.04 -32.55
N CYS A 1172 46.05 51.35 -31.46
CA CYS A 1172 45.05 52.40 -31.51
C CYS A 1172 45.70 53.75 -31.78
N LEU A 1173 46.92 53.96 -31.30
CA LEU A 1173 47.62 55.21 -31.61
C LEU A 1173 47.87 55.34 -33.10
N ALA A 1174 48.37 54.27 -33.72
CA ALA A 1174 48.61 54.31 -35.16
C ALA A 1174 47.30 54.51 -35.92
N PHE A 1175 46.25 53.82 -35.50
CA PHE A 1175 44.95 53.93 -36.15
C PHE A 1175 44.43 55.37 -36.05
N ALA A 1176 44.53 55.98 -34.88
CA ALA A 1176 44.07 57.35 -34.70
C ALA A 1176 44.91 58.31 -35.52
N VAL A 1177 46.22 58.11 -35.57
CA VAL A 1177 47.08 59.01 -36.34
C VAL A 1177 46.68 58.98 -37.81
N GLN A 1178 46.54 57.77 -38.37
CA GLN A 1178 46.19 57.69 -39.78
C GLN A 1178 44.78 58.19 -40.04
N GLY A 1179 43.85 57.98 -39.11
CA GLY A 1179 42.51 58.49 -39.31
C GLY A 1179 42.45 60.01 -39.28
N ILE A 1180 43.22 60.62 -38.39
CA ILE A 1180 43.31 62.07 -38.36
C ILE A 1180 43.94 62.58 -39.65
N LYS A 1181 44.96 61.89 -40.14
CA LYS A 1181 45.55 62.24 -41.43
C LYS A 1181 44.48 62.19 -42.53
N LYS A 1182 43.66 61.15 -42.52
CA LYS A 1182 42.60 61.03 -43.51
C LYS A 1182 41.62 62.19 -43.40
N TRP A 1183 41.20 62.54 -42.18
CA TRP A 1183 40.25 63.63 -42.02
C TRP A 1183 40.83 64.95 -42.49
N LEU A 1184 42.09 65.23 -42.15
CA LEU A 1184 42.72 66.45 -42.62
C LEU A 1184 42.84 66.47 -44.14
N SER A 1185 43.10 65.31 -44.75
CA SER A 1185 43.19 65.25 -46.20
C SER A 1185 41.81 65.31 -46.86
N GLU A 1186 40.74 65.14 -46.08
CA GLU A 1186 39.37 65.16 -46.58
C GLU A 1186 38.56 66.29 -45.96
N ASP A 1187 39.26 67.34 -45.50
CA ASP A 1187 38.62 68.50 -44.91
C ASP A 1187 38.51 69.61 -45.96
N LYS A 1188 37.67 69.38 -46.97
CA LYS A 1188 37.40 70.39 -47.99
C LYS A 1188 36.25 71.31 -47.62
N ASP A 1189 35.29 70.84 -46.84
CA ASP A 1189 34.15 71.65 -46.44
C ASP A 1189 34.40 72.44 -45.16
N LYS A 1190 35.56 72.29 -44.55
CA LYS A 1190 35.92 73.02 -43.34
C LYS A 1190 34.87 72.80 -42.25
N VAL A 1191 34.53 71.53 -42.04
CA VAL A 1191 33.59 71.14 -40.99
C VAL A 1191 34.27 70.42 -39.84
N LEU A 1192 35.56 70.13 -39.94
CA LEU A 1192 36.24 69.34 -38.93
C LEU A 1192 36.45 70.18 -37.67
N PRO A 1193 35.91 69.75 -36.51
CA PRO A 1193 36.04 70.57 -35.29
C PRO A 1193 37.48 70.94 -34.96
N GLN A 1194 37.75 72.25 -34.91
CA GLN A 1194 39.08 72.74 -34.55
C GLN A 1194 40.15 72.02 -35.36
N LYS A 1195 40.13 72.20 -36.68
CA LYS A 1195 41.09 71.51 -37.54
C LYS A 1195 42.53 71.80 -37.13
N ASP A 1196 42.77 72.99 -36.59
CA ASP A 1196 44.12 73.31 -36.12
C ASP A 1196 44.56 72.36 -35.02
N LEU A 1197 43.65 72.06 -34.08
CA LEU A 1197 44.00 71.17 -32.98
C LEU A 1197 44.38 69.79 -33.47
N LEU A 1198 43.58 69.23 -34.39
CA LEU A 1198 43.88 67.89 -34.88
C LEU A 1198 45.13 67.89 -35.75
N GLN A 1199 45.37 68.98 -36.49
CA GLN A 1199 46.63 69.11 -37.20
C GLN A 1199 47.80 69.08 -36.23
N ASP A 1200 47.67 69.77 -35.10
CA ASP A 1200 48.72 69.75 -34.09
C ASP A 1200 48.91 68.34 -33.55
N ALA A 1201 47.81 67.63 -33.30
CA ALA A 1201 47.90 66.27 -32.79
C ALA A 1201 48.63 65.37 -33.78
N LEU A 1202 48.27 65.47 -35.07
CA LEU A 1202 48.93 64.66 -36.08
C LEU A 1202 50.41 65.00 -36.19
N GLY A 1203 50.74 66.30 -36.14
CA GLY A 1203 52.14 66.69 -36.19
C GLY A 1203 52.93 66.15 -35.01
N LEU A 1204 52.35 66.22 -33.82
CA LEU A 1204 53.02 65.69 -32.63
C LEU A 1204 53.23 64.19 -32.75
N ALA A 1205 52.21 63.47 -33.22
CA ALA A 1205 52.36 62.02 -33.39
C ALA A 1205 53.44 61.73 -34.42
N ASN A 1206 53.52 62.52 -35.48
CA ASN A 1206 54.52 62.31 -36.51
C ASN A 1206 55.93 62.33 -35.92
N GLN A 1207 56.13 63.09 -34.86
CA GLN A 1207 57.44 63.18 -34.22
C GLN A 1207 57.79 61.87 -33.54
N ASP A 1217 47.74 54.16 -44.01
CA ASP A 1217 46.53 53.77 -44.73
C ASP A 1217 45.45 53.33 -43.75
N PHE A 1218 44.21 53.73 -44.04
CA PHE A 1218 43.09 53.35 -43.17
C PHE A 1218 42.94 51.84 -43.12
N ILE A 1219 43.04 51.18 -44.27
CA ILE A 1219 42.81 49.74 -44.31
C ILE A 1219 43.85 49.01 -43.49
N SER A 1220 45.11 49.45 -43.56
CA SER A 1220 46.18 48.76 -42.85
C SER A 1220 45.95 48.77 -41.35
N ALA A 1221 45.75 49.96 -40.77
CA ALA A 1221 45.54 50.04 -39.32
C ALA A 1221 44.22 49.42 -38.91
N LYS A 1222 43.18 49.58 -39.74
CA LYS A 1222 41.90 48.96 -39.45
C LYS A 1222 42.06 47.45 -39.37
N ALA A 1223 42.80 46.86 -40.29
CA ALA A 1223 43.05 45.43 -40.26
C ALA A 1223 43.90 45.05 -39.06
N ALA A 1224 44.87 45.91 -38.70
CA ALA A 1224 45.68 45.63 -37.51
C ALA A 1224 44.79 45.49 -36.28
N LEU A 1225 43.91 46.47 -36.06
CA LEU A 1225 43.05 46.42 -34.89
C LEU A 1225 42.03 45.29 -35.01
N GLU A 1226 41.55 45.00 -36.21
CA GLU A 1226 40.63 43.89 -36.38
C GLU A 1226 41.28 42.56 -36.03
N ARG A 1227 42.53 42.37 -36.44
CA ARG A 1227 43.23 41.14 -36.11
C ARG A 1227 43.50 41.05 -34.61
N ILE A 1228 43.90 42.17 -33.98
CA ILE A 1228 44.17 42.14 -32.55
C ILE A 1228 42.89 41.81 -31.79
N LEU A 1229 41.76 42.32 -32.25
CA LEU A 1229 40.48 41.93 -31.67
C LEU A 1229 40.19 40.45 -31.90
N LYS A 1230 40.47 39.97 -33.12
CA LYS A 1230 40.14 38.59 -33.47
C LYS A 1230 40.89 37.60 -32.59
N GLN A 1231 42.19 37.83 -32.37
CA GLN A 1231 42.97 36.91 -31.55
C GLN A 1231 42.38 36.80 -30.15
N GLN A 1232 41.79 37.89 -29.66
CA GLN A 1232 41.14 37.90 -28.36
C GLN A 1232 39.87 37.06 -28.46
N HIS A 1238 38.08 40.77 -21.90
CA HIS A 1238 36.78 40.94 -22.51
C HIS A 1238 36.41 42.42 -22.56
N GLY A 1239 35.65 42.80 -23.58
CA GLY A 1239 35.27 44.20 -23.74
C GLY A 1239 36.30 44.98 -24.52
N PHE A 1240 35.88 45.59 -25.63
CA PHE A 1240 36.76 46.34 -26.51
C PHE A 1240 36.02 47.59 -26.96
N GLY A 1241 36.21 48.69 -26.23
CA GLY A 1241 35.39 49.87 -26.44
C GLY A 1241 36.06 50.99 -27.21
N LEU A 1242 37.35 51.23 -26.94
CA LEU A 1242 38.02 52.37 -27.56
C LEU A 1242 38.01 52.25 -29.07
N PHE A 1243 38.33 51.07 -29.59
CA PHE A 1243 38.40 50.89 -31.02
C PHE A 1243 37.03 51.05 -31.67
N HIS A 1244 35.99 50.48 -31.06
CA HIS A 1244 34.66 50.59 -31.64
C HIS A 1244 34.22 52.04 -31.76
N THR A 1245 34.40 52.81 -30.69
CA THR A 1245 34.03 54.21 -30.73
C THR A 1245 34.88 54.98 -31.73
N LEU A 1246 36.18 54.68 -31.79
CA LEU A 1246 37.03 55.38 -32.75
C LEU A 1246 36.61 55.07 -34.18
N ASN A 1247 36.25 53.82 -34.45
CA ASN A 1247 35.75 53.46 -35.77
C ASN A 1247 34.46 54.20 -36.10
N LEU A 1248 33.54 54.29 -35.12
CA LEU A 1248 32.31 55.04 -35.35
C LEU A 1248 32.62 56.49 -35.67
N ALA A 1249 33.54 57.10 -34.90
CA ALA A 1249 33.85 58.51 -35.05
C ALA A 1249 34.50 58.80 -36.40
N PHE A 1250 35.55 58.06 -36.73
CA PHE A 1250 36.24 58.28 -38.00
C PHE A 1250 35.31 58.04 -39.18
N SER A 1251 34.56 56.93 -39.13
CA SER A 1251 33.69 56.54 -40.24
C SER A 1251 32.27 57.00 -39.94
N GLU A 1252 31.96 58.23 -40.31
CA GLU A 1252 30.61 58.77 -40.17
C GLU A 1252 30.42 59.91 -41.16
N PRO A 1253 29.24 60.05 -41.78
CA PRO A 1253 29.01 61.22 -42.64
C PRO A 1253 29.33 62.52 -41.92
N LEU A 1254 30.20 63.34 -42.50
CA LEU A 1254 30.70 64.55 -41.87
C LEU A 1254 30.12 65.80 -42.52
N GLU A 1255 28.84 65.74 -42.89
CA GLU A 1255 28.19 66.89 -43.50
C GLU A 1255 27.77 67.89 -42.44
N ILE A 1256 26.96 68.87 -42.82
CA ILE A 1256 26.56 69.92 -41.89
C ILE A 1256 25.86 69.31 -40.69
N GLY A 1257 26.05 69.92 -39.52
CA GLY A 1257 25.47 69.40 -38.30
C GLY A 1257 26.19 68.21 -37.73
N PHE A 1258 27.46 68.01 -38.10
CA PHE A 1258 28.19 66.84 -37.64
C PHE A 1258 28.37 66.83 -36.14
N ARG A 1259 28.65 67.99 -35.54
CA ARG A 1259 29.00 68.03 -34.12
C ARG A 1259 27.94 67.33 -33.28
N GLU A 1260 26.68 67.72 -33.44
CA GLU A 1260 25.65 67.26 -32.51
C GLU A 1260 25.33 65.79 -32.71
N THR A 1261 25.21 65.35 -33.97
CA THR A 1261 24.93 63.94 -34.22
C THR A 1261 26.06 63.07 -33.70
N LEU A 1262 27.32 63.45 -33.99
CA LEU A 1262 28.44 62.62 -33.55
C LEU A 1262 28.56 62.63 -32.04
N LYS A 1263 28.32 63.78 -31.41
CA LYS A 1263 28.36 63.85 -29.95
C LYS A 1263 27.27 63.00 -29.32
N ASN A 1264 26.07 62.99 -29.91
CA ASN A 1264 25.00 62.14 -29.38
C ASN A 1264 25.36 60.67 -29.55
N LYS A 1265 25.95 60.29 -30.68
CA LYS A 1265 26.38 58.91 -30.85
C LYS A 1265 27.42 58.52 -29.81
N ILE A 1266 28.40 59.41 -29.59
CA ILE A 1266 29.44 59.12 -28.60
C ILE A 1266 28.84 59.03 -27.21
N HIS A 1267 27.84 59.86 -26.92
CA HIS A 1267 27.14 59.76 -25.64
C HIS A 1267 26.41 58.43 -25.52
N HIS A 1268 25.84 57.95 -26.62
CA HIS A 1268 25.23 56.63 -26.59
C HIS A 1268 26.25 55.55 -26.28
N MET A 1269 27.44 55.67 -26.85
CA MET A 1269 28.46 54.63 -26.72
C MET A 1269 29.36 54.81 -25.50
N ARG A 1270 29.20 55.90 -24.74
CA ARG A 1270 30.04 56.09 -23.56
C ARG A 1270 29.90 54.91 -22.59
N TYR A 1271 28.72 54.31 -22.51
CA TYR A 1271 28.51 53.21 -21.58
C TYR A 1271 29.47 52.07 -21.87
N ASP A 1272 29.66 51.73 -23.14
CA ASP A 1272 30.65 50.74 -23.52
C ASP A 1272 32.06 51.30 -23.42
N MET A 1273 32.23 52.61 -23.61
CA MET A 1273 33.56 53.19 -23.56
C MET A 1273 34.15 53.07 -22.16
N TRP A 1274 33.32 53.19 -21.12
CA TRP A 1274 33.83 53.05 -19.76
C TRP A 1274 34.55 51.71 -19.58
N ASP A 1275 33.89 50.61 -19.96
CA ASP A 1275 34.41 49.27 -19.72
C ASP A 1275 35.34 48.89 -20.86
N ASP A 1276 36.48 49.56 -20.91
CA ASP A 1276 37.47 49.33 -21.95
C ASP A 1276 38.75 48.82 -21.33
N CYS A 1277 39.43 47.94 -22.06
CA CYS A 1277 40.63 47.29 -21.56
C CYS A 1277 41.84 48.20 -21.66
N LEU A 1278 41.63 49.48 -21.92
CA LEU A 1278 42.71 50.45 -21.91
C LEU A 1278 42.38 51.61 -20.97
N MET A 1279 41.10 52.01 -20.95
CA MET A 1279 40.68 53.06 -20.03
C MET A 1279 40.53 52.53 -18.62
N SER A 1280 39.97 51.33 -18.46
CA SER A 1280 39.86 50.66 -17.17
C SER A 1280 41.07 49.78 -16.87
N ALA A 1281 42.21 50.09 -17.48
CA ALA A 1281 43.42 49.32 -17.24
C ALA A 1281 44.07 49.66 -15.90
N VAL A 1282 43.85 50.86 -15.38
CA VAL A 1282 44.46 51.29 -14.13
C VAL A 1282 43.52 51.16 -12.94
N GLU A 1283 42.22 51.27 -13.14
CA GLU A 1283 41.25 51.17 -12.04
C GLU A 1283 40.88 49.72 -11.76
N CYS A 1284 41.87 48.87 -11.55
CA CYS A 1284 41.61 47.52 -11.12
C CYS A 1284 41.12 47.51 -9.68
N ALA A 1285 40.41 46.45 -9.31
CA ALA A 1285 39.84 46.39 -7.97
C ALA A 1285 40.91 46.62 -6.91
N ASP A 1286 42.14 46.15 -7.17
CA ASP A 1286 43.21 46.29 -6.20
C ASP A 1286 43.52 47.75 -5.92
N SER A 1287 43.73 48.55 -6.96
CA SER A 1287 44.13 49.94 -6.77
C SER A 1287 43.02 50.75 -6.12
N LEU A 1288 41.78 50.54 -6.57
CA LEU A 1288 40.67 51.25 -5.96
C LEU A 1288 40.55 50.90 -4.48
N LYS A 1289 40.60 49.62 -4.15
CA LYS A 1289 40.48 49.23 -2.75
C LYS A 1289 41.60 49.82 -1.93
N LEU A 1290 42.83 49.78 -2.45
CA LEU A 1290 43.96 50.36 -1.74
C LEU A 1290 43.72 51.83 -1.44
N CYS A 1291 43.39 52.61 -2.48
CA CYS A 1291 43.23 54.05 -2.29
C CYS A 1291 42.09 54.34 -1.30
N ILE A 1292 40.96 53.68 -1.49
CA ILE A 1292 39.79 53.98 -0.66
C ILE A 1292 40.06 53.61 0.79
N ASP A 1293 40.68 52.45 1.04
CA ASP A 1293 40.92 52.04 2.41
C ASP A 1293 41.98 52.92 3.06
N THR A 1294 42.99 53.36 2.30
CA THR A 1294 43.95 54.29 2.87
C THR A 1294 43.25 55.56 3.32
N VAL A 1295 42.40 56.12 2.45
CA VAL A 1295 41.64 57.31 2.83
C VAL A 1295 40.80 57.03 4.06
N ALA A 1296 40.15 55.86 4.10
CA ALA A 1296 39.25 55.53 5.19
C ALA A 1296 39.98 55.48 6.52
N GLU A 1297 41.17 54.86 6.53
CA GLU A 1297 41.87 54.66 7.79
C GLU A 1297 42.72 55.87 8.12
N ASN A 1298 42.79 56.85 7.22
CA ASN A 1298 43.46 58.10 7.55
C ASN A 1298 42.52 59.28 7.76
N THR A 1299 41.24 59.05 8.03
CA THR A 1299 40.30 60.09 8.40
C THR A 1299 39.66 59.74 9.73
N THR A 1300 39.65 60.70 10.65
CA THR A 1300 39.12 60.49 12.00
C THR A 1300 37.65 60.91 12.04
N SER A 1301 36.79 59.96 11.68
CA SER A 1301 35.35 60.22 11.65
C SER A 1301 34.63 58.94 11.26
N HIS A 1302 33.36 58.85 11.67
CA HIS A 1302 32.55 57.69 11.34
C HIS A 1302 31.94 57.78 9.95
N ILE A 1303 31.93 58.96 9.34
CA ILE A 1303 31.42 59.15 7.99
C ILE A 1303 32.51 59.80 7.15
N VAL A 1304 32.73 59.28 5.95
CA VAL A 1304 33.71 59.81 5.02
C VAL A 1304 32.98 60.43 3.85
N ASN A 1305 33.30 61.68 3.56
CA ASN A 1305 32.67 62.41 2.46
C ASN A 1305 33.50 62.25 1.20
N VAL A 1306 32.82 62.01 0.08
CA VAL A 1306 33.45 61.86 -1.23
C VAL A 1306 32.67 62.71 -2.22
N LEU A 1307 33.36 63.53 -2.99
CA LEU A 1307 32.76 64.35 -4.02
C LEU A 1307 33.46 64.07 -5.34
N GLU A 1308 32.67 63.92 -6.39
CA GLU A 1308 33.20 63.59 -7.71
C GLU A 1308 32.83 64.71 -8.67
N ALA A 1309 33.81 65.54 -9.00
CA ALA A 1309 33.62 66.61 -9.97
C ALA A 1309 33.71 66.06 -11.39
N GLY A 1310 32.95 66.65 -12.29
CA GLY A 1310 32.92 66.17 -13.66
C GLY A 1310 32.49 64.72 -13.72
N ALA A 1311 31.42 64.40 -13.00
CA ALA A 1311 30.97 63.01 -12.92
C ALA A 1311 30.62 62.46 -14.29
N ALA A 1312 30.05 63.30 -15.16
CA ALA A 1312 29.65 62.81 -16.48
C ALA A 1312 30.85 62.34 -17.29
N LYS A 1313 31.97 63.07 -17.22
CA LYS A 1313 33.14 62.71 -18.01
C LYS A 1313 33.79 61.44 -17.47
N GLY A 1314 33.86 61.29 -16.16
CA GLY A 1314 34.60 60.19 -15.56
C GLY A 1314 33.77 59.00 -15.13
N ALA A 1315 32.67 59.25 -14.42
CA ALA A 1315 31.84 58.17 -13.88
C ALA A 1315 32.67 57.23 -13.00
N PHE A 1316 33.49 57.82 -12.13
CA PHE A 1316 34.32 57.04 -11.21
C PHE A 1316 33.46 56.13 -10.33
N TYR A 1317 32.35 56.66 -9.81
CA TYR A 1317 31.57 55.90 -8.86
C TYR A 1317 31.26 54.51 -9.39
N ARG A 1318 31.06 54.41 -10.71
CA ARG A 1318 30.74 53.14 -11.36
C ARG A 1318 31.52 51.99 -10.74
N ARG A 1319 32.82 52.19 -10.52
CA ARG A 1319 33.66 51.15 -9.94
C ARG A 1319 34.16 51.47 -8.54
N ALA A 1320 33.95 52.69 -8.06
CA ALA A 1320 34.41 53.03 -6.72
C ALA A 1320 33.37 52.74 -5.66
N ILE A 1321 32.09 52.72 -6.01
CA ILE A 1321 31.02 52.44 -5.06
C ILE A 1321 30.93 50.94 -4.82
N PRO A 1322 30.78 50.12 -5.87
CA PRO A 1322 30.46 48.70 -5.64
C PRO A 1322 31.67 47.81 -5.37
N GLU A 1323 32.90 48.35 -5.41
CA GLU A 1323 34.08 47.52 -5.26
C GLU A 1323 35.06 48.03 -4.20
N ALA A 1324 34.88 49.26 -3.72
CA ALA A 1324 35.78 49.77 -2.69
C ALA A 1324 35.03 50.46 -1.56
N LEU A 1325 33.79 50.88 -1.81
CA LEU A 1325 32.98 51.56 -0.81
C LEU A 1325 31.91 50.64 -0.23
N ALA A 1326 31.24 49.86 -1.06
CA ALA A 1326 30.18 48.98 -0.56
C ALA A 1326 30.72 47.93 0.39
N LYS A 1327 32.04 47.72 0.42
CA LYS A 1327 32.66 46.80 1.35
C LYS A 1327 33.16 47.48 2.61
N PHE A 1328 32.77 48.74 2.85
CA PHE A 1328 33.11 49.41 4.08
C PHE A 1328 32.40 48.76 5.25
N SER A 1329 33.11 48.60 6.36
CA SER A 1329 32.57 48.01 7.59
C SER A 1329 33.01 48.90 8.74
N GLY A 1330 32.05 49.59 9.35
CA GLY A 1330 32.36 50.49 10.44
C GLY A 1330 32.82 51.86 10.04
N LYS A 1331 32.65 52.24 8.76
CA LYS A 1331 32.99 53.58 8.30
C LYS A 1331 32.00 53.92 7.17
N ASP A 1332 30.92 54.60 7.54
CA ASP A 1332 29.90 54.94 6.56
C ASP A 1332 30.46 55.89 5.51
N TYR A 1333 29.90 55.81 4.31
CA TYR A 1333 30.36 56.61 3.18
C TYR A 1333 29.22 57.47 2.67
N ARG A 1334 29.48 58.78 2.55
CA ARG A 1334 28.56 59.72 1.92
C ARG A 1334 29.24 60.23 0.66
N TYR A 1335 28.59 60.02 -0.48
CA TYR A 1335 29.22 60.25 -1.77
C TYR A 1335 28.27 61.07 -2.64
N THR A 1336 28.79 62.11 -3.28
CA THR A 1336 28.00 63.02 -4.09
C THR A 1336 28.70 63.31 -5.42
N VAL A 1337 27.90 63.57 -6.43
CA VAL A 1337 28.40 63.83 -7.78
C VAL A 1337 28.18 65.29 -8.10
N GLY A 1338 28.93 65.78 -9.09
CA GLY A 1338 28.73 67.14 -9.54
C GLY A 1338 29.13 67.37 -11.00
N ASP A 1339 28.20 67.87 -11.80
CA ASP A 1339 28.48 68.24 -13.18
C ASP A 1339 27.27 69.00 -13.71
N ALA A 1340 27.53 70.01 -14.54
CA ALA A 1340 26.45 70.80 -15.11
C ALA A 1340 25.44 69.93 -15.86
N SER A 1341 25.88 68.84 -16.46
CA SER A 1341 24.98 67.99 -17.21
C SER A 1341 24.11 67.16 -16.25
N PRO A 1342 22.92 66.75 -16.68
CA PRO A 1342 22.10 65.88 -15.83
C PRO A 1342 22.77 64.54 -15.62
N MET A 1343 22.48 63.92 -14.48
CA MET A 1343 23.08 62.62 -14.15
C MET A 1343 22.02 61.66 -13.65
N ASP A 1344 20.86 61.64 -14.30
CA ASP A 1344 19.83 60.66 -13.96
C ASP A 1344 20.35 59.24 -14.07
N ASP A 1345 21.37 59.01 -14.90
CA ASP A 1345 21.96 57.68 -15.01
C ASP A 1345 22.51 57.19 -13.69
N ALA A 1346 22.82 58.10 -12.76
CA ALA A 1346 23.31 57.73 -11.44
C ALA A 1346 22.19 57.40 -10.47
N LYS A 1347 20.96 57.22 -10.96
CA LYS A 1347 19.86 56.91 -10.05
C LYS A 1347 20.08 55.62 -9.30
N GLU A 1348 20.58 54.58 -9.97
CA GLU A 1348 20.74 53.28 -9.33
C GLU A 1348 21.71 53.39 -8.16
N PHE A 1349 22.88 53.96 -8.38
CA PHE A 1349 23.86 54.18 -7.31
C PHE A 1349 23.42 55.40 -6.53
N SER A 1350 22.65 55.18 -5.46
CA SER A 1350 22.05 56.28 -4.72
C SER A 1350 23.11 57.30 -4.32
N VAL A 1351 23.00 58.51 -4.86
CA VAL A 1351 23.90 59.60 -4.55
C VAL A 1351 23.14 60.91 -4.61
N LYS A 1352 23.72 61.95 -4.01
CA LYS A 1352 23.13 63.28 -4.01
C LYS A 1352 23.81 64.14 -5.06
N THR A 1353 23.01 64.78 -5.91
CA THR A 1353 23.51 65.52 -7.07
C THR A 1353 23.72 66.98 -6.72
N LEU A 1354 24.94 67.47 -6.91
CA LEU A 1354 25.30 68.88 -6.67
C LEU A 1354 25.87 69.43 -7.97
N GLN A 1355 24.99 69.93 -8.83
CA GLN A 1355 25.38 70.32 -10.18
C GLN A 1355 26.17 71.63 -10.16
N PHE A 1356 27.26 71.65 -10.92
CA PHE A 1356 28.10 72.83 -11.06
C PHE A 1356 29.22 72.52 -12.04
N ASP A 1357 29.90 73.57 -12.50
CA ASP A 1357 31.19 73.44 -13.15
C ASP A 1357 31.76 74.83 -13.40
N ALA A 1358 33.09 74.94 -13.28
CA ALA A 1358 33.75 76.21 -13.50
C ALA A 1358 33.59 76.66 -14.94
N ALA A 1362 35.97 80.44 -8.67
CA ALA A 1362 35.57 80.09 -10.04
C ALA A 1362 34.19 79.45 -10.05
N ASN A 1363 33.21 80.17 -9.49
CA ASN A 1363 31.82 79.73 -9.48
C ASN A 1363 31.69 78.35 -8.86
N PHE A 1364 32.50 78.10 -7.84
CA PHE A 1364 32.49 76.82 -7.14
C PHE A 1364 31.62 76.91 -5.90
N PRO A 1365 30.64 76.01 -5.71
CA PRO A 1365 29.76 76.12 -4.54
C PRO A 1365 30.51 76.26 -3.24
N ALA A 1366 30.27 77.34 -2.51
CA ALA A 1366 30.86 77.51 -1.19
C ALA A 1366 30.14 76.70 -0.12
N SER A 1367 29.00 76.09 -0.45
CA SER A 1367 28.28 75.29 0.54
C SER A 1367 29.17 74.18 1.08
N GLN A 1368 29.88 73.48 0.19
CA GLN A 1368 30.89 72.52 0.61
C GLN A 1368 32.26 73.17 0.59
N ALA A 1369 32.45 74.21 1.39
CA ALA A 1369 33.72 74.93 1.37
C ALA A 1369 34.87 74.04 1.81
N HIS A 1370 34.76 73.39 2.96
CA HIS A 1370 35.81 72.54 3.48
C HIS A 1370 35.21 71.28 4.11
N ALA A 1371 34.23 70.68 3.45
CA ALA A 1371 33.44 69.60 4.02
C ALA A 1371 33.61 68.33 3.18
N HIS A 1372 34.86 68.03 2.82
CA HIS A 1372 35.13 66.84 2.03
C HIS A 1372 36.47 66.24 2.43
N ASP A 1373 36.53 64.91 2.45
CA ASP A 1373 37.76 64.18 2.73
C ASP A 1373 38.39 63.61 1.48
N LEU A 1374 37.60 63.27 0.46
CA LEU A 1374 38.10 62.64 -0.75
C LEU A 1374 37.45 63.28 -1.96
N LEU A 1375 38.24 63.95 -2.78
CA LEU A 1375 37.77 64.55 -4.02
C LEU A 1375 38.23 63.70 -5.20
N VAL A 1376 37.31 63.38 -6.09
CA VAL A 1376 37.58 62.50 -7.24
C VAL A 1376 37.68 63.36 -8.49
N LEU A 1377 38.78 63.18 -9.24
CA LEU A 1377 39.04 63.91 -10.47
C LEU A 1377 39.42 62.91 -11.55
N LYS A 1378 38.42 62.34 -12.22
CA LYS A 1378 38.64 61.35 -13.27
C LYS A 1378 38.50 62.04 -14.62
N TRP A 1379 39.64 62.29 -15.28
CA TRP A 1379 39.66 62.92 -16.59
C TRP A 1379 39.01 64.31 -16.56
N VAL A 1380 39.04 64.95 -15.40
CA VAL A 1380 38.56 66.32 -15.26
C VAL A 1380 39.68 67.29 -14.96
N LEU A 1381 40.93 66.85 -14.98
CA LEU A 1381 42.04 67.75 -14.66
C LEU A 1381 42.71 68.29 -15.92
N HIS A 1382 42.44 67.70 -17.08
CA HIS A 1382 42.94 68.17 -18.35
C HIS A 1382 41.88 68.88 -19.19
N GLN A 1383 40.79 69.32 -18.56
CA GLN A 1383 39.73 70.05 -19.26
C GLN A 1383 39.72 71.54 -18.94
N GLN A 1384 40.09 71.92 -17.72
CA GLN A 1384 40.11 73.33 -17.34
C GLN A 1384 41.25 74.06 -18.05
N GLU A 1385 41.09 75.38 -18.19
CA GLU A 1385 42.10 76.22 -18.81
C GLU A 1385 43.04 76.80 -17.75
N ASP A 1386 42.48 77.53 -16.80
CA ASP A 1386 43.27 78.11 -15.72
C ASP A 1386 43.52 77.07 -14.65
N LEU A 1387 44.48 76.17 -14.88
CA LEU A 1387 44.71 75.07 -13.95
C LEU A 1387 44.99 75.59 -12.55
N ASP A 1388 45.65 76.74 -12.43
CA ASP A 1388 45.94 77.27 -11.10
C ASP A 1388 44.66 77.55 -10.33
N ALA A 1389 43.71 78.25 -10.95
CA ALA A 1389 42.47 78.61 -10.26
C ALA A 1389 41.61 77.38 -10.01
N ALA A 1390 41.53 76.49 -11.00
CA ALA A 1390 40.76 75.25 -10.81
C ALA A 1390 41.34 74.43 -9.67
N MET A 1391 42.66 74.34 -9.61
CA MET A 1391 43.31 73.64 -8.50
C MET A 1391 43.03 74.34 -7.18
N ALA A 1392 43.03 75.67 -7.17
CA ALA A 1392 42.75 76.39 -5.94
C ALA A 1392 41.36 76.02 -5.43
N GLY A 1393 40.39 76.01 -6.35
CA GLY A 1393 39.05 75.58 -6.00
C GLY A 1393 38.98 74.15 -5.51
N PHE A 1394 39.67 73.23 -6.18
CA PHE A 1394 39.68 71.84 -5.75
C PHE A 1394 40.28 71.69 -4.35
N CYS A 1395 41.43 72.32 -4.12
CA CYS A 1395 42.08 72.22 -2.82
C CYS A 1395 41.18 72.81 -1.73
N GLY A 1396 40.53 73.94 -2.02
CA GLY A 1396 39.54 74.45 -1.10
C GLY A 1396 38.46 73.42 -0.82
N PHE A 1397 38.06 72.69 -1.87
CA PHE A 1397 37.01 71.69 -1.75
C PHE A 1397 37.37 70.60 -0.75
N VAL A 1398 38.64 70.45 -0.42
CA VAL A 1398 39.12 69.36 0.42
C VAL A 1398 39.41 69.87 1.83
N ARG A 1399 38.90 69.15 2.82
CA ARG A 1399 39.19 69.46 4.21
C ARG A 1399 40.68 69.28 4.47
N PRO A 1400 41.24 70.05 5.40
CA PRO A 1400 42.65 69.83 5.74
C PRO A 1400 42.88 68.39 6.17
N GLY A 1401 43.93 67.79 5.64
CA GLY A 1401 44.16 66.38 5.83
C GLY A 1401 43.30 65.47 4.96
N GLY A 1402 42.62 66.02 3.96
CA GLY A 1402 41.84 65.21 3.06
C GLY A 1402 42.66 64.74 1.88
N PHE A 1403 42.04 63.91 1.04
CA PHE A 1403 42.70 63.30 -0.09
C PHE A 1403 42.01 63.67 -1.39
N ILE A 1404 42.76 63.55 -2.49
CA ILE A 1404 42.27 63.81 -3.84
C ILE A 1404 42.72 62.65 -4.71
N LEU A 1405 41.78 62.08 -5.47
CA LEU A 1405 42.06 61.00 -6.39
C LEU A 1405 42.08 61.54 -7.81
N VAL A 1406 43.22 61.40 -8.50
CA VAL A 1406 43.40 61.94 -9.84
C VAL A 1406 43.70 60.78 -10.77
N GLN A 1407 43.11 60.80 -11.96
CA GLN A 1407 43.39 59.80 -12.99
C GLN A 1407 43.53 60.53 -14.32
N GLU A 1408 44.73 60.52 -14.88
CA GLU A 1408 45.04 61.34 -16.05
C GLU A 1408 45.67 60.48 -17.15
N PHE A 1409 45.88 61.11 -18.30
CA PHE A 1409 46.60 60.50 -19.41
C PHE A 1409 47.97 61.16 -19.54
N VAL A 1410 48.96 60.36 -19.94
CA VAL A 1410 50.32 60.88 -20.12
C VAL A 1410 50.82 60.53 -21.51
N HIS A 1411 50.76 59.26 -21.87
CA HIS A 1411 51.32 58.78 -23.13
C HIS A 1411 50.20 58.56 -24.14
N ARG A 1412 50.57 58.63 -25.43
CA ARG A 1412 49.60 58.46 -26.51
C ARG A 1412 48.43 59.41 -26.32
N LEU A 1413 48.70 60.71 -26.41
CA LEU A 1413 47.67 61.71 -26.23
C LEU A 1413 46.83 61.90 -27.51
N PRO A 1414 47.45 61.95 -28.70
CA PRO A 1414 46.65 62.20 -29.91
C PRO A 1414 45.44 61.29 -30.01
N THR A 1415 45.66 60.02 -29.71
CA THR A 1415 44.55 59.10 -29.54
C THR A 1415 43.76 59.51 -28.30
N LEU A 1416 42.44 59.54 -28.45
CA LEU A 1416 41.49 60.08 -27.48
C LEU A 1416 41.51 61.60 -27.47
N LEU A 1417 42.53 62.22 -28.08
CA LEU A 1417 42.38 63.62 -28.43
C LEU A 1417 41.46 63.74 -29.62
N ALA A 1418 41.53 62.77 -30.53
CA ALA A 1418 40.53 62.69 -31.59
C ALA A 1418 39.12 62.73 -31.02
N VAL A 1419 38.87 62.02 -29.92
CA VAL A 1419 37.54 62.00 -29.33
C VAL A 1419 37.26 63.31 -28.59
N GLU A 1420 38.20 63.77 -27.76
CA GLU A 1420 37.98 64.98 -26.98
C GLU A 1420 37.68 66.17 -27.87
N ALA A 1421 38.31 66.21 -29.06
CA ALA A 1421 38.06 67.33 -29.97
C ALA A 1421 36.60 67.41 -30.35
N VAL A 1422 35.86 66.31 -30.21
CA VAL A 1422 34.43 66.30 -30.51
C VAL A 1422 33.64 66.46 -29.23
N THR A 1423 33.76 65.49 -28.32
CA THR A 1423 32.87 65.46 -27.17
C THR A 1423 33.27 66.50 -26.12
N ASP A 1424 34.55 66.82 -26.04
CA ASP A 1424 35.03 67.74 -25.02
C ASP A 1424 34.89 69.19 -25.46
N HIS A 1425 34.84 70.09 -24.49
CA HIS A 1425 34.74 71.51 -24.78
C HIS A 1425 36.02 72.00 -25.45
N PRO A 1426 35.94 72.86 -26.46
CA PRO A 1426 37.17 73.33 -27.12
C PRO A 1426 38.05 74.13 -26.16
N LEU A 1427 39.35 74.02 -26.36
CA LEU A 1427 40.33 74.78 -25.58
C LEU A 1427 41.36 75.36 -26.52
N PRO A 1428 41.98 76.48 -26.15
CA PRO A 1428 42.95 77.12 -27.05
C PRO A 1428 44.27 76.36 -27.07
N ARG A 1429 45.15 76.81 -27.97
CA ARG A 1429 46.46 76.18 -28.15
C ARG A 1429 46.29 74.80 -28.78
N ASP A 1433 54.76 72.40 -21.34
CA ASP A 1433 53.63 72.54 -20.44
C ASP A 1433 52.37 71.96 -21.07
N ARG A 1434 51.65 72.78 -21.82
CA ARG A 1434 50.45 72.33 -22.53
C ARG A 1434 50.92 71.49 -23.71
N VAL A 1435 50.98 70.17 -23.49
CA VAL A 1435 51.54 69.27 -24.50
C VAL A 1435 50.84 69.48 -25.84
N LEU A 1436 49.54 69.22 -25.87
CA LEU A 1436 48.71 69.44 -27.05
C LEU A 1436 47.76 70.61 -26.86
N GLY A 1437 48.05 71.49 -25.89
CA GLY A 1437 47.13 72.52 -25.49
C GLY A 1437 46.13 72.08 -24.45
N ARG A 1438 46.10 70.80 -24.09
CA ARG A 1438 45.14 70.29 -23.13
C ARG A 1438 45.74 69.32 -22.12
N TYR A 1439 46.97 68.86 -22.32
CA TYR A 1439 47.48 67.73 -21.57
C TYR A 1439 48.79 68.09 -20.87
N TYR A 1440 49.09 67.33 -19.82
CA TYR A 1440 50.29 67.52 -19.01
C TYR A 1440 50.94 66.17 -18.75
N SER A 1441 52.26 66.17 -18.64
CA SER A 1441 53.00 64.93 -18.44
C SER A 1441 52.94 64.50 -16.97
N ALA A 1442 53.36 63.26 -16.73
CA ALA A 1442 53.33 62.73 -15.37
C ALA A 1442 54.14 63.61 -14.43
N ALA A 1443 55.40 63.89 -14.80
CA ALA A 1443 56.23 64.75 -13.97
C ALA A 1443 55.61 66.13 -13.85
N GLN A 1444 55.03 66.63 -14.94
CA GLN A 1444 54.36 67.93 -14.89
C GLN A 1444 53.15 67.88 -13.97
N TRP A 1445 52.39 66.77 -14.00
CA TRP A 1445 51.27 66.64 -13.08
C TRP A 1445 51.74 66.67 -11.64
N ARG A 1446 52.85 65.99 -11.36
CA ARG A 1446 53.38 65.98 -9.99
C ARG A 1446 53.85 67.36 -9.58
N GLU A 1447 54.46 68.10 -10.52
CA GLU A 1447 54.85 69.48 -10.22
C GLU A 1447 53.62 70.32 -9.91
N LEU A 1448 52.55 70.15 -10.67
CA LEU A 1448 51.33 70.91 -10.42
C LEU A 1448 50.76 70.59 -9.05
N PHE A 1449 50.74 69.30 -8.68
CA PHE A 1449 50.26 68.93 -7.35
C PHE A 1449 51.15 69.52 -6.27
N ARG A 1450 52.47 69.52 -6.48
CA ARG A 1450 53.38 70.04 -5.48
C ARG A 1450 53.17 71.54 -5.28
N ARG A 1451 52.97 72.29 -6.36
CA ARG A 1451 52.84 73.74 -6.24
C ARG A 1451 51.63 74.12 -5.40
N HIS A 1452 50.64 73.23 -5.28
CA HIS A 1452 49.35 73.57 -4.67
C HIS A 1452 49.09 72.78 -3.40
N GLY A 1453 50.09 72.67 -2.54
CA GLY A 1453 49.92 72.05 -1.23
C GLY A 1453 49.29 70.69 -1.33
N LEU A 1454 50.03 69.73 -1.88
CA LEU A 1454 49.51 68.39 -2.10
C LEU A 1454 50.68 67.43 -2.25
N VAL A 1455 50.69 66.37 -1.46
CA VAL A 1455 51.73 65.35 -1.53
C VAL A 1455 51.12 64.07 -2.07
N GLU A 1456 51.72 63.54 -3.15
CA GLU A 1456 51.24 62.31 -3.76
C GLU A 1456 51.59 61.15 -2.84
N VAL A 1457 50.56 60.48 -2.32
CA VAL A 1457 50.79 59.40 -1.37
C VAL A 1457 50.88 58.06 -2.10
N ILE A 1458 50.12 57.90 -3.17
CA ILE A 1458 50.18 56.68 -3.99
C ILE A 1458 50.29 57.09 -5.45
N HIS A 1459 51.13 56.38 -6.20
CA HIS A 1459 51.27 56.57 -7.64
C HIS A 1459 51.22 55.21 -8.31
N ARG A 1460 50.24 55.00 -9.18
CA ARG A 1460 50.11 53.78 -9.95
C ARG A 1460 50.07 54.13 -11.43
N SER A 1461 50.71 53.29 -12.25
CA SER A 1461 50.78 53.48 -13.68
C SER A 1461 50.16 52.25 -14.36
N ASP A 1462 49.94 52.35 -15.67
CA ASP A 1462 49.51 51.21 -16.47
C ASP A 1462 50.47 51.06 -17.65
N GLY A 1463 51.37 52.02 -17.81
CA GLY A 1463 52.39 51.93 -18.84
C GLY A 1463 51.91 52.28 -20.22
N ALA A 1464 50.59 52.43 -20.42
CA ALA A 1464 50.09 52.72 -21.75
C ALA A 1464 49.40 54.08 -21.85
N LEU A 1465 48.30 54.26 -21.11
CA LEU A 1465 47.50 55.46 -21.26
C LEU A 1465 47.29 56.21 -19.95
N ALA A 1466 46.89 55.50 -18.90
CA ALA A 1466 46.35 56.13 -17.71
C ALA A 1466 47.33 56.05 -16.55
N ASP A 1467 47.30 57.06 -15.69
CA ASP A 1467 48.07 57.10 -14.46
C ASP A 1467 47.17 57.59 -13.34
N MET A 1468 47.19 56.87 -12.22
CA MET A 1468 46.41 57.22 -11.05
C MET A 1468 47.32 57.75 -9.96
N PHE A 1469 46.89 58.83 -9.30
CA PHE A 1469 47.61 59.39 -8.17
C PHE A 1469 46.62 59.63 -7.05
N LEU A 1470 46.96 59.15 -5.85
CA LEU A 1470 46.26 59.55 -4.64
C LEU A 1470 47.13 60.55 -3.91
N LEU A 1471 46.63 61.77 -3.78
CA LEU A 1471 47.34 62.89 -3.19
C LEU A 1471 46.68 63.29 -1.88
N ARG A 1472 47.48 63.85 -0.98
CA ARG A 1472 46.99 64.27 0.32
C ARG A 1472 47.44 65.70 0.59
N SER A 1473 46.59 66.45 1.28
CA SER A 1473 46.87 67.85 1.58
C SER A 1473 47.77 67.91 2.80
N ARG A 1474 49.06 68.15 2.58
CA ARG A 1474 50.01 68.26 3.67
C ARG A 1474 49.61 69.40 4.60
N PRO A 1480 59.02 68.84 16.56
CA PRO A 1480 59.50 68.00 17.65
C PRO A 1480 58.70 66.70 17.78
N PRO A 1481 59.00 65.71 16.93
CA PRO A 1481 58.26 64.45 16.99
C PRO A 1481 58.52 63.73 18.31
N THR A 1482 57.54 62.94 18.72
CA THR A 1482 57.63 62.15 19.95
C THR A 1482 57.67 60.67 19.56
N VAL A 1483 58.89 60.14 19.43
CA VAL A 1483 59.05 58.74 19.09
C VAL A 1483 58.87 57.88 20.34
N LEU A 1484 58.44 56.64 20.13
CA LEU A 1484 58.21 55.72 21.25
C LEU A 1484 58.45 54.30 20.72
N HIS A 1485 59.65 53.80 20.95
CA HIS A 1485 60.10 52.53 20.36
C HIS A 1485 59.56 51.37 21.18
N LEU A 1486 58.47 50.75 20.70
CA LEU A 1486 57.89 49.60 21.38
C LEU A 1486 58.58 48.31 20.97
N ASP A 1487 59.92 48.31 21.03
CA ASP A 1487 60.68 47.13 20.63
C ASP A 1487 60.50 45.99 21.62
N ASP A 1488 60.31 46.31 22.89
CA ASP A 1488 60.11 45.29 23.91
C ASP A 1488 58.79 44.56 23.69
N LEU A 1489 58.76 43.28 24.07
CA LEU A 1489 57.56 42.46 23.94
C LEU A 1489 57.11 41.92 25.29
N SER A 1490 57.63 42.46 26.38
CA SER A 1490 57.24 42.06 27.73
C SER A 1490 56.30 43.07 28.38
N CYS A 1491 55.75 44.00 27.61
CA CYS A 1491 54.73 44.94 28.06
C CYS A 1491 55.26 46.00 29.02
N SER A 1492 56.56 46.30 29.00
CA SER A 1492 57.02 47.54 29.58
C SER A 1492 56.54 48.73 28.75
N TRP A 1493 56.52 48.55 27.43
CA TRP A 1493 55.94 49.55 26.56
C TRP A 1493 54.51 49.87 26.97
N LEU A 1494 53.80 48.91 27.57
CA LEU A 1494 52.43 49.18 27.99
C LEU A 1494 52.43 50.38 28.92
N GLU A 1495 53.24 50.33 29.97
CA GLU A 1495 53.29 51.43 30.92
C GLU A 1495 53.87 52.69 30.26
N GLU A 1496 54.91 52.53 29.44
CA GLU A 1496 55.52 53.70 28.82
C GLU A 1496 54.49 54.49 28.01
N VAL A 1497 53.79 53.79 27.10
CA VAL A 1497 52.81 54.47 26.26
C VAL A 1497 51.60 54.89 27.06
N LYS A 1498 51.18 54.09 28.05
CA LYS A 1498 50.03 54.51 28.85
C LYS A 1498 50.32 55.83 29.53
N ALA A 1499 51.55 56.05 29.98
CA ALA A 1499 51.92 57.32 30.58
C ALA A 1499 52.10 58.42 29.55
N LYS A 1500 52.67 58.12 28.38
CA LYS A 1500 52.98 59.15 27.39
C LYS A 1500 51.81 59.51 26.49
N TYR A 1501 50.73 58.74 26.52
CA TYR A 1501 49.64 58.90 25.56
C TYR A 1501 48.57 59.87 26.05
N SER A 1502 48.37 59.99 27.36
CA SER A 1502 47.51 61.05 27.87
C SER A 1502 48.11 62.42 27.65
N ASP A 1503 49.43 62.50 27.50
CA ASP A 1503 50.08 63.80 27.32
C ASP A 1503 49.69 64.45 25.99
N LEU A 1504 49.16 63.65 25.06
CA LEU A 1504 48.69 64.22 23.81
C LEU A 1504 47.48 65.12 24.03
N GLU A 1505 46.58 64.72 24.93
CA GLU A 1505 45.36 65.49 25.14
C GLU A 1505 45.67 66.91 25.59
N ALA A 1506 46.54 67.05 26.58
CA ALA A 1506 46.96 68.38 27.01
C ALA A 1506 47.77 69.08 25.93
N MET A 1507 48.47 68.31 25.11
CA MET A 1507 49.31 68.89 24.07
C MET A 1507 48.45 69.54 22.99
N PRO A 1508 49.03 70.44 22.20
CA PRO A 1508 48.28 71.02 21.07
C PRO A 1508 47.93 69.96 20.04
N GLN A 1509 46.93 70.26 19.23
CA GLN A 1509 46.45 69.31 18.23
C GLN A 1509 47.39 69.17 17.05
N ASP A 1510 48.44 69.98 16.97
CA ASP A 1510 49.41 69.90 15.88
C ASP A 1510 50.53 68.90 16.15
N ALA A 1511 50.48 68.20 17.28
CA ALA A 1511 51.49 67.21 17.63
C ALA A 1511 50.85 65.83 17.67
N ARG A 1512 51.56 64.84 17.12
CA ARG A 1512 51.08 63.47 17.04
C ARG A 1512 52.08 62.55 17.71
N LEU A 1513 51.59 61.41 18.18
CA LEU A 1513 52.45 60.40 18.79
C LEU A 1513 53.02 59.47 17.72
N TRP A 1514 54.33 59.30 17.73
CA TRP A 1514 55.04 58.49 16.74
C TRP A 1514 55.44 57.18 17.39
N LEU A 1515 54.56 56.18 17.27
CA LEU A 1515 54.83 54.85 17.76
C LEU A 1515 55.66 54.08 16.73
N VAL A 1516 56.90 53.70 17.08
CA VAL A 1516 57.82 53.07 16.14
C VAL A 1516 58.17 51.66 16.63
N GLY A 1517 57.89 50.67 15.81
CA GLY A 1517 58.16 49.30 16.18
C GLY A 1517 59.06 48.56 15.21
N LYS A 1518 60.26 48.19 15.64
CA LYS A 1518 61.22 47.45 14.82
C LYS A 1518 61.73 46.25 15.63
N SER A 1519 61.01 45.13 15.54
CA SER A 1519 61.35 43.91 16.26
C SER A 1519 61.24 42.72 15.33
N ASP A 1520 61.62 41.54 15.85
CA ASP A 1520 61.59 40.33 15.05
C ASP A 1520 60.17 40.04 14.58
N CYS A 1521 59.19 40.21 15.46
CA CYS A 1521 57.78 40.08 15.12
C CYS A 1521 56.98 41.22 15.74
N ASN A 1522 57.46 42.45 15.60
CA ASN A 1522 56.77 43.59 16.18
C ASN A 1522 55.29 43.53 15.84
N GLY A 1523 54.46 43.64 16.87
CA GLY A 1523 53.04 43.37 16.68
C GLY A 1523 52.17 44.61 16.64
N MET A 1524 52.79 45.78 16.44
CA MET A 1524 52.05 47.03 16.61
C MET A 1524 50.87 47.15 15.65
N LEU A 1525 50.85 46.37 14.58
CA LEU A 1525 49.83 46.60 13.56
C LEU A 1525 48.45 46.44 14.19
N GLY A 1526 48.16 45.28 14.75
CA GLY A 1526 46.87 45.06 15.36
C GLY A 1526 46.63 45.90 16.60
N PHE A 1527 47.66 46.11 17.40
CA PHE A 1527 47.50 46.91 18.60
C PHE A 1527 47.04 48.32 18.26
N PHE A 1528 47.71 48.97 17.31
CA PHE A 1528 47.31 50.30 16.89
C PHE A 1528 45.97 50.26 16.16
N ASN A 1529 45.71 49.19 15.41
CA ASN A 1529 44.42 49.10 14.74
C ASN A 1529 43.29 49.17 15.75
N CYS A 1530 43.45 48.51 16.89
CA CYS A 1530 42.43 48.59 17.93
C CYS A 1530 42.49 49.94 18.65
N LEU A 1531 43.69 50.45 18.93
CA LEU A 1531 43.84 51.69 19.68
C LEU A 1531 43.23 52.86 18.94
N ARG A 1532 43.18 52.79 17.60
CA ARG A 1532 42.71 53.92 16.82
C ARG A 1532 41.27 54.28 17.18
N GLN A 1533 40.43 53.26 17.40
CA GLN A 1533 39.02 53.51 17.69
C GLN A 1533 38.85 54.32 18.97
N GLU A 1534 39.70 54.07 19.97
CA GLU A 1534 39.52 54.69 21.27
C GLU A 1534 39.63 56.20 21.14
N PRO A 1535 38.91 56.98 21.95
CA PRO A 1535 39.04 58.44 21.85
C PRO A 1535 40.42 58.90 22.28
N GLY A 1536 40.84 60.04 21.72
CA GLY A 1536 42.15 60.59 21.99
C GLY A 1536 43.28 59.96 21.20
N SER A 1537 42.97 59.00 20.32
CA SER A 1537 43.96 58.33 19.50
C SER A 1537 44.13 58.97 18.13
N GLU A 1538 43.39 60.04 17.83
CA GLU A 1538 43.42 60.62 16.49
C GLU A 1538 44.84 61.04 16.11
N ARG A 1539 45.57 61.63 17.03
CA ARG A 1539 46.91 62.14 16.77
C ARG A 1539 47.99 61.13 17.14
N VAL A 1540 47.86 59.89 16.66
CA VAL A 1540 48.80 58.82 16.94
C VAL A 1540 49.19 58.17 15.62
N ARG A 1541 50.49 58.04 15.38
CA ARG A 1541 51.01 57.46 14.15
C ARG A 1541 51.79 56.19 14.47
N CYS A 1542 51.54 55.14 13.68
CA CYS A 1542 52.22 53.87 13.84
C CYS A 1542 53.21 53.67 12.69
N VAL A 1543 54.36 53.08 13.01
CA VAL A 1543 55.40 52.77 12.04
C VAL A 1543 55.90 51.36 12.31
N GLN A 1544 55.49 50.42 11.48
CA GLN A 1544 55.92 49.03 11.57
C GLN A 1544 57.09 48.82 10.61
N VAL A 1545 58.15 48.18 11.10
CA VAL A 1545 59.34 47.90 10.31
C VAL A 1545 59.49 46.38 10.23
N CYS A 1546 59.61 45.86 9.02
CA CYS A 1546 59.81 44.43 8.79
C CYS A 1546 60.98 44.23 7.84
N GLY A 1547 61.76 43.20 8.09
CA GLY A 1547 62.88 42.85 7.23
C GLY A 1547 64.11 43.68 7.55
N ASP A 1548 65.16 43.44 6.78
CA ASP A 1548 66.45 44.08 7.00
C ASP A 1548 66.49 45.44 6.32
N SER A 1549 67.69 46.04 6.24
CA SER A 1549 67.83 47.39 5.69
C SER A 1549 66.96 48.35 6.49
N VAL A 1550 67.06 48.28 7.81
CA VAL A 1550 66.20 49.07 8.70
C VAL A 1550 66.35 50.55 8.33
N PRO A 1551 65.27 51.25 8.02
CA PRO A 1551 65.40 52.67 7.70
C PRO A 1551 65.76 53.48 8.94
N ASP A 1552 66.44 54.61 8.71
CA ASP A 1552 66.80 55.51 9.81
C ASP A 1552 65.55 56.21 10.33
N LEU A 1553 65.04 55.75 11.48
CA LEU A 1553 63.85 56.33 12.09
C LEU A 1553 64.19 57.24 13.26
N SER A 1554 65.48 57.54 13.45
CA SER A 1554 65.86 58.48 14.50
C SER A 1554 65.34 59.88 14.13
N PRO A 1555 64.96 60.69 15.12
CA PRO A 1555 64.54 62.06 14.79
C PRO A 1555 65.65 62.82 14.10
N GLY A 1556 65.31 63.53 13.03
CA GLY A 1556 66.31 64.19 12.22
C GLY A 1556 66.84 63.36 11.07
N SER A 1557 66.15 62.28 10.71
CA SER A 1557 66.58 61.43 9.61
C SER A 1557 65.79 61.75 8.36
N ALA A 1558 66.44 61.60 7.20
CA ALA A 1558 65.77 61.87 5.94
C ALA A 1558 64.49 61.06 5.81
N GLU A 1559 64.52 59.80 6.23
CA GLU A 1559 63.32 58.97 6.20
C GLU A 1559 62.21 59.63 7.01
N PHE A 1560 62.55 60.23 8.15
CA PHE A 1560 61.51 60.79 9.01
C PHE A 1560 60.88 62.02 8.39
N LYS A 1561 61.70 62.86 7.74
CA LYS A 1561 61.15 64.01 7.02
C LYS A 1561 60.24 63.53 5.90
N TYR A 1562 60.68 62.49 5.18
CA TYR A 1562 59.88 61.95 4.09
C TYR A 1562 58.55 61.42 4.61
N LEU A 1563 58.56 60.80 5.79
CA LEU A 1563 57.34 60.27 6.37
C LEU A 1563 56.41 61.37 6.84
N ALA A 1564 56.94 62.35 7.56
CA ALA A 1564 56.14 63.47 8.02
C ALA A 1564 55.59 64.30 6.88
N GLU A 1565 56.23 64.26 5.70
CA GLU A 1565 55.68 64.94 4.54
C GLU A 1565 54.29 64.43 4.17
N MET A 1566 53.96 63.20 4.53
CA MET A 1566 52.63 62.64 4.30
C MET A 1566 51.81 62.55 5.58
N ASP A 1567 52.40 62.09 6.67
CA ASP A 1567 51.70 61.96 7.94
C ASP A 1567 50.50 61.02 7.78
N LEU A 1568 50.81 59.77 7.48
CA LEU A 1568 49.81 58.71 7.34
C LEU A 1568 49.72 57.89 8.61
N ALA A 1569 48.50 57.47 8.94
CA ALA A 1569 48.30 56.72 10.17
C ALA A 1569 49.05 55.40 10.15
N PHE A 1570 48.85 54.61 9.09
CA PHE A 1570 49.46 53.27 8.98
C PHE A 1570 50.53 53.32 7.91
N ASN A 1571 51.79 53.28 8.34
CA ASN A 1571 52.93 53.30 7.44
C ASN A 1571 53.82 52.12 7.79
N VAL A 1572 54.20 51.33 6.79
CA VAL A 1572 55.01 50.13 7.01
C VAL A 1572 56.22 50.19 6.08
N HIS A 1573 57.30 49.55 6.50
CA HIS A 1573 58.49 49.42 5.67
C HIS A 1573 58.76 47.94 5.44
N LYS A 1574 59.13 47.58 4.21
CA LYS A 1574 59.36 46.19 3.89
C LYS A 1574 60.09 46.11 2.56
N ASP A 1575 61.07 45.21 2.47
CA ASP A 1575 61.85 45.02 1.25
C ASP A 1575 62.50 46.33 0.80
N GLY A 1576 62.77 47.23 1.74
CA GLY A 1576 63.38 48.49 1.43
C GLY A 1576 62.46 49.55 0.89
N LYS A 1577 61.17 49.27 0.78
CA LYS A 1577 60.20 50.24 0.26
C LYS A 1577 59.08 50.43 1.28
N TRP A 1578 58.47 51.61 1.24
CA TRP A 1578 57.41 51.97 2.17
C TRP A 1578 56.07 51.64 1.55
N GLY A 1579 55.24 50.92 2.29
CA GLY A 1579 53.91 50.59 1.84
C GLY A 1579 52.90 50.55 2.97
N VAL A 1580 51.76 49.89 2.73
CA VAL A 1580 50.69 49.82 3.71
C VAL A 1580 50.16 48.39 3.73
N TYR A 1581 49.92 47.88 4.94
CA TYR A 1581 49.38 46.54 5.10
C TYR A 1581 47.87 46.57 4.95
N ARG A 1582 47.35 46.23 3.77
CA ARG A 1582 45.93 46.35 3.49
C ARG A 1582 45.33 44.99 3.15
N HIS A 1583 44.01 44.94 3.25
CA HIS A 1583 43.24 43.79 2.82
C HIS A 1583 43.04 43.88 1.32
N LEU A 1584 42.94 42.73 0.66
CA LEU A 1584 42.61 42.67 -0.76
C LEU A 1584 41.64 41.53 -0.98
N ALA A 1585 40.57 41.79 -1.71
CA ALA A 1585 39.54 40.78 -1.90
C ALA A 1585 40.08 39.62 -2.73
N ILE A 1586 39.46 38.47 -2.57
CA ILE A 1586 39.78 37.27 -3.32
C ILE A 1586 38.58 36.97 -4.20
N THR A 1587 38.76 37.13 -5.51
CA THR A 1587 37.67 36.95 -6.45
C THR A 1587 37.32 35.48 -6.58
N ASP A 1588 36.08 35.21 -6.99
CA ASP A 1588 35.67 33.83 -7.21
C ASP A 1588 36.52 33.15 -8.28
N ASP A 1589 37.14 33.92 -9.18
CA ASP A 1589 38.08 33.32 -10.11
C ASP A 1589 39.29 32.74 -9.41
N GLN A 1590 39.54 33.13 -8.17
CA GLN A 1590 40.66 32.62 -7.39
C GLN A 1590 40.23 31.63 -6.32
N ARG A 1591 38.94 31.50 -6.06
CA ARG A 1591 38.44 30.50 -5.13
C ARG A 1591 38.13 29.18 -5.82
N ARG A 1592 38.40 29.07 -7.11
CA ARG A 1592 38.21 27.83 -7.85
C ARG A 1592 39.37 27.56 -8.81
N GLN A 1593 40.54 28.12 -8.53
CA GLN A 1593 41.69 27.92 -9.40
C GLN A 1593 42.13 26.47 -9.29
N GLN A 1594 41.75 25.67 -10.28
CA GLN A 1594 42.06 24.24 -10.25
C GLN A 1594 43.56 24.03 -10.41
N PHE A 1595 44.13 23.24 -9.55
CA PHE A 1595 45.55 22.96 -9.55
C PHE A 1595 45.82 21.54 -10.02
N PRO A 1596 47.05 21.24 -10.44
CA PRO A 1596 47.38 19.88 -10.87
C PRO A 1596 47.59 18.96 -9.67
N THR A 1597 46.94 17.81 -9.71
CA THR A 1597 47.05 16.80 -8.67
C THR A 1597 47.19 15.43 -9.30
N GLU A 1598 47.82 14.50 -8.58
CA GLU A 1598 48.06 13.17 -9.14
C GLU A 1598 46.84 12.28 -9.06
N HIS A 1599 45.87 12.61 -8.22
CA HIS A 1599 44.61 11.88 -8.14
C HIS A 1599 43.48 12.87 -7.99
N ALA A 1600 42.30 12.51 -8.49
CA ALA A 1600 41.15 13.41 -8.42
C ALA A 1600 39.88 12.61 -8.66
N PHE A 1601 38.78 13.11 -8.09
CA PHE A 1601 37.48 12.50 -8.32
C PHE A 1601 36.43 13.59 -8.54
N VAL A 1602 35.40 13.26 -9.31
CA VAL A 1602 34.40 14.25 -9.66
C VAL A 1602 33.39 14.38 -8.54
N ASP A 1603 32.98 15.61 -8.26
CA ASP A 1603 31.98 15.86 -7.23
C ASP A 1603 31.25 17.15 -7.55
N THR A 1604 30.09 17.31 -6.91
CA THR A 1604 29.24 18.48 -7.10
C THR A 1604 29.46 19.45 -5.96
N LEU A 1605 29.93 20.65 -6.28
CA LEU A 1605 30.16 21.66 -5.26
C LEU A 1605 28.87 21.99 -4.53
N THR A 1606 27.91 22.55 -5.24
CA THR A 1606 26.59 22.87 -4.69
C THR A 1606 25.68 21.67 -4.91
N SER A 1607 25.47 20.89 -3.84
CA SER A 1607 24.74 19.64 -3.98
C SER A 1607 23.38 19.88 -4.62
N GLY A 1608 23.05 19.08 -5.62
CA GLY A 1608 21.77 19.14 -6.30
C GLY A 1608 21.82 19.73 -7.70
N ASP A 1609 22.91 20.36 -8.11
CA ASP A 1609 23.01 20.99 -9.42
C ASP A 1609 23.98 20.23 -10.29
N LEU A 1610 23.54 19.83 -11.47
CA LEU A 1610 24.36 19.09 -12.41
C LEU A 1610 25.28 19.97 -13.21
N SER A 1611 25.28 21.28 -12.97
CA SER A 1611 26.12 22.21 -13.71
C SER A 1611 27.42 22.52 -13.00
N THR A 1612 27.64 21.98 -11.80
CA THR A 1612 28.81 22.29 -11.00
C THR A 1612 29.77 21.12 -10.87
N LEU A 1613 29.50 19.99 -11.49
CA LEU A 1613 30.36 18.82 -11.36
C LEU A 1613 31.78 19.20 -11.76
N THR A 1614 32.76 18.85 -10.94
CA THR A 1614 34.14 19.21 -11.22
C THR A 1614 35.08 18.29 -10.47
N TRP A 1615 36.35 18.31 -10.88
CA TRP A 1615 37.35 17.44 -10.29
C TRP A 1615 37.92 18.04 -9.02
N VAL A 1616 37.92 17.25 -7.95
CA VAL A 1616 38.43 17.68 -6.66
C VAL A 1616 39.53 16.71 -6.24
N ARG A 1617 40.59 17.25 -5.66
CA ARG A 1617 41.67 16.42 -5.15
C ARG A 1617 41.10 15.29 -4.31
N SER A 1618 41.82 14.18 -4.28
CA SER A 1618 41.35 13.03 -3.53
C SER A 1618 42.28 12.72 -2.37
N PRO A 1619 41.76 12.16 -1.29
CA PRO A 1619 42.62 11.85 -0.14
C PRO A 1619 43.70 10.85 -0.45
N LEU A 1620 43.56 10.07 -1.52
CA LEU A 1620 44.60 9.13 -1.89
C LEU A 1620 45.91 9.84 -2.14
N ASN A 1621 45.86 11.12 -2.50
CA ASN A 1621 47.07 11.89 -2.72
C ASN A 1621 47.93 11.99 -1.48
N LEU A 1622 47.35 11.74 -0.30
CA LEU A 1622 48.05 11.80 0.97
C LEU A 1622 48.56 10.45 1.43
N HIS A 1623 48.65 9.48 0.53
CA HIS A 1623 49.10 8.13 0.87
C HIS A 1623 48.24 7.52 1.97
N ALA A 1624 46.96 7.89 2.01
CA ALA A 1624 45.99 7.27 2.90
C ALA A 1624 45.32 6.07 2.25
N SER A 1625 46.01 5.46 1.30
CA SER A 1625 45.47 4.33 0.54
C SER A 1625 45.36 3.06 1.37
N SER A 1626 45.95 3.01 2.56
CA SER A 1626 45.89 1.83 3.40
C SER A 1626 44.57 1.85 4.16
N GLU A 1627 43.79 0.78 4.01
CA GLU A 1627 42.54 0.61 4.73
C GLU A 1627 42.68 -0.49 5.76
N LYS A 1628 42.22 -0.23 6.98
CA LYS A 1628 42.38 -1.20 8.06
C LYS A 1628 41.61 -2.48 7.75
N GLY A 1629 40.38 -2.35 7.29
CA GLY A 1629 39.56 -3.49 6.94
C GLY A 1629 40.04 -4.24 5.72
N GLN A 1630 40.14 -5.56 5.83
CA GLN A 1630 40.51 -6.40 4.71
C GLN A 1630 41.78 -5.91 4.05
N ASP A 1631 42.08 -6.42 2.86
CA ASP A 1631 43.19 -5.96 2.05
C ASP A 1631 42.64 -5.24 0.83
N CYS A 1632 43.24 -4.08 0.52
CA CYS A 1632 42.76 -3.23 -0.55
C CYS A 1632 43.90 -2.99 -1.54
N GLU A 1633 43.51 -2.77 -2.80
CA GLU A 1633 44.46 -2.57 -3.88
C GLU A 1633 44.12 -1.26 -4.56
N LEU A 1634 45.13 -0.43 -4.80
CA LEU A 1634 44.92 0.86 -5.43
C LEU A 1634 45.08 0.72 -6.93
N CYS A 1635 44.00 0.87 -7.67
CA CYS A 1635 43.97 0.72 -9.12
C CYS A 1635 43.96 2.09 -9.78
N THR A 1636 44.70 2.21 -10.87
CA THR A 1636 44.76 3.44 -11.66
C THR A 1636 43.72 3.35 -12.78
N VAL A 1637 42.63 4.07 -12.62
CA VAL A 1637 41.51 3.97 -13.55
C VAL A 1637 41.93 4.47 -14.92
N TYR A 1638 41.44 3.79 -15.95
CA TYR A 1638 41.63 4.21 -17.34
C TYR A 1638 40.32 4.57 -18.04
N MET A 1639 39.24 3.86 -17.77
CA MET A 1639 37.94 4.14 -18.36
C MET A 1639 36.89 3.97 -17.26
N ALA A 1640 36.30 5.07 -16.83
CA ALA A 1640 35.37 5.07 -15.71
C ALA A 1640 33.96 5.20 -16.23
N GLY A 1641 33.10 4.25 -15.89
CA GLY A 1641 31.75 4.27 -16.39
C GLY A 1641 30.84 5.17 -15.59
N VAL A 1642 29.65 5.41 -16.13
CA VAL A 1642 28.63 6.22 -15.49
C VAL A 1642 27.29 5.50 -15.62
N VAL A 1643 26.54 5.48 -14.52
CA VAL A 1643 25.28 4.73 -14.46
C VAL A 1643 24.17 5.69 -14.05
N SER A 1644 22.92 5.25 -14.21
CA SER A 1644 21.80 6.09 -13.79
C SER A 1644 21.88 6.44 -12.31
N ARG A 1645 22.51 5.58 -11.51
CA ARG A 1645 22.66 5.87 -10.09
C ARG A 1645 23.46 7.14 -9.87
N ASP A 1646 24.53 7.31 -10.66
CA ASP A 1646 25.36 8.50 -10.50
C ASP A 1646 24.57 9.77 -10.78
N LEU A 1647 23.74 9.74 -11.82
CA LEU A 1647 22.87 10.87 -12.10
C LEU A 1647 21.87 11.09 -10.96
N ALA A 1648 21.28 10.01 -10.45
CA ALA A 1648 20.32 10.16 -9.37
C ALA A 1648 20.96 10.85 -8.17
N LEU A 1649 22.23 10.53 -7.90
CA LEU A 1649 22.91 11.16 -6.78
C LEU A 1649 23.28 12.61 -7.09
N ALA A 1650 23.85 12.87 -8.27
CA ALA A 1650 24.31 14.22 -8.58
C ALA A 1650 23.14 15.19 -8.66
N CYS A 1651 22.05 14.77 -9.28
CA CYS A 1651 20.91 15.67 -9.47
C CYS A 1651 20.32 16.12 -8.14
N GLY A 1652 20.26 15.21 -7.17
CA GLY A 1652 19.63 15.48 -5.90
C GLY A 1652 18.41 14.63 -5.62
N LYS A 1653 18.02 13.75 -6.54
CA LYS A 1653 16.88 12.87 -6.30
C LYS A 1653 17.15 11.91 -5.15
N LEU A 1654 18.39 11.45 -5.01
CA LEU A 1654 18.79 10.49 -4.00
C LEU A 1654 19.77 11.16 -3.05
N ARG A 1655 19.37 11.33 -1.79
CA ARG A 1655 20.22 12.02 -0.83
C ARG A 1655 21.37 11.12 -0.41
N ARG A 1656 22.47 11.76 0.01
CA ARG A 1656 23.63 11.01 0.47
C ARG A 1656 23.25 10.05 1.60
N ASP A 1657 22.53 10.56 2.59
CA ASP A 1657 22.24 9.74 3.77
C ASP A 1657 21.46 8.48 3.41
N GLU A 1658 20.76 8.47 2.29
CA GLU A 1658 20.02 7.29 1.87
C GLU A 1658 20.97 6.15 1.48
N LEU A 1659 22.24 6.47 1.15
CA LEU A 1659 23.19 5.43 0.78
C LEU A 1659 23.55 4.56 1.98
N PRO A 1660 23.97 3.32 1.75
CA PRO A 1660 24.27 2.43 2.88
C PRO A 1660 25.40 2.97 3.74
N ALA A 1661 25.32 2.67 5.03
CA ALA A 1661 26.43 2.96 5.92
C ALA A 1661 27.69 2.33 5.36
N GLY A 1662 28.73 3.15 5.19
CA GLY A 1662 29.96 2.69 4.58
C GLY A 1662 30.21 3.39 3.28
N MET A 1663 29.15 3.92 2.67
CA MET A 1663 29.25 4.80 1.52
C MET A 1663 28.93 6.24 1.85
N PHE A 1664 28.27 6.50 2.98
CA PHE A 1664 28.02 7.87 3.41
C PHE A 1664 29.26 8.54 3.94
N CYS A 1665 30.11 7.82 4.65
CA CYS A 1665 31.35 8.38 5.18
C CYS A 1665 32.44 8.50 4.13
N LYS A 1666 32.20 8.00 2.93
CA LYS A 1666 33.22 7.99 1.89
C LYS A 1666 33.50 9.42 1.41
N GLU A 1667 34.50 9.52 0.54
CA GLU A 1667 34.95 10.83 0.08
C GLU A 1667 33.95 11.44 -0.88
N GLY A 1668 33.72 10.78 -2.01
CA GLY A 1668 32.68 11.15 -2.94
C GLY A 1668 31.58 10.10 -2.94
N THR A 1669 30.69 10.22 -3.92
CA THR A 1669 29.64 9.22 -4.04
C THR A 1669 29.25 8.89 -5.48
N LEU A 1670 30.11 9.15 -6.46
CA LEU A 1670 29.75 9.06 -7.87
C LEU A 1670 30.56 7.96 -8.54
N GLY A 1671 29.88 7.11 -9.32
CA GLY A 1671 30.53 6.13 -10.15
C GLY A 1671 30.91 4.86 -9.42
N ILE A 1672 30.61 3.70 -9.99
CA ILE A 1672 30.97 2.44 -9.34
C ILE A 1672 31.87 1.62 -10.26
N GLU A 1673 31.46 1.39 -11.50
CA GLU A 1673 32.26 0.58 -12.40
C GLU A 1673 33.59 1.25 -12.69
N PHE A 1674 34.61 0.44 -12.92
CA PHE A 1674 35.90 0.98 -13.35
C PHE A 1674 36.69 -0.13 -14.02
N SER A 1675 37.73 0.27 -14.75
CA SER A 1675 38.60 -0.67 -15.43
C SER A 1675 39.93 0.00 -15.71
N GLY A 1676 41.01 -0.71 -15.39
CA GLY A 1676 42.33 -0.16 -15.57
C GLY A 1676 43.37 -1.10 -15.00
N ARG A 1677 44.62 -0.65 -15.04
CA ARG A 1677 45.72 -1.49 -14.57
C ARG A 1677 45.78 -1.49 -13.05
N ASP A 1678 45.90 -2.67 -12.48
CA ASP A 1678 46.14 -2.85 -11.06
C ASP A 1678 47.62 -2.64 -10.77
N THR A 1679 48.01 -2.76 -9.51
CA THR A 1679 49.42 -2.76 -9.17
C THR A 1679 50.13 -3.86 -9.93
N LYS A 1680 51.33 -3.54 -10.42
CA LYS A 1680 52.11 -4.39 -11.33
C LYS A 1680 51.55 -4.32 -12.74
N GLY A 1681 50.38 -3.72 -12.93
CA GLY A 1681 49.90 -3.42 -14.26
C GLY A 1681 48.86 -4.35 -14.86
N LYS A 1682 48.64 -5.52 -14.27
CA LYS A 1682 47.70 -6.47 -14.86
C LYS A 1682 46.32 -5.84 -14.98
N ARG A 1683 45.79 -5.81 -16.21
CA ARG A 1683 44.54 -5.11 -16.47
C ARG A 1683 43.39 -5.79 -15.75
N VAL A 1684 42.61 -5.01 -14.98
CA VAL A 1684 41.50 -5.53 -14.22
C VAL A 1684 40.30 -4.61 -14.42
N MET A 1685 39.15 -5.07 -13.93
CA MET A 1685 37.92 -4.29 -14.02
C MET A 1685 37.02 -4.71 -12.88
N GLY A 1686 36.02 -3.88 -12.60
CA GLY A 1686 35.01 -4.25 -11.63
C GLY A 1686 34.35 -3.10 -10.91
N LEU A 1687 33.41 -3.43 -10.02
CA LEU A 1687 32.76 -2.46 -9.17
C LEU A 1687 33.64 -2.16 -7.97
N CYS A 1688 33.27 -1.12 -7.22
CA CYS A 1688 34.05 -0.74 -6.05
C CYS A 1688 33.23 0.24 -5.23
N ALA A 1689 33.86 0.84 -4.22
CA ALA A 1689 33.24 1.86 -3.42
C ALA A 1689 32.87 3.05 -4.31
N PRO A 1690 32.12 4.01 -3.79
CA PRO A 1690 31.59 5.08 -4.62
C PRO A 1690 32.68 5.84 -5.36
N PRO A 1691 33.78 6.22 -4.71
CA PRO A 1691 34.73 7.09 -5.42
C PRO A 1691 35.43 6.39 -6.56
N ALA A 1692 34.65 5.87 -7.51
CA ALA A 1692 35.18 5.13 -8.64
C ALA A 1692 35.39 6.02 -9.86
N LEU A 1693 34.48 6.96 -10.08
CA LEU A 1693 34.62 7.88 -11.21
C LEU A 1693 35.75 8.85 -10.90
N ALA A 1694 36.97 8.33 -10.84
CA ALA A 1694 38.12 9.10 -10.40
C ALA A 1694 39.36 8.55 -11.10
N SER A 1695 40.48 9.26 -10.92
CA SER A 1695 41.73 8.85 -11.54
C SER A 1695 42.47 7.79 -10.75
N SER A 1696 41.91 7.34 -9.62
CA SER A 1696 42.49 6.26 -8.85
C SER A 1696 41.45 5.79 -7.86
N VAL A 1697 41.36 4.48 -7.65
CA VAL A 1697 40.33 3.91 -6.79
C VAL A 1697 40.95 2.86 -5.89
N LEU A 1698 40.56 2.87 -4.62
CA LEU A 1698 41.04 1.88 -3.65
C LEU A 1698 40.01 0.76 -3.58
N CYS A 1699 40.16 -0.25 -4.42
CA CYS A 1699 39.24 -1.37 -4.43
C CYS A 1699 39.58 -2.35 -3.32
N LEU A 1700 38.63 -3.25 -3.04
CA LEU A 1700 38.74 -4.17 -1.92
C LEU A 1700 39.38 -5.50 -2.31
N ARG A 1701 39.91 -5.61 -3.52
CA ARG A 1701 40.63 -6.81 -3.95
C ARG A 1701 39.69 -7.99 -4.18
N SER A 1702 38.42 -7.84 -3.78
CA SER A 1702 37.45 -8.88 -4.06
C SER A 1702 36.60 -8.50 -5.25
N SER A 1703 36.48 -7.20 -5.53
CA SER A 1703 35.75 -6.72 -6.69
C SER A 1703 36.72 -6.39 -7.83
N LEU A 1704 37.36 -7.43 -8.35
CA LEU A 1704 38.31 -7.27 -9.44
C LEU A 1704 38.30 -8.51 -10.31
N TRP A 1705 37.98 -8.33 -11.59
CA TRP A 1705 38.08 -9.37 -12.60
C TRP A 1705 39.24 -9.04 -13.52
N SER A 1706 40.02 -10.05 -13.89
CA SER A 1706 41.09 -9.82 -14.85
C SER A 1706 40.52 -9.66 -16.24
N VAL A 1707 41.03 -8.68 -16.98
CA VAL A 1707 40.60 -8.42 -18.35
C VAL A 1707 41.20 -9.50 -19.24
N PRO A 1708 40.40 -10.23 -20.02
CA PRO A 1708 40.97 -11.22 -20.94
C PRO A 1708 41.70 -10.51 -22.09
N GLN A 1709 42.26 -11.31 -22.98
CA GLN A 1709 42.80 -10.77 -24.22
C GLN A 1709 41.65 -10.41 -25.16
N HIS A 1710 42.00 -9.79 -26.28
CA HIS A 1710 41.05 -9.35 -27.29
C HIS A 1710 39.99 -8.42 -26.74
N TRP A 1711 40.22 -7.83 -25.56
CA TRP A 1711 39.29 -6.91 -24.92
C TRP A 1711 40.06 -5.66 -24.53
N SER A 1712 39.98 -4.62 -25.36
CA SER A 1712 40.59 -3.35 -25.02
C SER A 1712 39.83 -2.72 -23.87
N LEU A 1713 40.54 -1.92 -23.07
CA LEU A 1713 39.95 -1.33 -21.88
C LEU A 1713 38.72 -0.50 -22.21
N GLU A 1714 38.63 0.02 -23.42
CA GLU A 1714 37.42 0.75 -23.81
C GLU A 1714 36.18 -0.13 -23.72
N GLU A 1715 36.36 -1.44 -23.83
CA GLU A 1715 35.24 -2.38 -23.80
C GLU A 1715 35.01 -3.00 -22.44
N ALA A 1716 36.07 -3.22 -21.67
CA ALA A 1716 35.92 -3.86 -20.37
C ALA A 1716 35.12 -3.00 -19.39
N ALA A 1717 35.04 -1.69 -19.63
CA ALA A 1717 34.28 -0.81 -18.75
C ALA A 1717 32.78 -1.03 -18.83
N THR A 1718 32.31 -1.82 -19.80
CA THR A 1718 30.88 -2.04 -19.98
C THR A 1718 30.37 -3.30 -19.30
N VAL A 1719 31.22 -4.30 -19.10
CA VAL A 1719 30.76 -5.54 -18.48
C VAL A 1719 30.24 -5.32 -17.06
N PRO A 1720 30.92 -4.59 -16.19
CA PRO A 1720 30.45 -4.48 -14.81
C PRO A 1720 29.16 -3.69 -14.71
N VAL A 1721 28.51 -3.78 -13.55
CA VAL A 1721 27.19 -3.22 -13.28
C VAL A 1721 26.17 -3.80 -14.25
N ALA A 1722 26.41 -3.69 -15.56
CA ALA A 1722 25.48 -4.26 -16.51
C ALA A 1722 25.29 -5.75 -16.25
N TYR A 1723 26.34 -6.54 -16.46
CA TYR A 1723 26.21 -7.97 -16.25
C TYR A 1723 26.14 -8.32 -14.77
N SER A 1724 26.71 -7.50 -13.90
CA SER A 1724 26.60 -7.76 -12.47
C SER A 1724 25.15 -7.75 -12.03
N THR A 1725 24.41 -6.69 -12.38
CA THR A 1725 22.99 -6.64 -12.06
C THR A 1725 22.21 -7.70 -12.82
N ALA A 1726 22.56 -7.96 -14.08
CA ALA A 1726 21.87 -9.01 -14.81
C ALA A 1726 21.93 -10.33 -14.05
N TYR A 1727 23.14 -10.76 -13.68
CA TYR A 1727 23.29 -12.03 -12.99
C TYR A 1727 22.66 -11.99 -11.61
N TYR A 1728 22.90 -10.91 -10.86
CA TYR A 1728 22.37 -10.80 -9.51
C TYR A 1728 20.86 -10.81 -9.48
N ALA A 1729 20.20 -10.36 -10.55
CA ALA A 1729 18.74 -10.35 -10.58
C ALA A 1729 18.19 -11.69 -11.10
N LEU A 1730 18.71 -12.15 -12.24
CA LEU A 1730 18.13 -13.35 -12.85
C LEU A 1730 18.55 -14.62 -12.12
N VAL A 1731 19.82 -14.72 -11.71
CA VAL A 1731 20.34 -15.97 -11.20
C VAL A 1731 20.30 -16.01 -9.67
N ILE A 1732 21.01 -15.08 -9.02
CA ILE A 1732 21.19 -15.16 -7.58
C ILE A 1732 19.85 -15.05 -6.86
N ARG A 1733 18.98 -14.15 -7.33
CA ARG A 1733 17.68 -13.95 -6.70
C ARG A 1733 16.52 -14.43 -7.57
N GLY A 1734 16.50 -14.07 -8.86
CA GLY A 1734 15.47 -14.59 -9.73
C GLY A 1734 15.48 -16.11 -9.81
N HIS A 1735 16.66 -16.71 -9.81
CA HIS A 1735 16.80 -18.16 -9.93
C HIS A 1735 16.09 -18.67 -11.18
N VAL A 1736 16.30 -17.95 -12.28
CA VAL A 1736 15.68 -18.35 -13.54
C VAL A 1736 16.13 -19.75 -13.90
N ARG A 1737 15.19 -20.57 -14.34
CA ARG A 1737 15.44 -21.95 -14.71
C ARG A 1737 15.19 -22.17 -16.19
N PRO A 1738 15.72 -23.24 -16.76
CA PRO A 1738 15.35 -23.59 -18.14
C PRO A 1738 13.84 -23.59 -18.31
N GLY A 1739 13.33 -22.67 -19.11
CA GLY A 1739 11.91 -22.40 -19.17
C GLY A 1739 11.57 -21.10 -18.48
N ASP A 1740 10.27 -20.92 -18.25
CA ASP A 1740 9.76 -19.67 -17.68
C ASP A 1740 9.92 -18.55 -18.69
N THR A 1741 9.25 -17.42 -18.46
CA THR A 1741 9.21 -16.32 -19.41
C THR A 1741 9.68 -15.06 -18.72
N VAL A 1742 10.67 -14.40 -19.30
CA VAL A 1742 11.32 -13.25 -18.68
C VAL A 1742 10.93 -12.00 -19.48
N LEU A 1743 10.28 -11.05 -18.81
CA LEU A 1743 9.91 -9.79 -19.46
C LEU A 1743 10.95 -8.74 -19.07
N VAL A 1744 11.72 -8.28 -20.06
CA VAL A 1744 12.80 -7.33 -19.82
C VAL A 1744 12.36 -5.97 -20.33
N HIS A 1745 12.13 -5.05 -19.41
CA HIS A 1745 11.73 -3.70 -19.78
C HIS A 1745 12.95 -2.90 -20.23
N ALA A 1746 12.71 -1.93 -21.11
CA ALA A 1746 13.78 -1.08 -21.62
C ALA A 1746 14.94 -1.92 -22.12
N GLY A 1747 14.67 -2.82 -23.07
CA GLY A 1747 15.72 -3.67 -23.59
C GLY A 1747 16.86 -2.92 -24.22
N GLY A 1748 16.67 -1.63 -24.52
CA GLY A 1748 17.75 -0.84 -25.07
C GLY A 1748 18.89 -0.59 -24.11
N SER A 1749 18.58 -0.35 -22.84
CA SER A 1749 19.59 0.03 -21.87
C SER A 1749 20.56 -1.13 -21.65
N PRO A 1750 21.78 -0.83 -21.20
CA PRO A 1750 22.78 -1.90 -21.03
C PRO A 1750 22.30 -3.03 -20.14
N VAL A 1751 21.58 -2.72 -19.06
CA VAL A 1751 21.05 -3.77 -18.21
C VAL A 1751 20.10 -4.65 -18.98
N GLY A 1752 19.31 -4.06 -19.88
CA GLY A 1752 18.41 -4.87 -20.69
C GLY A 1752 19.15 -5.88 -21.54
N GLN A 1753 20.24 -5.44 -22.18
CA GLN A 1753 20.98 -6.36 -23.04
C GLN A 1753 21.69 -7.44 -22.21
N ALA A 1754 22.23 -7.06 -21.05
CA ALA A 1754 22.85 -8.07 -20.18
C ALA A 1754 21.82 -9.11 -19.73
N ALA A 1755 20.64 -8.65 -19.33
CA ALA A 1755 19.59 -9.58 -18.92
C ALA A 1755 19.18 -10.47 -20.09
N ILE A 1756 19.13 -9.91 -21.29
CA ILE A 1756 18.82 -10.72 -22.47
C ILE A 1756 19.86 -11.81 -22.64
N ALA A 1757 21.13 -11.46 -22.55
CA ALA A 1757 22.18 -12.45 -22.73
C ALA A 1757 22.05 -13.57 -21.70
N VAL A 1758 21.87 -13.20 -20.44
CA VAL A 1758 21.79 -14.23 -19.39
C VAL A 1758 20.54 -15.09 -19.57
N ALA A 1759 19.39 -14.46 -19.84
CA ALA A 1759 18.15 -15.20 -20.00
C ALA A 1759 18.25 -16.17 -21.17
N GLN A 1760 18.80 -15.73 -22.30
CA GLN A 1760 18.98 -16.62 -23.43
C GLN A 1760 19.99 -17.71 -23.12
N SER A 1761 20.96 -17.43 -22.24
CA SER A 1761 21.87 -18.48 -21.80
C SER A 1761 21.10 -19.57 -21.05
N CYS A 1762 20.18 -19.17 -20.18
CA CYS A 1762 19.38 -20.18 -19.49
C CYS A 1762 18.35 -20.83 -20.41
N GLY A 1763 18.04 -20.19 -21.52
CA GLY A 1763 17.18 -20.78 -22.53
C GLY A 1763 15.72 -20.35 -22.48
N CYS A 1764 15.37 -19.38 -21.65
CA CYS A 1764 13.98 -18.99 -21.47
C CYS A 1764 13.48 -18.13 -22.62
N GLU A 1765 12.16 -17.99 -22.69
CA GLU A 1765 11.54 -17.08 -23.66
C GLU A 1765 11.53 -15.67 -23.11
N ILE A 1766 12.03 -14.73 -23.89
CA ILE A 1766 12.28 -13.37 -23.42
C ILE A 1766 11.37 -12.42 -24.18
N PHE A 1767 10.57 -11.64 -23.45
CA PHE A 1767 9.74 -10.59 -24.02
C PHE A 1767 10.41 -9.26 -23.74
N ILE A 1768 10.94 -8.63 -24.76
CA ILE A 1768 11.64 -7.36 -24.62
C ILE A 1768 10.64 -6.23 -24.76
N SER A 1769 10.91 -5.10 -24.11
CA SER A 1769 10.10 -3.90 -24.29
C SER A 1769 11.00 -2.72 -24.67
N THR A 1770 11.26 -2.59 -25.96
CA THR A 1770 12.02 -1.46 -26.47
C THR A 1770 11.14 -0.22 -26.53
N ALA A 1771 11.78 0.94 -26.41
CA ALA A 1771 11.03 2.20 -26.46
C ALA A 1771 10.77 2.63 -27.90
N THR A 1772 11.83 2.86 -28.67
CA THR A 1772 11.71 3.31 -30.05
C THR A 1772 11.68 2.14 -31.01
N ASP A 1773 11.88 2.40 -32.29
CA ASP A 1773 12.01 1.36 -33.29
C ASP A 1773 13.45 1.05 -33.67
N ALA A 1774 14.34 2.04 -33.60
CA ALA A 1774 15.75 1.76 -33.89
C ALA A 1774 16.31 0.73 -32.90
N GLU A 1775 15.87 0.81 -31.64
CA GLU A 1775 16.34 -0.15 -30.65
C GLU A 1775 15.92 -1.57 -31.04
N THR A 1776 14.70 -1.73 -31.54
CA THR A 1776 14.24 -3.06 -31.95
C THR A 1776 15.13 -3.63 -33.04
N SER A 1777 15.42 -2.84 -34.06
CA SER A 1777 16.28 -3.31 -35.14
C SER A 1777 17.68 -3.63 -34.63
N SER A 1778 18.24 -2.76 -33.80
CA SER A 1778 19.58 -3.01 -33.28
C SER A 1778 19.63 -4.30 -32.47
N LEU A 1779 18.66 -4.49 -31.57
CA LEU A 1779 18.64 -5.71 -30.78
C LEU A 1779 18.46 -6.95 -31.66
N LYS A 1780 17.55 -6.88 -32.63
CA LYS A 1780 17.34 -8.02 -33.51
C LYS A 1780 18.63 -8.36 -34.26
N SER A 1781 19.40 -7.34 -34.66
CA SER A 1781 20.66 -7.59 -35.34
C SER A 1781 21.76 -8.04 -34.39
N MET A 1782 21.60 -7.79 -33.09
CA MET A 1782 22.58 -8.23 -32.10
C MET A 1782 22.28 -9.61 -31.54
N PHE A 1783 21.03 -10.04 -31.60
CA PHE A 1783 20.62 -11.36 -31.12
C PHE A 1783 19.83 -12.06 -32.21
N PRO A 1784 20.35 -13.10 -32.86
CA PRO A 1784 19.62 -13.70 -33.98
C PRO A 1784 18.36 -14.45 -33.57
N ARG A 1785 18.45 -15.26 -32.51
CA ARG A 1785 17.34 -16.15 -32.18
C ARG A 1785 16.07 -15.41 -31.80
N LEU A 1786 16.15 -14.14 -31.44
CA LEU A 1786 14.95 -13.39 -31.10
C LEU A 1786 14.04 -13.30 -32.31
N LYS A 1787 12.75 -13.56 -32.10
CA LYS A 1787 11.78 -13.46 -33.19
C LYS A 1787 11.15 -12.09 -33.22
N ASP A 1788 10.14 -11.90 -34.06
CA ASP A 1788 9.44 -10.63 -34.16
C ASP A 1788 8.20 -10.56 -33.27
N ARG A 1789 7.82 -11.65 -32.63
CA ARG A 1789 6.70 -11.66 -31.70
C ARG A 1789 7.12 -11.32 -30.27
N ASN A 1790 8.42 -11.26 -29.99
CA ASN A 1790 8.93 -11.01 -28.65
C ASN A 1790 9.35 -9.57 -28.43
N PHE A 1791 8.60 -8.62 -28.97
CA PHE A 1791 8.91 -7.21 -28.80
C PHE A 1791 7.62 -6.44 -28.56
N CYS A 1792 7.73 -5.32 -27.84
CA CYS A 1792 6.58 -4.50 -27.52
C CYS A 1792 7.01 -3.04 -27.55
N SER A 1793 6.17 -2.18 -26.98
CA SER A 1793 6.44 -0.74 -26.88
C SER A 1793 6.36 -0.35 -25.41
N CYS A 1794 7.49 0.02 -24.83
CA CYS A 1794 7.53 0.43 -23.44
C CYS A 1794 6.97 1.82 -23.23
N LYS A 1795 7.05 2.69 -24.25
CA LYS A 1795 6.64 4.08 -24.08
C LYS A 1795 5.20 4.18 -23.59
N ASP A 1796 4.30 3.46 -24.23
CA ASP A 1796 2.89 3.46 -23.87
C ASP A 1796 2.53 2.15 -23.20
N ALA A 1797 1.32 2.09 -22.65
CA ALA A 1797 0.85 0.88 -21.98
C ALA A 1797 0.28 -0.12 -22.98
N SER A 1798 1.08 -0.42 -24.01
CA SER A 1798 0.72 -1.44 -24.99
C SER A 1798 1.39 -2.77 -24.74
N PHE A 1799 2.56 -2.78 -24.08
CA PHE A 1799 3.22 -4.05 -23.81
C PHE A 1799 2.34 -4.97 -23.00
N GLU A 1800 1.45 -4.42 -22.17
CA GLU A 1800 0.55 -5.28 -21.41
C GLU A 1800 -0.31 -6.11 -22.34
N ARG A 1801 -0.95 -5.47 -23.32
CA ARG A 1801 -1.81 -6.20 -24.24
C ARG A 1801 -1.03 -7.24 -25.01
N HIS A 1802 0.16 -6.87 -25.51
CA HIS A 1802 0.93 -7.80 -26.31
C HIS A 1802 1.39 -9.00 -25.49
N VAL A 1803 1.85 -8.76 -24.27
CA VAL A 1803 2.33 -9.86 -23.44
C VAL A 1803 1.18 -10.77 -23.05
N LYS A 1804 0.04 -10.19 -22.66
CA LYS A 1804 -1.10 -11.02 -22.28
C LYS A 1804 -1.66 -11.79 -23.46
N LYS A 1805 -1.60 -11.24 -24.67
CA LYS A 1805 -2.09 -11.93 -25.85
C LYS A 1805 -1.14 -13.01 -26.33
N GLU A 1806 0.17 -12.79 -26.24
CA GLU A 1806 1.12 -13.74 -26.80
C GLU A 1806 1.39 -14.90 -25.83
N THR A 1807 1.25 -14.66 -24.53
CA THR A 1807 1.51 -15.67 -23.53
C THR A 1807 0.24 -16.41 -23.11
N SER A 1808 -0.86 -16.23 -23.84
CA SER A 1808 -2.10 -16.98 -23.60
C SER A 1808 -2.76 -16.57 -22.29
N GLY A 1809 -2.36 -15.42 -21.73
CA GLY A 1809 -2.98 -14.89 -20.54
C GLY A 1809 -2.40 -15.39 -19.24
N LYS A 1810 -1.50 -16.37 -19.29
CA LYS A 1810 -0.89 -16.87 -18.06
C LYS A 1810 -0.08 -15.79 -17.37
N GLY A 1811 0.65 -15.00 -18.15
CA GLY A 1811 1.54 -13.99 -17.60
C GLY A 1811 2.96 -14.48 -17.50
N VAL A 1812 3.90 -13.54 -17.54
CA VAL A 1812 5.32 -13.87 -17.45
C VAL A 1812 5.65 -14.23 -16.00
N ASP A 1813 6.85 -14.77 -15.78
CA ASP A 1813 7.28 -15.22 -14.46
C ASP A 1813 8.27 -14.26 -13.82
N ILE A 1814 9.36 -13.94 -14.54
CA ILE A 1814 10.40 -13.07 -14.02
C ILE A 1814 10.27 -11.74 -14.74
N ILE A 1815 9.80 -10.72 -14.03
CA ILE A 1815 9.59 -9.40 -14.62
C ILE A 1815 10.71 -8.51 -14.14
N LEU A 1816 11.76 -8.38 -14.94
CA LEU A 1816 12.89 -7.53 -14.60
C LEU A 1816 12.47 -6.09 -14.90
N ASN A 1817 11.56 -5.58 -14.11
CA ASN A 1817 10.95 -4.28 -14.32
C ASN A 1817 11.94 -3.17 -14.04
N CYS A 1818 11.81 -2.06 -14.78
CA CYS A 1818 12.61 -0.87 -14.51
C CYS A 1818 11.81 0.42 -14.66
N THR A 1819 10.49 0.34 -14.87
CA THR A 1819 9.66 1.52 -15.05
C THR A 1819 9.01 1.90 -13.72
N THR A 1820 8.21 2.97 -13.75
CA THR A 1820 7.56 3.46 -12.54
C THR A 1820 6.28 4.17 -12.93
N GLY A 1821 5.38 4.30 -11.97
CA GLY A 1821 4.12 4.98 -12.19
C GLY A 1821 3.03 4.04 -12.67
N GLU A 1822 2.21 4.50 -13.61
CA GLU A 1822 1.17 3.64 -14.16
C GLU A 1822 1.77 2.43 -14.87
N LEU A 1823 2.89 2.64 -15.56
CA LEU A 1823 3.58 1.52 -16.20
C LEU A 1823 3.93 0.45 -15.18
N LEU A 1824 4.28 0.86 -13.96
CA LEU A 1824 4.57 -0.13 -12.92
C LEU A 1824 3.32 -0.94 -12.58
N GLY A 1825 2.16 -0.29 -12.48
CA GLY A 1825 0.94 -1.04 -12.24
C GLY A 1825 0.66 -2.03 -13.36
N ALA A 1826 0.81 -1.58 -14.61
CA ALA A 1826 0.58 -2.48 -15.73
C ALA A 1826 1.55 -3.66 -15.68
N SER A 1827 2.81 -3.39 -15.37
CA SER A 1827 3.79 -4.47 -15.29
C SER A 1827 3.43 -5.45 -14.17
N ILE A 1828 2.99 -4.93 -13.03
CA ILE A 1828 2.61 -5.82 -11.93
C ILE A 1828 1.44 -6.68 -12.32
N ARG A 1829 0.51 -6.15 -13.12
CA ARG A 1829 -0.66 -6.91 -13.53
C ARG A 1829 -0.36 -7.94 -14.60
N LEU A 1830 0.92 -8.22 -14.88
CA LEU A 1830 1.31 -9.28 -15.79
C LEU A 1830 1.93 -10.48 -15.09
N LEU A 1831 2.29 -10.35 -13.82
CA LEU A 1831 3.03 -11.39 -13.12
C LEU A 1831 2.15 -12.62 -12.96
N ALA A 1832 2.75 -13.81 -13.17
CA ALA A 1832 2.02 -15.06 -13.08
C ALA A 1832 2.25 -15.69 -11.70
N SER A 1833 1.56 -16.79 -11.44
CA SER A 1833 1.73 -17.48 -10.18
C SER A 1833 3.19 -17.89 -10.00
N ARG A 1834 3.65 -17.80 -8.75
CA ARG A 1834 5.05 -18.10 -8.43
C ARG A 1834 5.98 -17.19 -9.23
N GLY A 1835 5.53 -15.98 -9.50
CA GLY A 1835 6.27 -15.03 -10.29
C GLY A 1835 7.12 -14.10 -9.43
N ARG A 1836 8.32 -13.81 -9.91
CA ARG A 1836 9.29 -13.00 -9.18
C ARG A 1836 9.43 -11.65 -9.86
N PHE A 1837 9.03 -10.60 -9.17
CA PHE A 1837 9.09 -9.23 -9.69
C PHE A 1837 10.38 -8.60 -9.20
N LEU A 1838 11.36 -8.47 -10.10
CA LEU A 1838 12.67 -7.93 -9.75
C LEU A 1838 12.66 -6.44 -10.05
N ASN A 1839 12.36 -5.64 -9.02
CA ASN A 1839 12.22 -4.20 -9.20
C ASN A 1839 13.57 -3.52 -9.10
N LEU A 1840 14.14 -3.15 -10.25
CA LEU A 1840 15.45 -2.50 -10.28
C LEU A 1840 15.44 -1.10 -9.69
N ALA A 1841 14.35 -0.37 -9.83
CA ALA A 1841 14.27 1.00 -9.32
C ALA A 1841 14.36 1.01 -7.80
N GLU A 1849 6.19 -0.95 -5.97
CA GLU A 1849 6.06 -1.93 -4.90
C GLU A 1849 4.76 -1.72 -4.14
N LEU A 1850 4.30 -0.46 -4.09
CA LEU A 1850 3.07 -0.15 -3.36
C LEU A 1850 1.88 -0.89 -3.94
N VAL A 1851 1.75 -0.87 -5.27
CA VAL A 1851 0.63 -1.57 -5.90
C VAL A 1851 0.80 -3.09 -5.75
N PHE A 1852 2.04 -3.57 -5.80
CA PHE A 1852 2.28 -5.01 -5.78
C PHE A 1852 1.65 -5.66 -4.55
N SER A 1853 1.72 -4.97 -3.41
CA SER A 1853 1.23 -5.57 -2.16
C SER A 1853 -0.22 -6.02 -2.29
N GLY A 1854 -1.00 -5.34 -3.13
CA GLY A 1854 -2.38 -5.73 -3.35
C GLY A 1854 -2.52 -6.69 -4.51
N SER A 1855 -1.70 -7.72 -4.55
CA SER A 1855 -1.67 -8.69 -5.62
C SER A 1855 -2.78 -9.72 -5.43
N GLY A 1856 -3.14 -10.38 -6.53
CA GLY A 1856 -4.15 -11.42 -6.52
C GLY A 1856 -3.71 -12.69 -7.19
N ARG A 1857 -2.40 -12.93 -7.24
CA ARG A 1857 -1.85 -14.12 -7.86
C ARG A 1857 -1.35 -15.13 -6.83
N ARG A 1858 -1.66 -14.93 -5.55
CA ARG A 1858 -1.27 -15.85 -4.48
C ARG A 1858 0.25 -15.96 -4.48
N ASP A 1859 0.82 -17.16 -4.59
CA ASP A 1859 2.26 -17.33 -4.40
C ASP A 1859 3.04 -16.48 -5.40
N THR A 1860 3.72 -15.44 -4.91
CA THR A 1860 4.51 -14.56 -5.74
C THR A 1860 5.78 -14.21 -4.99
N SER A 1861 6.50 -13.21 -5.48
CA SER A 1861 7.68 -12.72 -4.78
C SER A 1861 8.04 -11.36 -5.34
N PHE A 1862 8.40 -10.42 -4.47
CA PHE A 1862 8.84 -9.09 -4.88
C PHE A 1862 10.25 -8.89 -4.35
N HIS A 1863 11.19 -8.61 -5.25
CA HIS A 1863 12.60 -8.46 -4.90
C HIS A 1863 13.03 -7.05 -5.26
N ASP A 1864 13.30 -6.23 -4.25
CA ASP A 1864 13.95 -4.96 -4.50
C ASP A 1864 15.44 -5.19 -4.71
N ILE A 1865 15.95 -4.77 -5.85
CA ILE A 1865 17.33 -5.01 -6.23
C ILE A 1865 18.05 -3.67 -6.23
N ASN A 1866 18.89 -3.46 -5.22
CA ASN A 1866 19.72 -2.27 -5.08
C ASN A 1866 21.16 -2.74 -4.97
N LEU A 1867 21.91 -2.65 -6.07
CA LEU A 1867 23.27 -3.16 -6.08
C LEU A 1867 24.18 -2.43 -5.11
N ASP A 1868 23.85 -1.19 -4.73
CA ASP A 1868 24.69 -0.47 -3.79
C ASP A 1868 24.81 -1.21 -2.47
N THR A 1869 23.69 -1.70 -1.95
CA THR A 1869 23.74 -2.41 -0.67
C THR A 1869 24.63 -3.64 -0.75
N LEU A 1870 24.51 -4.40 -1.84
CA LEU A 1870 25.37 -5.57 -2.00
C LEU A 1870 26.83 -5.17 -2.07
N ILE A 1871 27.14 -4.13 -2.85
CA ILE A 1871 28.52 -3.67 -2.94
C ILE A 1871 29.07 -3.36 -1.56
N ASP A 1872 28.27 -2.65 -0.75
CA ASP A 1872 28.75 -2.26 0.57
C ASP A 1872 28.97 -3.46 1.48
N ALA A 1873 28.00 -4.39 1.51
CA ALA A 1873 28.05 -5.54 2.41
C ALA A 1873 28.48 -6.76 1.59
N GLN A 1874 29.79 -6.93 1.46
CA GLN A 1874 30.35 -7.99 0.62
C GLN A 1874 30.33 -9.31 1.39
N GLY A 1875 29.13 -9.87 1.52
CA GLY A 1875 28.97 -11.15 2.17
C GLY A 1875 29.36 -12.28 1.25
N PRO A 1876 28.92 -13.49 1.56
CA PRO A 1876 29.14 -14.60 0.61
C PRO A 1876 28.48 -14.37 -0.73
N GLU A 1877 27.33 -13.68 -0.76
CA GLU A 1877 26.65 -13.44 -2.02
C GLU A 1877 27.52 -12.66 -3.00
N TRP A 1878 28.26 -11.68 -2.51
CA TRP A 1878 29.13 -10.92 -3.40
C TRP A 1878 30.18 -11.82 -4.03
N THR A 1879 30.78 -12.70 -3.25
CA THR A 1879 31.78 -13.61 -3.82
C THR A 1879 31.14 -14.56 -4.83
N GLU A 1880 29.93 -15.05 -4.54
CA GLU A 1880 29.26 -15.91 -5.50
C GLU A 1880 28.98 -15.16 -6.80
N LEU A 1881 28.57 -13.89 -6.70
CA LEU A 1881 28.31 -13.10 -7.90
C LEU A 1881 29.59 -12.87 -8.70
N THR A 1882 30.68 -12.56 -8.01
CA THR A 1882 31.97 -12.43 -8.68
C THR A 1882 32.31 -13.71 -9.43
N SER A 1883 32.10 -14.86 -8.78
CA SER A 1883 32.39 -16.13 -9.43
C SER A 1883 31.51 -16.33 -10.66
N LEU A 1884 30.22 -15.99 -10.56
CA LEU A 1884 29.33 -16.15 -11.70
C LEU A 1884 29.80 -15.30 -12.88
N VAL A 1885 30.12 -14.03 -12.63
CA VAL A 1885 30.51 -13.17 -13.74
C VAL A 1885 31.82 -13.66 -14.34
N GLN A 1886 32.78 -14.07 -13.50
CA GLN A 1886 34.04 -14.57 -14.04
C GLN A 1886 33.81 -15.80 -14.90
N LYS A 1887 33.01 -16.74 -14.41
CA LYS A 1887 32.74 -17.96 -15.17
C LYS A 1887 32.07 -17.63 -16.50
N GLY A 1888 31.12 -16.70 -16.49
CA GLY A 1888 30.54 -16.25 -17.74
C GLY A 1888 31.56 -15.65 -18.68
N ILE A 1889 32.46 -14.83 -18.16
CA ILE A 1889 33.49 -14.22 -19.00
C ILE A 1889 34.33 -15.30 -19.66
N GLN A 1890 34.70 -16.34 -18.92
CA GLN A 1890 35.44 -17.44 -19.52
C GLN A 1890 34.72 -17.99 -20.75
N SER A 1891 33.39 -18.04 -20.70
CA SER A 1891 32.59 -18.43 -21.86
C SER A 1891 32.36 -17.22 -22.75
N GLY A 1892 31.67 -17.45 -23.85
CA GLY A 1892 31.37 -16.38 -24.78
C GLY A 1892 30.07 -15.67 -24.47
N LEU A 1893 29.46 -15.99 -23.34
CA LEU A 1893 28.17 -15.41 -22.97
C LEU A 1893 28.24 -13.90 -22.88
N VAL A 1894 29.00 -13.38 -21.92
CA VAL A 1894 29.08 -11.93 -21.73
C VAL A 1894 30.00 -11.33 -22.77
N LYS A 1895 29.69 -10.10 -23.18
CA LYS A 1895 30.47 -9.41 -24.19
C LYS A 1895 30.17 -7.93 -24.09
N PRO A 1896 31.10 -7.07 -24.51
CA PRO A 1896 30.90 -5.63 -24.34
C PRO A 1896 29.69 -5.14 -25.11
N LEU A 1897 29.05 -4.10 -24.58
CA LEU A 1897 27.86 -3.52 -25.17
C LEU A 1897 28.23 -2.24 -25.92
N ALA A 1898 27.22 -1.54 -26.44
CA ALA A 1898 27.46 -0.29 -27.14
C ALA A 1898 28.02 0.73 -26.16
N ARG A 1899 29.10 1.40 -26.57
CA ARG A 1899 29.81 2.35 -25.72
C ARG A 1899 29.94 3.69 -26.41
N THR A 1900 29.95 4.76 -25.62
CA THR A 1900 30.05 6.13 -26.12
C THR A 1900 31.11 6.84 -25.28
N VAL A 1901 32.36 6.75 -25.70
CA VAL A 1901 33.44 7.34 -24.93
C VAL A 1901 33.31 8.86 -24.95
N TYR A 1902 33.39 9.47 -23.77
CA TYR A 1902 33.34 10.91 -23.63
C TYR A 1902 34.62 11.41 -22.99
N ALA A 1903 35.14 12.51 -23.53
CA ALA A 1903 36.39 13.07 -23.05
C ALA A 1903 36.28 13.39 -21.56
N MET A 1904 37.43 13.70 -20.95
CA MET A 1904 37.44 13.94 -19.51
C MET A 1904 36.60 15.15 -19.14
N ASP A 1905 36.91 16.31 -19.73
CA ASP A 1905 36.24 17.55 -19.37
C ASP A 1905 34.88 17.67 -20.05
N ARG A 1906 34.03 16.67 -19.87
CA ARG A 1906 32.69 16.69 -20.43
C ARG A 1906 31.68 16.14 -19.44
N LEU A 1907 31.94 16.31 -18.15
CA LEU A 1907 31.07 15.74 -17.14
C LEU A 1907 29.67 16.33 -17.22
N VAL A 1908 29.56 17.64 -17.36
CA VAL A 1908 28.24 18.27 -17.38
C VAL A 1908 27.43 17.75 -18.56
N ASP A 1909 28.05 17.69 -19.75
CA ASP A 1909 27.33 17.19 -20.92
C ASP A 1909 26.99 15.72 -20.77
N VAL A 1910 27.90 14.92 -20.22
CA VAL A 1910 27.63 13.50 -20.05
C VAL A 1910 26.42 13.30 -19.15
N PHE A 1911 26.39 14.01 -18.02
CA PHE A 1911 25.29 13.85 -17.09
C PHE A 1911 23.99 14.40 -17.67
N LYS A 1912 24.05 15.51 -18.39
CA LYS A 1912 22.86 16.04 -19.04
C LYS A 1912 22.30 15.04 -20.03
N LEU A 1913 23.17 14.45 -20.86
CA LEU A 1913 22.72 13.45 -21.81
C LEU A 1913 22.12 12.24 -21.11
N LEU A 1914 22.75 11.79 -20.03
CA LEU A 1914 22.19 10.69 -19.26
C LEU A 1914 20.81 11.06 -18.73
N GLU A 1915 20.60 12.34 -18.42
CA GLU A 1915 19.28 12.77 -17.97
C GLU A 1915 18.27 12.77 -19.10
N GLU A 1916 18.72 13.12 -20.31
CA GLU A 1916 17.79 13.30 -21.42
C GLU A 1916 17.02 12.03 -21.72
N GLY A 1917 17.70 10.89 -21.71
CA GLY A 1917 17.12 9.62 -22.10
C GLY A 1917 17.51 9.16 -23.48
N ALA A 1918 18.18 10.01 -24.25
CA ALA A 1918 18.71 9.65 -25.56
C ALA A 1918 20.06 8.95 -25.47
N GLN A 1919 20.41 8.44 -24.30
CA GLN A 1919 21.71 7.80 -24.11
C GLN A 1919 21.91 6.69 -25.13
N ALA A 1920 23.08 6.69 -25.76
CA ALA A 1920 23.45 5.66 -26.74
C ALA A 1920 24.12 4.52 -25.97
N GLY A 1921 23.34 3.52 -25.58
CA GLY A 1921 23.89 2.39 -24.87
C GLY A 1921 24.60 2.87 -23.61
N LYS A 1922 25.80 2.37 -23.39
CA LYS A 1922 26.57 2.72 -22.21
C LYS A 1922 27.22 4.10 -22.38
N LEU A 1923 27.71 4.63 -21.25
CA LEU A 1923 28.40 5.91 -21.23
C LEU A 1923 29.67 5.74 -20.41
N LEU A 1924 30.80 6.18 -20.94
CA LEU A 1924 32.08 6.08 -20.26
C LEU A 1924 32.76 7.43 -20.25
N VAL A 1925 33.84 7.52 -19.46
CA VAL A 1925 34.72 8.67 -19.43
C VAL A 1925 36.15 8.15 -19.56
N LYS A 1926 36.89 8.72 -20.51
CA LYS A 1926 38.23 8.26 -20.83
C LYS A 1926 39.23 9.03 -19.98
N ILE A 1927 39.62 8.46 -18.85
CA ILE A 1927 40.58 9.11 -17.97
C ILE A 1927 41.96 9.12 -18.61
N ARG A 1928 42.38 7.99 -19.19
CA ARG A 1928 43.70 7.89 -19.79
C ARG A 1928 43.64 6.96 -20.99
N GLU A 1929 44.43 7.29 -22.00
CA GLU A 1929 44.49 6.48 -23.21
C GLU A 1929 45.25 5.19 -22.93
N GLU A 1930 44.72 4.08 -23.42
CA GLU A 1930 45.37 2.79 -23.24
C GLU A 1930 46.68 2.74 -24.03
N GLU A 1931 47.62 1.96 -23.54
CA GLU A 1931 48.94 1.82 -24.14
C GLU A 1931 49.08 0.45 -24.79
N ALA A 1932 50.12 0.32 -25.62
CA ALA A 1932 50.26 -0.89 -26.43
C ALA A 1932 50.44 -2.12 -25.56
N GLU A 1933 51.40 -2.10 -24.65
CA GLU A 1933 51.75 -3.28 -23.89
C GLU A 1933 50.58 -3.71 -23.02
N LYS A 1934 50.35 -5.02 -22.91
CA LYS A 1934 49.18 -5.51 -22.19
C LYS A 1934 49.43 -5.60 -20.69
N ILE A 1935 50.68 -5.42 -20.26
CA ILE A 1935 51.03 -5.36 -18.85
C ILE A 1935 52.20 -4.39 -18.72
N THR A 1936 51.98 -3.26 -18.07
CA THR A 1936 53.02 -2.25 -17.90
C THR A 1936 52.61 -1.31 -16.79
N LEU A 1937 53.56 -0.49 -16.35
CA LEU A 1937 53.27 0.52 -15.34
C LEU A 1937 52.43 1.63 -15.96
N PRO A 1938 51.49 2.20 -15.21
CA PRO A 1938 50.56 3.19 -15.77
C PRO A 1938 51.15 4.57 -15.99
N ALA A 1939 52.47 4.74 -15.93
CA ALA A 1939 53.10 6.01 -16.23
C ALA A 1939 52.63 7.09 -15.27
N LYS A 1940 52.77 8.36 -15.66
CA LYS A 1940 52.43 9.50 -14.81
C LYS A 1940 51.50 10.44 -15.55
N LYS A 1941 50.70 11.17 -14.78
CA LYS A 1941 49.76 12.14 -15.36
C LYS A 1941 49.23 13.05 -14.27
N THR A 1942 48.98 14.31 -14.60
CA THR A 1942 48.47 15.29 -13.65
C THR A 1942 47.10 15.79 -14.12
N PHE A 1943 46.18 15.90 -13.17
CA PHE A 1943 44.79 16.25 -13.45
C PHE A 1943 44.47 17.60 -12.82
N GLU A 1944 43.73 18.43 -13.53
CA GLU A 1944 43.28 19.69 -12.98
C GLU A 1944 42.12 19.42 -12.03
N ALA A 1945 42.21 19.95 -10.80
CA ALA A 1945 41.15 19.75 -9.83
C ALA A 1945 41.24 20.83 -8.77
N VAL A 1946 40.07 21.24 -8.28
CA VAL A 1946 39.98 22.22 -7.18
C VAL A 1946 40.54 21.55 -5.94
N PRO A 1947 41.44 22.20 -5.19
CA PRO A 1947 42.09 21.53 -4.07
C PRO A 1947 41.15 21.49 -2.87
N ARG A 1948 40.98 20.30 -2.29
CA ARG A 1948 40.26 20.15 -1.05
C ARG A 1948 41.25 20.04 0.09
N THR A 1949 40.74 19.87 1.31
CA THR A 1949 41.58 19.75 2.50
C THR A 1949 41.28 18.43 3.18
N PHE A 1950 42.28 17.55 3.22
CA PHE A 1950 42.15 16.25 3.86
C PHE A 1950 43.37 16.04 4.76
N PHE A 1951 43.19 15.21 5.78
CA PHE A 1951 44.21 14.97 6.79
C PHE A 1951 44.58 13.50 6.83
N HIS A 1952 45.84 13.24 7.16
CA HIS A 1952 46.38 11.89 7.19
C HIS A 1952 45.81 11.12 8.39
N PRO A 1953 45.12 10.01 8.19
CA PRO A 1953 44.55 9.28 9.35
C PRO A 1953 45.59 8.74 10.29
N ALA A 1954 46.84 8.57 9.86
CA ALA A 1954 47.87 7.98 10.70
C ALA A 1954 48.68 9.01 11.47
N LYS A 1955 48.29 10.28 11.40
CA LYS A 1955 49.00 11.37 12.05
C LYS A 1955 48.18 11.90 13.22
N SER A 1956 48.75 12.84 13.95
CA SER A 1956 48.14 13.42 15.13
C SER A 1956 48.20 14.94 15.06
N TYR A 1957 47.10 15.59 15.42
CA TYR A 1957 46.97 17.04 15.34
C TYR A 1957 46.52 17.58 16.69
N VAL A 1958 47.12 18.70 17.09
CA VAL A 1958 46.87 19.31 18.40
C VAL A 1958 46.02 20.55 18.19
N ILE A 1959 44.91 20.64 18.93
CA ILE A 1959 44.07 21.84 18.89
C ILE A 1959 44.21 22.56 20.22
N VAL A 1960 45.21 23.43 20.33
CA VAL A 1960 45.43 24.15 21.58
C VAL A 1960 44.22 25.01 21.85
N GLY A 1961 43.68 24.91 23.06
CA GLY A 1961 42.45 25.62 23.35
C GLY A 1961 41.28 25.14 22.53
N GLY A 1962 41.34 23.91 22.03
CA GLY A 1962 40.30 23.37 21.20
C GLY A 1962 39.04 22.96 21.94
N LEU A 1963 39.00 23.14 23.26
CA LEU A 1963 37.88 22.73 24.07
C LEU A 1963 36.85 23.83 24.26
N GLY A 1964 37.05 24.98 23.62
CA GLY A 1964 36.13 26.10 23.78
C GLY A 1964 34.89 25.95 22.93
N GLY A 1965 34.48 27.04 22.30
CA GLY A 1965 33.31 27.02 21.43
C GLY A 1965 33.66 26.68 20.00
N PHE A 1966 34.56 27.46 19.41
CA PHE A 1966 35.02 27.17 18.05
C PHE A 1966 35.76 25.84 18.01
N GLY A 1967 36.73 25.67 18.90
CA GLY A 1967 37.57 24.50 18.91
C GLY A 1967 36.84 23.18 18.73
N LEU A 1968 35.75 22.99 19.46
CA LEU A 1968 35.03 21.73 19.37
C LEU A 1968 34.49 21.50 17.96
N GLU A 1969 33.92 22.53 17.35
CA GLU A 1969 33.36 22.34 16.02
C GLU A 1969 34.46 22.16 14.98
N LEU A 1970 35.58 22.87 15.15
CA LEU A 1970 36.72 22.61 14.28
C LEU A 1970 37.17 21.16 14.40
N ALA A 1971 37.18 20.63 15.62
CA ALA A 1971 37.60 19.25 15.81
C ALA A 1971 36.61 18.28 15.16
N HIS A 1972 35.32 18.55 15.26
CA HIS A 1972 34.34 17.68 14.62
C HIS A 1972 34.52 17.70 13.11
N TRP A 1973 34.72 18.89 12.53
CA TRP A 1973 34.95 18.97 11.09
C TRP A 1973 36.22 18.21 10.72
N MET A 1974 37.30 18.40 11.49
CA MET A 1974 38.52 17.67 11.25
C MET A 1974 38.26 16.17 11.21
N VAL A 1975 37.60 15.65 12.25
CA VAL A 1975 37.36 14.21 12.31
C VAL A 1975 36.56 13.76 11.11
N LEU A 1976 35.62 14.59 10.64
CA LEU A 1976 34.91 14.25 9.42
C LEU A 1976 35.87 14.16 8.23
N ARG A 1977 36.85 15.07 8.17
CA ARG A 1977 37.75 15.08 7.03
C ARG A 1977 38.83 14.01 7.11
N GLY A 1978 38.93 13.28 8.20
CA GLY A 1978 39.83 12.14 8.25
C GLY A 1978 40.72 12.06 9.47
N VAL A 1979 40.74 13.07 10.32
CA VAL A 1979 41.58 13.04 11.51
C VAL A 1979 41.06 11.99 12.46
N ARG A 1980 41.98 11.16 12.97
CA ARG A 1980 41.64 10.11 13.92
C ARG A 1980 42.40 10.23 15.23
N LYS A 1981 43.34 11.16 15.35
CA LYS A 1981 44.14 11.32 16.56
C LYS A 1981 44.22 12.80 16.90
N LEU A 1982 43.62 13.18 18.03
CA LEU A 1982 43.50 14.58 18.42
C LEU A 1982 43.98 14.77 19.85
N VAL A 1983 44.45 15.99 20.13
CA VAL A 1983 44.80 16.38 21.49
C VAL A 1983 44.13 17.70 21.82
N LEU A 1984 42.93 17.66 22.38
CA LEU A 1984 42.18 18.87 22.70
C LEU A 1984 42.68 19.44 24.01
N THR A 1985 43.56 20.43 23.95
CA THR A 1985 44.16 21.04 25.13
C THR A 1985 43.28 22.18 25.62
N SER A 1986 43.19 22.33 26.93
CA SER A 1986 42.39 23.40 27.53
C SER A 1986 43.07 23.84 28.82
N ARG A 1987 42.45 24.78 29.54
CA ARG A 1987 43.02 25.31 30.78
C ARG A 1987 42.77 24.33 31.92
N ASN A 1988 41.50 24.08 32.22
CA ASN A 1988 41.11 23.23 33.34
C ASN A 1988 40.60 21.86 32.90
N GLY A 1989 40.40 21.64 31.61
CA GLY A 1989 39.89 20.38 31.14
C GLY A 1989 38.40 20.42 30.90
N ILE A 1990 37.73 19.27 31.04
CA ILE A 1990 36.29 19.22 30.83
C ILE A 1990 35.59 19.89 32.00
N THR A 1991 34.73 20.87 31.70
CA THR A 1991 34.03 21.61 32.74
C THR A 1991 32.52 21.48 32.62
N THR A 1992 31.99 21.63 31.40
CA THR A 1992 30.55 21.59 31.21
C THR A 1992 30.12 20.26 30.61
N GLY A 1993 28.82 20.14 30.35
CA GLY A 1993 28.29 18.94 29.74
C GLY A 1993 28.37 18.93 28.23
N TYR A 1994 28.34 20.10 27.60
CA TYR A 1994 28.44 20.14 26.15
C TYR A 1994 29.77 19.60 25.67
N GLN A 1995 30.86 19.94 26.38
CA GLN A 1995 32.15 19.40 26.02
C GLN A 1995 32.15 17.88 26.12
N THR A 1996 31.54 17.33 27.17
CA THR A 1996 31.51 15.88 27.32
C THR A 1996 30.69 15.23 26.20
N ARG A 1997 29.55 15.82 25.85
CA ARG A 1997 28.75 15.27 24.76
C ARG A 1997 29.53 15.31 23.45
N LYS A 1998 30.23 16.40 23.18
CA LYS A 1998 31.02 16.47 21.95
C LYS A 1998 32.14 15.45 21.96
N ILE A 1999 32.81 15.27 23.08
CA ILE A 1999 33.87 14.28 23.16
C ILE A 1999 33.31 12.89 22.90
N ALA A 2000 32.18 12.57 23.51
CA ALA A 2000 31.58 11.26 23.30
C ALA A 2000 31.23 11.07 21.83
N PHE A 2001 30.65 12.09 21.20
CA PHE A 2001 30.29 11.94 19.80
C PHE A 2001 31.51 11.75 18.92
N LEU A 2002 32.55 12.55 19.12
CA LEU A 2002 33.75 12.41 18.31
C LEU A 2002 34.38 11.03 18.49
N ARG A 2003 34.47 10.54 19.72
CA ARG A 2003 34.97 9.19 19.92
C ARG A 2003 34.06 8.15 19.29
N SER A 2004 32.76 8.44 19.17
CA SER A 2004 31.86 7.50 18.50
C SER A 2004 32.13 7.44 17.00
N LEU A 2005 32.63 8.54 16.42
CA LEU A 2005 33.00 8.52 15.01
C LEU A 2005 34.24 7.67 14.76
N GLY A 2006 34.93 7.22 15.80
CA GLY A 2006 36.11 6.41 15.64
C GLY A 2006 37.37 7.24 15.57
N ALA A 2007 37.56 8.10 16.57
CA ALA A 2007 38.74 8.95 16.64
C ALA A 2007 39.30 8.92 18.05
N ASP A 2008 40.61 9.16 18.15
CA ASP A 2008 41.32 9.13 19.42
C ASP A 2008 41.46 10.57 19.91
N ILE A 2009 40.73 10.92 20.96
CA ILE A 2009 40.75 12.27 21.52
C ILE A 2009 41.33 12.18 22.92
N VAL A 2010 42.57 12.65 23.08
CA VAL A 2010 43.25 12.65 24.38
C VAL A 2010 43.18 14.07 24.92
N VAL A 2011 42.11 14.37 25.66
CA VAL A 2011 41.94 15.71 26.21
C VAL A 2011 42.95 15.93 27.33
N CYS A 2012 43.66 17.04 27.27
CA CYS A 2012 44.60 17.42 28.30
C CYS A 2012 44.13 18.69 29.01
N ALA A 2013 44.93 19.20 29.94
CA ALA A 2013 44.62 20.46 30.58
C ALA A 2013 45.90 21.27 30.79
N VAL A 2014 46.78 21.27 29.80
CA VAL A 2014 48.11 21.83 29.95
C VAL A 2014 48.09 23.27 29.45
N ASN A 2015 48.19 24.22 30.37
CA ASN A 2015 48.36 25.62 30.02
C ASN A 2015 49.79 25.84 29.57
N VAL A 2016 50.00 25.88 28.27
CA VAL A 2016 51.36 25.95 27.72
C VAL A 2016 51.95 27.30 28.07
N THR A 2017 52.93 27.31 28.97
CA THR A 2017 53.62 28.54 29.34
C THR A 2017 55.12 28.38 29.48
N SER A 2018 55.65 27.16 29.53
CA SER A 2018 57.07 26.93 29.70
C SER A 2018 57.47 25.77 28.80
N GLN A 2019 58.79 25.55 28.69
CA GLN A 2019 59.28 24.50 27.80
C GLN A 2019 58.75 23.13 28.22
N ALA A 2020 58.68 22.86 29.52
CA ALA A 2020 58.25 21.55 29.99
C ALA A 2020 56.82 21.25 29.60
N ALA A 2021 55.93 22.24 29.71
CA ALA A 2021 54.53 22.01 29.36
C ALA A 2021 54.39 21.64 27.88
N ALA A 2022 55.04 22.42 27.01
CA ALA A 2022 54.98 22.11 25.59
C ALA A 2022 55.62 20.76 25.28
N ASP A 2023 56.71 20.42 25.99
CA ASP A 2023 57.32 19.12 25.79
C ASP A 2023 56.35 18.00 26.15
N ARG A 2024 55.62 18.16 27.26
CA ARG A 2024 54.63 17.15 27.63
C ARG A 2024 53.53 17.06 26.58
N LEU A 2025 53.08 18.19 26.07
CA LEU A 2025 52.06 18.18 25.03
C LEU A 2025 52.53 17.40 23.81
N VAL A 2026 53.76 17.69 23.36
CA VAL A 2026 54.29 17.00 22.20
C VAL A 2026 54.50 15.52 22.50
N LYS A 2027 54.87 15.18 23.73
CA LYS A 2027 55.00 13.78 24.09
C LYS A 2027 53.67 13.06 23.99
N THR A 2028 52.60 13.69 24.46
CA THR A 2028 51.28 13.10 24.29
C THR A 2028 50.95 12.92 22.81
N ALA A 2029 51.20 13.97 22.02
CA ALA A 2029 50.88 13.89 20.60
C ALA A 2029 51.64 12.74 19.94
N THR A 2030 52.94 12.63 20.21
CA THR A 2030 53.73 11.55 19.60
C THR A 2030 53.26 10.19 20.07
N ASP A 2031 52.98 10.04 21.38
CA ASP A 2031 52.43 8.77 21.85
C ASP A 2031 51.15 8.43 21.12
N LEU A 2032 50.41 9.44 20.66
CA LEU A 2032 49.29 9.16 19.76
C LEU A 2032 49.78 8.77 18.38
N GLY A 2033 50.80 9.47 17.87
CA GLY A 2033 51.32 9.24 16.54
C GLY A 2033 52.14 10.42 16.07
N PRO A 2034 52.73 10.32 14.88
CA PRO A 2034 53.57 11.43 14.39
C PRO A 2034 52.76 12.72 14.29
N LEU A 2035 53.39 13.83 14.68
CA LEU A 2035 52.69 15.11 14.73
C LEU A 2035 52.63 15.73 13.34
N GLY A 2036 51.48 16.30 12.99
CA GLY A 2036 51.29 16.85 11.67
C GLY A 2036 50.80 18.29 11.61
N GLY A 2037 50.18 18.76 12.67
CA GLY A 2037 49.56 20.07 12.65
C GLY A 2037 49.28 20.58 14.05
N VAL A 2038 49.14 21.90 14.15
CA VAL A 2038 48.93 22.56 15.43
C VAL A 2038 47.98 23.73 15.20
N PHE A 2039 46.76 23.61 15.69
CA PHE A 2039 45.71 24.61 15.45
C PHE A 2039 45.48 25.37 16.76
N ASN A 2040 46.14 26.51 16.92
CA ASN A 2040 46.03 27.27 18.14
C ASN A 2040 44.74 28.09 18.12
N LEU A 2041 43.84 27.79 19.05
CA LEU A 2041 42.54 28.46 19.12
C LEU A 2041 42.30 29.14 20.46
N GLY A 2042 43.32 29.25 21.30
CA GLY A 2042 43.12 29.86 22.60
C GLY A 2042 42.91 31.36 22.50
N LEU A 2043 42.26 31.93 23.51
CA LEU A 2043 42.01 33.37 23.55
C LEU A 2043 41.79 33.79 24.99
N ASN A 2044 41.97 35.09 25.23
CA ASN A 2044 41.72 35.70 26.52
C ASN A 2044 41.23 37.11 26.27
N LEU A 2045 40.08 37.47 26.83
CA LEU A 2045 39.41 38.72 26.50
C LEU A 2045 39.39 39.62 27.74
N ARG A 2046 40.47 40.37 27.94
CA ARG A 2046 40.52 41.39 28.97
C ARG A 2046 40.31 42.77 28.35
N ASP A 2047 39.12 43.02 27.80
CA ASP A 2047 38.86 44.27 27.11
C ASP A 2047 38.89 45.45 28.07
N ALA A 2048 39.62 46.49 27.71
CA ALA A 2048 39.70 47.71 28.50
C ALA A 2048 40.44 48.77 27.70
N LEU A 2049 39.99 50.01 27.82
CA LEU A 2049 40.67 51.10 27.12
C LEU A 2049 42.11 51.23 27.62
N LEU A 2050 42.99 51.61 26.70
CA LEU A 2050 44.40 51.75 27.06
C LEU A 2050 44.62 52.78 28.17
N VAL A 2051 43.75 53.79 28.26
CA VAL A 2051 43.89 54.77 29.34
C VAL A 2051 43.77 54.12 30.72
N GLU A 2052 43.05 52.99 30.81
CA GLU A 2052 42.86 52.30 32.08
C GLU A 2052 43.18 50.82 31.92
N GLN A 2053 44.33 50.50 31.33
CA GLN A 2053 44.72 49.13 31.06
C GLN A 2053 45.84 48.73 32.01
N THR A 2054 45.71 47.55 32.62
CA THR A 2054 46.63 47.06 33.63
C THR A 2054 47.60 46.04 33.03
N ALA A 2055 48.81 46.01 33.60
CA ALA A 2055 49.82 45.07 33.12
C ALA A 2055 49.35 43.63 33.26
N GLU A 2056 48.57 43.34 34.30
CA GLU A 2056 48.11 41.97 34.50
C GLU A 2056 47.22 41.52 33.35
N ASN A 2057 46.34 42.40 32.89
CA ASN A 2057 45.49 42.04 31.75
C ASN A 2057 46.33 41.74 30.52
N TYR A 2058 47.32 42.58 30.25
CA TYR A 2058 48.16 42.36 29.08
C TYR A 2058 48.90 41.03 29.19
N LYS A 2059 49.46 40.74 30.36
CA LYS A 2059 50.18 39.48 30.53
C LYS A 2059 49.24 38.29 30.34
N GLN A 2060 48.05 38.36 30.94
CA GLN A 2060 47.11 37.24 30.86
C GLN A 2060 46.61 37.04 29.45
N THR A 2061 46.47 38.12 28.68
CA THR A 2061 46.01 37.99 27.31
C THR A 2061 47.10 37.50 26.37
N LEU A 2062 48.33 37.95 26.56
CA LEU A 2062 49.41 37.54 25.67
C LEU A 2062 49.87 36.11 25.95
N GLU A 2063 49.83 35.67 27.21
CA GLU A 2063 50.24 34.30 27.49
C GLU A 2063 49.31 33.30 26.83
N ALA A 2064 48.13 33.72 26.38
CA ALA A 2064 47.24 32.80 25.68
C ALA A 2064 47.56 32.70 24.19
N LYS A 2065 48.25 33.70 23.62
CA LYS A 2065 48.56 33.70 22.20
C LYS A 2065 50.07 33.74 21.95
N ILE A 2066 50.77 34.61 22.66
CA ILE A 2066 52.17 34.86 22.32
C ILE A 2066 53.07 33.78 22.90
N GLN A 2067 52.94 33.49 24.20
CA GLN A 2067 53.80 32.48 24.79
C GLN A 2067 53.54 31.11 24.19
N THR A 2068 52.28 30.72 24.11
CA THR A 2068 51.93 29.41 23.54
C THR A 2068 52.38 29.31 22.10
N THR A 2069 52.12 30.35 21.30
CA THR A 2069 52.52 30.31 19.90
C THR A 2069 54.04 30.22 19.76
N SER A 2070 54.77 31.03 20.52
CA SER A 2070 56.23 31.00 20.41
C SER A 2070 56.76 29.63 20.77
N LEU A 2071 56.26 29.04 21.86
CA LEU A 2071 56.76 27.73 22.27
C LEU A 2071 56.41 26.67 21.24
N LEU A 2072 55.18 26.70 20.72
CA LEU A 2072 54.79 25.70 19.72
C LEU A 2072 55.61 25.84 18.45
N ASP A 2073 55.87 27.08 18.02
CA ASP A 2073 56.71 27.27 16.85
C ASP A 2073 58.12 26.74 17.10
N GLY A 2074 58.68 27.04 18.26
CA GLY A 2074 60.02 26.57 18.55
C GLY A 2074 60.12 25.07 18.58
N ILE A 2075 59.07 24.41 19.10
CA ILE A 2075 59.11 22.96 19.25
C ILE A 2075 58.66 22.20 18.00
N SER A 2076 57.95 22.86 17.09
CA SER A 2076 57.47 22.19 15.89
C SER A 2076 58.43 22.30 14.72
N ARG A 2077 59.44 23.16 14.80
CA ARG A 2077 60.45 23.24 13.75
C ARG A 2077 61.70 22.43 14.09
N SER A 2078 61.66 21.63 15.14
CA SER A 2078 62.80 20.76 15.45
C SER A 2078 62.92 19.68 14.38
N PRO A 2079 64.12 19.12 14.20
CA PRO A 2079 64.30 18.13 13.12
C PRO A 2079 63.37 16.94 13.22
N LYS A 2080 62.99 16.52 14.41
CA LYS A 2080 62.20 15.31 14.58
C LYS A 2080 60.75 15.47 14.13
N ILE A 2081 60.25 16.70 14.00
CA ILE A 2081 58.84 16.91 13.71
C ILE A 2081 58.65 17.72 12.42
N GLN A 2082 59.66 18.49 12.05
CA GLN A 2082 59.52 19.34 10.86
C GLN A 2082 59.10 18.58 9.63
N PRO A 2083 59.72 17.46 9.25
CA PRO A 2083 59.32 16.77 8.01
C PRO A 2083 57.95 16.13 8.07
N THR A 2084 57.32 16.07 9.24
CA THR A 2084 56.00 15.48 9.38
C THR A 2084 54.90 16.51 9.61
N LEU A 2085 55.26 17.77 9.86
CA LEU A 2085 54.28 18.80 10.14
C LEU A 2085 53.86 19.51 8.86
N ASP A 2086 52.55 19.65 8.67
CA ASP A 2086 52.07 20.37 7.49
C ASP A 2086 50.89 21.29 7.77
N HIS A 2087 50.42 21.42 9.01
CA HIS A 2087 49.21 22.18 9.29
C HIS A 2087 49.37 23.08 10.51
N PHE A 2088 50.41 23.90 10.55
CA PHE A 2088 50.55 24.93 11.58
C PHE A 2088 49.57 26.05 11.26
N VAL A 2089 48.58 26.24 12.14
CA VAL A 2089 47.50 27.20 11.93
C VAL A 2089 47.24 27.93 13.23
N MET A 2090 46.98 29.23 13.13
CA MET A 2090 46.71 30.08 14.28
C MET A 2090 45.47 30.91 14.01
N PHE A 2091 44.40 30.63 14.74
CA PHE A 2091 43.17 31.40 14.58
C PHE A 2091 43.32 32.77 15.23
N SER A 2092 43.13 33.81 14.45
CA SER A 2092 43.20 35.19 14.91
C SER A 2092 41.84 35.85 14.71
N SER A 2093 41.78 37.15 14.96
CA SER A 2093 40.56 37.91 14.79
C SER A 2093 40.86 39.23 14.09
N LEU A 2094 39.87 39.76 13.39
CA LEU A 2094 40.05 40.99 12.64
C LEU A 2094 40.46 42.15 13.51
N SER A 2095 40.31 42.04 14.84
CA SER A 2095 40.69 43.14 15.72
C SER A 2095 42.12 43.62 15.47
N ALA A 2096 42.92 42.86 14.73
CA ALA A 2096 44.23 43.34 14.31
C ALA A 2096 44.20 44.00 12.94
N GLY A 2097 43.12 43.83 12.17
CA GLY A 2097 43.03 44.43 10.86
C GLY A 2097 42.13 45.64 10.80
N HIS A 2098 40.98 45.55 11.47
CA HIS A 2098 39.99 46.62 11.45
C HIS A 2098 39.80 47.28 12.80
N GLY A 2099 40.41 46.76 13.85
CA GLY A 2099 40.40 47.43 15.14
C GLY A 2099 39.07 47.24 15.86
N ILE A 2100 39.16 47.16 17.18
CA ILE A 2100 37.97 47.12 18.03
C ILE A 2100 38.24 48.09 19.18
N PRO A 2101 37.26 48.88 19.60
CA PRO A 2101 37.53 49.86 20.67
C PRO A 2101 37.92 49.18 21.97
N GLY A 2102 39.08 49.58 22.51
CA GLY A 2102 39.50 49.13 23.81
C GLY A 2102 39.69 47.63 23.93
N GLN A 2103 40.39 47.04 22.96
CA GLN A 2103 40.70 45.61 22.99
C GLN A 2103 42.14 45.39 22.54
N THR A 2104 43.05 46.23 23.02
CA THR A 2104 44.39 46.25 22.44
C THR A 2104 45.16 44.97 22.71
N ASN A 2105 44.80 44.20 23.73
CA ASN A 2105 45.51 42.96 24.00
C ASN A 2105 45.27 41.96 22.87
N TYR A 2106 44.00 41.76 22.52
CA TYR A 2106 43.65 40.90 21.40
C TYR A 2106 44.36 41.35 20.13
N GLY A 2107 44.41 42.67 19.91
CA GLY A 2107 45.04 43.18 18.70
C GLY A 2107 46.53 42.88 18.65
N TRP A 2108 47.24 43.13 19.75
CA TRP A 2108 48.66 42.84 19.77
C TRP A 2108 48.91 41.35 19.57
N GLY A 2109 48.13 40.50 20.23
CA GLY A 2109 48.32 39.06 20.04
C GLY A 2109 48.10 38.63 18.60
N ASN A 2110 47.00 39.10 18.00
CA ASN A 2110 46.70 38.70 16.63
C ASN A 2110 47.78 39.19 15.68
N SER A 2111 48.24 40.42 15.87
CA SER A 2111 49.30 40.95 15.02
C SER A 2111 50.55 40.11 15.13
N TYR A 2112 50.94 39.74 16.35
CA TYR A 2112 52.12 38.90 16.49
C TYR A 2112 51.95 37.57 15.77
N MET A 2113 50.77 36.95 15.92
CA MET A 2113 50.58 35.66 15.27
C MET A 2113 50.66 35.78 13.75
N ASP A 2114 50.04 36.82 13.19
CA ASP A 2114 50.10 37.00 11.75
C ASP A 2114 51.53 37.21 11.27
N ARG A 2115 52.29 38.03 12.00
CA ARG A 2115 53.67 38.26 11.59
C ARG A 2115 54.49 36.99 11.69
N LEU A 2116 54.24 36.18 12.72
CA LEU A 2116 54.97 34.92 12.83
C LEU A 2116 54.65 34.00 11.66
N CYS A 2117 53.38 33.94 11.26
CA CYS A 2117 53.02 33.07 10.15
C CYS A 2117 53.61 33.57 8.83
N GLU A 2118 53.66 34.88 8.62
CA GLU A 2118 54.33 35.41 7.45
C GLU A 2118 55.81 35.02 7.45
N LYS A 2119 56.46 35.14 8.59
CA LYS A 2119 57.86 34.73 8.70
C LYS A 2119 58.00 33.25 8.37
N ARG A 2120 57.09 32.42 8.90
CA ARG A 2120 57.14 31.00 8.63
C ARG A 2120 57.08 30.73 7.13
N ARG A 2121 56.06 31.28 6.45
CA ARG A 2121 55.93 31.01 5.03
C ARG A 2121 57.17 31.48 4.26
N ALA A 2122 57.68 32.66 4.61
CA ALA A 2122 58.89 33.14 3.96
C ALA A 2122 60.04 32.17 4.16
N GLN A 2123 60.11 31.54 5.34
CA GLN A 2123 61.19 30.63 5.67
C GLN A 2123 60.91 29.19 5.28
N GLY A 2124 59.79 28.89 4.64
CA GLY A 2124 59.38 27.53 4.41
C GLY A 2124 58.56 26.97 5.55
N LEU A 2125 58.12 25.73 5.39
CA LEU A 2125 57.24 25.09 6.34
C LEU A 2125 55.86 25.69 6.20
N PRO A 2126 54.80 25.02 6.68
CA PRO A 2126 53.47 25.62 6.61
C PRO A 2126 53.36 26.82 7.54
N GLY A 2127 52.39 27.68 7.23
CA GLY A 2127 52.09 28.82 8.07
C GLY A 2127 50.78 29.44 7.65
N LEU A 2128 49.95 29.84 8.61
CA LEU A 2128 48.65 30.38 8.27
C LEU A 2128 48.09 31.12 9.48
N SER A 2129 47.34 32.19 9.21
CA SER A 2129 46.68 32.95 10.27
C SER A 2129 45.36 33.47 9.71
N ILE A 2130 44.26 32.90 10.18
CA ILE A 2130 42.93 33.22 9.69
C ILE A 2130 42.32 34.25 10.63
N GLN A 2131 42.03 35.43 10.11
CA GLN A 2131 41.43 36.50 10.90
C GLN A 2131 39.92 36.43 10.74
N TRP A 2132 39.22 36.20 11.84
CA TRP A 2132 37.77 36.11 11.83
C TRP A 2132 37.14 37.43 12.28
N ALA A 2133 35.90 37.61 11.87
CA ALA A 2133 35.13 38.79 12.27
C ALA A 2133 34.31 38.49 13.50
N SER A 2134 33.44 37.49 13.41
CA SER A 2134 32.61 37.11 14.55
C SER A 2134 31.93 35.78 14.20
N ILE A 2135 32.19 34.76 15.00
CA ILE A 2135 31.56 33.46 14.78
C ILE A 2135 30.27 33.38 15.58
N ALA A 2136 29.20 32.93 14.94
CA ALA A 2136 27.89 32.88 15.56
C ALA A 2136 27.69 31.53 16.26
N ASP A 2137 26.56 31.42 16.95
CA ASP A 2137 26.13 30.16 17.54
C ASP A 2137 27.01 29.75 18.73
N VAL A 2138 28.24 29.32 18.45
CA VAL A 2138 29.07 28.78 19.53
C VAL A 2138 29.43 29.85 20.54
N GLY A 2139 29.84 31.03 20.07
CA GLY A 2139 30.32 32.06 20.97
C GLY A 2139 29.24 32.60 21.87
N PHE A 2140 29.67 33.42 22.83
CA PHE A 2140 28.73 34.06 23.74
C PHE A 2140 27.74 34.94 22.97
N VAL A 2141 28.16 35.50 21.84
CA VAL A 2141 27.23 36.27 21.02
C VAL A 2141 26.09 35.39 20.54
N GLY A 2142 26.40 34.12 20.23
CA GLY A 2142 25.35 33.18 19.86
C GLY A 2142 24.37 32.92 20.98
N THR A 2143 24.88 32.80 22.22
CA THR A 2143 23.99 32.60 23.35
C THR A 2143 23.11 33.83 23.60
N LYS A 2144 23.69 35.02 23.53
CA LYS A 2144 22.91 36.24 23.68
C LYS A 2144 22.03 36.49 22.47
N GLY A 2145 22.38 35.92 21.32
CA GLY A 2145 21.67 36.17 20.09
C GLY A 2145 22.62 36.44 18.95
N ASN A 2146 22.51 35.67 17.87
CA ASN A 2146 23.45 35.75 16.75
C ASN A 2146 22.95 36.78 15.75
N ASN A 2147 22.74 38.00 16.25
CA ASN A 2147 22.35 39.10 15.37
C ASN A 2147 23.08 40.39 15.75
N VAL A 2148 23.67 40.43 16.94
CA VAL A 2148 24.32 41.66 17.39
C VAL A 2148 25.43 42.03 16.42
N VAL A 2149 25.46 43.28 16.01
CA VAL A 2149 26.41 43.75 15.03
C VAL A 2149 27.55 44.49 15.73
N ILE A 2150 28.77 44.25 15.29
CA ILE A 2150 29.96 44.87 15.84
C ILE A 2150 30.72 45.48 14.68
N GLU A 2151 30.86 46.81 14.67
CA GLU A 2151 31.49 47.51 13.56
C GLU A 2151 30.77 47.22 12.24
N GLY A 2152 29.52 46.77 12.32
CA GLY A 2152 28.77 46.43 11.13
C GLY A 2152 29.04 45.05 10.59
N LYS A 2153 29.62 44.15 11.39
CA LYS A 2153 29.98 42.80 10.95
C LYS A 2153 28.98 41.82 11.56
N TRP A 2154 28.08 41.34 10.74
CA TRP A 2154 27.08 40.39 11.19
C TRP A 2154 27.79 39.14 11.74
N PRO A 2155 27.25 38.49 12.77
CA PRO A 2155 27.92 37.28 13.28
C PRO A 2155 27.79 36.13 12.30
N GLN A 2156 28.93 35.72 11.76
CA GLN A 2156 28.97 34.71 10.71
C GLN A 2156 28.43 33.37 11.21
N ARG A 2157 27.81 32.62 10.30
CA ARG A 2157 27.31 31.30 10.66
C ARG A 2157 28.52 30.40 10.96
N MET A 2158 28.25 29.14 11.27
CA MET A 2158 29.31 28.18 11.52
C MET A 2158 29.70 27.46 10.23
N TYR A 2159 28.76 26.74 9.62
CA TYR A 2159 29.10 25.93 8.46
C TYR A 2159 29.73 26.77 7.37
N ASN A 2160 29.28 28.01 7.18
CA ASN A 2160 29.95 28.90 6.25
C ASN A 2160 31.37 29.20 6.71
N CYS A 2161 31.54 29.40 8.02
CA CYS A 2161 32.88 29.58 8.56
C CYS A 2161 33.74 28.35 8.28
N LEU A 2162 33.15 27.16 8.41
CA LEU A 2162 33.90 25.93 8.17
C LEU A 2162 34.28 25.80 6.69
N GLN A 2163 33.39 26.17 5.78
CA GLN A 2163 33.74 26.12 4.36
C GLN A 2163 34.86 27.09 4.04
N VAL A 2164 34.80 28.30 4.59
CA VAL A 2164 35.89 29.25 4.37
C VAL A 2164 37.19 28.70 4.92
N CYS A 2165 37.13 28.06 6.10
CA CYS A 2165 38.32 27.45 6.66
C CYS A 2165 38.83 26.33 5.75
N ASP A 2166 37.92 25.56 5.17
CA ASP A 2166 38.31 24.49 4.26
C ASP A 2166 39.07 25.04 3.08
N TYR A 2167 38.59 26.14 2.51
CA TYR A 2167 39.34 26.75 1.42
C TYR A 2167 40.67 27.31 1.91
N PHE A 2168 40.70 27.89 3.12
CA PHE A 2168 41.91 28.56 3.58
C PHE A 2168 43.02 27.59 3.91
N LEU A 2169 42.66 26.38 4.38
CA LEU A 2169 43.68 25.44 4.81
C LEU A 2169 44.56 24.94 3.67
N SER A 2170 44.09 25.04 2.43
CA SER A 2170 44.77 24.44 1.29
C SER A 2170 45.17 25.47 0.25
N GLN A 2171 45.54 26.68 0.69
CA GLN A 2171 45.95 27.75 -0.20
C GLN A 2171 47.20 28.41 0.36
N ASN A 2172 48.13 28.76 -0.53
CA ASN A 2172 49.44 29.26 -0.12
C ASN A 2172 49.38 30.79 0.03
N ARG A 2173 48.90 31.22 1.19
CA ARG A 2173 48.97 32.60 1.61
C ARG A 2173 49.20 32.66 3.11
N PRO A 2174 50.13 33.49 3.59
CA PRO A 2174 50.44 33.45 5.03
C PRO A 2174 49.28 33.88 5.91
N VAL A 2175 48.72 35.06 5.71
CA VAL A 2175 47.70 35.61 6.59
C VAL A 2175 46.49 36.00 5.76
N VAL A 2176 45.30 35.58 6.21
CA VAL A 2176 44.08 35.83 5.47
C VAL A 2176 43.01 36.32 6.43
N ALA A 2177 41.86 36.74 5.89
CA ALA A 2177 40.77 37.24 6.72
C ALA A 2177 39.44 36.89 6.08
N CYS A 2178 38.39 36.88 6.89
CA CYS A 2178 37.05 36.57 6.42
C CYS A 2178 36.04 37.25 7.33
N HIS A 2179 35.17 38.08 6.76
CA HIS A 2179 34.16 38.80 7.51
C HIS A 2179 32.87 38.89 6.72
N VAL A 2180 31.75 38.97 7.45
CA VAL A 2180 30.42 39.03 6.85
C VAL A 2180 29.83 40.40 7.17
N LEU A 2181 29.46 41.15 6.14
CA LEU A 2181 28.96 42.50 6.33
C LEU A 2181 27.48 42.48 6.69
N ALA A 2182 27.08 43.49 7.47
CA ALA A 2182 25.73 43.58 8.00
C ALA A 2182 24.93 44.64 7.24
N GLU A 2183 23.65 44.34 7.04
CA GLU A 2183 22.75 45.25 6.31
C GLU A 2183 22.78 46.62 6.99
N LYS A 2184 23.25 47.63 6.26
CA LYS A 2184 23.38 48.97 6.81
C LYS A 2184 22.02 49.62 6.96
N ASP B 883 -19.47 16.04 2.89
CA ASP B 883 -20.61 15.17 3.20
C ASP B 883 -21.82 15.56 2.40
N SER B 884 -21.72 15.47 1.07
CA SER B 884 -22.82 15.83 0.19
C SER B 884 -23.88 14.75 0.22
N SER B 885 -24.71 14.75 1.27
CA SER B 885 -25.69 13.69 1.48
C SER B 885 -26.69 13.63 0.34
N TYR B 886 -27.02 12.43 -0.09
CA TYR B 886 -28.05 12.18 -1.10
C TYR B 886 -29.17 11.38 -0.45
N SER B 887 -30.40 11.86 -0.61
CA SER B 887 -31.57 11.20 -0.07
C SER B 887 -32.34 10.59 -1.24
N ILE B 888 -32.17 9.29 -1.42
CA ILE B 888 -32.91 8.59 -2.47
C ILE B 888 -34.29 8.22 -1.96
N ASP B 889 -35.27 8.21 -2.86
CA ASP B 889 -36.62 7.81 -2.52
C ASP B 889 -37.07 6.74 -3.51
N VAL B 890 -37.87 5.79 -3.02
CA VAL B 890 -38.29 4.66 -3.83
C VAL B 890 -39.81 4.53 -3.82
N SER B 891 -40.50 5.65 -3.64
CA SER B 891 -41.95 5.65 -3.63
C SER B 891 -42.47 5.40 -5.04
N ALA B 892 -43.81 5.35 -5.17
CA ALA B 892 -44.40 5.05 -6.47
C ALA B 892 -44.13 6.16 -7.48
N ASP B 893 -44.40 7.40 -7.10
CA ASP B 893 -44.28 8.52 -8.04
C ASP B 893 -42.85 9.04 -8.17
N SER B 894 -41.96 8.69 -7.25
CA SER B 894 -40.60 9.18 -7.33
C SER B 894 -39.91 8.65 -8.58
N PRO B 895 -38.93 9.38 -9.12
CA PRO B 895 -38.22 8.88 -10.30
C PRO B 895 -37.49 7.57 -10.05
N ASP B 896 -36.98 7.34 -8.85
CA ASP B 896 -36.08 6.24 -8.56
C ASP B 896 -36.81 4.93 -8.28
N ARG B 897 -38.10 4.85 -8.61
CA ARG B 897 -38.79 3.56 -8.48
C ARG B 897 -38.07 2.47 -9.25
N TYR B 898 -37.49 2.82 -10.41
CA TYR B 898 -36.77 1.83 -11.21
C TYR B 898 -35.66 1.16 -10.44
N LEU B 899 -35.12 1.81 -9.41
CA LEU B 899 -34.04 1.22 -8.63
C LEU B 899 -34.48 -0.06 -7.93
N LEU B 900 -35.78 -0.30 -7.80
CA LEU B 900 -36.25 -1.55 -7.21
C LEU B 900 -36.18 -2.71 -8.18
N ASP B 901 -35.81 -2.47 -9.43
CA ASP B 901 -35.72 -3.56 -10.41
C ASP B 901 -34.42 -4.34 -10.30
N HIS B 902 -33.43 -3.83 -9.59
CA HIS B 902 -32.13 -4.47 -9.48
C HIS B 902 -32.14 -5.47 -8.31
N GLN B 903 -32.80 -6.60 -8.54
CA GLN B 903 -32.96 -7.62 -7.51
C GLN B 903 -31.92 -8.72 -7.67
N VAL B 904 -31.34 -9.15 -6.56
CA VAL B 904 -30.34 -10.21 -6.53
C VAL B 904 -30.81 -11.26 -5.54
N ASP B 905 -31.50 -12.29 -6.03
CA ASP B 905 -32.00 -13.37 -5.19
C ASP B 905 -33.12 -12.89 -4.28
N GLY B 906 -34.07 -12.15 -4.86
CA GLY B 906 -35.24 -11.73 -4.12
C GLY B 906 -35.00 -10.63 -3.12
N ARG B 907 -33.94 -9.85 -3.28
CA ARG B 907 -33.65 -8.72 -2.39
C ARG B 907 -33.31 -7.52 -3.25
N GLU B 908 -33.90 -6.37 -2.94
CA GLU B 908 -33.67 -5.16 -3.73
C GLU B 908 -32.37 -4.49 -3.31
N LEU B 909 -31.25 -4.98 -3.83
CA LEU B 909 -29.95 -4.44 -3.49
C LEU B 909 -29.69 -3.17 -4.28
N PHE B 910 -29.09 -2.18 -3.63
CA PHE B 910 -28.72 -0.95 -4.30
C PHE B 910 -27.49 -1.21 -5.17
N PRO B 911 -27.57 -1.07 -6.49
CA PRO B 911 -26.44 -1.49 -7.34
C PRO B 911 -25.20 -0.65 -7.09
N ALA B 912 -24.04 -1.31 -7.22
CA ALA B 912 -22.78 -0.59 -7.08
C ALA B 912 -22.68 0.54 -8.09
N CYS B 913 -23.27 0.36 -9.28
CA CYS B 913 -23.31 1.44 -10.24
C CYS B 913 -23.96 2.67 -9.64
N GLY B 914 -24.92 2.49 -8.73
CA GLY B 914 -25.51 3.63 -8.05
C GLY B 914 -24.49 4.40 -7.24
N CYS B 915 -23.66 3.68 -6.48
CA CYS B 915 -22.62 4.36 -5.71
C CYS B 915 -21.63 5.05 -6.63
N LEU B 916 -21.27 4.42 -7.74
CA LEU B 916 -20.35 5.07 -8.67
C LEU B 916 -20.94 6.36 -9.21
N VAL B 917 -22.21 6.32 -9.62
CA VAL B 917 -22.85 7.53 -10.15
C VAL B 917 -22.95 8.59 -9.07
N LEU B 918 -23.21 8.20 -7.83
CA LEU B 918 -23.29 9.17 -6.74
C LEU B 918 -21.96 9.85 -6.52
N ALA B 919 -20.87 9.09 -6.53
CA ALA B 919 -19.55 9.71 -6.42
C ALA B 919 -19.28 10.64 -7.59
N TRP B 920 -19.71 10.23 -8.79
CA TRP B 920 -19.56 11.09 -9.96
C TRP B 920 -20.26 12.42 -9.75
N LYS B 921 -21.52 12.37 -9.30
CA LYS B 921 -22.27 13.59 -9.07
C LYS B 921 -21.63 14.44 -7.99
N THR B 922 -21.12 13.80 -6.93
CA THR B 922 -20.48 14.54 -5.86
C THR B 922 -19.26 15.29 -6.36
N LEU B 923 -18.42 14.64 -7.16
CA LEU B 923 -17.26 15.32 -7.71
C LEU B 923 -17.69 16.45 -8.63
N ALA B 924 -18.73 16.22 -9.44
CA ALA B 924 -19.20 17.27 -10.34
C ALA B 924 -19.68 18.48 -9.56
N ALA B 925 -20.46 18.25 -8.50
CA ALA B 925 -20.98 19.35 -7.69
C ALA B 925 -19.84 20.08 -7.00
N LEU B 926 -18.88 19.35 -6.44
CA LEU B 926 -17.81 19.98 -5.69
C LEU B 926 -16.92 20.83 -6.60
N ASN B 927 -16.94 20.57 -7.91
CA ASN B 927 -16.14 21.32 -8.86
C ASN B 927 -16.97 22.31 -9.69
N GLY B 928 -18.22 22.55 -9.30
CA GLY B 928 -19.05 23.47 -10.03
C GLY B 928 -19.31 23.03 -11.45
N ARG B 929 -19.66 21.76 -11.61
CA ARG B 929 -19.94 21.17 -12.91
C ARG B 929 -21.25 20.40 -12.84
N ASP B 930 -21.79 20.08 -14.02
CA ASP B 930 -22.98 19.24 -14.11
C ASP B 930 -22.56 17.82 -14.43
N PHE B 931 -23.21 16.87 -13.77
CA PHE B 931 -22.82 15.47 -13.91
C PHE B 931 -23.23 14.86 -15.23
N GLU B 932 -23.66 15.64 -16.22
CA GLU B 932 -23.96 15.13 -17.55
C GLU B 932 -22.97 15.59 -18.61
N GLN B 933 -21.96 16.38 -18.23
CA GLN B 933 -20.99 16.86 -19.20
C GLN B 933 -19.57 16.83 -18.64
N MET B 934 -19.32 16.00 -17.64
CA MET B 934 -18.03 15.93 -16.97
C MET B 934 -17.44 14.54 -17.13
N PRO B 935 -16.45 14.33 -17.99
CA PRO B 935 -15.79 13.02 -18.01
C PRO B 935 -15.16 12.72 -16.68
N VAL B 936 -15.25 11.46 -16.25
CA VAL B 936 -14.79 11.06 -14.93
C VAL B 936 -14.08 9.72 -15.04
N ARG B 937 -13.24 9.44 -14.05
CA ARG B 937 -12.53 8.16 -13.96
C ARG B 937 -12.47 7.77 -12.50
N LEU B 938 -13.01 6.59 -12.19
CA LEU B 938 -12.98 6.04 -10.84
C LEU B 938 -12.03 4.86 -10.83
N SER B 939 -11.02 4.92 -9.96
CA SER B 939 -9.97 3.92 -9.91
C SER B 939 -9.87 3.30 -8.52
N ARG B 940 -9.29 2.10 -8.48
CA ARG B 940 -9.05 1.39 -7.23
C ARG B 940 -10.35 1.18 -6.46
N VAL B 941 -11.47 1.22 -7.16
CA VAL B 941 -12.78 1.13 -6.52
C VAL B 941 -12.92 -0.24 -5.87
N GLU B 942 -13.43 -0.26 -4.65
CA GLU B 942 -13.71 -1.48 -3.93
C GLU B 942 -15.09 -1.38 -3.30
N ILE B 943 -15.85 -2.48 -3.37
CA ILE B 943 -17.22 -2.55 -2.89
C ILE B 943 -17.21 -3.33 -1.59
N HIS B 944 -17.68 -2.70 -0.50
CA HIS B 944 -17.65 -3.33 0.80
C HIS B 944 -18.97 -4.03 1.12
N GLN B 945 -20.06 -3.29 1.11
CA GLN B 945 -21.37 -3.83 1.45
C GLN B 945 -22.38 -3.47 0.36
N ALA B 946 -23.56 -4.07 0.47
CA ALA B 946 -24.67 -3.82 -0.44
C ALA B 946 -25.88 -3.40 0.38
N MET B 947 -26.33 -2.17 0.19
CA MET B 947 -27.49 -1.67 0.92
C MET B 947 -28.76 -2.32 0.38
N PHE B 948 -29.67 -2.64 1.30
CA PHE B 948 -30.96 -3.21 0.94
C PHE B 948 -31.97 -2.07 0.81
N LEU B 949 -32.43 -1.81 -0.40
CA LEU B 949 -33.36 -0.72 -0.63
C LEU B 949 -34.69 -1.04 0.04
N PRO B 950 -35.31 -0.07 0.72
CA PRO B 950 -36.64 -0.32 1.28
C PRO B 950 -37.66 -0.59 0.18
N LYS B 951 -38.67 -1.38 0.52
CA LYS B 951 -39.75 -1.62 -0.45
C LYS B 951 -40.49 -0.33 -0.79
N SER B 952 -40.69 0.53 0.21
CA SER B 952 -41.25 1.85 -0.03
C SER B 952 -40.81 2.78 1.09
N GLY B 953 -40.21 3.90 0.73
CA GLY B 953 -39.69 4.83 1.70
C GLY B 953 -38.55 5.64 1.08
N SER B 954 -37.60 6.02 1.92
CA SER B 954 -36.43 6.76 1.46
C SER B 954 -35.21 6.32 2.26
N ALA B 955 -34.05 6.44 1.64
CA ALA B 955 -32.77 6.10 2.26
C ALA B 955 -31.79 7.26 2.09
N THR B 956 -30.81 7.30 2.98
CA THR B 956 -29.80 8.36 2.99
C THR B 956 -28.42 7.74 2.78
N VAL B 957 -27.64 8.33 1.87
CA VAL B 957 -26.30 7.87 1.59
C VAL B 957 -25.40 9.10 1.46
N THR B 958 -24.33 9.13 2.25
CA THR B 958 -23.41 10.26 2.25
C THR B 958 -22.21 9.97 1.36
N VAL B 959 -21.57 11.03 0.89
CA VAL B 959 -20.39 10.94 0.04
C VAL B 959 -19.35 11.89 0.61
N SER B 960 -18.13 11.40 0.79
CA SER B 960 -17.04 12.19 1.36
C SER B 960 -15.81 12.01 0.48
N VAL B 961 -15.50 13.02 -0.32
CA VAL B 961 -14.34 12.98 -1.19
C VAL B 961 -13.31 13.98 -0.67
N MET B 962 -12.09 13.67 -0.89
CA MET B 962 -11.00 14.54 -0.50
C MET B 962 -10.68 15.52 -1.61
N PRO B 963 -10.17 16.70 -1.31
CA PRO B 963 -9.93 17.68 -2.37
C PRO B 963 -8.88 17.24 -3.37
N ARG B 964 -7.70 16.88 -2.87
CA ARG B 964 -6.54 16.65 -3.75
C ARG B 964 -6.58 15.23 -4.33
N THR B 965 -6.56 14.22 -3.47
CA THR B 965 -6.45 12.84 -3.96
C THR B 965 -7.74 12.32 -4.54
N GLY B 966 -8.87 12.98 -4.29
CA GLY B 966 -10.14 12.49 -4.79
C GLY B 966 -10.50 11.13 -4.25
N GLU B 967 -10.17 10.84 -3.00
CA GLU B 967 -10.46 9.55 -2.39
C GLU B 967 -11.87 9.57 -1.84
N PHE B 968 -12.83 9.09 -2.64
CA PHE B 968 -14.22 9.16 -2.24
C PHE B 968 -14.55 8.04 -1.25
N GLN B 969 -15.67 8.20 -0.57
CA GLN B 969 -16.14 7.20 0.38
C GLN B 969 -17.65 7.21 0.47
N VAL B 970 -18.32 6.39 -0.33
CA VAL B 970 -19.77 6.37 -0.34
C VAL B 970 -20.24 5.43 0.76
N CYS B 971 -20.88 5.98 1.78
CA CYS B 971 -21.32 5.22 2.94
C CYS B 971 -22.72 5.64 3.33
N GLU B 972 -23.39 4.77 4.05
CA GLU B 972 -24.70 5.07 4.61
C GLU B 972 -24.72 4.69 6.08
N ASN B 973 -25.49 5.46 6.86
CA ASN B 973 -25.59 5.23 8.29
C ASN B 973 -24.19 5.08 8.89
N GLU B 974 -23.82 3.87 9.31
CA GLU B 974 -22.56 3.62 9.98
C GLU B 974 -21.68 2.64 9.22
N ASN B 975 -22.20 2.00 8.17
CA ASN B 975 -21.48 0.97 7.44
C ASN B 975 -21.10 1.51 6.06
N LEU B 976 -19.81 1.39 5.73
CA LEU B 976 -19.31 1.88 4.46
C LEU B 976 -19.77 0.98 3.32
N LEU B 977 -20.16 1.61 2.21
CA LEU B 977 -20.61 0.88 1.03
C LEU B 977 -19.52 0.71 -0.02
N ALA B 978 -18.84 1.78 -0.40
CA ALA B 978 -17.80 1.69 -1.42
C ALA B 978 -16.76 2.78 -1.20
N SER B 979 -15.58 2.55 -1.77
CA SER B 979 -14.48 3.50 -1.65
C SER B 979 -13.70 3.48 -2.96
N GLY B 980 -12.52 4.08 -2.95
CA GLY B 980 -11.69 4.23 -4.12
C GLY B 980 -11.42 5.70 -4.39
N PHE B 981 -10.78 5.95 -5.53
CA PHE B 981 -10.45 7.32 -5.94
C PHE B 981 -11.31 7.71 -7.13
N VAL B 982 -11.64 8.99 -7.21
CA VAL B 982 -12.42 9.54 -8.33
C VAL B 982 -11.75 10.82 -8.79
N THR B 983 -11.62 10.99 -10.10
CA THR B 983 -10.98 12.17 -10.66
C THR B 983 -11.63 12.50 -12.00
N CYS B 984 -11.21 13.61 -12.59
CA CYS B 984 -11.70 14.05 -13.89
C CYS B 984 -10.52 14.26 -14.83
N PRO B 985 -10.19 13.29 -15.66
CA PRO B 985 -9.06 13.47 -16.58
C PRO B 985 -9.43 14.26 -17.83
N ASP B 986 -8.44 14.48 -18.68
CA ASP B 986 -8.63 15.19 -19.95
C ASP B 986 -8.97 14.18 -21.05
N LYS B 987 -8.86 14.60 -22.32
CA LYS B 987 -9.27 13.76 -23.44
C LYS B 987 -8.94 12.29 -23.21
N ASP B 988 -7.79 12.02 -22.59
CA ASP B 988 -7.35 10.64 -22.36
C ASP B 988 -8.20 10.03 -21.26
N VAL B 989 -9.42 9.65 -21.63
CA VAL B 989 -10.36 9.09 -20.66
C VAL B 989 -10.81 7.71 -21.13
N LEU B 990 -11.25 7.61 -22.39
CA LEU B 990 -11.61 6.30 -22.94
C LEU B 990 -10.44 5.76 -23.77
N GLU B 991 -10.36 4.43 -23.83
CA GLU B 991 -9.20 3.77 -24.41
C GLU B 991 -9.61 2.57 -25.25
N THR B 992 -10.91 2.43 -25.52
CA THR B 992 -11.40 1.24 -26.21
C THR B 992 -11.72 1.49 -27.67
N SER B 993 -12.22 2.68 -27.99
CA SER B 993 -12.63 3.09 -29.33
C SER B 993 -14.00 2.57 -29.72
N THR B 994 -14.67 1.79 -28.87
CA THR B 994 -16.03 1.38 -29.17
C THR B 994 -17.00 2.55 -29.10
N HIS B 995 -16.66 3.61 -28.38
CA HIS B 995 -17.53 4.78 -28.34
C HIS B 995 -17.69 5.38 -29.73
N ALA B 996 -16.58 5.49 -30.47
CA ALA B 996 -16.65 6.05 -31.81
C ALA B 996 -17.50 5.18 -32.73
N GLN B 997 -17.36 3.86 -32.63
CA GLN B 997 -18.14 2.97 -33.47
C GLN B 997 -19.63 3.22 -33.26
N THR B 998 -20.37 3.27 -34.36
CA THR B 998 -21.81 3.50 -34.32
C THR B 998 -22.62 2.42 -35.01
N ARG B 999 -22.01 1.65 -35.92
CA ARG B 999 -22.71 0.58 -36.60
C ARG B 999 -22.76 -0.66 -35.72
N SER B 1000 -23.89 -1.36 -35.75
CA SER B 1000 -24.06 -2.55 -34.92
C SER B 1000 -23.56 -3.80 -35.63
N SER B 1001 -24.13 -4.10 -36.80
CA SER B 1001 -23.76 -5.26 -37.60
C SER B 1001 -24.17 -6.58 -36.95
N LEU B 1002 -24.77 -6.51 -35.77
CA LEU B 1002 -25.15 -7.74 -35.08
C LEU B 1002 -26.35 -8.39 -35.73
N GLN B 1003 -27.21 -7.61 -36.38
CA GLN B 1003 -28.32 -8.15 -37.13
C GLN B 1003 -27.79 -8.81 -38.41
N ASP B 1004 -28.67 -9.53 -39.11
CA ASP B 1004 -28.28 -10.29 -40.30
C ASP B 1004 -27.22 -11.33 -39.97
N ARG B 1005 -27.26 -11.85 -38.74
CA ARG B 1005 -26.43 -12.96 -38.31
C ARG B 1005 -27.36 -14.12 -37.96
N PRO B 1006 -27.02 -15.35 -38.33
CA PRO B 1006 -27.96 -16.45 -38.13
C PRO B 1006 -28.43 -16.52 -36.69
N ALA B 1007 -29.72 -16.82 -36.51
CA ALA B 1007 -30.27 -16.88 -35.15
C ALA B 1007 -29.49 -17.83 -34.28
N THR B 1008 -28.89 -18.87 -34.88
CA THR B 1008 -28.09 -19.81 -34.12
C THR B 1008 -26.83 -19.19 -33.56
N GLU B 1009 -26.47 -17.98 -33.98
CA GLU B 1009 -25.26 -17.31 -33.51
C GLU B 1009 -25.54 -15.98 -32.83
N VAL B 1010 -26.77 -15.73 -32.38
CA VAL B 1010 -27.09 -14.49 -31.67
C VAL B 1010 -28.08 -14.82 -30.57
N LEU B 1011 -27.83 -14.29 -29.37
CA LEU B 1011 -28.73 -14.44 -28.24
C LEU B 1011 -29.61 -13.20 -28.13
N THR B 1012 -30.92 -13.41 -28.02
CA THR B 1012 -31.85 -12.31 -27.84
C THR B 1012 -31.82 -11.85 -26.39
N ARG B 1013 -32.63 -10.84 -26.07
CA ARG B 1013 -32.70 -10.36 -24.70
C ARG B 1013 -33.17 -11.48 -23.77
N ASP B 1014 -34.18 -12.24 -24.21
CA ASP B 1014 -34.79 -13.25 -23.36
C ASP B 1014 -33.73 -14.22 -22.85
N GLU B 1015 -32.94 -14.81 -23.74
CA GLU B 1015 -31.95 -15.78 -23.31
C GLU B 1015 -30.77 -15.13 -22.59
N VAL B 1016 -30.36 -13.96 -23.04
CA VAL B 1016 -29.25 -13.28 -22.38
C VAL B 1016 -29.56 -13.09 -20.90
N TYR B 1017 -30.80 -12.73 -20.58
CA TYR B 1017 -31.16 -12.53 -19.18
C TYR B 1017 -31.68 -13.81 -18.53
N ARG B 1018 -32.03 -14.83 -19.32
CA ARG B 1018 -32.26 -16.14 -18.74
C ARG B 1018 -30.99 -16.66 -18.08
N GLU B 1019 -29.85 -16.47 -18.73
CA GLU B 1019 -28.60 -16.90 -18.13
C GLU B 1019 -28.38 -16.23 -16.78
N LEU B 1020 -28.56 -14.90 -16.74
CA LEU B 1020 -28.28 -14.16 -15.51
C LEU B 1020 -29.28 -14.50 -14.41
N ILE B 1021 -30.57 -14.65 -14.76
CA ILE B 1021 -31.52 -15.08 -13.74
C ILE B 1021 -31.19 -16.47 -13.26
N LEU B 1022 -30.66 -17.32 -14.13
CA LEU B 1022 -30.21 -18.64 -13.69
C LEU B 1022 -29.10 -18.53 -12.66
N ARG B 1023 -28.14 -17.63 -12.90
CA ARG B 1023 -27.09 -17.44 -11.91
C ARG B 1023 -27.67 -16.94 -10.58
N GLY B 1024 -28.63 -16.02 -10.63
CA GLY B 1024 -29.26 -15.53 -9.42
C GLY B 1024 -29.65 -14.07 -9.46
N TYR B 1025 -29.22 -13.34 -10.48
CA TYR B 1025 -29.59 -11.93 -10.65
C TYR B 1025 -30.91 -11.88 -11.40
N GLU B 1026 -31.95 -11.38 -10.73
CA GLU B 1026 -33.28 -11.32 -11.33
C GLU B 1026 -33.62 -9.85 -11.57
N TYR B 1027 -33.35 -9.37 -12.77
CA TYR B 1027 -33.52 -7.96 -13.10
C TYR B 1027 -34.95 -7.67 -13.54
N GLY B 1028 -35.41 -6.46 -13.21
CA GLY B 1028 -36.69 -5.99 -13.67
C GLY B 1028 -36.59 -5.38 -15.05
N PRO B 1029 -37.73 -4.96 -15.61
CA PRO B 1029 -37.70 -4.44 -16.98
C PRO B 1029 -36.80 -3.23 -17.16
N TYR B 1030 -36.66 -2.40 -16.14
CA TYR B 1030 -35.91 -1.16 -16.31
C TYR B 1030 -34.41 -1.40 -16.40
N PHE B 1031 -33.91 -2.45 -15.77
CA PHE B 1031 -32.49 -2.77 -15.79
C PHE B 1031 -32.13 -3.77 -16.87
N GLN B 1032 -33.10 -4.33 -17.59
CA GLN B 1032 -32.81 -5.27 -18.66
C GLN B 1032 -32.32 -4.49 -19.88
N GLY B 1033 -31.14 -3.88 -19.71
CA GLY B 1033 -30.60 -2.99 -20.71
C GLY B 1033 -29.65 -3.65 -21.69
N ILE B 1034 -29.99 -4.85 -22.15
CA ILE B 1034 -29.25 -5.52 -23.22
C ILE B 1034 -30.26 -6.04 -24.22
N LEU B 1035 -30.08 -5.69 -25.49
CA LEU B 1035 -31.03 -6.07 -26.52
C LEU B 1035 -30.59 -7.31 -27.28
N ARG B 1036 -29.30 -7.51 -27.47
CA ARG B 1036 -28.80 -8.65 -28.21
C ARG B 1036 -27.35 -8.89 -27.81
N ALA B 1037 -26.91 -10.13 -28.01
CA ALA B 1037 -25.52 -10.48 -27.72
C ALA B 1037 -25.08 -11.55 -28.71
N SER B 1038 -23.77 -11.71 -28.84
CA SER B 1038 -23.19 -12.75 -29.67
C SER B 1038 -22.95 -13.99 -28.81
N VAL B 1039 -22.73 -15.13 -29.49
CA VAL B 1039 -22.44 -16.36 -28.76
C VAL B 1039 -21.12 -16.22 -28.03
N ASP B 1040 -20.15 -15.52 -28.61
CA ASP B 1040 -18.89 -15.29 -27.93
C ASP B 1040 -19.05 -14.40 -26.72
N GLY B 1041 -20.21 -13.76 -26.55
CA GLY B 1041 -20.39 -12.85 -25.44
C GLY B 1041 -19.59 -11.58 -25.57
N GLN B 1042 -19.07 -11.29 -26.76
CA GLN B 1042 -18.22 -10.12 -26.97
C GLN B 1042 -19.01 -8.97 -27.57
N GLU B 1043 -19.63 -9.18 -28.73
CA GLU B 1043 -20.43 -8.13 -29.36
C GLU B 1043 -21.84 -8.14 -28.78
N SER B 1044 -22.35 -6.95 -28.47
CA SER B 1044 -23.68 -6.85 -27.88
C SER B 1044 -24.26 -5.47 -28.13
N GLU B 1045 -25.56 -5.35 -27.87
CA GLU B 1045 -26.32 -4.12 -28.10
C GLU B 1045 -27.02 -3.72 -26.81
N ILE B 1046 -26.88 -2.45 -26.44
CA ILE B 1046 -27.47 -1.91 -25.21
C ILE B 1046 -28.53 -0.89 -25.61
N THR B 1047 -29.55 -0.76 -24.76
CA THR B 1047 -30.63 0.20 -24.98
C THR B 1047 -30.41 1.37 -24.03
N TRP B 1048 -29.91 2.48 -24.57
CA TRP B 1048 -29.76 3.70 -23.79
C TRP B 1048 -31.08 4.46 -23.77
N ASP B 1049 -31.58 4.71 -22.55
CA ASP B 1049 -32.85 5.38 -22.34
C ASP B 1049 -32.79 6.35 -21.16
N GLY B 1050 -31.74 7.16 -21.10
CA GLY B 1050 -31.69 8.24 -20.11
C GLY B 1050 -30.98 7.93 -18.81
N ARG B 1051 -31.44 6.94 -18.07
CA ARG B 1051 -30.85 6.68 -16.76
C ARG B 1051 -29.44 6.15 -16.90
N TRP B 1052 -28.50 6.71 -16.13
CA TRP B 1052 -27.12 6.25 -16.19
C TRP B 1052 -26.93 4.94 -15.43
N VAL B 1053 -27.61 4.77 -14.30
CA VAL B 1053 -27.44 3.56 -13.51
C VAL B 1053 -27.83 2.34 -14.31
N SER B 1054 -28.95 2.42 -15.04
CA SER B 1054 -29.38 1.29 -15.85
C SER B 1054 -28.30 0.93 -16.87
N PHE B 1055 -27.73 1.94 -17.52
CA PHE B 1055 -26.71 1.69 -18.54
C PHE B 1055 -25.48 1.04 -17.93
N MET B 1056 -25.00 1.59 -16.81
CA MET B 1056 -23.80 1.03 -16.18
C MET B 1056 -24.04 -0.40 -15.73
N ASP B 1057 -25.20 -0.69 -15.15
CA ASP B 1057 -25.48 -2.06 -14.74
C ASP B 1057 -25.65 -2.97 -15.94
N SER B 1058 -26.11 -2.43 -17.08
CA SER B 1058 -26.13 -3.24 -18.30
C SER B 1058 -24.73 -3.64 -18.71
N VAL B 1059 -23.81 -2.69 -18.66
CA VAL B 1059 -22.41 -2.99 -19.01
C VAL B 1059 -21.84 -4.03 -18.04
N LEU B 1060 -22.08 -3.84 -16.75
CA LEU B 1060 -21.59 -4.80 -15.77
C LEU B 1060 -22.21 -6.17 -15.99
N GLN B 1061 -23.46 -6.20 -16.44
CA GLN B 1061 -24.09 -7.47 -16.77
C GLN B 1061 -23.37 -8.12 -17.94
N MET B 1062 -22.95 -7.33 -18.92
CA MET B 1062 -22.13 -7.87 -19.99
C MET B 1062 -20.88 -8.52 -19.42
N ASP B 1063 -20.22 -7.83 -18.49
CA ASP B 1063 -19.00 -8.37 -17.90
C ASP B 1063 -19.27 -9.68 -17.18
N ILE B 1064 -20.34 -9.74 -16.39
CA ILE B 1064 -20.68 -10.97 -15.67
C ILE B 1064 -20.96 -12.09 -16.67
N LEU B 1065 -21.68 -11.77 -17.74
CA LEU B 1065 -21.95 -12.76 -18.78
C LEU B 1065 -20.66 -13.27 -19.40
N ALA B 1066 -19.61 -12.44 -19.37
CA ALA B 1066 -18.34 -12.85 -19.99
C ALA B 1066 -17.70 -14.02 -19.25
N ARG B 1067 -18.05 -14.25 -17.99
CA ARG B 1067 -17.42 -15.29 -17.19
C ARG B 1067 -18.46 -16.34 -16.80
N PRO B 1068 -18.63 -17.41 -17.58
CA PRO B 1068 -19.70 -18.37 -17.27
C PRO B 1068 -19.41 -19.15 -16.00
N GLY B 1069 -20.43 -19.88 -15.56
CA GLY B 1069 -20.33 -20.67 -14.34
C GLY B 1069 -21.71 -20.99 -13.81
N ASP B 1070 -21.77 -21.30 -12.52
CA ASP B 1070 -23.04 -21.53 -11.86
C ASP B 1070 -23.08 -20.95 -10.45
N TYR B 1071 -22.09 -20.16 -10.06
CA TYR B 1071 -22.03 -19.55 -8.74
C TYR B 1071 -22.39 -18.07 -8.84
N GLN B 1072 -23.12 -17.59 -7.84
CA GLN B 1072 -23.57 -16.20 -7.83
C GLN B 1072 -22.35 -15.31 -7.62
N MET B 1073 -21.78 -14.85 -8.72
CA MET B 1073 -20.62 -13.97 -8.64
C MET B 1073 -21.03 -12.62 -8.03
N LEU B 1074 -20.16 -12.07 -7.22
CA LEU B 1074 -20.39 -10.77 -6.57
C LEU B 1074 -19.19 -9.88 -6.78
N PRO B 1075 -19.32 -8.74 -7.49
CA PRO B 1075 -18.18 -7.83 -7.64
C PRO B 1075 -17.65 -7.32 -6.32
N ILE B 1076 -16.33 -7.18 -6.19
CA ILE B 1076 -15.76 -6.62 -4.97
C ILE B 1076 -14.83 -5.48 -5.31
N LYS B 1077 -13.89 -5.71 -6.23
CA LYS B 1077 -12.89 -4.70 -6.58
C LYS B 1077 -12.89 -4.47 -8.08
N PHE B 1078 -12.88 -3.20 -8.47
CA PHE B 1078 -12.71 -2.77 -9.85
C PHE B 1078 -11.28 -2.29 -10.03
N GLN B 1079 -10.92 -1.87 -11.23
CA GLN B 1079 -9.59 -1.33 -11.48
C GLN B 1079 -9.69 0.04 -12.12
N SER B 1080 -10.68 0.24 -12.98
CA SER B 1080 -10.81 1.50 -13.70
C SER B 1080 -12.18 1.55 -14.35
N ILE B 1081 -12.97 2.57 -14.02
CA ILE B 1081 -14.26 2.81 -14.62
C ILE B 1081 -14.20 4.23 -15.19
N ASN B 1082 -14.13 4.33 -16.51
CA ASN B 1082 -14.03 5.63 -17.17
C ASN B 1082 -15.34 5.95 -17.86
N ILE B 1083 -15.91 7.10 -17.55
CA ILE B 1083 -17.18 7.54 -18.12
C ILE B 1083 -16.94 8.83 -18.87
N ASP B 1084 -17.39 8.88 -20.12
CA ASP B 1084 -17.23 10.08 -20.95
C ASP B 1084 -18.58 10.47 -21.52
N PRO B 1085 -19.42 11.21 -20.77
CA PRO B 1085 -20.77 11.49 -21.25
C PRO B 1085 -20.79 12.27 -22.56
N ARG B 1086 -19.75 13.04 -22.87
CA ARG B 1086 -19.76 13.84 -24.08
C ARG B 1086 -19.94 12.97 -25.33
N VAL B 1087 -19.10 11.94 -25.46
CA VAL B 1087 -19.17 11.10 -26.65
C VAL B 1087 -20.45 10.28 -26.66
N GLN B 1088 -21.08 10.12 -25.50
CA GLN B 1088 -22.27 9.27 -25.44
C GLN B 1088 -23.41 9.91 -26.21
N PRO B 1089 -24.25 9.13 -26.90
CA PRO B 1089 -25.42 9.70 -27.55
C PRO B 1089 -26.36 10.34 -26.54
N ALA B 1090 -27.04 11.39 -26.99
CA ALA B 1090 -27.95 12.13 -26.12
C ALA B 1090 -29.14 11.25 -25.72
N ALA B 1091 -29.71 11.56 -24.56
CA ALA B 1091 -30.82 10.79 -24.05
C ALA B 1091 -32.00 10.87 -25.01
N PRO B 1092 -32.67 9.75 -25.30
CA PRO B 1092 -33.88 9.83 -26.13
C PRO B 1092 -34.95 10.68 -25.47
N ALA B 1093 -35.70 11.39 -26.30
CA ALA B 1093 -36.93 11.99 -25.82
C ALA B 1093 -37.96 10.91 -25.53
N GLU B 1094 -39.13 11.32 -25.05
CA GLU B 1094 -40.16 10.35 -24.72
C GLU B 1094 -40.63 9.60 -25.96
N ASP B 1095 -40.79 10.30 -27.08
CA ASP B 1095 -41.29 9.70 -28.30
C ASP B 1095 -40.21 9.06 -29.16
N GLU B 1096 -38.94 9.33 -28.89
CA GLU B 1096 -37.84 8.80 -29.68
C GLU B 1096 -37.42 7.40 -29.22
N ASP B 1097 -38.30 6.68 -28.52
CA ASP B 1097 -38.01 5.35 -27.99
C ASP B 1097 -36.61 5.32 -27.38
N VAL B 1098 -35.77 4.36 -27.78
CA VAL B 1098 -34.47 4.14 -27.18
C VAL B 1098 -33.38 4.41 -28.21
N VAL B 1099 -32.13 4.37 -27.76
CA VAL B 1099 -30.99 4.40 -28.66
C VAL B 1099 -30.28 3.07 -28.54
N VAL B 1100 -29.94 2.46 -29.67
CA VAL B 1100 -29.18 1.21 -29.65
C VAL B 1100 -27.69 1.55 -29.72
N LEU B 1101 -26.95 1.14 -28.71
CA LEU B 1101 -25.53 1.42 -28.59
C LEU B 1101 -24.74 0.12 -28.72
N PRO B 1102 -23.72 0.05 -29.56
CA PRO B 1102 -22.89 -1.14 -29.60
C PRO B 1102 -21.98 -1.22 -28.39
N GLY B 1103 -21.67 -2.44 -27.98
CA GLY B 1103 -20.78 -2.67 -26.86
C GLY B 1103 -19.96 -3.91 -27.10
N ARG B 1104 -18.71 -3.85 -26.65
CA ARG B 1104 -17.76 -4.93 -26.87
C ARG B 1104 -17.01 -5.23 -25.59
N PHE B 1105 -16.66 -6.50 -25.41
CA PHE B 1105 -15.90 -6.97 -24.26
C PHE B 1105 -14.59 -7.58 -24.76
N ASP B 1106 -13.49 -6.91 -24.46
CA ASP B 1106 -12.17 -7.40 -24.86
C ASP B 1106 -11.63 -8.31 -23.76
N PRO B 1107 -11.44 -9.60 -24.01
CA PRO B 1107 -10.99 -10.51 -22.94
C PRO B 1107 -9.51 -10.42 -22.62
N VAL B 1108 -8.69 -9.89 -23.53
CA VAL B 1108 -7.26 -9.78 -23.25
C VAL B 1108 -7.04 -9.01 -21.96
N LEU B 1109 -7.49 -7.75 -21.93
CA LEU B 1109 -7.44 -6.93 -20.73
C LEU B 1109 -8.66 -7.09 -19.85
N ASP B 1110 -9.68 -7.83 -20.29
CA ASP B 1110 -10.93 -7.98 -19.55
C ASP B 1110 -11.56 -6.61 -19.32
N ILE B 1111 -11.92 -5.95 -20.42
CA ILE B 1111 -12.44 -4.58 -20.39
C ILE B 1111 -13.75 -4.57 -21.16
N VAL B 1112 -14.81 -4.07 -20.53
CA VAL B 1112 -16.13 -4.01 -21.15
C VAL B 1112 -16.44 -2.55 -21.46
N SER B 1113 -16.68 -2.24 -22.72
CA SER B 1113 -16.93 -0.87 -23.14
C SER B 1113 -18.21 -0.81 -23.96
N ALA B 1114 -19.13 0.05 -23.55
CA ALA B 1114 -20.34 0.31 -24.30
C ALA B 1114 -20.62 1.80 -24.29
N GLY B 1115 -21.04 2.33 -25.43
CA GLY B 1115 -21.35 3.74 -25.53
C GLY B 1115 -20.24 4.60 -24.97
N GLY B 1116 -20.53 5.29 -23.87
CA GLY B 1116 -19.58 6.19 -23.25
C GLY B 1116 -18.95 5.71 -21.97
N VAL B 1117 -19.10 4.45 -21.61
CA VAL B 1117 -18.53 3.93 -20.38
C VAL B 1117 -17.48 2.88 -20.72
N GLU B 1118 -16.59 2.61 -19.76
CA GLU B 1118 -15.53 1.64 -19.93
C GLU B 1118 -15.15 1.06 -18.58
N ILE B 1119 -15.62 -0.14 -18.28
CA ILE B 1119 -15.35 -0.79 -17.00
C ILE B 1119 -14.22 -1.79 -17.18
N ARG B 1120 -13.36 -1.91 -16.17
CA ARG B 1120 -12.20 -2.76 -16.26
C ARG B 1120 -11.94 -3.43 -14.93
N GLY B 1121 -11.31 -4.59 -14.96
CA GLY B 1121 -10.97 -5.31 -13.75
C GLY B 1121 -12.07 -6.26 -13.31
N LEU B 1122 -12.86 -5.84 -12.32
CA LEU B 1122 -13.98 -6.61 -11.80
C LEU B 1122 -13.51 -7.93 -11.19
N GLU B 1123 -12.71 -7.81 -10.15
CA GLU B 1123 -12.44 -8.94 -9.27
C GLU B 1123 -13.70 -9.25 -8.50
N THR B 1124 -13.98 -10.52 -8.29
CA THR B 1124 -15.25 -10.95 -7.72
C THR B 1124 -15.05 -12.10 -6.75
N ILE B 1125 -16.04 -12.28 -5.88
CA ILE B 1125 -16.08 -13.40 -4.96
C ILE B 1125 -17.35 -14.19 -5.22
N SER B 1126 -17.53 -15.28 -4.49
CA SER B 1126 -18.74 -16.09 -4.60
C SER B 1126 -19.69 -15.79 -3.45
N ALA B 1127 -20.92 -16.25 -3.60
CA ALA B 1127 -21.92 -16.12 -2.56
C ALA B 1127 -22.73 -17.41 -2.49
N SER B 1128 -23.35 -17.65 -1.35
CA SER B 1128 -24.02 -18.91 -1.08
C SER B 1128 -25.49 -18.89 -1.47
N ARG B 1129 -25.90 -17.97 -2.33
CA ARG B 1129 -27.28 -17.93 -2.80
C ARG B 1129 -28.24 -17.73 -1.65
N ARG B 1130 -29.53 -17.61 -1.95
CA ARG B 1130 -30.56 -17.57 -0.92
C ARG B 1130 -31.90 -17.99 -1.50
N LEU B 1131 -32.33 -19.21 -1.22
CA LEU B 1131 -33.58 -19.73 -1.75
C LEU B 1131 -34.72 -18.75 -1.51
N THR B 1132 -35.34 -18.28 -2.59
CA THR B 1132 -36.35 -17.24 -2.47
C THR B 1132 -37.65 -17.76 -1.88
N HIS B 1133 -37.93 -19.05 -2.02
CA HIS B 1133 -39.23 -19.58 -1.63
C HIS B 1133 -39.11 -20.37 -0.33
N ALA B 1134 -40.21 -21.00 0.07
CA ALA B 1134 -40.19 -21.89 1.21
C ALA B 1134 -39.47 -23.18 0.85
N PRO B 1135 -39.03 -23.94 1.85
CA PRO B 1135 -38.30 -25.17 1.56
C PRO B 1135 -39.10 -26.10 0.65
N GLU B 1136 -38.42 -26.68 -0.32
CA GLU B 1136 -39.06 -27.62 -1.23
C GLU B 1136 -39.60 -28.81 -0.45
N VAL B 1137 -40.82 -29.23 -0.80
CA VAL B 1137 -41.46 -30.35 -0.13
C VAL B 1137 -41.16 -31.64 -0.86
N VAL B 1138 -39.99 -32.22 -0.61
CA VAL B 1138 -39.66 -33.51 -1.21
C VAL B 1138 -40.61 -34.56 -0.68
N GLU B 1139 -41.08 -35.43 -1.57
CA GLU B 1139 -42.01 -36.47 -1.16
C GLU B 1139 -41.94 -37.62 -2.15
N GLU B 1140 -42.20 -38.83 -1.66
CA GLU B 1140 -42.12 -40.03 -2.46
C GLU B 1140 -43.54 -40.53 -2.72
N TYR B 1141 -43.80 -40.89 -3.97
CA TYR B 1141 -45.05 -41.54 -4.32
C TYR B 1141 -45.03 -42.97 -3.80
N ARG B 1142 -46.16 -43.45 -3.30
CA ARG B 1142 -46.20 -44.78 -2.74
C ARG B 1142 -47.63 -45.28 -2.68
N PHE B 1143 -47.79 -46.58 -2.90
CA PHE B 1143 -49.12 -47.20 -2.84
C PHE B 1143 -49.40 -47.55 -1.38
N VAL B 1144 -50.07 -46.64 -0.68
CA VAL B 1144 -50.39 -46.82 0.73
C VAL B 1144 -51.64 -47.69 0.80
N PRO B 1145 -51.59 -48.86 1.45
CA PRO B 1145 -52.79 -49.70 1.53
C PRO B 1145 -53.73 -49.21 2.60
N HIS B 1146 -54.94 -49.80 2.59
CA HIS B 1146 -55.90 -49.50 3.63
C HIS B 1146 -55.46 -50.10 4.96
N HIS B 1147 -55.36 -51.42 5.02
CA HIS B 1147 -55.04 -52.11 6.25
C HIS B 1147 -53.63 -52.69 6.21
N THR B 1162 -37.89 -45.85 19.96
CA THR B 1162 -37.98 -45.74 21.41
C THR B 1162 -38.43 -47.05 22.02
N VAL B 1163 -38.99 -46.98 23.23
CA VAL B 1163 -39.46 -48.18 23.91
C VAL B 1163 -40.48 -48.89 23.04
N ASP B 1164 -40.43 -50.23 23.05
CA ASP B 1164 -41.48 -51.01 22.43
C ASP B 1164 -42.82 -50.53 22.94
N ILE B 1165 -43.66 -49.99 22.05
CA ILE B 1165 -44.89 -49.35 22.49
C ILE B 1165 -45.77 -50.35 23.23
N ARG B 1166 -45.78 -51.60 22.79
CA ARG B 1166 -46.55 -52.61 23.49
C ARG B 1166 -46.04 -52.81 24.91
N GLU B 1167 -44.71 -52.81 25.09
CA GLU B 1167 -44.15 -52.97 26.43
C GLU B 1167 -44.50 -51.79 27.32
N TYR B 1168 -44.34 -50.57 26.79
CA TYR B 1168 -44.77 -49.38 27.53
C TYR B 1168 -46.22 -49.51 27.96
N ALA B 1169 -47.09 -49.90 27.03
CA ALA B 1169 -48.52 -49.99 27.35
C ALA B 1169 -48.78 -51.04 28.43
N ASP B 1170 -48.14 -52.19 28.32
CA ASP B 1170 -48.37 -53.26 29.30
C ASP B 1170 -47.87 -52.83 30.68
N ALA B 1171 -46.69 -52.22 30.74
CA ALA B 1171 -46.15 -51.77 32.00
C ALA B 1171 -47.04 -50.72 32.64
N CYS B 1172 -47.52 -49.77 31.83
CA CYS B 1172 -48.43 -48.75 32.37
C CYS B 1172 -49.73 -49.38 32.82
N LEU B 1173 -50.19 -50.43 32.13
CA LEU B 1173 -51.40 -51.11 32.56
C LEU B 1173 -51.20 -51.72 33.95
N ALA B 1174 -50.09 -52.41 34.15
CA ALA B 1174 -49.82 -53.00 35.46
C ALA B 1174 -49.71 -51.92 36.52
N PHE B 1175 -49.01 -50.82 36.20
CA PHE B 1175 -48.85 -49.72 37.14
C PHE B 1175 -50.19 -49.12 37.53
N ALA B 1176 -51.06 -48.90 36.53
CA ALA B 1176 -52.37 -48.34 36.82
C ALA B 1176 -53.21 -49.30 37.64
N VAL B 1177 -53.15 -50.60 37.33
CA VAL B 1177 -53.93 -51.57 38.08
C VAL B 1177 -53.53 -51.55 39.55
N GLN B 1178 -52.22 -51.62 39.81
CA GLN B 1178 -51.77 -51.63 41.21
C GLN B 1178 -52.06 -50.30 41.89
N GLY B 1179 -51.96 -49.17 41.17
CA GLY B 1179 -52.26 -47.90 41.80
C GLY B 1179 -53.73 -47.76 42.16
N ILE B 1180 -54.62 -48.27 41.28
CA ILE B 1180 -56.04 -48.27 41.60
C ILE B 1180 -56.31 -49.17 42.79
N LYS B 1181 -55.64 -50.32 42.86
CA LYS B 1181 -55.75 -51.18 44.03
C LYS B 1181 -55.33 -50.43 45.29
N LYS B 1182 -54.24 -49.68 45.22
CA LYS B 1182 -53.79 -48.90 46.36
C LYS B 1182 -54.83 -47.87 46.76
N TRP B 1183 -55.40 -47.15 45.79
CA TRP B 1183 -56.38 -46.13 46.12
C TRP B 1183 -57.61 -46.75 46.76
N LEU B 1184 -58.09 -47.87 46.22
CA LEU B 1184 -59.25 -48.53 46.83
C LEU B 1184 -58.93 -49.02 48.23
N SER B 1185 -57.70 -49.49 48.46
CA SER B 1185 -57.32 -49.92 49.80
C SER B 1185 -57.08 -48.75 50.74
N GLU B 1186 -56.97 -47.53 50.20
CA GLU B 1186 -56.73 -46.33 51.00
C GLU B 1186 -57.88 -45.34 50.87
N ASP B 1187 -59.07 -45.84 50.54
CA ASP B 1187 -60.28 -45.03 50.42
C ASP B 1187 -61.09 -45.12 51.71
N LYS B 1188 -60.55 -44.57 52.78
CA LYS B 1188 -61.27 -44.51 54.05
C LYS B 1188 -62.12 -43.26 54.20
N ASP B 1189 -61.73 -42.16 53.57
CA ASP B 1189 -62.49 -40.92 53.65
C ASP B 1189 -63.56 -40.80 52.59
N LYS B 1190 -63.69 -41.79 51.70
CA LYS B 1190 -64.71 -41.80 50.67
C LYS B 1190 -64.64 -40.52 49.82
N VAL B 1191 -63.41 -40.21 49.38
CA VAL B 1191 -63.17 -39.06 48.52
C VAL B 1191 -62.81 -39.47 47.10
N LEU B 1192 -62.65 -40.75 46.83
CA LEU B 1192 -62.18 -41.21 45.53
C LEU B 1192 -63.30 -41.04 44.50
N PRO B 1193 -63.09 -40.27 43.42
CA PRO B 1193 -64.18 -40.05 42.45
C PRO B 1193 -64.76 -41.34 41.90
N GLN B 1194 -66.07 -41.53 42.11
CA GLN B 1194 -66.77 -42.70 41.60
C GLN B 1194 -66.01 -43.99 41.94
N LYS B 1195 -65.87 -44.28 43.24
CA LYS B 1195 -65.12 -45.45 43.65
C LYS B 1195 -65.64 -46.72 43.01
N ASP B 1196 -66.94 -46.77 42.74
CA ASP B 1196 -67.51 -47.95 42.08
C ASP B 1196 -66.89 -48.14 40.69
N LEU B 1197 -66.72 -47.05 39.95
CA LEU B 1197 -66.15 -47.16 38.61
C LEU B 1197 -64.73 -47.71 38.65
N LEU B 1198 -63.90 -47.20 39.56
CA LEU B 1198 -62.53 -47.68 39.63
C LEU B 1198 -62.46 -49.09 40.16
N GLN B 1199 -63.38 -49.46 41.07
CA GLN B 1199 -63.47 -50.86 41.48
C GLN B 1199 -63.78 -51.75 40.30
N ASP B 1200 -64.70 -51.31 39.43
CA ASP B 1200 -65.03 -52.07 38.23
C ASP B 1200 -63.80 -52.19 37.34
N ALA B 1201 -63.06 -51.10 37.18
CA ALA B 1201 -61.86 -51.13 36.34
C ALA B 1201 -60.83 -52.13 36.89
N LEU B 1202 -60.62 -52.09 38.21
CA LEU B 1202 -59.66 -53.02 38.82
C LEU B 1202 -60.13 -54.46 38.65
N GLY B 1203 -61.43 -54.70 38.85
CA GLY B 1203 -61.94 -56.05 38.68
C GLY B 1203 -61.77 -56.55 37.26
N LEU B 1204 -62.06 -55.69 36.28
CA LEU B 1204 -61.89 -56.08 34.88
C LEU B 1204 -60.43 -56.39 34.58
N ALA B 1205 -59.52 -55.55 35.07
CA ALA B 1205 -58.10 -55.81 34.85
C ALA B 1205 -57.68 -57.12 35.50
N ASN B 1206 -58.22 -57.41 36.68
CA ASN B 1206 -57.90 -58.66 37.36
C ASN B 1206 -58.19 -59.86 36.49
N GLN B 1207 -59.21 -59.77 35.64
CA GLN B 1207 -59.57 -60.87 34.76
C GLN B 1207 -58.49 -61.10 33.71
N ASP B 1217 -47.57 -54.35 43.97
CA ASP B 1217 -46.90 -53.38 44.82
C ASP B 1217 -46.58 -52.10 44.05
N PHE B 1218 -46.77 -50.95 44.69
CA PHE B 1218 -46.49 -49.68 44.04
C PHE B 1218 -45.02 -49.59 43.65
N ILE B 1219 -44.12 -50.01 44.55
CA ILE B 1219 -42.69 -49.86 44.28
C ILE B 1219 -42.29 -50.71 43.09
N SER B 1220 -42.84 -51.93 42.98
CA SER B 1220 -42.43 -52.82 41.90
C SER B 1220 -42.77 -52.23 40.53
N ALA B 1221 -44.02 -51.83 40.33
CA ALA B 1221 -44.42 -51.27 39.04
C ALA B 1221 -43.76 -49.92 38.80
N LYS B 1222 -43.62 -49.11 39.86
CA LYS B 1222 -42.95 -47.83 39.72
C LYS B 1222 -41.52 -48.03 39.23
N ALA B 1223 -40.82 -49.01 39.79
CA ALA B 1223 -39.46 -49.32 39.35
C ALA B 1223 -39.47 -49.87 37.93
N ALA B 1224 -40.48 -50.66 37.58
CA ALA B 1224 -40.56 -51.17 36.22
C ALA B 1224 -40.62 -50.02 35.21
N LEU B 1225 -41.52 -49.07 35.45
CA LEU B 1225 -41.65 -47.94 34.54
C LEU B 1225 -40.42 -47.04 34.60
N GLU B 1226 -39.80 -46.89 35.77
CA GLU B 1226 -38.59 -46.09 35.87
C GLU B 1226 -37.47 -46.71 35.05
N ARG B 1227 -37.32 -48.02 35.12
CA ARG B 1227 -36.27 -48.68 34.34
C ARG B 1227 -36.56 -48.57 32.85
N ILE B 1228 -37.83 -48.75 32.44
CA ILE B 1228 -38.16 -48.66 31.01
C ILE B 1228 -37.87 -47.26 30.51
N LEU B 1229 -38.13 -46.24 31.34
CA LEU B 1229 -37.76 -44.89 30.97
C LEU B 1229 -36.24 -44.74 30.89
N LYS B 1230 -35.53 -45.33 31.85
CA LYS B 1230 -34.08 -45.17 31.92
C LYS B 1230 -33.40 -45.73 30.68
N GLN B 1231 -33.82 -46.92 30.24
CA GLN B 1231 -33.18 -47.51 29.06
C GLN B 1231 -33.35 -46.60 27.85
N GLN B 1232 -34.44 -45.86 27.80
CA GLN B 1232 -34.68 -44.91 26.71
C GLN B 1232 -33.70 -43.75 26.89
N HIS B 1238 -38.59 -40.22 22.03
CA HIS B 1238 -38.48 -39.09 22.95
C HIS B 1238 -39.86 -38.68 23.44
N GLY B 1239 -39.93 -38.18 24.67
CA GLY B 1239 -41.19 -37.78 25.25
C GLY B 1239 -41.88 -38.93 25.95
N PHE B 1240 -42.17 -38.77 27.23
CA PHE B 1240 -42.80 -39.80 28.05
C PHE B 1240 -43.83 -39.12 28.94
N GLY B 1241 -45.08 -39.07 28.48
CA GLY B 1241 -46.08 -38.27 29.16
C GLY B 1241 -47.06 -39.06 30.00
N LEU B 1242 -47.50 -40.22 29.51
CA LEU B 1242 -48.53 -40.96 30.23
C LEU B 1242 -48.07 -41.33 31.63
N PHE B 1243 -46.84 -41.84 31.74
CA PHE B 1243 -46.35 -42.26 33.05
C PHE B 1243 -46.21 -41.09 34.01
N HIS B 1244 -45.69 -39.96 33.52
CA HIS B 1244 -45.51 -38.82 34.41
C HIS B 1244 -46.85 -38.35 34.98
N THR B 1245 -47.86 -38.22 34.11
CA THR B 1245 -49.17 -37.80 34.58
C THR B 1245 -49.78 -38.83 35.52
N LEU B 1246 -49.61 -40.12 35.21
CA LEU B 1246 -50.15 -41.14 36.10
C LEU B 1246 -49.49 -41.11 37.45
N ASN B 1247 -48.17 -40.89 37.49
CA ASN B 1247 -47.47 -40.74 38.76
C ASN B 1247 -47.97 -39.53 39.53
N LEU B 1248 -48.18 -38.41 38.85
CA LEU B 1248 -48.72 -37.23 39.53
C LEU B 1248 -50.10 -37.55 40.11
N ALA B 1249 -50.95 -38.20 39.33
CA ALA B 1249 -52.33 -38.47 39.75
C ALA B 1249 -52.37 -39.42 40.94
N PHE B 1250 -51.69 -40.56 40.83
CA PHE B 1250 -51.69 -41.53 41.93
C PHE B 1250 -51.08 -40.93 43.19
N SER B 1251 -49.95 -40.24 43.05
CA SER B 1251 -49.23 -39.70 44.19
C SER B 1251 -49.58 -38.23 44.34
N GLU B 1252 -50.66 -37.96 45.07
CA GLU B 1252 -51.05 -36.58 45.38
C GLU B 1252 -51.93 -36.59 46.64
N PRO B 1253 -51.79 -35.60 47.52
CA PRO B 1253 -52.71 -35.53 48.67
C PRO B 1253 -54.15 -35.58 48.23
N LEU B 1254 -54.91 -36.54 48.79
CA LEU B 1254 -56.28 -36.81 48.38
C LEU B 1254 -57.28 -36.35 49.43
N GLU B 1255 -57.00 -35.20 50.06
CA GLU B 1255 -57.90 -34.66 51.06
C GLU B 1255 -59.07 -33.94 50.40
N ILE B 1256 -59.85 -33.21 51.18
CA ILE B 1256 -61.04 -32.53 50.66
C ILE B 1256 -60.63 -31.60 49.54
N GLY B 1257 -61.52 -31.46 48.55
CA GLY B 1257 -61.23 -30.62 47.40
C GLY B 1257 -60.28 -31.24 46.40
N PHE B 1258 -60.14 -32.57 46.42
CA PHE B 1258 -59.18 -33.23 45.53
C PHE B 1258 -59.53 -33.02 44.06
N ARG B 1259 -60.82 -33.08 43.73
CA ARG B 1259 -61.22 -33.07 42.33
C ARG B 1259 -60.63 -31.88 41.60
N GLU B 1260 -60.84 -30.67 42.13
CA GLU B 1260 -60.49 -29.47 41.38
C GLU B 1260 -58.98 -29.30 41.27
N THR B 1261 -58.26 -29.50 42.38
CA THR B 1261 -56.81 -29.36 42.33
C THR B 1261 -56.20 -30.38 41.37
N LEU B 1262 -56.63 -31.64 41.46
CA LEU B 1262 -56.07 -32.66 40.59
C LEU B 1262 -56.43 -32.40 39.12
N LYS B 1263 -57.66 -31.96 38.87
CA LYS B 1263 -58.06 -31.63 37.51
C LYS B 1263 -57.25 -30.47 36.96
N ASN B 1264 -57.00 -29.45 37.78
CA ASN B 1264 -56.17 -28.34 37.31
C ASN B 1264 -54.75 -28.79 37.03
N LYS B 1265 -54.19 -29.67 37.86
CA LYS B 1265 -52.85 -30.18 37.59
C LYS B 1265 -52.83 -30.97 36.28
N ILE B 1266 -53.84 -31.81 36.06
CA ILE B 1266 -53.90 -32.59 34.82
C ILE B 1266 -54.06 -31.66 33.63
N HIS B 1267 -54.82 -30.58 33.78
CA HIS B 1267 -54.95 -29.60 32.71
C HIS B 1267 -53.61 -28.93 32.45
N HIS B 1268 -52.83 -28.68 33.49
CA HIS B 1268 -51.49 -28.14 33.28
C HIS B 1268 -50.64 -29.11 32.49
N MET B 1269 -50.74 -30.39 32.78
CA MET B 1269 -49.88 -31.41 32.18
C MET B 1269 -50.42 -31.96 30.86
N ARG B 1270 -51.63 -31.57 30.45
CA ARG B 1270 -52.18 -32.08 29.19
C ARG B 1270 -51.25 -31.77 28.03
N TYR B 1271 -50.56 -30.63 28.07
CA TYR B 1271 -49.67 -30.26 26.96
C TYR B 1271 -48.62 -31.31 26.73
N ASP B 1272 -48.02 -31.83 27.81
CA ASP B 1272 -47.07 -32.93 27.69
C ASP B 1272 -47.80 -34.24 27.42
N MET B 1273 -49.04 -34.37 27.89
CA MET B 1273 -49.76 -35.63 27.68
C MET B 1273 -50.02 -35.87 26.19
N TRP B 1274 -50.29 -34.80 25.43
CA TRP B 1274 -50.50 -34.96 24.00
C TRP B 1274 -49.33 -35.67 23.35
N ASP B 1275 -48.11 -35.19 23.58
CA ASP B 1275 -46.92 -35.69 22.91
C ASP B 1275 -46.38 -36.90 23.67
N ASP B 1276 -47.15 -37.98 23.63
CA ASP B 1276 -46.80 -39.20 24.33
C ASP B 1276 -46.58 -40.32 23.33
N CYS B 1277 -45.64 -41.20 23.65
CA CYS B 1277 -45.25 -42.27 22.73
C CYS B 1277 -46.24 -43.43 22.78
N LEU B 1278 -47.40 -43.22 23.39
CA LEU B 1278 -48.46 -44.22 23.37
C LEU B 1278 -49.75 -43.60 22.85
N MET B 1279 -50.01 -42.35 23.22
CA MET B 1279 -51.19 -41.66 22.71
C MET B 1279 -50.98 -41.19 21.27
N SER B 1280 -49.79 -40.67 20.96
CA SER B 1280 -49.43 -40.28 19.61
C SER B 1280 -48.79 -41.42 18.84
N ALA B 1281 -49.07 -42.66 19.21
CA ALA B 1281 -48.51 -43.81 18.53
C ALA B 1281 -49.21 -44.10 17.21
N VAL B 1282 -50.46 -43.68 17.07
CA VAL B 1282 -51.22 -43.94 15.85
C VAL B 1282 -51.26 -42.75 14.90
N GLU B 1283 -51.19 -41.53 15.43
CA GLU B 1283 -51.24 -40.34 14.59
C GLU B 1283 -49.86 -39.97 14.05
N CYS B 1284 -49.20 -40.93 13.42
CA CYS B 1284 -47.95 -40.64 12.73
C CYS B 1284 -48.22 -39.81 11.48
N ALA B 1285 -47.21 -39.07 11.04
CA ALA B 1285 -47.38 -38.21 9.89
C ALA B 1285 -47.97 -38.97 8.71
N ASP B 1286 -47.58 -40.24 8.57
CA ASP B 1286 -48.05 -41.03 7.43
C ASP B 1286 -49.57 -41.19 7.46
N SER B 1287 -50.12 -41.62 8.59
CA SER B 1287 -51.55 -41.89 8.65
C SER B 1287 -52.37 -40.61 8.50
N LEU B 1288 -51.93 -39.53 9.14
CA LEU B 1288 -52.64 -38.27 9.01
C LEU B 1288 -52.62 -37.80 7.56
N LYS B 1289 -51.46 -37.84 6.92
CA LYS B 1289 -51.38 -37.39 5.53
C LYS B 1289 -52.27 -38.25 4.64
N LEU B 1290 -52.24 -39.58 4.85
CA LEU B 1290 -53.08 -40.45 4.05
C LEU B 1290 -54.56 -40.08 4.20
N CYS B 1291 -55.04 -39.97 5.44
CA CYS B 1291 -56.45 -39.70 5.65
C CYS B 1291 -56.84 -38.36 5.05
N ILE B 1292 -56.04 -37.32 5.33
CA ILE B 1292 -56.39 -35.98 4.88
C ILE B 1292 -56.39 -35.90 3.36
N ASP B 1293 -55.38 -36.49 2.71
CA ASP B 1293 -55.33 -36.42 1.25
C ASP B 1293 -56.44 -37.23 0.62
N THR B 1294 -56.80 -38.37 1.21
CA THR B 1294 -57.94 -39.13 0.69
C THR B 1294 -59.20 -38.27 0.74
N VAL B 1295 -59.44 -37.62 1.89
CA VAL B 1295 -60.61 -36.75 2.00
C VAL B 1295 -60.52 -35.64 0.95
N ALA B 1296 -59.33 -35.07 0.78
CA ALA B 1296 -59.16 -33.94 -0.13
C ALA B 1296 -59.48 -34.32 -1.55
N GLU B 1297 -59.02 -35.49 -1.98
CA GLU B 1297 -59.19 -35.88 -3.38
C GLU B 1297 -60.53 -36.56 -3.59
N ASN B 1298 -61.28 -36.80 -2.52
CA ASN B 1298 -62.64 -37.31 -2.68
C ASN B 1298 -63.73 -36.29 -2.37
N THR B 1299 -63.42 -34.99 -2.38
CA THR B 1299 -64.42 -33.94 -2.26
C THR B 1299 -64.31 -33.01 -3.47
N THR B 1300 -65.45 -32.72 -4.09
CA THR B 1300 -65.49 -31.89 -5.29
C THR B 1300 -65.75 -30.43 -4.88
N SER B 1301 -64.66 -29.73 -4.58
CA SER B 1301 -64.74 -28.34 -4.17
C SER B 1301 -63.34 -27.80 -3.96
N HIS B 1302 -63.21 -26.48 -4.08
CA HIS B 1302 -61.92 -25.84 -3.86
C HIS B 1302 -61.64 -25.58 -2.39
N ILE B 1303 -62.63 -25.66 -1.53
CA ILE B 1303 -62.45 -25.49 -0.09
C ILE B 1303 -63.01 -26.71 0.62
N VAL B 1304 -62.25 -27.25 1.56
CA VAL B 1304 -62.67 -28.41 2.34
C VAL B 1304 -62.91 -27.96 3.77
N ASN B 1305 -64.11 -28.27 4.28
CA ASN B 1305 -64.48 -27.90 5.64
C ASN B 1305 -64.13 -29.02 6.60
N VAL B 1306 -63.58 -28.65 7.75
CA VAL B 1306 -63.21 -29.59 8.80
C VAL B 1306 -63.70 -29.03 10.12
N LEU B 1307 -64.41 -29.86 10.89
CA LEU B 1307 -64.91 -29.49 12.20
C LEU B 1307 -64.41 -30.50 13.21
N GLU B 1308 -63.94 -30.00 14.35
CA GLU B 1308 -63.37 -30.85 15.39
C GLU B 1308 -64.21 -30.68 16.66
N ALA B 1309 -65.04 -31.67 16.95
CA ALA B 1309 -65.84 -31.67 18.17
C ALA B 1309 -64.98 -32.14 19.35
N GLY B 1310 -65.28 -31.59 20.52
CA GLY B 1310 -64.50 -31.92 21.70
C GLY B 1310 -63.03 -31.60 21.50
N ALA B 1311 -62.76 -30.40 20.98
CA ALA B 1311 -61.39 -30.02 20.67
C ALA B 1311 -60.51 -30.04 21.90
N ALA B 1312 -61.05 -29.66 23.06
CA ALA B 1312 -60.25 -29.62 24.27
C ALA B 1312 -59.74 -31.01 24.64
N LYS B 1313 -60.59 -32.03 24.51
CA LYS B 1313 -60.19 -33.38 24.89
C LYS B 1313 -59.15 -33.94 23.93
N GLY B 1314 -59.30 -33.69 22.63
CA GLY B 1314 -58.46 -34.32 21.63
C GLY B 1314 -57.32 -33.47 21.12
N ALA B 1315 -57.60 -32.21 20.76
CA ALA B 1315 -56.59 -31.33 20.17
C ALA B 1315 -55.97 -31.97 18.93
N PHE B 1316 -56.83 -32.52 18.07
CA PHE B 1316 -56.36 -33.12 16.82
C PHE B 1316 -55.60 -32.13 15.97
N TYR B 1317 -56.10 -30.91 15.86
CA TYR B 1317 -55.49 -29.94 14.95
C TYR B 1317 -54.00 -29.84 15.18
N ARG B 1318 -53.58 -29.99 16.44
CA ARG B 1318 -52.17 -29.90 16.81
C ARG B 1318 -51.29 -30.55 15.76
N ARG B 1319 -51.66 -31.75 15.32
CA ARG B 1319 -50.88 -32.48 14.32
C ARG B 1319 -51.55 -32.59 12.97
N ALA B 1320 -52.83 -32.21 12.87
CA ALA B 1320 -53.51 -32.32 11.58
C ALA B 1320 -53.37 -31.05 10.74
N ILE B 1321 -53.13 -29.91 11.37
CA ILE B 1321 -52.96 -28.66 10.64
C ILE B 1321 -51.54 -28.58 10.07
N PRO B 1322 -50.50 -28.74 10.88
CA PRO B 1322 -49.14 -28.45 10.39
C PRO B 1322 -48.48 -29.58 9.64
N GLU B 1323 -49.11 -30.75 9.54
CA GLU B 1323 -48.48 -31.91 8.92
C GLU B 1323 -49.31 -32.56 7.83
N ALA B 1324 -50.60 -32.22 7.71
CA ALA B 1324 -51.43 -32.81 6.67
C ALA B 1324 -52.26 -31.76 5.95
N LEU B 1325 -52.48 -30.61 6.58
CA LEU B 1325 -53.27 -29.54 5.97
C LEU B 1325 -52.41 -28.41 5.44
N ALA B 1326 -51.38 -28.00 6.19
CA ALA B 1326 -50.54 -26.90 5.74
C ALA B 1326 -49.80 -27.24 4.46
N LYS B 1327 -49.74 -28.52 4.08
CA LYS B 1327 -49.13 -28.95 2.84
C LYS B 1327 -50.13 -29.07 1.70
N PHE B 1328 -51.35 -28.58 1.89
CA PHE B 1328 -52.33 -28.58 0.80
C PHE B 1328 -51.88 -27.63 -0.30
N SER B 1329 -52.05 -28.05 -1.53
CA SER B 1329 -51.70 -27.26 -2.72
C SER B 1329 -52.87 -27.35 -3.69
N GLY B 1330 -53.58 -26.24 -3.87
CA GLY B 1330 -54.72 -26.22 -4.75
C GLY B 1330 -56.01 -26.71 -4.13
N LYS B 1331 -56.08 -26.83 -2.80
CA LYS B 1331 -57.31 -27.21 -2.10
C LYS B 1331 -57.27 -26.51 -0.75
N ASP B 1332 -57.89 -25.34 -0.68
CA ASP B 1332 -57.88 -24.58 0.57
C ASP B 1332 -58.64 -25.33 1.66
N TYR B 1333 -58.23 -25.09 2.90
CA TYR B 1333 -58.80 -25.78 4.06
C TYR B 1333 -59.39 -24.76 5.01
N ARG B 1334 -60.65 -24.97 5.38
CA ARG B 1334 -61.32 -24.19 6.41
C ARG B 1334 -61.60 -25.13 7.58
N TYR B 1335 -61.06 -24.80 8.75
CA TYR B 1335 -61.07 -25.71 9.88
C TYR B 1335 -61.56 -24.95 11.11
N THR B 1336 -62.49 -25.57 11.85
CA THR B 1336 -63.09 -24.96 13.02
C THR B 1336 -63.14 -25.95 14.17
N VAL B 1337 -63.08 -25.41 15.38
CA VAL B 1337 -63.08 -26.22 16.60
C VAL B 1337 -64.40 -26.01 17.31
N GLY B 1338 -64.73 -26.95 18.20
CA GLY B 1338 -65.92 -26.81 19.02
C GLY B 1338 -65.85 -27.55 20.34
N ASP B 1339 -66.06 -26.81 21.43
CA ASP B 1339 -66.13 -27.40 22.76
C ASP B 1339 -66.61 -26.34 23.73
N ALA B 1340 -67.43 -26.74 24.70
CA ALA B 1340 -67.94 -25.79 25.67
C ALA B 1340 -66.83 -25.04 26.38
N SER B 1341 -65.68 -25.68 26.60
CA SER B 1341 -64.58 -25.02 27.29
C SER B 1341 -63.92 -23.99 26.38
N PRO B 1342 -63.29 -22.96 26.95
CA PRO B 1342 -62.56 -22.00 26.13
C PRO B 1342 -61.38 -22.67 25.44
N MET B 1343 -61.01 -22.13 24.28
CA MET B 1343 -59.89 -22.69 23.52
C MET B 1343 -58.95 -21.59 23.05
N ASP B 1344 -58.65 -20.64 23.93
CA ASP B 1344 -57.69 -19.60 23.59
C ASP B 1344 -56.34 -20.21 23.22
N ASP B 1345 -56.05 -21.41 23.72
CA ASP B 1345 -54.79 -22.08 23.38
C ASP B 1345 -54.68 -22.30 21.88
N ALA B 1346 -55.79 -22.32 21.16
CA ALA B 1346 -55.79 -22.49 19.71
C ALA B 1346 -55.57 -21.19 18.97
N LYS B 1347 -55.15 -20.13 19.66
CA LYS B 1347 -54.96 -18.85 18.98
C LYS B 1347 -53.89 -18.95 17.89
N GLU B 1348 -52.78 -19.64 18.17
CA GLU B 1348 -51.69 -19.72 17.21
C GLU B 1348 -52.16 -20.35 15.90
N PHE B 1349 -52.80 -21.51 15.99
CA PHE B 1349 -53.35 -22.18 14.82
C PHE B 1349 -54.67 -21.51 14.47
N SER B 1350 -54.62 -20.52 13.59
CA SER B 1350 -55.79 -19.70 13.31
C SER B 1350 -56.98 -20.57 12.94
N VAL B 1351 -58.02 -20.53 13.77
CA VAL B 1351 -59.24 -21.29 13.54
C VAL B 1351 -60.41 -20.49 14.10
N LYS B 1352 -61.61 -20.85 13.65
CA LYS B 1352 -62.83 -20.22 14.11
C LYS B 1352 -63.50 -21.10 15.16
N THR B 1353 -63.85 -20.50 16.31
CA THR B 1353 -64.35 -21.23 17.46
C THR B 1353 -65.86 -21.27 17.44
N LEU B 1354 -66.43 -22.47 17.48
CA LEU B 1354 -67.88 -22.69 17.51
C LEU B 1354 -68.19 -23.54 18.74
N GLN B 1355 -68.37 -22.87 19.87
CA GLN B 1355 -68.49 -23.56 21.15
C GLN B 1355 -69.85 -24.25 21.28
N PHE B 1356 -69.82 -25.50 21.76
CA PHE B 1356 -71.02 -26.29 21.99
C PHE B 1356 -70.61 -27.62 22.58
N ASP B 1357 -71.59 -28.33 23.12
CA ASP B 1357 -71.45 -29.76 23.40
C ASP B 1357 -72.81 -30.31 23.84
N ALA B 1358 -73.09 -31.55 23.47
CA ALA B 1358 -74.34 -32.19 23.82
C ALA B 1358 -74.44 -32.36 25.34
N ALA B 1362 -79.76 -32.94 19.81
CA ALA B 1362 -79.07 -32.90 21.10
C ALA B 1362 -78.31 -31.60 21.28
N ASN B 1363 -79.03 -30.49 21.15
CA ASN B 1363 -78.45 -29.16 21.34
C ASN B 1363 -77.24 -28.94 20.44
N PHE B 1364 -77.31 -29.50 19.23
CA PHE B 1364 -76.23 -29.38 18.27
C PHE B 1364 -76.51 -28.21 17.33
N PRO B 1365 -75.58 -27.27 17.14
CA PRO B 1365 -75.86 -26.12 16.28
C PRO B 1365 -76.36 -26.53 14.90
N ALA B 1366 -77.55 -26.05 14.54
CA ALA B 1366 -78.08 -26.29 13.21
C ALA B 1366 -77.46 -25.37 12.16
N SER B 1367 -76.67 -24.38 12.58
CA SER B 1367 -76.05 -23.48 11.61
C SER B 1367 -75.19 -24.26 10.63
N GLN B 1368 -74.39 -25.21 11.14
CA GLN B 1368 -73.66 -26.13 10.27
C GLN B 1368 -74.44 -27.43 10.15
N ALA B 1369 -75.65 -27.36 9.60
CA ALA B 1369 -76.47 -28.56 9.51
C ALA B 1369 -75.83 -29.62 8.62
N HIS B 1370 -75.46 -29.25 7.39
CA HIS B 1370 -74.86 -30.19 6.46
C HIS B 1370 -73.73 -29.51 5.69
N ALA B 1371 -72.89 -28.75 6.40
CA ALA B 1371 -71.88 -27.90 5.76
C ALA B 1371 -70.49 -28.34 6.20
N HIS B 1372 -70.25 -29.64 6.18
CA HIS B 1372 -68.94 -30.16 6.58
C HIS B 1372 -68.60 -31.39 5.74
N ASP B 1373 -67.32 -31.51 5.39
CA ASP B 1373 -66.81 -32.66 4.67
C ASP B 1373 -66.04 -33.62 5.56
N LEU B 1374 -65.40 -33.11 6.62
CA LEU B 1374 -64.56 -33.94 7.48
C LEU B 1374 -64.84 -33.56 8.93
N LEU B 1375 -65.38 -34.51 9.69
CA LEU B 1375 -65.64 -34.33 11.11
C LEU B 1375 -64.60 -35.10 11.90
N VAL B 1376 -63.99 -34.45 12.89
CA VAL B 1376 -62.91 -35.04 13.68
C VAL B 1376 -63.46 -35.41 15.05
N LEU B 1377 -63.24 -36.66 15.45
CA LEU B 1377 -63.70 -37.18 16.75
C LEU B 1377 -62.51 -37.85 17.42
N LYS B 1378 -61.71 -37.08 18.14
CA LYS B 1378 -60.54 -37.60 18.85
C LYS B 1378 -60.88 -37.77 20.32
N TRP B 1379 -61.10 -39.01 20.73
CA TRP B 1379 -61.40 -39.33 22.13
C TRP B 1379 -62.69 -38.63 22.59
N VAL B 1380 -63.57 -38.34 21.64
CA VAL B 1380 -64.87 -37.76 21.95
C VAL B 1380 -66.02 -38.72 21.66
N LEU B 1381 -65.73 -39.97 21.29
CA LEU B 1381 -66.77 -40.92 20.96
C LEU B 1381 -67.09 -41.85 22.13
N HIS B 1382 -66.22 -41.89 23.13
CA HIS B 1382 -66.45 -42.68 24.34
C HIS B 1382 -66.83 -41.82 25.53
N GLN B 1383 -67.28 -40.59 25.31
CA GLN B 1383 -67.72 -39.70 26.37
C GLN B 1383 -69.22 -39.54 26.45
N GLN B 1384 -69.91 -39.58 25.31
CA GLN B 1384 -71.36 -39.43 25.29
C GLN B 1384 -72.03 -40.67 25.88
N GLU B 1385 -73.25 -40.47 26.37
CA GLU B 1385 -74.03 -41.58 26.94
C GLU B 1385 -74.94 -42.19 25.87
N ASP B 1386 -75.81 -41.38 25.28
CA ASP B 1386 -76.70 -41.86 24.22
C ASP B 1386 -75.96 -41.88 22.89
N LEU B 1387 -75.14 -42.91 22.68
CA LEU B 1387 -74.32 -42.96 21.47
C LEU B 1387 -75.16 -42.87 20.22
N ASP B 1388 -76.38 -43.41 20.25
CA ASP B 1388 -77.21 -43.34 19.06
C ASP B 1388 -77.53 -41.90 18.70
N ALA B 1389 -77.96 -41.10 19.68
CA ALA B 1389 -78.33 -39.72 19.38
C ALA B 1389 -77.10 -38.87 19.05
N ALA B 1390 -76.00 -39.08 19.78
CA ALA B 1390 -74.77 -38.36 19.47
C ALA B 1390 -74.30 -38.68 18.06
N MET B 1391 -74.37 -39.95 17.68
CA MET B 1391 -74.01 -40.34 16.32
C MET B 1391 -74.96 -39.71 15.30
N ALA B 1392 -76.25 -39.65 15.62
CA ALA B 1392 -77.20 -39.02 14.70
C ALA B 1392 -76.81 -37.57 14.45
N GLY B 1393 -76.49 -36.86 15.53
CA GLY B 1393 -76.00 -35.50 15.40
C GLY B 1393 -74.72 -35.39 14.60
N PHE B 1394 -73.75 -36.27 14.86
CA PHE B 1394 -72.50 -36.23 14.10
C PHE B 1394 -72.75 -36.48 12.62
N CYS B 1395 -73.53 -37.51 12.29
CA CYS B 1395 -73.81 -37.82 10.89
C CYS B 1395 -74.52 -36.65 10.22
N GLY B 1396 -75.47 -36.04 10.92
CA GLY B 1396 -76.07 -34.82 10.39
C GLY B 1396 -75.02 -33.76 10.13
N PHE B 1397 -74.04 -33.67 11.02
CA PHE B 1397 -72.98 -32.68 10.90
C PHE B 1397 -72.19 -32.83 9.61
N VAL B 1398 -72.26 -33.99 8.98
CA VAL B 1398 -71.45 -34.30 7.80
C VAL B 1398 -72.29 -34.21 6.54
N ARG B 1399 -71.75 -33.50 5.54
CA ARG B 1399 -72.40 -33.42 4.25
C ARG B 1399 -72.46 -34.81 3.62
N PRO B 1400 -73.48 -35.10 2.80
CA PRO B 1400 -73.49 -36.38 2.10
C PRO B 1400 -72.22 -36.57 1.29
N GLY B 1401 -71.62 -37.75 1.40
CA GLY B 1401 -70.33 -38.00 0.83
C GLY B 1401 -69.17 -37.42 1.61
N GLY B 1402 -69.40 -36.97 2.85
CA GLY B 1402 -68.33 -36.49 3.68
C GLY B 1402 -67.68 -37.60 4.48
N PHE B 1403 -66.63 -37.24 5.21
CA PHE B 1403 -65.85 -38.20 5.98
C PHE B 1403 -65.84 -37.83 7.46
N ILE B 1404 -65.56 -38.82 8.29
CA ILE B 1404 -65.45 -38.68 9.73
C ILE B 1404 -64.17 -39.37 10.17
N LEU B 1405 -63.36 -38.68 10.96
CA LEU B 1405 -62.12 -39.25 11.49
C LEU B 1405 -62.34 -39.59 12.97
N VAL B 1406 -62.15 -40.85 13.32
CA VAL B 1406 -62.39 -41.34 14.68
C VAL B 1406 -61.09 -41.92 15.19
N GLN B 1407 -60.77 -41.64 16.45
CA GLN B 1407 -59.61 -42.21 17.12
C GLN B 1407 -60.04 -42.63 18.52
N GLU B 1408 -60.02 -43.93 18.77
CA GLU B 1408 -60.58 -44.49 20.01
C GLU B 1408 -59.57 -45.42 20.68
N PHE B 1409 -59.93 -45.86 21.88
CA PHE B 1409 -59.18 -46.87 22.61
C PHE B 1409 -59.93 -48.19 22.58
N VAL B 1410 -59.17 -49.29 22.53
CA VAL B 1410 -59.77 -50.61 22.52
C VAL B 1410 -59.19 -51.47 23.64
N HIS B 1411 -57.86 -51.56 23.68
CA HIS B 1411 -57.17 -52.43 24.61
C HIS B 1411 -56.60 -51.63 25.77
N ARG B 1412 -56.43 -52.29 26.92
CA ARG B 1412 -55.91 -51.63 28.10
C ARG B 1412 -56.75 -50.40 28.44
N LEU B 1413 -58.01 -50.62 28.78
CA LEU B 1413 -58.91 -49.52 29.10
C LEU B 1413 -58.72 -49.01 30.52
N PRO B 1414 -58.57 -49.90 31.53
CA PRO B 1414 -58.45 -49.41 32.91
C PRO B 1414 -57.41 -48.32 33.06
N THR B 1415 -56.26 -48.52 32.41
CA THR B 1415 -55.30 -47.44 32.28
C THR B 1415 -55.89 -46.35 31.39
N LEU B 1416 -55.73 -45.11 31.83
CA LEU B 1416 -56.39 -43.92 31.27
C LEU B 1416 -57.86 -43.87 31.64
N LEU B 1417 -58.43 -44.97 32.12
CA LEU B 1417 -59.69 -44.85 32.84
C LEU B 1417 -59.44 -44.25 34.20
N ALA B 1418 -58.30 -44.58 34.80
CA ALA B 1418 -57.87 -43.89 36.00
C ALA B 1418 -57.90 -42.37 35.79
N VAL B 1419 -57.43 -41.90 34.64
CA VAL B 1419 -57.41 -40.46 34.38
C VAL B 1419 -58.80 -39.94 34.07
N GLU B 1420 -59.53 -40.63 33.19
CA GLU B 1420 -60.85 -40.16 32.80
C GLU B 1420 -61.78 -40.04 34.01
N ALA B 1421 -61.63 -40.93 34.98
CA ALA B 1421 -62.47 -40.87 36.17
C ALA B 1421 -62.30 -39.53 36.90
N VAL B 1422 -61.19 -38.84 36.66
CA VAL B 1422 -60.95 -37.54 37.25
C VAL B 1422 -61.32 -36.44 36.27
N THR B 1423 -60.60 -36.38 35.15
CA THR B 1423 -60.73 -35.24 34.25
C THR B 1423 -62.02 -35.32 33.44
N ASP B 1424 -62.49 -36.52 33.15
CA ASP B 1424 -63.67 -36.69 32.31
C ASP B 1424 -64.94 -36.59 33.11
N HIS B 1425 -66.03 -36.26 32.43
CA HIS B 1425 -67.33 -36.16 33.08
C HIS B 1425 -67.79 -37.55 33.53
N PRO B 1426 -68.39 -37.67 34.71
CA PRO B 1426 -68.83 -39.00 35.17
C PRO B 1426 -69.91 -39.57 34.27
N LEU B 1427 -69.91 -40.88 34.13
CA LEU B 1427 -70.92 -41.61 33.37
C LEU B 1427 -71.38 -42.81 34.16
N PRO B 1428 -72.62 -43.26 33.95
CA PRO B 1428 -73.13 -44.39 34.73
C PRO B 1428 -72.54 -45.71 34.26
N ARG B 1429 -72.86 -46.76 35.01
CA ARG B 1429 -72.35 -48.10 34.73
C ARG B 1429 -70.86 -48.16 35.03
N ASP B 1433 -71.12 -54.65 25.51
CA ASP B 1433 -71.34 -53.33 24.94
C ASP B 1433 -70.50 -52.29 25.69
N ARG B 1434 -71.06 -51.74 26.76
CA ARG B 1434 -70.33 -50.77 27.58
C ARG B 1434 -69.30 -51.56 28.38
N VAL B 1435 -68.07 -51.62 27.84
CA VAL B 1435 -67.04 -52.47 28.44
C VAL B 1435 -66.86 -52.11 29.92
N LEU B 1436 -66.47 -50.86 30.18
CA LEU B 1436 -66.32 -50.35 31.53
C LEU B 1436 -67.39 -49.32 31.86
N GLY B 1437 -68.49 -49.32 31.09
CA GLY B 1437 -69.48 -48.28 31.18
C GLY B 1437 -69.19 -47.07 30.33
N ARG B 1438 -68.02 -47.03 29.67
CA ARG B 1438 -67.65 -45.87 28.86
C ARG B 1438 -67.01 -46.26 27.53
N TYR B 1439 -66.65 -47.52 27.32
CA TYR B 1439 -65.78 -47.89 26.22
C TYR B 1439 -66.43 -48.96 25.36
N TYR B 1440 -65.95 -49.05 24.12
CA TYR B 1440 -66.46 -49.99 23.12
C TYR B 1440 -65.27 -50.62 22.40
N SER B 1441 -65.44 -51.87 22.00
CA SER B 1441 -64.38 -52.61 21.33
C SER B 1441 -64.28 -52.20 19.86
N ALA B 1442 -63.19 -52.60 19.23
CA ALA B 1442 -62.98 -52.27 17.82
C ALA B 1442 -64.13 -52.79 16.97
N ALA B 1443 -64.44 -54.07 17.10
CA ALA B 1443 -65.56 -54.64 16.34
C ALA B 1443 -66.86 -53.94 16.72
N GLN B 1444 -67.03 -53.62 18.00
CA GLN B 1444 -68.23 -52.89 18.42
C GLN B 1444 -68.26 -51.49 17.81
N TRP B 1445 -67.09 -50.83 17.74
CA TRP B 1445 -67.04 -49.52 17.10
C TRP B 1445 -67.47 -49.62 15.64
N ARG B 1446 -66.99 -50.66 14.95
CA ARG B 1446 -67.35 -50.83 13.55
C ARG B 1446 -68.83 -51.12 13.39
N GLU B 1447 -69.40 -51.91 14.32
CA GLU B 1447 -70.83 -52.13 14.29
C GLU B 1447 -71.60 -50.84 14.48
N LEU B 1448 -71.14 -49.99 15.40
CA LEU B 1448 -71.80 -48.71 15.63
C LEU B 1448 -71.73 -47.83 14.38
N PHE B 1449 -70.57 -47.79 13.73
CA PHE B 1449 -70.46 -47.02 12.50
C PHE B 1449 -71.38 -47.58 11.41
N ARG B 1450 -71.47 -48.90 11.32
CA ARG B 1450 -72.31 -49.52 10.30
C ARG B 1450 -73.78 -49.20 10.52
N ARG B 1451 -74.22 -49.23 11.77
CA ARG B 1451 -75.64 -49.00 12.05
C ARG B 1451 -76.08 -47.59 11.63
N HIS B 1452 -75.14 -46.66 11.52
CA HIS B 1452 -75.45 -45.25 11.32
C HIS B 1452 -74.96 -44.72 9.97
N GLY B 1453 -75.17 -45.48 8.91
CA GLY B 1453 -74.84 -45.02 7.58
C GLY B 1453 -73.43 -44.51 7.47
N LEU B 1454 -72.45 -45.40 7.59
CA LEU B 1454 -71.05 -45.02 7.58
C LEU B 1454 -70.22 -46.24 7.22
N VAL B 1455 -69.37 -46.10 6.21
CA VAL B 1455 -68.48 -47.18 5.79
C VAL B 1455 -67.06 -46.79 6.13
N GLU B 1456 -66.36 -47.65 6.86
CA GLU B 1456 -64.98 -47.40 7.26
C GLU B 1456 -64.10 -47.57 6.03
N VAL B 1457 -63.46 -46.49 5.60
CA VAL B 1457 -62.65 -46.54 4.39
C VAL B 1457 -61.21 -46.87 4.73
N ILE B 1458 -60.72 -46.40 5.86
CA ILE B 1458 -59.36 -46.72 6.33
C ILE B 1458 -59.44 -47.17 7.78
N HIS B 1459 -58.67 -48.19 8.12
CA HIS B 1459 -58.54 -48.68 9.48
C HIS B 1459 -57.06 -48.86 9.80
N ARG B 1460 -56.57 -48.14 10.80
CA ARG B 1460 -55.19 -48.26 11.24
C ARG B 1460 -55.19 -48.57 12.73
N SER B 1461 -54.27 -49.43 13.15
CA SER B 1461 -54.13 -49.86 14.53
C SER B 1461 -52.72 -49.49 15.01
N ASP B 1462 -52.50 -49.58 16.33
CA ASP B 1462 -51.16 -49.43 16.88
C ASP B 1462 -50.84 -50.65 17.74
N GLY B 1463 -51.84 -51.51 17.92
CA GLY B 1463 -51.63 -52.75 18.64
C GLY B 1463 -51.60 -52.62 20.15
N ALA B 1464 -51.56 -51.39 20.66
CA ALA B 1464 -51.49 -51.22 22.11
C ALA B 1464 -52.70 -50.49 22.69
N LEU B 1465 -52.93 -49.25 22.29
CA LEU B 1465 -53.97 -48.44 22.90
C LEU B 1465 -54.98 -47.88 21.91
N ALA B 1466 -54.47 -47.27 20.84
CA ALA B 1466 -55.30 -46.42 19.99
C ALA B 1466 -55.59 -47.10 18.66
N ASP B 1467 -56.76 -46.79 18.11
CA ASP B 1467 -57.16 -47.24 16.78
C ASP B 1467 -57.80 -46.08 16.04
N MET B 1468 -57.35 -45.84 14.81
CA MET B 1468 -57.88 -44.78 13.96
C MET B 1468 -58.74 -45.37 12.85
N PHE B 1469 -59.88 -44.74 12.61
CA PHE B 1469 -60.77 -45.13 11.52
C PHE B 1469 -61.14 -43.88 10.74
N LEU B 1470 -60.99 -43.94 9.42
CA LEU B 1470 -61.56 -42.94 8.54
C LEU B 1470 -62.80 -43.56 7.90
N LEU B 1471 -63.95 -42.98 8.19
CA LEU B 1471 -65.25 -43.47 7.75
C LEU B 1471 -65.86 -42.48 6.76
N ARG B 1472 -66.70 -43.01 5.88
CA ARG B 1472 -67.35 -42.19 4.86
C ARG B 1472 -68.83 -42.49 4.86
N SER B 1473 -69.63 -41.46 4.58
CA SER B 1473 -71.08 -41.59 4.57
C SER B 1473 -71.52 -42.16 3.23
N ARG B 1474 -71.84 -43.44 3.22
CA ARG B 1474 -72.30 -44.10 2.00
C ARG B 1474 -73.57 -43.42 1.50
N PRO B 1480 -76.75 -49.61 -12.04
CA PRO B 1480 -76.23 -49.84 -13.39
C PRO B 1480 -74.92 -49.11 -13.65
N PRO B 1481 -73.81 -49.65 -13.16
CA PRO B 1481 -72.51 -48.99 -13.36
C PRO B 1481 -72.14 -48.95 -14.84
N THR B 1482 -71.36 -47.94 -15.20
CA THR B 1482 -70.89 -47.76 -16.58
C THR B 1482 -69.38 -47.97 -16.58
N VAL B 1483 -68.97 -49.20 -16.86
CA VAL B 1483 -67.54 -49.52 -16.93
C VAL B 1483 -66.99 -49.08 -18.27
N LEU B 1484 -65.68 -48.78 -18.29
CA LEU B 1484 -65.02 -48.32 -19.51
C LEU B 1484 -63.56 -48.75 -19.41
N HIS B 1485 -63.25 -49.89 -20.03
CA HIS B 1485 -61.94 -50.52 -19.89
C HIS B 1485 -60.95 -49.85 -20.83
N LEU B 1486 -60.12 -48.97 -20.28
CA LEU B 1486 -59.10 -48.29 -21.08
C LEU B 1486 -57.83 -49.12 -21.17
N ASP B 1487 -57.99 -50.40 -21.53
CA ASP B 1487 -56.84 -51.30 -21.61
C ASP B 1487 -55.94 -50.94 -22.78
N ASP B 1488 -56.52 -50.41 -23.87
CA ASP B 1488 -55.74 -50.02 -25.02
C ASP B 1488 -54.84 -48.84 -24.69
N LEU B 1489 -53.69 -48.79 -25.36
CA LEU B 1489 -52.74 -47.70 -25.17
C LEU B 1489 -52.48 -46.95 -26.47
N SER B 1490 -53.30 -47.16 -27.49
CA SER B 1490 -53.19 -46.47 -28.76
C SER B 1490 -54.20 -45.35 -28.92
N CYS B 1491 -54.87 -44.95 -27.83
CA CYS B 1491 -55.77 -43.81 -27.80
C CYS B 1491 -57.07 -44.03 -28.55
N SER B 1492 -57.48 -45.28 -28.77
CA SER B 1492 -58.88 -45.52 -29.11
C SER B 1492 -59.78 -45.21 -27.93
N TRP B 1493 -59.31 -45.53 -26.73
CA TRP B 1493 -60.02 -45.13 -25.53
C TRP B 1493 -60.26 -43.63 -25.51
N LEU B 1494 -59.40 -42.85 -26.15
CA LEU B 1494 -59.60 -41.40 -26.17
C LEU B 1494 -60.97 -41.11 -26.74
N GLU B 1495 -61.25 -41.64 -27.93
CA GLU B 1495 -62.54 -41.40 -28.56
C GLU B 1495 -63.67 -42.05 -27.77
N GLU B 1496 -63.45 -43.28 -27.28
CA GLU B 1496 -64.51 -43.96 -26.54
C GLU B 1496 -64.97 -43.11 -25.35
N VAL B 1497 -64.02 -42.71 -24.50
CA VAL B 1497 -64.38 -41.93 -23.32
C VAL B 1497 -64.84 -40.53 -23.69
N LYS B 1498 -64.24 -39.91 -24.72
CA LYS B 1498 -64.70 -38.59 -25.11
C LYS B 1498 -66.17 -38.63 -25.49
N ALA B 1499 -66.61 -39.71 -26.15
CA ALA B 1499 -68.01 -39.86 -26.48
C ALA B 1499 -68.88 -40.22 -25.28
N LYS B 1500 -68.38 -41.09 -24.39
CA LYS B 1500 -69.18 -41.58 -23.27
C LYS B 1500 -69.20 -40.65 -22.07
N TYR B 1501 -68.34 -39.63 -22.04
CA TYR B 1501 -68.17 -38.81 -20.85
C TYR B 1501 -69.10 -37.61 -20.82
N SER B 1502 -69.49 -37.09 -21.98
CA SER B 1502 -70.53 -36.07 -22.01
C SER B 1502 -71.89 -36.64 -21.59
N ASP B 1503 -72.07 -37.95 -21.73
CA ASP B 1503 -73.36 -38.55 -21.40
C ASP B 1503 -73.63 -38.48 -19.90
N LEU B 1504 -72.60 -38.23 -19.10
CA LEU B 1504 -72.81 -38.05 -17.66
C LEU B 1504 -73.61 -36.79 -17.39
N GLU B 1505 -73.32 -35.72 -18.12
CA GLU B 1505 -73.98 -34.43 -17.86
C GLU B 1505 -75.49 -34.57 -18.00
N ALA B 1506 -75.95 -35.16 -19.11
CA ALA B 1506 -77.39 -35.38 -19.27
C ALA B 1506 -77.90 -36.40 -18.27
N MET B 1507 -77.05 -37.32 -17.84
CA MET B 1507 -77.46 -38.36 -16.91
C MET B 1507 -77.75 -37.76 -15.53
N PRO B 1508 -78.51 -38.47 -14.70
CA PRO B 1508 -78.73 -38.00 -13.33
C PRO B 1508 -77.44 -37.97 -12.53
N GLN B 1509 -77.44 -37.17 -11.46
CA GLN B 1509 -76.23 -37.01 -10.65
C GLN B 1509 -75.93 -38.22 -9.78
N ASP B 1510 -76.81 -39.22 -9.75
CA ASP B 1510 -76.59 -40.42 -8.96
C ASP B 1510 -75.80 -41.48 -9.72
N ALA B 1511 -75.38 -41.21 -10.94
CA ALA B 1511 -74.60 -42.13 -11.75
C ALA B 1511 -73.20 -41.58 -11.98
N ARG B 1512 -72.21 -42.46 -11.87
CA ARG B 1512 -70.81 -42.07 -12.02
C ARG B 1512 -70.18 -42.93 -13.11
N LEU B 1513 -69.12 -42.39 -13.71
CA LEU B 1513 -68.38 -43.12 -14.74
C LEU B 1513 -67.31 -43.98 -14.09
N TRP B 1514 -67.28 -45.26 -14.43
CA TRP B 1514 -66.35 -46.22 -13.87
C TRP B 1514 -65.26 -46.51 -14.89
N LEU B 1515 -64.18 -45.74 -14.81
CA LEU B 1515 -63.02 -45.96 -15.67
C LEU B 1515 -62.14 -47.06 -15.08
N VAL B 1516 -61.99 -48.17 -15.78
CA VAL B 1516 -61.26 -49.33 -15.27
C VAL B 1516 -60.05 -49.64 -16.15
N GLY B 1517 -58.86 -49.61 -15.55
CA GLY B 1517 -57.65 -49.84 -16.31
C GLY B 1517 -56.81 -50.99 -15.78
N LYS B 1518 -56.68 -52.07 -16.55
CA LYS B 1518 -55.88 -53.24 -16.18
C LYS B 1518 -54.97 -53.59 -17.35
N SER B 1519 -53.78 -52.97 -17.38
CA SER B 1519 -52.81 -53.18 -18.43
C SER B 1519 -51.42 -53.35 -17.84
N ASP B 1520 -50.46 -53.67 -18.70
CA ASP B 1520 -49.09 -53.88 -18.23
C ASP B 1520 -48.55 -52.64 -17.54
N CYS B 1521 -48.82 -51.47 -18.10
CA CYS B 1521 -48.46 -50.19 -17.49
C CYS B 1521 -49.61 -49.20 -17.62
N ASN B 1522 -50.82 -49.65 -17.30
CA ASN B 1522 -51.98 -48.78 -17.39
C ASN B 1522 -51.68 -47.44 -16.76
N GLY B 1523 -51.94 -46.37 -17.51
CA GLY B 1523 -51.49 -45.06 -17.08
C GLY B 1523 -52.59 -44.18 -16.53
N MET B 1524 -53.73 -44.76 -16.19
CA MET B 1524 -54.89 -43.94 -15.88
C MET B 1524 -54.67 -43.02 -14.69
N LEU B 1525 -53.66 -43.31 -13.86
CA LEU B 1525 -53.55 -42.56 -12.61
C LEU B 1525 -53.39 -41.07 -12.92
N GLY B 1526 -52.36 -40.73 -13.69
CA GLY B 1526 -52.14 -39.33 -14.02
C GLY B 1526 -53.22 -38.75 -14.91
N PHE B 1527 -53.72 -39.55 -15.87
CA PHE B 1527 -54.75 -39.05 -16.76
C PHE B 1527 -55.98 -38.61 -15.98
N PHE B 1528 -56.46 -39.48 -15.08
CA PHE B 1528 -57.62 -39.11 -14.26
C PHE B 1528 -57.27 -38.00 -13.29
N ASN B 1529 -56.04 -37.98 -12.78
CA ASN B 1529 -55.66 -36.91 -11.87
C ASN B 1529 -55.84 -35.56 -12.55
N CYS B 1530 -55.47 -35.47 -13.83
CA CYS B 1530 -55.68 -34.23 -14.57
C CYS B 1530 -57.15 -34.04 -14.92
N LEU B 1531 -57.83 -35.10 -15.33
CA LEU B 1531 -59.22 -35.00 -15.76
C LEU B 1531 -60.12 -34.53 -14.63
N ARG B 1532 -59.75 -34.83 -13.39
CA ARG B 1532 -60.62 -34.50 -12.27
C ARG B 1532 -60.88 -33.00 -12.19
N GLN B 1533 -59.86 -32.18 -12.46
CA GLN B 1533 -60.02 -30.74 -12.35
C GLN B 1533 -61.06 -30.22 -13.31
N GLU B 1534 -61.14 -30.80 -14.51
CA GLU B 1534 -62.02 -30.27 -15.54
C GLU B 1534 -63.47 -30.34 -15.08
N PRO B 1535 -64.33 -29.41 -15.48
CA PRO B 1535 -65.73 -29.48 -15.06
C PRO B 1535 -66.43 -30.69 -15.66
N GLY B 1536 -67.44 -31.18 -14.95
CA GLY B 1536 -68.19 -32.36 -15.36
C GLY B 1536 -67.51 -33.66 -15.03
N SER B 1537 -66.36 -33.64 -14.37
CA SER B 1537 -65.63 -34.84 -13.98
C SER B 1537 -65.95 -35.30 -12.58
N GLU B 1538 -66.84 -34.60 -11.87
CA GLU B 1538 -67.10 -34.94 -10.47
C GLU B 1538 -67.56 -36.38 -10.33
N ARG B 1539 -68.44 -36.83 -11.22
CA ARG B 1539 -69.01 -38.18 -11.15
C ARG B 1539 -68.23 -39.18 -11.99
N VAL B 1540 -66.92 -39.22 -11.80
CA VAL B 1540 -66.04 -40.12 -12.56
C VAL B 1540 -65.16 -40.86 -11.56
N ARG B 1541 -65.11 -42.19 -11.66
CA ARG B 1541 -64.33 -43.02 -10.76
C ARG B 1541 -63.25 -43.76 -11.55
N CYS B 1542 -62.03 -43.77 -11.02
CA CYS B 1542 -60.90 -44.45 -11.62
C CYS B 1542 -60.56 -45.70 -10.83
N VAL B 1543 -60.18 -46.75 -11.54
CA VAL B 1543 -59.78 -48.02 -10.92
C VAL B 1543 -58.53 -48.51 -11.65
N GLN B 1544 -57.38 -48.36 -11.00
CA GLN B 1544 -56.11 -48.83 -11.52
C GLN B 1544 -55.81 -50.21 -10.94
N VAL B 1545 -55.43 -51.14 -11.80
CA VAL B 1545 -55.09 -52.50 -11.39
C VAL B 1545 -53.63 -52.75 -11.73
N CYS B 1546 -52.86 -53.19 -10.74
CA CYS B 1546 -51.44 -53.50 -10.92
C CYS B 1546 -51.16 -54.88 -10.34
N GLY B 1547 -50.30 -55.63 -11.01
CA GLY B 1547 -49.90 -56.94 -10.54
C GLY B 1547 -50.90 -58.01 -10.92
N ASP B 1548 -50.60 -59.23 -10.48
CA ASP B 1548 -51.42 -60.39 -10.82
C ASP B 1548 -52.59 -60.53 -9.85
N SER B 1549 -53.27 -61.68 -9.90
CA SER B 1549 -54.47 -61.88 -9.10
C SER B 1549 -55.48 -60.79 -9.41
N VAL B 1550 -55.73 -60.57 -10.70
CA VAL B 1550 -56.60 -59.48 -11.14
C VAL B 1550 -57.96 -59.65 -10.47
N PRO B 1551 -58.45 -58.65 -9.75
CA PRO B 1551 -59.78 -58.77 -9.13
C PRO B 1551 -60.87 -58.78 -10.18
N ASP B 1552 -61.99 -59.43 -9.85
CA ASP B 1552 -63.15 -59.46 -10.74
C ASP B 1552 -63.81 -58.10 -10.78
N LEU B 1553 -63.57 -57.34 -11.86
CA LEU B 1553 -64.14 -56.01 -12.01
C LEU B 1553 -65.33 -56.00 -12.98
N SER B 1554 -65.79 -57.18 -13.37
CA SER B 1554 -66.99 -57.25 -14.20
C SER B 1554 -68.21 -56.78 -13.41
N PRO B 1555 -69.17 -56.12 -14.05
CA PRO B 1555 -70.38 -55.72 -13.31
C PRO B 1555 -71.07 -56.93 -12.72
N GLY B 1556 -71.49 -56.84 -11.46
CA GLY B 1556 -72.06 -57.96 -10.76
C GLY B 1556 -71.05 -58.80 -10.00
N SER B 1557 -69.84 -58.29 -9.77
CA SER B 1557 -68.82 -59.01 -9.05
C SER B 1557 -68.75 -58.53 -7.60
N ALA B 1558 -68.42 -59.45 -6.70
CA ALA B 1558 -68.32 -59.11 -5.29
C ALA B 1558 -67.36 -57.93 -5.08
N GLU B 1559 -66.24 -57.93 -5.79
CA GLU B 1559 -65.32 -56.81 -5.70
C GLU B 1559 -66.00 -55.50 -6.04
N PHE B 1560 -66.89 -55.52 -7.05
CA PHE B 1560 -67.51 -54.27 -7.49
C PHE B 1560 -68.50 -53.76 -6.45
N LYS B 1561 -69.25 -54.67 -5.83
CA LYS B 1561 -70.13 -54.25 -4.74
C LYS B 1561 -69.32 -53.68 -3.58
N TYR B 1562 -68.21 -54.34 -3.26
CA TYR B 1562 -67.34 -53.85 -2.19
C TYR B 1562 -66.80 -52.46 -2.51
N LEU B 1563 -66.48 -52.22 -3.78
CA LEU B 1563 -65.95 -50.92 -4.18
C LEU B 1563 -67.03 -49.84 -4.13
N ALA B 1564 -68.20 -50.14 -4.71
CA ALA B 1564 -69.30 -49.19 -4.67
C ALA B 1564 -69.78 -48.90 -3.26
N GLU B 1565 -69.55 -49.80 -2.32
CA GLU B 1565 -69.89 -49.53 -0.93
C GLU B 1565 -69.16 -48.31 -0.39
N MET B 1566 -68.00 -47.95 -0.96
CA MET B 1566 -67.28 -46.76 -0.57
C MET B 1566 -67.40 -45.64 -1.61
N ASP B 1567 -67.26 -45.97 -2.89
CA ASP B 1567 -67.34 -45.00 -3.96
C ASP B 1567 -66.28 -43.91 -3.77
N LEU B 1568 -65.03 -44.35 -3.86
CA LEU B 1568 -63.87 -43.47 -3.76
C LEU B 1568 -63.35 -43.11 -5.14
N ALA B 1569 -62.89 -41.87 -5.28
CA ALA B 1569 -62.41 -41.40 -6.58
C ALA B 1569 -61.21 -42.21 -7.05
N PHE B 1570 -60.18 -42.31 -6.22
CA PHE B 1570 -58.93 -43.00 -6.57
C PHE B 1570 -58.86 -44.30 -5.79
N ASN B 1571 -59.04 -45.40 -6.50
CA ASN B 1571 -58.99 -46.73 -5.91
C ASN B 1571 -58.02 -47.58 -6.73
N VAL B 1572 -57.07 -48.23 -6.07
CA VAL B 1572 -56.05 -49.02 -6.75
C VAL B 1572 -56.02 -50.40 -6.13
N HIS B 1573 -55.60 -51.39 -6.92
CA HIS B 1573 -55.42 -52.75 -6.46
C HIS B 1573 -53.97 -53.15 -6.66
N LYS B 1574 -53.39 -53.82 -5.67
CA LYS B 1574 -51.98 -54.20 -5.77
C LYS B 1574 -51.68 -55.22 -4.69
N ASP B 1575 -50.90 -56.24 -5.06
CA ASP B 1575 -50.52 -57.30 -4.13
C ASP B 1575 -51.75 -57.98 -3.53
N GLY B 1576 -52.87 -57.96 -4.26
CA GLY B 1576 -54.09 -58.58 -3.80
C GLY B 1576 -54.90 -57.75 -2.81
N LYS B 1577 -54.46 -56.54 -2.48
CA LYS B 1577 -55.17 -55.70 -1.54
C LYS B 1577 -55.47 -54.35 -2.20
N TRP B 1578 -56.54 -53.71 -1.73
CA TRP B 1578 -56.99 -52.44 -2.27
C TRP B 1578 -56.38 -51.31 -1.46
N GLY B 1579 -55.75 -50.36 -2.17
CA GLY B 1579 -55.19 -49.19 -1.51
C GLY B 1579 -55.30 -47.94 -2.35
N VAL B 1580 -54.49 -46.94 -2.04
CA VAL B 1580 -54.52 -45.66 -2.73
C VAL B 1580 -53.10 -45.22 -3.00
N TYR B 1581 -52.84 -44.70 -4.19
CA TYR B 1581 -51.52 -44.21 -4.56
C TYR B 1581 -51.36 -42.79 -4.07
N ARG B 1582 -50.71 -42.59 -2.92
CA ARG B 1582 -50.61 -41.29 -2.29
C ARG B 1582 -49.15 -40.85 -2.18
N HIS B 1583 -48.98 -39.55 -1.99
CA HIS B 1583 -47.68 -38.96 -1.68
C HIS B 1583 -47.41 -39.14 -0.20
N LEU B 1584 -46.14 -39.26 0.15
CA LEU B 1584 -45.73 -39.30 1.55
C LEU B 1584 -44.46 -38.47 1.70
N ALA B 1585 -44.43 -37.60 2.69
CA ALA B 1585 -43.30 -36.70 2.86
C ALA B 1585 -42.05 -37.49 3.23
N ILE B 1586 -40.91 -36.90 2.93
CA ILE B 1586 -39.60 -37.45 3.28
C ILE B 1586 -38.99 -36.52 4.31
N THR B 1587 -38.87 -37.01 5.54
CA THR B 1587 -38.36 -36.20 6.62
C THR B 1587 -36.87 -35.97 6.47
N ASP B 1588 -36.38 -34.88 7.07
CA ASP B 1588 -34.95 -34.61 7.03
C ASP B 1588 -34.14 -35.72 7.68
N ASP B 1589 -34.75 -36.51 8.57
CA ASP B 1589 -34.06 -37.68 9.09
C ASP B 1589 -33.79 -38.71 8.01
N GLN B 1590 -34.48 -38.63 6.88
CA GLN B 1590 -34.28 -39.54 5.77
C GLN B 1590 -33.52 -38.92 4.61
N ARG B 1591 -33.32 -37.61 4.62
CA ARG B 1591 -32.51 -36.95 3.61
C ARG B 1591 -31.03 -36.87 4.01
N ARG B 1592 -30.66 -37.46 5.15
CA ARG B 1592 -29.27 -37.52 5.58
C ARG B 1592 -28.93 -38.89 6.14
N GLN B 1593 -29.65 -39.93 5.75
CA GLN B 1593 -29.39 -41.27 6.26
C GLN B 1593 -28.05 -41.74 5.71
N GLN B 1594 -27.01 -41.65 6.53
CA GLN B 1594 -25.67 -42.02 6.08
C GLN B 1594 -25.59 -43.52 5.84
N PHE B 1595 -25.07 -43.90 4.70
CA PHE B 1595 -24.97 -45.29 4.31
C PHE B 1595 -23.50 -45.74 4.34
N PRO B 1596 -23.26 -47.05 4.39
CA PRO B 1596 -21.88 -47.54 4.38
C PRO B 1596 -21.29 -47.49 2.98
N THR B 1597 -20.09 -46.93 2.87
CA THR B 1597 -19.37 -46.82 1.61
C THR B 1597 -17.91 -47.19 1.85
N GLU B 1598 -17.24 -47.67 0.80
CA GLU B 1598 -15.86 -48.10 0.95
C GLU B 1598 -14.87 -46.95 0.92
N HIS B 1599 -15.28 -45.78 0.43
CA HIS B 1599 -14.46 -44.59 0.47
C HIS B 1599 -15.34 -43.39 0.82
N ALA B 1600 -14.74 -42.39 1.47
CA ALA B 1600 -15.50 -41.23 1.90
C ALA B 1600 -14.54 -40.10 2.21
N PHE B 1601 -15.03 -38.87 2.05
CA PHE B 1601 -14.25 -37.68 2.40
C PHE B 1601 -15.14 -36.68 3.12
N VAL B 1602 -14.54 -35.89 3.99
CA VAL B 1602 -15.32 -34.96 4.80
C VAL B 1602 -15.59 -33.70 4.00
N ASP B 1603 -16.79 -33.16 4.14
CA ASP B 1603 -17.16 -31.93 3.46
C ASP B 1603 -18.26 -31.24 4.24
N THR B 1604 -18.43 -29.95 3.95
CA THR B 1604 -19.42 -29.13 4.61
C THR B 1604 -20.65 -29.01 3.72
N LEU B 1605 -21.79 -29.49 4.21
CA LEU B 1605 -23.01 -29.40 3.43
C LEU B 1605 -23.37 -27.96 3.13
N THR B 1606 -23.64 -27.17 4.16
CA THR B 1606 -23.93 -25.75 4.01
C THR B 1606 -22.63 -24.97 4.13
N SER B 1607 -22.09 -24.55 2.98
CA SER B 1607 -20.78 -23.93 2.97
C SER B 1607 -20.71 -22.77 3.94
N GLY B 1608 -19.68 -22.74 4.76
CA GLY B 1608 -19.46 -21.66 5.70
C GLY B 1608 -19.69 -22.03 7.16
N ASP B 1609 -20.33 -23.16 7.46
CA ASP B 1609 -20.66 -23.53 8.83
C ASP B 1609 -19.84 -24.74 9.23
N LEU B 1610 -19.13 -24.61 10.35
CA LEU B 1610 -18.28 -25.68 10.87
C LEU B 1610 -19.06 -26.73 11.63
N SER B 1611 -20.37 -26.59 11.72
CA SER B 1611 -21.20 -27.54 12.46
C SER B 1611 -21.80 -28.61 11.57
N THR B 1612 -21.57 -28.55 10.26
CA THR B 1612 -22.18 -29.47 9.31
C THR B 1612 -21.19 -30.44 8.67
N LEU B 1613 -19.92 -30.38 9.05
CA LEU B 1613 -18.92 -31.24 8.44
C LEU B 1613 -19.34 -32.69 8.60
N THR B 1614 -19.29 -33.46 7.51
CA THR B 1614 -19.73 -34.83 7.55
C THR B 1614 -19.10 -35.61 6.41
N TRP B 1615 -19.18 -36.94 6.50
CA TRP B 1615 -18.56 -37.81 5.51
C TRP B 1615 -19.50 -38.02 4.33
N VAL B 1616 -18.98 -37.80 3.13
CA VAL B 1616 -19.74 -37.95 1.90
C VAL B 1616 -19.02 -38.95 1.02
N ARG B 1617 -19.78 -39.81 0.36
CA ARG B 1617 -19.22 -40.77 -0.56
C ARG B 1617 -18.25 -40.08 -1.51
N SER B 1618 -17.26 -40.82 -1.97
CA SER B 1618 -16.27 -40.24 -2.85
C SER B 1618 -16.33 -40.87 -4.23
N PRO B 1619 -15.98 -40.12 -5.28
CA PRO B 1619 -16.03 -40.69 -6.63
C PRO B 1619 -15.11 -41.86 -6.82
N LEU B 1620 -14.09 -42.02 -5.98
CA LEU B 1620 -13.22 -43.17 -6.10
C LEU B 1620 -13.99 -44.47 -5.98
N ASN B 1621 -15.14 -44.44 -5.32
CA ASN B 1621 -15.96 -45.64 -5.19
C ASN B 1621 -16.43 -46.14 -6.54
N LEU B 1622 -16.40 -45.31 -7.57
CA LEU B 1622 -16.82 -45.67 -8.92
C LEU B 1622 -15.67 -46.11 -9.80
N HIS B 1623 -14.54 -46.48 -9.21
CA HIS B 1623 -13.36 -46.90 -9.97
C HIS B 1623 -12.93 -45.82 -10.96
N ALA B 1624 -13.15 -44.56 -10.61
CA ALA B 1624 -12.66 -43.42 -11.39
C ALA B 1624 -11.27 -43.00 -10.91
N SER B 1625 -10.53 -43.94 -10.32
CA SER B 1625 -9.22 -43.66 -9.76
C SER B 1625 -8.16 -43.41 -10.84
N SER B 1626 -8.45 -43.69 -12.09
CA SER B 1626 -7.49 -43.48 -13.18
C SER B 1626 -7.54 -42.01 -13.59
N GLU B 1627 -6.39 -41.35 -13.53
CA GLU B 1627 -6.25 -39.97 -13.96
C GLU B 1627 -5.43 -39.91 -15.23
N LYS B 1628 -5.91 -39.15 -16.22
CA LYS B 1628 -5.24 -39.08 -17.51
C LYS B 1628 -3.85 -38.48 -17.36
N GLY B 1629 -3.74 -37.40 -16.61
CA GLY B 1629 -2.46 -36.74 -16.39
C GLY B 1629 -1.51 -37.55 -15.53
N GLN B 1630 -0.27 -37.68 -15.98
CA GLN B 1630 0.76 -38.36 -15.21
C GLN B 1630 0.30 -39.74 -14.76
N ASP B 1631 1.03 -40.35 -13.83
CA ASP B 1631 0.64 -41.59 -13.20
C ASP B 1631 0.28 -41.32 -11.75
N CYS B 1632 -0.83 -41.91 -11.31
CA CYS B 1632 -1.35 -41.68 -9.98
C CYS B 1632 -1.48 -43.00 -9.25
N GLU B 1633 -1.37 -42.94 -7.93
CA GLU B 1633 -1.43 -44.11 -7.07
C GLU B 1633 -2.51 -43.89 -6.03
N LEU B 1634 -3.36 -44.88 -5.83
CA LEU B 1634 -4.44 -44.76 -4.87
C LEU B 1634 -3.98 -45.31 -3.52
N CYS B 1635 -3.85 -44.42 -2.55
CA CYS B 1635 -3.37 -44.76 -1.22
C CYS B 1635 -4.54 -44.84 -0.25
N THR B 1636 -4.49 -45.83 0.65
CA THR B 1636 -5.49 -46.02 1.67
C THR B 1636 -5.05 -45.30 2.93
N VAL B 1637 -5.67 -44.16 3.21
CA VAL B 1637 -5.24 -43.31 4.31
C VAL B 1637 -5.46 -44.03 5.64
N TYR B 1638 -4.52 -43.85 6.56
CA TYR B 1638 -4.62 -44.34 7.92
C TYR B 1638 -4.68 -43.25 8.96
N MET B 1639 -3.93 -42.16 8.78
CA MET B 1639 -3.93 -41.03 9.70
C MET B 1639 -3.90 -39.76 8.87
N ALA B 1640 -5.00 -39.02 8.87
CA ALA B 1640 -5.16 -37.84 8.01
C ALA B 1640 -5.02 -36.59 8.87
N GLY B 1641 -4.07 -35.74 8.51
CA GLY B 1641 -3.83 -34.55 9.29
C GLY B 1641 -4.79 -33.43 8.96
N VAL B 1642 -4.77 -32.40 9.80
CA VAL B 1642 -5.59 -31.21 9.62
C VAL B 1642 -4.72 -29.98 9.87
N VAL B 1643 -4.87 -28.98 9.01
CA VAL B 1643 -4.03 -27.80 9.06
C VAL B 1643 -4.92 -26.57 9.15
N SER B 1644 -4.33 -25.41 9.48
CA SER B 1644 -5.12 -24.18 9.55
C SER B 1644 -5.79 -23.88 8.21
N ARG B 1645 -5.22 -24.34 7.11
CA ARG B 1645 -5.83 -24.12 5.80
C ARG B 1645 -7.19 -24.79 5.74
N ASP B 1646 -7.31 -26.00 6.27
CA ASP B 1646 -8.58 -26.71 6.23
C ASP B 1646 -9.65 -25.95 6.99
N LEU B 1647 -9.30 -25.39 8.15
CA LEU B 1647 -10.25 -24.56 8.88
C LEU B 1647 -10.61 -23.31 8.09
N ALA B 1648 -9.62 -22.67 7.48
CA ALA B 1648 -9.90 -21.45 6.71
C ALA B 1648 -10.90 -21.76 5.61
N LEU B 1649 -10.79 -22.93 4.99
CA LEU B 1649 -11.74 -23.28 3.94
C LEU B 1649 -13.11 -23.64 4.50
N ALA B 1650 -13.15 -24.47 5.54
CA ALA B 1650 -14.43 -24.93 6.07
C ALA B 1650 -15.23 -23.77 6.65
N CYS B 1651 -14.57 -22.88 7.38
CA CYS B 1651 -15.27 -21.78 8.04
C CYS B 1651 -15.94 -20.87 7.03
N GLY B 1652 -15.29 -20.61 5.90
CA GLY B 1652 -15.76 -19.67 4.91
C GLY B 1652 -14.87 -18.47 4.72
N LYS B 1653 -13.77 -18.36 5.46
CA LYS B 1653 -12.85 -17.24 5.28
C LYS B 1653 -12.22 -17.27 3.89
N LEU B 1654 -11.94 -18.46 3.37
CA LEU B 1654 -11.28 -18.63 2.09
C LEU B 1654 -12.24 -19.32 1.14
N ARG B 1655 -12.64 -18.62 0.08
CA ARG B 1655 -13.62 -19.17 -0.84
C ARG B 1655 -12.99 -20.23 -1.73
N ARG B 1656 -13.82 -21.15 -2.21
CA ARG B 1656 -13.31 -22.20 -3.10
C ARG B 1656 -12.61 -21.61 -4.30
N ASP B 1657 -13.24 -20.63 -4.95
CA ASP B 1657 -12.68 -20.10 -6.19
C ASP B 1657 -11.30 -19.50 -6.00
N GLU B 1658 -10.96 -19.10 -4.78
CA GLU B 1658 -9.64 -18.54 -4.52
C GLU B 1658 -8.55 -19.61 -4.63
N LEU B 1659 -8.92 -20.92 -4.53
CA LEU B 1659 -7.93 -21.98 -4.66
C LEU B 1659 -7.40 -22.07 -6.09
N PRO B 1660 -6.20 -22.59 -6.28
CA PRO B 1660 -5.62 -22.65 -7.62
C PRO B 1660 -6.47 -23.50 -8.55
N ALA B 1661 -6.46 -23.13 -9.83
CA ALA B 1661 -7.06 -23.97 -10.85
C ALA B 1661 -6.46 -25.36 -10.77
N GLY B 1662 -7.33 -26.36 -10.64
CA GLY B 1662 -6.88 -27.73 -10.46
C GLY B 1662 -7.28 -28.26 -9.11
N MET B 1663 -7.54 -27.36 -8.17
CA MET B 1663 -8.14 -27.69 -6.90
C MET B 1663 -9.58 -27.23 -6.77
N PHE B 1664 -10.02 -26.30 -7.62
CA PHE B 1664 -11.41 -25.87 -7.64
C PHE B 1664 -12.32 -26.92 -8.25
N CYS B 1665 -11.88 -27.61 -9.30
CA CYS B 1665 -12.67 -28.64 -9.94
C CYS B 1665 -12.67 -29.94 -9.16
N LYS B 1666 -11.87 -30.04 -8.09
CA LYS B 1666 -11.75 -31.28 -7.35
C LYS B 1666 -13.04 -31.60 -6.62
N GLU B 1667 -13.05 -32.78 -6.00
CA GLU B 1667 -14.27 -33.26 -5.35
C GLU B 1667 -14.53 -32.50 -4.06
N GLY B 1668 -13.61 -32.59 -3.11
CA GLY B 1668 -13.65 -31.79 -1.91
C GLY B 1668 -12.51 -30.79 -1.90
N THR B 1669 -12.31 -30.15 -0.75
CA THR B 1669 -11.21 -29.21 -0.65
C THR B 1669 -10.52 -29.21 0.71
N LEU B 1670 -10.64 -30.27 1.50
CA LEU B 1670 -10.19 -30.28 2.90
C LEU B 1670 -9.05 -31.28 3.07
N GLY B 1671 -7.99 -30.85 3.75
CA GLY B 1671 -6.91 -31.75 4.14
C GLY B 1671 -5.90 -31.99 3.05
N ILE B 1672 -4.61 -31.90 3.38
CA ILE B 1672 -3.57 -32.16 2.37
C ILE B 1672 -2.67 -33.29 2.83
N GLU B 1673 -2.13 -33.20 4.04
CA GLU B 1673 -1.22 -34.24 4.51
C GLU B 1673 -1.95 -35.57 4.63
N PHE B 1674 -1.22 -36.65 4.43
CA PHE B 1674 -1.79 -37.98 4.67
C PHE B 1674 -0.64 -38.97 4.86
N SER B 1675 -0.99 -40.13 5.39
CA SER B 1675 -0.01 -41.18 5.61
C SER B 1675 -0.74 -42.51 5.73
N GLY B 1676 -0.24 -43.50 5.02
CA GLY B 1676 -0.87 -44.81 5.01
C GLY B 1676 -0.20 -45.73 4.02
N ARG B 1677 -0.77 -46.92 3.88
CA ARG B 1677 -0.19 -47.90 2.98
C ARG B 1677 -0.53 -47.59 1.54
N ASP B 1678 0.48 -47.64 0.68
CA ASP B 1678 0.30 -47.52 -0.76
C ASP B 1678 -0.13 -48.87 -1.32
N THR B 1679 -0.35 -48.94 -2.62
CA THR B 1679 -0.57 -50.22 -3.27
C THR B 1679 0.60 -51.16 -2.97
N LYS B 1680 0.26 -52.41 -2.70
CA LYS B 1680 1.20 -53.43 -2.24
C LYS B 1680 1.52 -53.25 -0.76
N GLY B 1681 1.11 -52.12 -0.18
CA GLY B 1681 1.16 -51.97 1.26
C GLY B 1681 2.32 -51.16 1.83
N LYS B 1682 3.35 -50.86 1.04
CA LYS B 1682 4.50 -50.15 1.58
C LYS B 1682 4.06 -48.81 2.16
N ARG B 1683 4.37 -48.59 3.44
CA ARG B 1683 3.88 -47.41 4.14
C ARG B 1683 4.50 -46.16 3.55
N VAL B 1684 3.66 -45.18 3.21
CA VAL B 1684 4.10 -43.93 2.61
C VAL B 1684 3.40 -42.78 3.30
N MET B 1685 3.84 -41.57 2.99
CA MET B 1685 3.24 -40.36 3.54
C MET B 1685 3.50 -39.22 2.57
N GLY B 1686 2.73 -38.15 2.74
CA GLY B 1686 2.98 -36.95 1.97
C GLY B 1686 1.77 -36.08 1.72
N LEU B 1687 1.99 -34.97 1.01
CA LEU B 1687 0.93 -34.08 0.60
C LEU B 1687 0.27 -34.62 -0.67
N CYS B 1688 -0.86 -34.03 -1.03
CA CYS B 1688 -1.58 -34.47 -2.20
C CYS B 1688 -2.63 -33.43 -2.56
N ALA B 1689 -3.51 -33.77 -3.50
CA ALA B 1689 -4.61 -32.91 -3.87
C ALA B 1689 -5.51 -32.71 -2.65
N PRO B 1690 -6.48 -31.82 -2.74
CA PRO B 1690 -7.27 -31.46 -1.57
C PRO B 1690 -7.96 -32.65 -0.93
N PRO B 1691 -8.59 -33.54 -1.70
CA PRO B 1691 -9.38 -34.58 -1.04
C PRO B 1691 -8.51 -35.59 -0.29
N ALA B 1692 -7.71 -35.08 0.65
CA ALA B 1692 -6.80 -35.92 1.42
C ALA B 1692 -7.41 -36.37 2.74
N LEU B 1693 -8.17 -35.50 3.39
CA LEU B 1693 -8.81 -35.86 4.64
C LEU B 1693 -9.95 -36.84 4.34
N ALA B 1694 -9.59 -38.03 3.88
CA ALA B 1694 -10.55 -39.00 3.38
C ALA B 1694 -10.01 -40.40 3.63
N SER B 1695 -10.85 -41.40 3.38
CA SER B 1695 -10.45 -42.78 3.59
C SER B 1695 -9.68 -43.35 2.40
N SER B 1696 -9.44 -42.56 1.36
CA SER B 1696 -8.63 -42.99 0.23
C SER B 1696 -8.29 -41.76 -0.59
N VAL B 1697 -7.06 -41.68 -1.08
CA VAL B 1697 -6.59 -40.50 -1.80
C VAL B 1697 -5.85 -40.93 -3.05
N LEU B 1698 -6.10 -40.24 -4.15
CA LEU B 1698 -5.42 -40.52 -5.40
C LEU B 1698 -4.24 -39.56 -5.53
N CYS B 1699 -3.08 -39.97 -5.01
CA CYS B 1699 -1.90 -39.14 -5.06
C CYS B 1699 -1.24 -39.23 -6.44
N LEU B 1700 -0.33 -38.29 -6.71
CA LEU B 1700 0.30 -38.17 -8.01
C LEU B 1700 1.60 -38.95 -8.13
N ARG B 1701 1.93 -39.78 -7.13
CA ARG B 1701 3.11 -40.64 -7.18
C ARG B 1701 4.40 -39.83 -7.04
N SER B 1702 4.30 -38.50 -7.10
CA SER B 1702 5.47 -37.68 -6.88
C SER B 1702 5.48 -37.12 -5.45
N SER B 1703 4.29 -37.03 -4.85
CA SER B 1703 4.17 -36.58 -3.47
C SER B 1703 4.00 -37.78 -2.53
N LEU B 1704 5.06 -38.58 -2.44
CA LEU B 1704 5.04 -39.76 -1.59
C LEU B 1704 6.45 -40.02 -1.07
N TRP B 1705 6.60 -40.02 0.24
CA TRP B 1705 7.82 -40.42 0.92
C TRP B 1705 7.59 -41.76 1.60
N SER B 1706 8.57 -42.64 1.54
CA SER B 1706 8.46 -43.91 2.24
C SER B 1706 8.68 -43.71 3.73
N VAL B 1707 7.83 -44.32 4.55
CA VAL B 1707 7.94 -44.23 5.99
C VAL B 1707 9.13 -45.08 6.43
N PRO B 1708 10.09 -44.54 7.17
CA PRO B 1708 11.20 -45.37 7.67
C PRO B 1708 10.70 -46.32 8.75
N GLN B 1709 11.62 -47.12 9.27
CA GLN B 1709 11.31 -47.92 10.44
C GLN B 1709 11.30 -47.02 11.68
N HIS B 1710 10.91 -47.61 12.81
CA HIS B 1710 10.82 -46.91 14.09
C HIS B 1710 9.90 -45.71 14.04
N TRP B 1711 9.05 -45.61 13.02
CA TRP B 1711 8.11 -44.50 12.86
C TRP B 1711 6.73 -45.09 12.63
N SER B 1712 5.93 -45.16 13.69
CA SER B 1712 4.55 -45.61 13.53
C SER B 1712 3.76 -44.56 12.78
N LEU B 1713 2.73 -45.02 12.06
CA LEU B 1713 1.95 -44.12 11.22
C LEU B 1713 1.36 -42.97 12.01
N GLU B 1714 1.13 -43.15 13.31
CA GLU B 1714 0.64 -42.04 14.12
C GLU B 1714 1.61 -40.86 14.10
N GLU B 1715 2.89 -41.12 13.84
CA GLU B 1715 3.91 -40.09 13.85
C GLU B 1715 4.23 -39.55 12.45
N ALA B 1716 4.14 -40.40 11.44
CA ALA B 1716 4.48 -39.97 10.09
C ALA B 1716 3.52 -38.92 9.57
N ALA B 1717 2.32 -38.82 10.13
CA ALA B 1717 1.35 -37.83 9.68
C ALA B 1717 1.74 -36.41 10.04
N THR B 1718 2.77 -36.23 10.87
CA THR B 1718 3.18 -34.91 11.31
C THR B 1718 4.29 -34.30 10.47
N VAL B 1719 5.13 -35.13 9.85
CA VAL B 1719 6.24 -34.60 9.06
C VAL B 1719 5.77 -33.73 7.91
N PRO B 1720 4.78 -34.14 7.10
CA PRO B 1720 4.42 -33.34 5.93
C PRO B 1720 3.76 -32.02 6.34
N VAL B 1721 3.68 -31.12 5.36
CA VAL B 1721 3.21 -29.74 5.54
C VAL B 1721 4.09 -29.03 6.55
N ALA B 1722 4.26 -29.58 7.75
CA ALA B 1722 5.13 -28.94 8.73
C ALA B 1722 6.53 -28.76 8.16
N TYR B 1723 7.23 -29.87 7.92
CA TYR B 1723 8.58 -29.76 7.40
C TYR B 1723 8.59 -29.34 5.94
N SER B 1724 7.53 -29.64 5.18
CA SER B 1724 7.47 -29.20 3.80
C SER B 1724 7.52 -27.68 3.72
N THR B 1725 6.65 -27.00 4.47
CA THR B 1725 6.69 -25.55 4.51
C THR B 1725 7.97 -25.03 5.13
N ALA B 1726 8.47 -25.69 6.19
CA ALA B 1726 9.72 -25.25 6.77
C ALA B 1726 10.82 -25.19 5.72
N TYR B 1727 11.02 -26.29 5.00
CA TYR B 1727 12.08 -26.33 3.99
C TYR B 1727 11.80 -25.39 2.83
N TYR B 1728 10.56 -25.37 2.34
CA TYR B 1728 10.20 -24.52 1.22
C TYR B 1728 10.36 -23.05 1.54
N ALA B 1729 10.24 -22.66 2.80
CA ALA B 1729 10.40 -21.26 3.17
C ALA B 1729 11.86 -20.92 3.46
N LEU B 1730 12.52 -21.72 4.29
CA LEU B 1730 13.88 -21.37 4.70
C LEU B 1730 14.90 -21.67 3.61
N VAL B 1731 14.76 -22.79 2.91
CA VAL B 1731 15.81 -23.24 1.99
C VAL B 1731 15.50 -22.83 0.56
N ILE B 1732 14.38 -23.30 0.02
CA ILE B 1732 14.10 -23.12 -1.40
C ILE B 1732 13.98 -21.64 -1.74
N ARG B 1733 13.31 -20.87 -0.89
CA ARG B 1733 13.11 -19.45 -1.13
C ARG B 1733 13.91 -18.57 -0.17
N GLY B 1734 13.86 -18.85 1.13
CA GLY B 1734 14.66 -18.09 2.06
C GLY B 1734 16.14 -18.19 1.77
N HIS B 1735 16.60 -19.37 1.34
CA HIS B 1735 18.02 -19.60 1.08
C HIS B 1735 18.87 -19.25 2.29
N VAL B 1736 18.41 -19.69 3.46
CA VAL B 1736 19.13 -19.41 4.69
C VAL B 1736 20.53 -20.01 4.57
N ARG B 1737 21.53 -19.25 4.99
CA ARG B 1737 22.92 -19.65 4.94
C ARG B 1737 23.49 -19.79 6.35
N PRO B 1738 24.61 -20.50 6.50
CA PRO B 1738 25.28 -20.50 7.81
C PRO B 1738 25.49 -19.08 8.30
N GLY B 1739 24.84 -18.74 9.40
CA GLY B 1739 24.75 -17.36 9.84
C GLY B 1739 23.36 -16.79 9.59
N ASP B 1740 23.28 -15.47 9.71
CA ASP B 1740 22.00 -14.78 9.60
C ASP B 1740 21.12 -15.12 10.80
N THR B 1741 20.06 -14.36 11.01
CA THR B 1741 19.22 -14.50 12.18
C THR B 1741 17.77 -14.72 11.73
N VAL B 1742 17.17 -15.79 12.22
CA VAL B 1742 15.83 -16.21 11.78
C VAL B 1742 14.86 -15.97 12.91
N LEU B 1743 13.85 -15.13 12.68
CA LEU B 1743 12.82 -14.87 13.67
C LEU B 1743 11.61 -15.73 13.33
N VAL B 1744 11.30 -16.69 14.20
CA VAL B 1744 10.21 -17.63 13.97
C VAL B 1744 9.06 -17.26 14.88
N HIS B 1745 7.98 -16.76 14.29
CA HIS B 1745 6.79 -16.41 15.06
C HIS B 1745 6.00 -17.65 15.41
N ALA B 1746 5.29 -17.59 16.54
CA ALA B 1746 4.46 -18.70 16.97
C ALA B 1746 5.26 -19.99 16.97
N GLY B 1747 6.38 -20.01 17.71
CA GLY B 1747 7.21 -21.20 17.75
C GLY B 1747 6.51 -22.42 18.28
N GLY B 1748 5.34 -22.25 18.92
CA GLY B 1748 4.59 -23.39 19.39
C GLY B 1748 4.01 -24.25 18.28
N SER B 1749 3.51 -23.61 17.22
CA SER B 1749 2.83 -24.34 16.17
C SER B 1749 3.79 -25.28 15.45
N PRO B 1750 3.26 -26.34 14.83
CA PRO B 1750 4.16 -27.31 14.18
C PRO B 1750 5.10 -26.68 13.17
N VAL B 1751 4.63 -25.71 12.39
CA VAL B 1751 5.51 -25.04 11.45
C VAL B 1751 6.64 -24.35 12.18
N GLY B 1752 6.37 -23.78 13.35
CA GLY B 1752 7.43 -23.16 14.12
C GLY B 1752 8.52 -24.13 14.50
N GLN B 1753 8.13 -25.31 14.97
CA GLN B 1753 9.13 -26.30 15.38
C GLN B 1753 9.90 -26.83 14.17
N ALA B 1754 9.21 -27.04 13.04
CA ALA B 1754 9.93 -27.48 11.85
C ALA B 1754 10.94 -26.43 11.40
N ALA B 1755 10.54 -25.16 11.40
CA ALA B 1755 11.45 -24.10 11.02
C ALA B 1755 12.63 -24.03 12.00
N ILE B 1756 12.36 -24.25 13.28
CA ILE B 1756 13.44 -24.28 14.26
C ILE B 1756 14.44 -25.38 13.91
N ALA B 1757 13.93 -26.57 13.63
CA ALA B 1757 14.82 -27.69 13.32
C ALA B 1757 15.68 -27.36 12.11
N VAL B 1758 15.06 -26.85 11.04
CA VAL B 1758 15.82 -26.57 9.82
C VAL B 1758 16.84 -25.45 10.07
N ALA B 1759 16.41 -24.38 10.74
CA ALA B 1759 17.29 -23.25 10.98
C ALA B 1759 18.49 -23.68 11.81
N GLN B 1760 18.25 -24.46 12.86
CA GLN B 1760 19.36 -24.97 13.67
C GLN B 1760 20.24 -25.92 12.88
N SER B 1761 19.65 -26.63 11.91
CA SER B 1761 20.47 -27.45 11.02
C SER B 1761 21.44 -26.58 10.22
N CYS B 1762 20.97 -25.44 9.72
CA CYS B 1762 21.87 -24.55 8.99
C CYS B 1762 22.82 -23.82 9.93
N GLY B 1763 22.48 -23.76 11.22
CA GLY B 1763 23.37 -23.20 12.21
C GLY B 1763 23.11 -21.76 12.60
N CYS B 1764 22.01 -21.17 12.15
CA CYS B 1764 21.75 -19.76 12.38
C CYS B 1764 21.23 -19.52 13.78
N GLU B 1765 21.25 -18.24 14.19
CA GLU B 1765 20.67 -17.85 15.47
C GLU B 1765 19.17 -17.62 15.29
N ILE B 1766 18.38 -18.26 16.15
CA ILE B 1766 16.93 -18.32 15.99
C ILE B 1766 16.28 -17.57 17.15
N PHE B 1767 15.45 -16.59 16.83
CA PHE B 1767 14.66 -15.87 17.81
C PHE B 1767 13.22 -16.38 17.72
N ILE B 1768 12.79 -17.11 18.72
CA ILE B 1768 11.45 -17.70 18.74
C ILE B 1768 10.50 -16.70 19.38
N SER B 1769 9.23 -16.75 18.98
CA SER B 1769 8.20 -15.95 19.64
C SER B 1769 7.05 -16.85 20.07
N THR B 1770 7.19 -17.42 21.27
CA THR B 1770 6.12 -18.22 21.85
C THR B 1770 5.03 -17.33 22.42
N ALA B 1771 3.81 -17.85 22.44
CA ALA B 1771 2.68 -17.08 22.97
C ALA B 1771 2.63 -17.16 24.50
N THR B 1772 2.46 -18.37 25.03
CA THR B 1772 2.35 -18.57 26.47
C THR B 1772 3.71 -18.83 27.09
N ASP B 1773 3.73 -19.32 28.32
CA ASP B 1773 4.95 -19.75 28.97
C ASP B 1773 5.17 -21.25 28.94
N ALA B 1774 4.11 -22.05 28.91
CA ALA B 1774 4.29 -23.49 28.79
C ALA B 1774 5.00 -23.84 27.49
N GLU B 1775 4.70 -23.11 26.41
CA GLU B 1775 5.35 -23.36 25.14
C GLU B 1775 6.85 -23.12 25.24
N THR B 1776 7.25 -22.08 25.96
CA THR B 1776 8.67 -21.79 26.12
C THR B 1776 9.39 -22.95 26.80
N SER B 1777 8.81 -23.45 27.89
CA SER B 1777 9.42 -24.57 28.60
C SER B 1777 9.47 -25.81 27.73
N SER B 1778 8.38 -26.11 27.03
CA SER B 1778 8.35 -27.29 26.17
C SER B 1778 9.42 -27.20 25.08
N LEU B 1779 9.51 -26.06 24.40
CA LEU B 1779 10.50 -25.90 23.36
C LEU B 1779 11.91 -26.01 23.93
N LYS B 1780 12.17 -25.36 25.07
CA LYS B 1780 13.50 -25.45 25.66
C LYS B 1780 13.86 -26.88 26.00
N SER B 1781 12.89 -27.67 26.44
CA SER B 1781 13.15 -29.07 26.74
C SER B 1781 13.24 -29.92 25.48
N MET B 1782 12.72 -29.43 24.35
CA MET B 1782 12.82 -30.17 23.10
C MET B 1782 14.06 -29.80 22.29
N PHE B 1783 14.63 -28.63 22.53
CA PHE B 1783 15.84 -28.18 21.85
C PHE B 1783 16.84 -27.72 22.88
N PRO B 1784 17.94 -28.43 23.12
CA PRO B 1784 18.86 -28.03 24.19
C PRO B 1784 19.62 -26.75 23.90
N ARG B 1785 20.16 -26.62 22.69
CA ARG B 1785 21.06 -25.51 22.41
C ARG B 1785 20.40 -24.15 22.52
N LEU B 1786 19.08 -24.07 22.48
CA LEU B 1786 18.41 -22.79 22.61
C LEU B 1786 18.69 -22.20 23.99
N LYS B 1787 19.03 -20.92 24.02
CA LYS B 1787 19.30 -20.24 25.27
C LYS B 1787 18.03 -19.56 25.80
N ASP B 1788 18.15 -18.79 26.87
CA ASP B 1788 17.02 -18.08 27.42
C ASP B 1788 16.89 -16.65 26.89
N ARG B 1789 17.84 -16.18 26.10
CA ARG B 1789 17.75 -14.88 25.47
C ARG B 1789 17.06 -14.91 24.12
N ASN B 1790 16.80 -16.10 23.57
CA ASN B 1790 16.20 -16.24 22.25
C ASN B 1790 14.71 -16.53 22.31
N PHE B 1791 13.99 -15.88 23.22
CA PHE B 1791 12.55 -16.06 23.34
C PHE B 1791 11.88 -14.73 23.59
N CYS B 1792 10.64 -14.60 23.17
CA CYS B 1792 9.88 -13.37 23.32
C CYS B 1792 8.43 -13.72 23.62
N SER B 1793 7.56 -12.72 23.48
CA SER B 1793 6.12 -12.88 23.68
C SER B 1793 5.42 -12.43 22.42
N CYS B 1794 4.80 -13.37 21.70
CA CYS B 1794 4.09 -13.03 20.48
C CYS B 1794 2.75 -12.36 20.76
N LYS B 1795 2.14 -12.66 21.90
CA LYS B 1795 0.80 -12.15 22.19
C LYS B 1795 0.74 -10.63 22.08
N ASP B 1796 1.69 -9.95 22.71
CA ASP B 1796 1.75 -8.49 22.69
C ASP B 1796 2.91 -8.05 21.82
N ALA B 1797 2.97 -6.74 21.56
CA ALA B 1797 4.04 -6.18 20.74
C ALA B 1797 5.29 -5.93 21.56
N SER B 1798 5.74 -6.97 22.28
CA SER B 1798 6.98 -6.91 23.03
C SER B 1798 8.14 -7.57 22.30
N PHE B 1799 7.88 -8.54 21.43
CA PHE B 1799 8.96 -9.18 20.70
C PHE B 1799 9.77 -8.16 19.92
N GLU B 1800 9.16 -7.08 19.47
CA GLU B 1800 9.90 -6.06 18.75
C GLU B 1800 11.02 -5.50 19.62
N ARG B 1801 10.68 -5.09 20.84
CA ARG B 1801 11.69 -4.52 21.73
C ARG B 1801 12.79 -5.52 22.01
N HIS B 1802 12.42 -6.77 22.32
CA HIS B 1802 13.42 -7.76 22.67
C HIS B 1802 14.34 -8.06 21.50
N VAL B 1803 13.78 -8.20 20.29
CA VAL B 1803 14.61 -8.51 19.13
C VAL B 1803 15.53 -7.35 18.80
N LYS B 1804 15.01 -6.12 18.84
CA LYS B 1804 15.84 -4.97 18.53
C LYS B 1804 16.91 -4.75 19.58
N LYS B 1805 16.64 -5.09 20.84
CA LYS B 1805 17.64 -4.94 21.89
C LYS B 1805 18.70 -6.02 21.86
N GLU B 1806 18.32 -7.25 21.54
CA GLU B 1806 19.26 -8.36 21.61
C GLU B 1806 20.12 -8.44 20.35
N THR B 1807 19.61 -7.97 19.23
CA THR B 1807 20.34 -8.03 17.97
C THR B 1807 21.10 -6.74 17.68
N SER B 1808 21.21 -5.84 18.66
CA SER B 1808 22.01 -4.62 18.53
C SER B 1808 21.39 -3.64 17.54
N GLY B 1809 20.11 -3.83 17.21
CA GLY B 1809 19.38 -2.91 16.37
C GLY B 1809 19.51 -3.17 14.88
N LYS B 1810 20.39 -4.11 14.49
CA LYS B 1810 20.52 -4.42 13.06
C LYS B 1810 19.23 -4.99 12.51
N GLY B 1811 18.57 -5.84 13.26
CA GLY B 1811 17.37 -6.52 12.78
C GLY B 1811 17.67 -7.89 12.24
N VAL B 1812 16.66 -8.77 12.31
CA VAL B 1812 16.81 -10.13 11.82
C VAL B 1812 16.80 -10.12 10.30
N ASP B 1813 17.14 -11.25 9.68
CA ASP B 1813 17.23 -11.35 8.23
C ASP B 1813 16.05 -12.12 7.64
N ILE B 1814 15.77 -13.32 8.14
CA ILE B 1814 14.71 -14.17 7.63
C ILE B 1814 13.60 -14.15 8.68
N ILE B 1815 12.50 -13.47 8.36
CA ILE B 1815 11.38 -13.33 9.28
C ILE B 1815 10.29 -14.27 8.79
N LEU B 1816 10.23 -15.48 9.35
CA LEU B 1816 9.21 -16.43 8.98
C LEU B 1816 7.93 -16.04 9.71
N ASN B 1817 7.35 -14.93 9.29
CA ASN B 1817 6.21 -14.33 9.96
C ASN B 1817 4.96 -15.17 9.73
N CYS B 1818 4.07 -15.17 10.73
CA CYS B 1818 2.77 -15.82 10.61
C CYS B 1818 1.65 -15.01 11.23
N THR B 1819 1.91 -13.80 11.72
CA THR B 1819 0.90 -12.98 12.36
C THR B 1819 0.30 -11.99 11.36
N THR B 1820 -0.65 -11.18 11.81
CA THR B 1820 -1.32 -10.23 10.95
C THR B 1820 -1.79 -9.06 11.79
N GLY B 1821 -2.04 -7.94 11.11
CA GLY B 1821 -2.50 -6.73 11.78
C GLY B 1821 -1.37 -5.84 12.24
N GLU B 1822 -1.51 -5.26 13.43
CA GLU B 1822 -0.44 -4.43 13.97
C GLU B 1822 0.82 -5.25 14.21
N LEU B 1823 0.66 -6.50 14.67
CA LEU B 1823 1.81 -7.37 14.83
C LEU B 1823 2.58 -7.51 13.53
N LEU B 1824 1.88 -7.53 12.39
CA LEU B 1824 2.56 -7.60 11.11
C LEU B 1824 3.40 -6.36 10.87
N GLY B 1825 2.87 -5.18 11.20
CA GLY B 1825 3.67 -3.98 11.08
C GLY B 1825 4.92 -4.01 11.95
N ALA B 1826 4.75 -4.46 13.19
CA ALA B 1826 5.90 -4.55 14.08
C ALA B 1826 6.93 -5.53 13.52
N SER B 1827 6.47 -6.67 13.01
CA SER B 1827 7.39 -7.65 12.45
C SER B 1827 8.12 -7.08 11.24
N ILE B 1828 7.41 -6.35 10.39
CA ILE B 1828 8.05 -5.75 9.22
C ILE B 1828 9.10 -4.75 9.64
N ARG B 1829 8.88 -4.03 10.73
CA ARG B 1829 9.83 -3.03 11.19
C ARG B 1829 11.04 -3.64 11.89
N LEU B 1830 11.23 -4.96 11.79
CA LEU B 1830 12.43 -5.62 12.29
C LEU B 1830 13.36 -6.09 11.20
N LEU B 1831 12.90 -6.13 9.95
CA LEU B 1831 13.68 -6.73 8.88
C LEU B 1831 14.93 -5.90 8.61
N ALA B 1832 16.05 -6.58 8.39
CA ALA B 1832 17.32 -5.92 8.15
C ALA B 1832 17.60 -5.84 6.66
N SER B 1833 18.68 -5.17 6.30
CA SER B 1833 19.04 -5.05 4.89
C SER B 1833 19.24 -6.43 4.29
N ARG B 1834 18.82 -6.57 3.03
CA ARG B 1834 18.88 -7.85 2.34
C ARG B 1834 18.09 -8.91 3.10
N GLY B 1835 17.02 -8.48 3.76
CA GLY B 1835 16.20 -9.34 4.57
C GLY B 1835 15.02 -9.90 3.79
N ARG B 1836 14.71 -11.17 4.05
CA ARG B 1836 13.66 -11.90 3.34
C ARG B 1836 12.50 -12.14 4.28
N PHE B 1837 11.36 -11.51 3.98
CA PHE B 1837 10.15 -11.63 4.79
C PHE B 1837 9.28 -12.73 4.20
N LEU B 1838 9.26 -13.89 4.85
CA LEU B 1838 8.51 -15.05 4.36
C LEU B 1838 7.14 -15.05 5.01
N ASN B 1839 6.17 -14.47 4.31
CA ASN B 1839 4.83 -14.29 4.87
C ASN B 1839 4.01 -15.55 4.63
N LEU B 1840 3.84 -16.36 5.68
CA LEU B 1840 3.08 -17.61 5.55
C LEU B 1840 1.59 -17.38 5.36
N ALA B 1841 1.03 -16.31 5.92
CA ALA B 1841 -0.39 -16.05 5.79
C ALA B 1841 -0.75 -15.76 4.33
N GLU B 1849 1.60 -7.50 3.99
CA GLU B 1849 2.32 -7.16 2.77
C GLU B 1849 2.09 -5.70 2.41
N LEU B 1850 0.91 -5.18 2.76
CA LEU B 1850 0.58 -3.81 2.43
C LEU B 1850 1.55 -2.83 3.08
N VAL B 1851 1.85 -3.02 4.36
CA VAL B 1851 2.79 -2.14 5.04
C VAL B 1851 4.20 -2.33 4.48
N PHE B 1852 4.55 -3.57 4.13
CA PHE B 1852 5.91 -3.87 3.70
C PHE B 1852 6.32 -3.00 2.52
N SER B 1853 5.39 -2.74 1.60
CA SER B 1853 5.74 -2.00 0.39
C SER B 1853 6.36 -0.65 0.73
N GLY B 1854 5.98 -0.06 1.87
CA GLY B 1854 6.55 1.19 2.29
C GLY B 1854 7.76 1.01 3.18
N SER B 1855 8.68 0.14 2.77
CA SER B 1855 9.86 -0.19 3.54
C SER B 1855 10.94 0.87 3.36
N GLY B 1856 11.87 0.91 4.31
CA GLY B 1856 12.97 1.86 4.26
C GLY B 1856 14.31 1.20 4.49
N ARG B 1857 14.40 -0.09 4.19
CA ARG B 1857 15.64 -0.85 4.34
C ARG B 1857 16.34 -1.12 3.02
N ARG B 1858 15.88 -0.50 1.94
CA ARG B 1858 16.49 -0.66 0.60
C ARG B 1858 16.44 -2.14 0.24
N ASP B 1859 17.55 -2.78 -0.09
CA ASP B 1859 17.52 -4.12 -0.63
C ASP B 1859 16.85 -5.09 0.33
N THR B 1860 15.66 -5.57 -0.02
CA THR B 1860 14.90 -6.50 0.81
C THR B 1860 14.25 -7.51 -0.11
N SER B 1861 13.33 -8.29 0.44
CA SER B 1861 12.56 -9.23 -0.38
C SER B 1861 11.33 -9.65 0.41
N PHE B 1862 10.19 -9.74 -0.26
CA PHE B 1862 8.95 -10.21 0.35
C PHE B 1862 8.48 -11.42 -0.42
N HIS B 1863 8.32 -12.54 0.29
CA HIS B 1863 7.93 -13.81 -0.33
C HIS B 1863 6.61 -14.25 0.26
N ASP B 1864 5.55 -14.22 -0.55
CA ASP B 1864 4.31 -14.85 -0.15
C ASP B 1864 4.43 -16.35 -0.34
N ILE B 1865 4.22 -17.11 0.73
CA ILE B 1865 4.39 -18.56 0.71
C ILE B 1865 3.01 -19.18 0.86
N ASN B 1866 2.50 -19.74 -0.23
CA ASN B 1866 1.22 -20.44 -0.25
C ASN B 1866 1.50 -21.83 -0.80
N LEU B 1867 1.58 -22.82 0.09
CA LEU B 1867 1.94 -24.17 -0.33
C LEU B 1867 0.91 -24.78 -1.27
N ASP B 1868 -0.34 -24.30 -1.25
CA ASP B 1868 -1.35 -24.85 -2.15
C ASP B 1868 -0.95 -24.68 -3.60
N THR B 1869 -0.47 -23.49 -3.96
CA THR B 1869 -0.08 -23.25 -5.35
C THR B 1869 1.03 -24.20 -5.78
N LEU B 1870 2.03 -24.39 -4.91
CA LEU B 1870 3.11 -25.32 -5.25
C LEU B 1870 2.57 -26.73 -5.41
N ILE B 1871 1.71 -27.17 -4.49
CA ILE B 1871 1.14 -28.51 -4.60
C ILE B 1871 0.47 -28.68 -5.95
N ASP B 1872 -0.31 -27.68 -6.37
CA ASP B 1872 -1.05 -27.79 -7.62
C ASP B 1872 -0.11 -27.84 -8.82
N ALA B 1873 0.88 -26.94 -8.86
CA ALA B 1873 1.79 -26.83 -10.00
C ALA B 1873 3.11 -27.50 -9.64
N GLN B 1874 3.16 -28.81 -9.84
CA GLN B 1874 4.32 -29.61 -9.44
C GLN B 1874 5.42 -29.47 -10.49
N GLY B 1875 6.07 -28.31 -10.47
CA GLY B 1875 7.17 -28.05 -11.37
C GLY B 1875 8.43 -28.72 -10.86
N PRO B 1876 9.59 -28.26 -11.36
CA PRO B 1876 10.85 -28.77 -10.79
C PRO B 1876 11.00 -28.45 -9.31
N GLU B 1877 10.46 -27.32 -8.86
CA GLU B 1877 10.60 -26.95 -7.46
C GLU B 1877 9.97 -27.99 -6.54
N TRP B 1878 8.82 -28.55 -6.93
CA TRP B 1878 8.20 -29.57 -6.09
C TRP B 1878 9.10 -30.79 -5.97
N THR B 1879 9.71 -31.23 -7.06
CA THR B 1879 10.61 -32.37 -6.97
C THR B 1879 11.83 -32.04 -6.10
N GLU B 1880 12.36 -30.83 -6.23
CA GLU B 1880 13.49 -30.46 -5.38
C GLU B 1880 13.08 -30.47 -3.91
N LEU B 1881 11.89 -29.99 -3.60
CA LEU B 1881 11.41 -29.99 -2.21
C LEU B 1881 11.24 -31.42 -1.69
N THR B 1882 10.67 -32.29 -2.52
CA THR B 1882 10.56 -33.70 -2.15
C THR B 1882 11.93 -34.27 -1.83
N SER B 1883 12.91 -33.97 -2.67
CA SER B 1883 14.26 -34.48 -2.44
C SER B 1883 14.83 -33.93 -1.13
N LEU B 1884 14.62 -32.64 -0.85
CA LEU B 1884 15.13 -32.08 0.39
C LEU B 1884 14.52 -32.77 1.60
N VAL B 1885 13.21 -32.95 1.61
CA VAL B 1885 12.58 -33.56 2.77
C VAL B 1885 13.04 -35.01 2.92
N GLN B 1886 13.15 -35.74 1.82
CA GLN B 1886 13.62 -37.13 1.92
C GLN B 1886 15.03 -37.18 2.47
N LYS B 1887 15.92 -36.33 1.95
CA LYS B 1887 17.29 -36.32 2.44
C LYS B 1887 17.35 -35.98 3.92
N GLY B 1888 16.55 -35.01 4.36
CA GLY B 1888 16.46 -34.73 5.78
C GLY B 1888 15.99 -35.92 6.58
N ILE B 1889 14.98 -36.63 6.08
CA ILE B 1889 14.47 -37.79 6.79
C ILE B 1889 15.57 -38.83 6.96
N GLN B 1890 16.38 -39.04 5.92
CA GLN B 1890 17.50 -39.97 6.06
C GLN B 1890 18.38 -39.60 7.23
N SER B 1891 18.57 -38.31 7.48
CA SER B 1891 19.29 -37.84 8.65
C SER B 1891 18.34 -37.77 9.84
N GLY B 1892 18.90 -37.38 10.99
CA GLY B 1892 18.11 -37.27 12.19
C GLY B 1892 17.49 -35.90 12.37
N LEU B 1893 17.60 -35.05 11.37
CA LEU B 1893 17.09 -33.69 11.45
C LEU B 1893 15.60 -33.65 11.73
N VAL B 1894 14.80 -34.12 10.78
CA VAL B 1894 13.36 -34.08 10.94
C VAL B 1894 12.90 -35.20 11.85
N LYS B 1895 11.84 -34.94 12.61
CA LYS B 1895 11.32 -35.92 13.56
C LYS B 1895 9.89 -35.53 13.89
N PRO B 1896 9.06 -36.49 14.29
CA PRO B 1896 7.64 -36.18 14.53
C PRO B 1896 7.48 -35.17 15.65
N LEU B 1897 6.42 -34.37 15.56
CA LEU B 1897 6.12 -33.33 16.52
C LEU B 1897 5.01 -33.81 17.46
N ALA B 1898 4.56 -32.93 18.35
CA ALA B 1898 3.48 -33.27 19.26
C ALA B 1898 2.21 -33.52 18.47
N ARG B 1899 1.54 -34.63 18.76
CA ARG B 1899 0.35 -35.06 18.04
C ARG B 1899 -0.80 -35.29 19.00
N THR B 1900 -2.02 -35.05 18.50
CA THR B 1900 -3.24 -35.21 19.30
C THR B 1900 -4.24 -35.98 18.44
N VAL B 1901 -4.19 -37.31 18.53
CA VAL B 1901 -5.05 -38.14 17.70
C VAL B 1901 -6.50 -37.95 18.12
N TYR B 1902 -7.37 -37.69 17.15
CA TYR B 1902 -8.79 -37.54 17.39
C TYR B 1902 -9.56 -38.60 16.61
N ALA B 1903 -10.55 -39.18 17.27
CA ALA B 1903 -11.33 -40.24 16.67
C ALA B 1903 -11.97 -39.75 15.37
N MET B 1904 -12.54 -40.69 14.61
CA MET B 1904 -13.11 -40.35 13.32
C MET B 1904 -14.27 -39.38 13.46
N ASP B 1905 -15.28 -39.77 14.24
CA ASP B 1905 -16.50 -38.97 14.34
C ASP B 1905 -16.31 -37.82 15.32
N ARG B 1906 -15.28 -37.00 15.10
CA ARG B 1906 -15.04 -35.84 15.94
C ARG B 1906 -14.62 -34.64 15.11
N LEU B 1907 -15.11 -34.56 13.87
CA LEU B 1907 -14.69 -33.50 12.98
C LEU B 1907 -15.09 -32.14 13.51
N VAL B 1908 -16.32 -32.00 13.99
CA VAL B 1908 -16.78 -30.70 14.46
C VAL B 1908 -15.93 -30.23 15.64
N ASP B 1909 -15.66 -31.12 16.59
CA ASP B 1909 -14.85 -30.75 17.74
C ASP B 1909 -13.41 -30.44 17.32
N VAL B 1910 -12.86 -31.23 16.39
CA VAL B 1910 -11.49 -31.00 15.95
C VAL B 1910 -11.38 -29.62 15.32
N PHE B 1911 -12.31 -29.28 14.44
CA PHE B 1911 -12.25 -27.99 13.77
C PHE B 1911 -12.51 -26.84 14.75
N LYS B 1912 -13.44 -27.04 15.69
CA LYS B 1912 -13.67 -26.01 16.70
C LYS B 1912 -12.42 -25.76 17.52
N LEU B 1913 -11.75 -26.83 17.94
CA LEU B 1913 -10.51 -26.69 18.70
C LEU B 1913 -9.44 -25.99 17.87
N LEU B 1914 -9.32 -26.37 16.61
CA LEU B 1914 -8.37 -25.68 15.74
C LEU B 1914 -8.69 -24.19 15.64
N GLU B 1915 -9.98 -23.85 15.71
CA GLU B 1915 -10.36 -22.44 15.69
C GLU B 1915 -10.00 -21.75 17.00
N GLU B 1916 -10.10 -22.46 18.12
CA GLU B 1916 -9.94 -21.82 19.42
C GLU B 1916 -8.55 -21.21 19.57
N GLY B 1917 -7.52 -21.93 19.13
CA GLY B 1917 -6.14 -21.52 19.30
C GLY B 1917 -5.42 -22.27 20.40
N ALA B 1918 -6.15 -23.06 21.19
CA ALA B 1918 -5.55 -23.92 22.21
C ALA B 1918 -5.05 -25.24 21.65
N GLN B 1919 -4.85 -25.32 20.34
CA GLN B 1919 -4.41 -26.56 19.72
C GLN B 1919 -3.13 -27.06 20.35
N ALA B 1920 -3.11 -28.35 20.68
CA ALA B 1920 -1.94 -28.99 21.26
C ALA B 1920 -1.08 -29.51 20.11
N GLY B 1921 -0.12 -28.71 19.68
CA GLY B 1921 0.75 -29.13 18.60
C GLY B 1921 -0.07 -29.47 17.37
N LYS B 1922 0.23 -30.61 16.77
CA LYS B 1922 -0.46 -31.05 15.56
C LYS B 1922 -1.82 -31.64 15.91
N LEU B 1923 -2.64 -31.81 14.88
CA LEU B 1923 -3.97 -32.42 15.01
C LEU B 1923 -4.12 -33.45 13.90
N LEU B 1924 -4.55 -34.65 14.26
CA LEU B 1924 -4.74 -35.73 13.30
C LEU B 1924 -6.13 -36.33 13.47
N VAL B 1925 -6.50 -37.16 12.50
CA VAL B 1925 -7.72 -37.95 12.56
C VAL B 1925 -7.35 -39.39 12.23
N LYS B 1926 -7.75 -40.31 13.10
CA LYS B 1926 -7.38 -41.72 12.98
C LYS B 1926 -8.43 -42.44 12.14
N ILE B 1927 -8.17 -42.56 10.85
CA ILE B 1927 -9.11 -43.24 9.97
C ILE B 1927 -9.12 -44.75 10.25
N ARG B 1928 -7.95 -45.34 10.42
CA ARG B 1928 -7.86 -46.77 10.66
C ARG B 1928 -6.67 -47.07 11.59
N GLU B 1929 -6.86 -48.06 12.45
CA GLU B 1929 -5.80 -48.45 13.36
C GLU B 1929 -4.70 -49.18 12.62
N GLU B 1930 -3.45 -48.84 12.92
CA GLU B 1930 -2.32 -49.49 12.28
C GLU B 1930 -2.23 -50.95 12.72
N GLU B 1931 -1.68 -51.79 11.85
CA GLU B 1931 -1.56 -53.22 12.09
C GLU B 1931 -0.10 -53.58 12.31
N ALA B 1932 0.11 -54.80 12.84
CA ALA B 1932 1.45 -55.20 13.27
C ALA B 1932 2.43 -55.22 12.11
N GLU B 1933 2.08 -55.92 11.03
CA GLU B 1933 3.03 -56.13 9.94
C GLU B 1933 3.37 -54.80 9.29
N LYS B 1934 4.63 -54.62 8.91
CA LYS B 1934 5.07 -53.33 8.38
C LYS B 1934 4.80 -53.21 6.90
N ILE B 1935 4.39 -54.30 6.25
CA ILE B 1935 3.97 -54.29 4.85
C ILE B 1935 2.88 -55.35 4.70
N THR B 1936 1.66 -54.91 4.42
CA THR B 1936 0.54 -55.83 4.27
C THR B 1936 -0.60 -55.11 3.55
N LEU B 1937 -1.58 -55.89 3.12
CA LEU B 1937 -2.75 -55.30 2.49
C LEU B 1937 -3.60 -54.59 3.54
N PRO B 1938 -4.23 -53.47 3.17
CA PRO B 1938 -4.95 -52.66 4.16
C PRO B 1938 -6.31 -53.21 4.58
N ALA B 1939 -6.62 -54.47 4.27
CA ALA B 1939 -7.86 -55.09 4.71
C ALA B 1939 -9.07 -54.34 4.18
N LYS B 1940 -10.22 -54.51 4.83
CA LYS B 1940 -11.47 -53.92 4.39
C LYS B 1940 -12.13 -53.14 5.53
N LYS B 1941 -12.92 -52.15 5.16
CA LYS B 1941 -13.62 -51.34 6.15
C LYS B 1941 -14.69 -50.50 5.47
N THR B 1942 -15.81 -50.29 6.16
CA THR B 1942 -16.92 -49.51 5.63
C THR B 1942 -17.15 -48.27 6.50
N PHE B 1943 -17.38 -47.14 5.84
CA PHE B 1943 -17.51 -45.86 6.51
C PHE B 1943 -18.91 -45.31 6.32
N GLU B 1944 -19.48 -44.73 7.36
CA GLU B 1944 -20.78 -44.09 7.25
C GLU B 1944 -20.61 -42.75 6.55
N ALA B 1945 -21.39 -42.53 5.50
CA ALA B 1945 -21.32 -41.26 4.79
C ALA B 1945 -22.61 -41.03 4.03
N VAL B 1946 -23.00 -39.76 3.93
CA VAL B 1946 -24.18 -39.36 3.17
C VAL B 1946 -23.88 -39.62 1.69
N PRO B 1947 -24.78 -40.28 0.96
CA PRO B 1947 -24.46 -40.65 -0.42
C PRO B 1947 -24.59 -39.45 -1.35
N ARG B 1948 -23.55 -39.22 -2.15
CA ARG B 1948 -23.60 -38.21 -3.19
C ARG B 1948 -23.86 -38.90 -4.52
N THR B 1949 -23.92 -38.11 -5.60
CA THR B 1949 -24.16 -38.63 -6.94
C THR B 1949 -23.01 -38.24 -7.83
N PHE B 1950 -22.27 -39.24 -8.31
CA PHE B 1950 -21.15 -39.03 -9.21
C PHE B 1950 -21.28 -40.00 -10.39
N PHE B 1951 -20.69 -39.61 -11.52
CA PHE B 1951 -20.80 -40.37 -12.75
C PHE B 1951 -19.42 -40.79 -13.23
N HIS B 1952 -19.39 -41.93 -13.89
CA HIS B 1952 -18.14 -42.52 -14.38
C HIS B 1952 -17.61 -41.72 -15.56
N PRO B 1953 -16.41 -41.14 -15.49
CA PRO B 1953 -15.91 -40.35 -16.63
C PRO B 1953 -15.71 -41.15 -17.90
N ALA B 1954 -15.58 -42.47 -17.82
CA ALA B 1954 -15.31 -43.30 -18.98
C ALA B 1954 -16.58 -43.83 -19.64
N LYS B 1955 -17.75 -43.41 -19.17
CA LYS B 1955 -19.02 -43.88 -19.69
C LYS B 1955 -19.71 -42.77 -20.46
N SER B 1956 -20.86 -43.10 -21.05
CA SER B 1956 -21.62 -42.19 -21.88
C SER B 1956 -23.07 -42.19 -21.46
N TYR B 1957 -23.67 -41.00 -21.38
CA TYR B 1957 -25.04 -40.83 -20.93
C TYR B 1957 -25.82 -40.03 -21.96
N VAL B 1958 -27.06 -40.46 -22.20
CA VAL B 1958 -27.92 -39.86 -23.22
C VAL B 1958 -28.98 -39.03 -22.53
N ILE B 1959 -29.13 -37.78 -22.95
CA ILE B 1959 -30.18 -36.91 -22.43
C ILE B 1959 -31.20 -36.68 -23.54
N VAL B 1960 -32.18 -37.58 -23.66
CA VAL B 1960 -33.17 -37.45 -24.71
C VAL B 1960 -33.93 -36.16 -24.47
N GLY B 1961 -34.06 -35.35 -25.50
CA GLY B 1961 -34.68 -34.05 -25.34
C GLY B 1961 -33.90 -33.15 -24.41
N GLY B 1962 -32.60 -33.38 -24.25
CA GLY B 1962 -31.77 -32.61 -23.37
C GLY B 1962 -31.42 -31.24 -23.89
N LEU B 1963 -31.89 -30.87 -25.07
CA LEU B 1963 -31.55 -29.59 -25.68
C LEU B 1963 -32.54 -28.49 -25.35
N GLY B 1964 -33.53 -28.79 -24.52
CA GLY B 1964 -34.56 -27.81 -24.18
C GLY B 1964 -34.09 -26.83 -23.12
N GLY B 1965 -34.96 -26.53 -22.17
CA GLY B 1965 -34.62 -25.61 -21.10
C GLY B 1965 -33.99 -26.31 -19.92
N PHE B 1966 -34.71 -27.29 -19.37
CA PHE B 1966 -34.17 -28.09 -18.27
C PHE B 1966 -32.95 -28.88 -18.72
N GLY B 1967 -33.09 -29.60 -19.83
CA GLY B 1967 -32.05 -30.48 -20.32
C GLY B 1967 -30.67 -29.88 -20.30
N LEU B 1968 -30.52 -28.65 -20.78
CA LEU B 1968 -29.20 -28.04 -20.85
C LEU B 1968 -28.60 -27.88 -19.46
N GLU B 1969 -29.40 -27.42 -18.50
CA GLU B 1969 -28.87 -27.23 -17.15
C GLU B 1969 -28.58 -28.56 -16.48
N LEU B 1970 -29.41 -29.56 -16.73
CA LEU B 1970 -29.09 -30.89 -16.22
C LEU B 1970 -27.77 -31.37 -16.80
N ALA B 1971 -27.52 -31.10 -18.08
CA ALA B 1971 -26.27 -31.53 -18.70
C ALA B 1971 -25.08 -30.80 -18.09
N HIS B 1972 -25.23 -29.49 -17.83
CA HIS B 1972 -24.14 -28.75 -17.22
C HIS B 1972 -23.83 -29.29 -15.82
N TRP B 1973 -24.87 -29.56 -15.04
CA TRP B 1973 -24.65 -30.15 -13.72
C TRP B 1973 -23.97 -31.50 -13.84
N MET B 1974 -24.44 -32.34 -14.77
CA MET B 1974 -23.81 -33.63 -14.99
C MET B 1974 -22.33 -33.46 -15.27
N VAL B 1975 -21.98 -32.60 -16.22
CA VAL B 1975 -20.58 -32.41 -16.58
C VAL B 1975 -19.78 -31.96 -15.37
N LEU B 1976 -20.38 -31.12 -14.52
CA LEU B 1976 -19.69 -30.76 -13.29
C LEU B 1976 -19.45 -31.97 -12.41
N ARG B 1977 -20.41 -32.89 -12.35
CA ARG B 1977 -20.26 -34.05 -11.48
C ARG B 1977 -19.36 -35.13 -12.06
N GLY B 1978 -18.91 -34.99 -13.30
CA GLY B 1978 -17.91 -35.91 -13.83
C GLY B 1978 -18.20 -36.48 -15.20
N VAL B 1979 -19.39 -36.22 -15.75
CA VAL B 1979 -19.72 -36.75 -17.07
C VAL B 1979 -18.86 -36.08 -18.11
N ARG B 1980 -18.26 -36.87 -19.00
CA ARG B 1980 -17.43 -36.36 -20.08
C ARG B 1980 -17.93 -36.77 -21.45
N LYS B 1981 -18.96 -37.60 -21.56
CA LYS B 1981 -19.48 -38.07 -22.83
C LYS B 1981 -20.99 -38.00 -22.81
N LEU B 1982 -21.55 -37.12 -23.64
CA LEU B 1982 -22.98 -36.83 -23.64
C LEU B 1982 -23.54 -36.94 -25.05
N VAL B 1983 -24.84 -37.26 -25.12
CA VAL B 1983 -25.56 -37.24 -26.39
C VAL B 1983 -26.85 -36.44 -26.21
N LEU B 1984 -26.81 -35.15 -26.49
CA LEU B 1984 -27.96 -34.29 -26.31
C LEU B 1984 -28.87 -34.41 -27.53
N THR B 1985 -29.90 -35.24 -27.42
CA THR B 1985 -30.83 -35.50 -28.53
C THR B 1985 -31.96 -34.47 -28.50
N SER B 1986 -32.39 -34.05 -29.68
CA SER B 1986 -33.46 -33.07 -29.80
C SER B 1986 -34.26 -33.40 -31.06
N ARG B 1987 -35.26 -32.57 -31.36
CA ARG B 1987 -36.11 -32.79 -32.54
C ARG B 1987 -35.41 -32.31 -33.80
N ASN B 1988 -35.10 -31.01 -33.86
CA ASN B 1988 -34.49 -30.41 -35.03
C ASN B 1988 -33.01 -30.10 -34.85
N GLY B 1989 -32.49 -30.23 -33.62
CA GLY B 1989 -31.09 -29.92 -33.38
C GLY B 1989 -30.91 -28.53 -32.81
N ILE B 1990 -29.77 -27.90 -33.08
CA ILE B 1990 -29.52 -26.56 -32.55
C ILE B 1990 -30.36 -25.56 -33.33
N THR B 1991 -31.13 -24.76 -32.61
CA THR B 1991 -32.01 -23.79 -33.26
C THR B 1991 -31.70 -22.37 -32.82
N THR B 1992 -31.52 -22.15 -31.53
CA THR B 1992 -31.28 -20.80 -31.03
C THR B 1992 -29.81 -20.60 -30.69
N GLY B 1993 -29.49 -19.40 -30.18
CA GLY B 1993 -28.14 -19.11 -29.78
C GLY B 1993 -27.79 -19.55 -28.38
N TYR B 1994 -28.77 -19.62 -27.49
CA TYR B 1994 -28.50 -20.07 -26.12
C TYR B 1994 -28.01 -21.51 -26.12
N GLN B 1995 -28.62 -22.36 -26.95
CA GLN B 1995 -28.15 -23.73 -27.04
C GLN B 1995 -26.70 -23.79 -27.51
N THR B 1996 -26.34 -22.97 -28.49
CA THR B 1996 -24.97 -22.97 -28.98
C THR B 1996 -24.01 -22.48 -27.90
N ARG B 1997 -24.38 -21.44 -27.17
CA ARG B 1997 -23.51 -20.96 -26.09
C ARG B 1997 -23.32 -22.04 -25.03
N LYS B 1998 -24.40 -22.72 -24.66
CA LYS B 1998 -24.28 -23.79 -23.67
C LYS B 1998 -23.40 -24.92 -24.18
N ILE B 1999 -23.56 -25.30 -25.44
CA ILE B 1999 -22.73 -26.37 -25.99
C ILE B 1999 -21.26 -25.95 -25.97
N ALA B 2000 -20.97 -24.72 -26.37
CA ALA B 2000 -19.59 -24.26 -26.34
C ALA B 2000 -19.03 -24.29 -24.94
N PHE B 2001 -19.82 -23.84 -23.96
CA PHE B 2001 -19.33 -23.84 -22.58
C PHE B 2001 -19.06 -25.25 -22.09
N LEU B 2002 -20.00 -26.17 -22.32
CA LEU B 2002 -19.80 -27.53 -21.85
C LEU B 2002 -18.58 -28.16 -22.50
N ARG B 2003 -18.39 -27.97 -23.81
CA ARG B 2003 -17.18 -28.47 -24.45
C ARG B 2003 -15.93 -27.81 -23.89
N SER B 2004 -16.05 -26.56 -23.43
CA SER B 2004 -14.89 -25.90 -22.82
C SER B 2004 -14.53 -26.53 -21.48
N LEU B 2005 -15.51 -27.11 -20.78
CA LEU B 2005 -15.21 -27.81 -19.54
C LEU B 2005 -14.46 -29.11 -19.78
N GLY B 2006 -14.35 -29.54 -21.04
CA GLY B 2006 -13.65 -30.77 -21.35
C GLY B 2006 -14.58 -31.95 -21.37
N ALA B 2007 -15.65 -31.86 -22.15
CA ALA B 2007 -16.61 -32.94 -22.27
C ALA B 2007 -16.97 -33.14 -23.73
N ASP B 2008 -17.37 -34.36 -24.06
CA ASP B 2008 -17.71 -34.74 -25.43
C ASP B 2008 -19.22 -34.69 -25.57
N ILE B 2009 -19.72 -33.71 -26.31
CA ILE B 2009 -21.16 -33.53 -26.51
C ILE B 2009 -21.44 -33.75 -27.99
N VAL B 2010 -22.07 -34.88 -28.30
CA VAL B 2010 -22.43 -35.22 -29.67
C VAL B 2010 -23.93 -34.94 -29.81
N VAL B 2011 -24.27 -33.71 -30.20
CA VAL B 2011 -25.67 -33.35 -30.35
C VAL B 2011 -26.25 -34.04 -31.58
N CYS B 2012 -27.40 -34.69 -31.40
CA CYS B 2012 -28.09 -35.33 -32.51
C CYS B 2012 -29.42 -34.64 -32.75
N ALA B 2013 -30.22 -35.15 -33.68
CA ALA B 2013 -31.57 -34.63 -33.91
C ALA B 2013 -32.53 -35.77 -34.19
N VAL B 2014 -32.40 -36.87 -33.46
CA VAL B 2014 -33.11 -38.10 -33.76
C VAL B 2014 -34.39 -38.13 -32.93
N ASN B 2015 -35.53 -37.94 -33.59
CA ASN B 2015 -36.83 -38.12 -32.95
C ASN B 2015 -37.09 -39.61 -32.81
N VAL B 2016 -36.86 -40.14 -31.61
CA VAL B 2016 -36.94 -41.58 -31.39
C VAL B 2016 -38.39 -42.01 -31.51
N THR B 2017 -38.71 -42.72 -32.59
CA THR B 2017 -40.07 -43.23 -32.79
C THR B 2017 -40.10 -44.67 -33.31
N SER B 2018 -38.99 -45.23 -33.78
CA SER B 2018 -38.96 -46.58 -34.31
C SER B 2018 -37.68 -47.25 -33.83
N GLN B 2019 -37.58 -48.55 -34.08
CA GLN B 2019 -36.42 -49.29 -33.62
C GLN B 2019 -35.13 -48.75 -34.23
N ALA B 2020 -35.15 -48.37 -35.52
CA ALA B 2020 -33.94 -47.92 -36.18
C ALA B 2020 -33.41 -46.64 -35.55
N ALA B 2021 -34.30 -45.70 -35.21
CA ALA B 2021 -33.85 -44.44 -34.62
C ALA B 2021 -33.14 -44.69 -33.29
N ALA B 2022 -33.76 -45.50 -32.43
CA ALA B 2022 -33.14 -45.80 -31.15
C ALA B 2022 -31.83 -46.56 -31.34
N ASP B 2023 -31.78 -47.46 -32.33
CA ASP B 2023 -30.54 -48.16 -32.60
C ASP B 2023 -29.44 -47.19 -32.99
N ARG B 2024 -29.76 -46.21 -33.84
CA ARG B 2024 -28.76 -45.21 -34.21
C ARG B 2024 -28.31 -44.41 -33.01
N LEU B 2025 -29.26 -44.05 -32.13
CA LEU B 2025 -28.89 -43.31 -30.93
C LEU B 2025 -27.92 -44.10 -30.07
N VAL B 2026 -28.22 -45.38 -29.87
CA VAL B 2026 -27.35 -46.22 -29.06
C VAL B 2026 -26.00 -46.43 -29.75
N LYS B 2027 -26.00 -46.50 -31.08
CA LYS B 2027 -24.73 -46.61 -31.80
C LYS B 2027 -23.87 -45.38 -31.57
N THR B 2028 -24.47 -44.19 -31.62
CA THR B 2028 -23.72 -42.99 -31.30
C THR B 2028 -23.18 -43.04 -29.89
N ALA B 2029 -24.04 -43.43 -28.93
CA ALA B 2029 -23.60 -43.48 -27.54
C ALA B 2029 -22.42 -44.43 -27.37
N THR B 2030 -22.51 -45.61 -27.95
CA THR B 2030 -21.43 -46.58 -27.83
C THR B 2030 -20.16 -46.09 -28.50
N ASP B 2031 -20.28 -45.51 -29.70
CA ASP B 2031 -19.10 -44.92 -30.34
C ASP B 2031 -18.46 -43.88 -29.44
N LEU B 2032 -19.26 -43.22 -28.59
CA LEU B 2032 -18.67 -42.37 -27.56
C LEU B 2032 -18.03 -43.22 -26.46
N GLY B 2033 -18.70 -44.29 -26.04
CA GLY B 2033 -18.23 -45.13 -24.96
C GLY B 2033 -19.35 -45.98 -24.41
N PRO B 2034 -19.06 -46.85 -23.46
CA PRO B 2034 -20.11 -47.73 -22.90
C PRO B 2034 -21.24 -46.91 -22.31
N LEU B 2035 -22.47 -47.36 -22.55
CA LEU B 2035 -23.65 -46.61 -22.12
C LEU B 2035 -23.93 -46.86 -20.64
N GLY B 2036 -24.28 -45.80 -19.92
CA GLY B 2036 -24.49 -45.93 -18.49
C GLY B 2036 -25.81 -45.39 -17.97
N GLY B 2037 -26.45 -44.49 -18.72
CA GLY B 2037 -27.64 -43.84 -18.23
C GLY B 2037 -28.42 -43.21 -19.35
N VAL B 2038 -29.70 -42.98 -19.10
CA VAL B 2038 -30.62 -42.42 -20.10
C VAL B 2038 -31.58 -41.51 -19.37
N PHE B 2039 -31.46 -40.20 -19.58
CA PHE B 2039 -32.26 -39.20 -18.88
C PHE B 2039 -33.26 -38.62 -19.87
N ASN B 2040 -34.47 -39.17 -19.88
CA ASN B 2040 -35.48 -38.72 -20.83
C ASN B 2040 -36.12 -37.43 -20.32
N LEU B 2041 -35.95 -36.35 -21.06
CA LEU B 2041 -36.47 -35.04 -20.66
C LEU B 2041 -37.42 -34.45 -21.70
N GLY B 2042 -37.82 -35.21 -22.70
CA GLY B 2042 -38.69 -34.68 -23.73
C GLY B 2042 -40.09 -34.42 -23.21
N LEU B 2043 -40.79 -33.52 -23.88
CA LEU B 2043 -42.16 -33.20 -23.51
C LEU B 2043 -42.88 -32.60 -24.71
N ASN B 2044 -44.21 -32.65 -24.66
CA ASN B 2044 -45.07 -32.06 -25.67
C ASN B 2044 -46.33 -31.57 -24.98
N LEU B 2045 -46.67 -30.30 -25.16
CA LEU B 2045 -47.74 -29.68 -24.38
C LEU B 2045 -48.89 -29.31 -25.32
N ARG B 2046 -49.77 -30.27 -25.57
CA ARG B 2046 -51.01 -30.01 -26.30
C ARG B 2046 -52.18 -29.89 -25.33
N ASP B 2047 -52.17 -28.86 -24.48
CA ASP B 2047 -53.20 -28.72 -23.46
C ASP B 2047 -54.55 -28.46 -24.09
N ALA B 2048 -55.57 -29.20 -23.65
CA ALA B 2048 -56.93 -29.01 -24.12
C ALA B 2048 -57.85 -29.88 -23.27
N LEU B 2049 -59.04 -29.36 -22.97
CA LEU B 2049 -60.00 -30.12 -22.20
C LEU B 2049 -60.39 -31.38 -22.96
N LEU B 2050 -60.65 -32.46 -22.21
CA LEU B 2050 -61.02 -33.73 -22.83
C LEU B 2050 -62.29 -33.61 -23.67
N VAL B 2051 -63.20 -32.70 -23.32
CA VAL B 2051 -64.40 -32.51 -24.13
C VAL B 2051 -64.07 -32.09 -25.54
N GLU B 2052 -62.93 -31.44 -25.76
CA GLU B 2052 -62.52 -30.98 -27.08
C GLU B 2052 -61.09 -31.39 -27.37
N GLN B 2053 -60.78 -32.67 -27.15
CA GLN B 2053 -59.43 -33.18 -27.32
C GLN B 2053 -59.37 -34.06 -28.57
N THR B 2054 -58.35 -33.83 -29.40
CA THR B 2054 -58.22 -34.50 -30.68
C THR B 2054 -57.20 -35.64 -30.60
N ALA B 2055 -57.42 -36.67 -31.41
CA ALA B 2055 -56.51 -37.81 -31.41
C ALA B 2055 -55.10 -37.40 -31.80
N GLU B 2056 -54.97 -36.40 -32.68
CA GLU B 2056 -53.64 -35.97 -33.10
C GLU B 2056 -52.85 -35.41 -31.93
N ASN B 2057 -53.49 -34.63 -31.06
CA ASN B 2057 -52.81 -34.10 -29.90
C ASN B 2057 -52.32 -35.23 -29.00
N TYR B 2058 -53.19 -36.22 -28.75
CA TYR B 2058 -52.79 -37.34 -27.91
C TYR B 2058 -51.61 -38.09 -28.50
N LYS B 2059 -51.65 -38.35 -29.80
CA LYS B 2059 -50.54 -39.08 -30.43
C LYS B 2059 -49.25 -38.27 -30.34
N GLN B 2060 -49.33 -36.97 -30.61
CA GLN B 2060 -48.13 -36.13 -30.61
C GLN B 2060 -47.56 -36.01 -29.21
N THR B 2061 -48.42 -36.00 -28.18
CA THR B 2061 -47.93 -35.91 -26.81
C THR B 2061 -47.36 -37.22 -26.30
N LEU B 2062 -47.98 -38.35 -26.65
CA LEU B 2062 -47.49 -39.62 -26.16
C LEU B 2062 -46.22 -40.07 -26.88
N GLU B 2063 -46.08 -39.75 -28.17
CA GLU B 2063 -44.86 -40.14 -28.86
C GLU B 2063 -43.63 -39.46 -28.27
N ALA B 2064 -43.81 -38.40 -27.48
CA ALA B 2064 -42.67 -37.75 -26.84
C ALA B 2064 -42.27 -38.44 -25.54
N LYS B 2065 -43.18 -39.19 -24.91
CA LYS B 2065 -42.90 -39.84 -23.64
C LYS B 2065 -43.04 -41.36 -23.75
N ILE B 2066 -44.11 -41.83 -24.35
CA ILE B 2066 -44.43 -43.26 -24.29
C ILE B 2066 -43.61 -44.05 -25.31
N GLN B 2067 -43.62 -43.62 -26.57
CA GLN B 2067 -42.86 -44.35 -27.59
C GLN B 2067 -41.37 -44.30 -27.29
N THR B 2068 -40.84 -43.12 -27.01
CA THR B 2068 -39.41 -42.99 -26.73
C THR B 2068 -39.03 -43.78 -25.49
N THR B 2069 -39.83 -43.68 -24.43
CA THR B 2069 -39.52 -44.41 -23.20
C THR B 2069 -39.57 -45.92 -23.44
N SER B 2070 -40.59 -46.41 -24.13
CA SER B 2070 -40.70 -47.84 -24.36
C SER B 2070 -39.51 -48.34 -25.17
N LEU B 2071 -39.14 -47.62 -26.22
CA LEU B 2071 -38.02 -48.06 -27.03
C LEU B 2071 -36.72 -48.03 -26.25
N LEU B 2072 -36.49 -46.97 -25.47
CA LEU B 2072 -35.26 -46.88 -24.70
C LEU B 2072 -35.19 -47.99 -23.65
N ASP B 2073 -36.32 -48.28 -23.00
CA ASP B 2073 -36.33 -49.36 -22.03
C ASP B 2073 -36.03 -50.69 -22.72
N GLY B 2074 -36.64 -50.94 -23.86
CA GLY B 2074 -36.40 -52.19 -24.56
C GLY B 2074 -34.96 -52.36 -24.98
N ILE B 2075 -34.32 -51.25 -25.39
CA ILE B 2075 -32.95 -51.32 -25.91
C ILE B 2075 -31.90 -51.22 -24.82
N SER B 2076 -32.25 -50.73 -23.64
CA SER B 2076 -31.28 -50.60 -22.56
C SER B 2076 -31.22 -51.81 -21.64
N ARG B 2077 -32.18 -52.73 -21.73
CA ARG B 2077 -32.13 -53.95 -20.95
C ARG B 2077 -31.56 -55.13 -21.76
N SER B 2078 -31.01 -54.87 -22.94
CA SER B 2078 -30.37 -55.93 -23.69
C SER B 2078 -29.09 -56.37 -23.00
N PRO B 2079 -28.64 -57.61 -23.23
CA PRO B 2079 -27.45 -58.10 -22.50
C PRO B 2079 -26.23 -57.23 -22.67
N LYS B 2080 -26.05 -56.58 -23.81
CA LYS B 2080 -24.83 -55.84 -24.08
C LYS B 2080 -24.73 -54.54 -23.30
N ILE B 2081 -25.84 -54.03 -22.75
CA ILE B 2081 -25.83 -52.72 -22.11
C ILE B 2081 -26.28 -52.82 -20.66
N GLN B 2082 -27.06 -53.85 -20.34
CA GLN B 2082 -27.60 -53.97 -18.99
C GLN B 2082 -26.53 -53.90 -17.91
N PRO B 2083 -25.43 -54.65 -17.98
CA PRO B 2083 -24.45 -54.60 -16.89
C PRO B 2083 -23.70 -53.28 -16.78
N THR B 2084 -23.83 -52.40 -17.77
CA THR B 2084 -23.14 -51.12 -17.74
C THR B 2084 -24.08 -49.95 -17.45
N LEU B 2085 -25.39 -50.16 -17.46
CA LEU B 2085 -26.35 -49.10 -17.25
C LEU B 2085 -26.70 -48.97 -15.77
N ASP B 2086 -26.65 -47.74 -15.26
CA ASP B 2086 -27.03 -47.53 -13.86
C ASP B 2086 -27.85 -46.27 -13.64
N HIS B 2087 -28.21 -45.51 -14.67
CA HIS B 2087 -28.88 -44.23 -14.45
C HIS B 2087 -30.04 -44.04 -15.43
N PHE B 2088 -30.96 -44.99 -15.49
CA PHE B 2088 -32.20 -44.83 -16.25
C PHE B 2088 -33.11 -43.90 -15.45
N VAL B 2089 -33.39 -42.72 -16.00
CA VAL B 2089 -34.15 -41.68 -15.32
C VAL B 2089 -35.14 -41.06 -16.31
N MET B 2090 -36.34 -40.76 -15.84
CA MET B 2090 -37.39 -40.19 -16.65
C MET B 2090 -38.00 -39.02 -15.91
N PHE B 2091 -37.79 -37.80 -16.42
CA PHE B 2091 -38.36 -36.62 -15.81
C PHE B 2091 -39.84 -36.54 -16.12
N SER B 2092 -40.66 -36.49 -15.08
CA SER B 2092 -42.10 -36.38 -15.19
C SER B 2092 -42.54 -35.08 -14.54
N SER B 2093 -43.87 -34.90 -14.43
CA SER B 2093 -44.42 -33.71 -13.81
C SER B 2093 -45.57 -34.12 -12.89
N LEU B 2094 -45.82 -33.30 -11.88
CA LEU B 2094 -46.86 -33.60 -10.91
C LEU B 2094 -48.23 -33.72 -11.53
N SER B 2095 -48.41 -33.27 -12.77
CA SER B 2095 -49.71 -33.35 -13.42
C SER B 2095 -50.27 -34.77 -13.39
N ALA B 2096 -49.46 -35.77 -13.07
CA ALA B 2096 -49.96 -37.11 -12.84
C ALA B 2096 -50.29 -37.39 -11.39
N GLY B 2097 -49.84 -36.55 -10.47
CA GLY B 2097 -50.10 -36.76 -9.06
C GLY B 2097 -51.17 -35.85 -8.51
N HIS B 2098 -51.11 -34.57 -8.89
CA HIS B 2098 -52.03 -33.55 -8.39
C HIS B 2098 -52.96 -33.01 -9.45
N GLY B 2099 -52.76 -33.37 -10.70
CA GLY B 2099 -53.69 -33.00 -11.75
C GLY B 2099 -53.53 -31.56 -12.18
N ILE B 2100 -53.76 -31.31 -13.46
CA ILE B 2100 -53.79 -29.95 -14.00
C ILE B 2100 -55.03 -29.89 -14.91
N PRO B 2101 -55.79 -28.79 -14.89
CA PRO B 2101 -57.01 -28.74 -15.71
C PRO B 2101 -56.68 -28.84 -17.20
N GLY B 2102 -57.32 -29.80 -17.86
CA GLY B 2102 -57.21 -29.91 -19.30
C GLY B 2102 -55.82 -30.14 -19.82
N GLN B 2103 -55.10 -31.09 -19.22
CA GLN B 2103 -53.77 -31.45 -19.67
C GLN B 2103 -53.60 -32.95 -19.62
N THR B 2104 -54.61 -33.69 -20.07
CA THR B 2104 -54.65 -35.13 -19.83
C THR B 2104 -53.55 -35.88 -20.57
N ASN B 2105 -53.01 -35.31 -21.65
CA ASN B 2105 -51.93 -35.99 -22.37
C ASN B 2105 -50.68 -36.08 -21.50
N TYR B 2106 -50.28 -34.95 -20.93
CA TYR B 2106 -49.16 -34.93 -20.00
C TYR B 2106 -49.38 -35.91 -18.86
N GLY B 2107 -50.61 -35.95 -18.33
CA GLY B 2107 -50.90 -36.83 -17.21
C GLY B 2107 -50.76 -38.30 -17.57
N TRP B 2108 -51.31 -38.69 -18.72
CA TRP B 2108 -51.20 -40.09 -19.13
C TRP B 2108 -49.74 -40.46 -19.36
N GLY B 2109 -48.98 -39.58 -20.01
CA GLY B 2109 -47.58 -39.88 -20.23
C GLY B 2109 -46.80 -40.04 -18.93
N ASN B 2110 -46.99 -39.10 -18.01
CA ASN B 2110 -46.26 -39.17 -16.75
C ASN B 2110 -46.64 -40.42 -15.97
N SER B 2111 -47.93 -40.76 -15.95
CA SER B 2111 -48.36 -41.97 -15.25
C SER B 2111 -47.70 -43.20 -15.85
N TYR B 2112 -47.66 -43.29 -17.18
CA TYR B 2112 -47.02 -44.45 -17.79
C TYR B 2112 -45.54 -44.51 -17.41
N MET B 2113 -44.85 -43.38 -17.43
CA MET B 2113 -43.43 -43.41 -17.09
C MET B 2113 -43.22 -43.86 -15.64
N ASP B 2114 -44.02 -43.34 -14.72
CA ASP B 2114 -43.88 -43.74 -13.33
C ASP B 2114 -44.13 -45.23 -13.15
N ARG B 2115 -45.16 -45.75 -13.81
CA ARG B 2115 -45.45 -47.18 -13.68
C ARG B 2115 -44.32 -48.01 -14.28
N LEU B 2116 -43.76 -47.56 -15.39
CA LEU B 2116 -42.63 -48.30 -15.97
C LEU B 2116 -41.44 -48.32 -15.02
N CYS B 2117 -41.17 -47.20 -14.36
CA CYS B 2117 -40.03 -47.16 -13.45
C CYS B 2117 -40.26 -48.04 -12.23
N GLU B 2118 -41.51 -48.06 -11.72
CA GLU B 2118 -41.81 -48.98 -10.63
C GLU B 2118 -41.60 -50.42 -11.07
N LYS B 2119 -42.06 -50.77 -12.27
CA LYS B 2119 -41.82 -52.12 -12.78
C LYS B 2119 -40.33 -52.41 -12.87
N ARG B 2120 -39.56 -51.44 -13.37
CA ARG B 2120 -38.11 -51.63 -13.46
C ARG B 2120 -37.50 -51.95 -12.11
N ARG B 2121 -37.77 -51.11 -11.11
CA ARG B 2121 -37.18 -51.35 -9.81
C ARG B 2121 -37.60 -52.70 -9.24
N ALA B 2122 -38.87 -53.06 -9.40
CA ALA B 2122 -39.32 -54.37 -8.94
C ALA B 2122 -38.55 -55.49 -9.64
N GLN B 2123 -38.21 -55.29 -10.90
CA GLN B 2123 -37.53 -56.31 -11.70
C GLN B 2123 -36.01 -56.19 -11.63
N GLY B 2124 -35.47 -55.27 -10.83
CA GLY B 2124 -34.04 -55.02 -10.85
C GLY B 2124 -33.67 -53.97 -11.88
N LEU B 2125 -32.39 -53.64 -11.93
CA LEU B 2125 -31.90 -52.58 -12.80
C LEU B 2125 -32.30 -51.24 -12.20
N PRO B 2126 -31.65 -50.16 -12.58
CA PRO B 2126 -32.06 -48.85 -12.06
C PRO B 2126 -33.42 -48.45 -12.61
N GLY B 2127 -34.07 -47.54 -11.90
CA GLY B 2127 -35.34 -46.98 -12.34
C GLY B 2127 -35.71 -45.79 -11.49
N LEU B 2128 -36.22 -44.73 -12.11
CA LEU B 2128 -36.53 -43.53 -11.36
C LEU B 2128 -37.45 -42.66 -12.18
N SER B 2129 -38.35 -41.93 -11.51
CA SER B 2129 -39.27 -41.01 -12.16
C SER B 2129 -39.49 -39.84 -11.20
N ILE B 2130 -38.91 -38.69 -11.54
CA ILE B 2130 -38.98 -37.50 -10.69
C ILE B 2130 -40.12 -36.63 -11.19
N GLN B 2131 -41.12 -36.42 -10.35
CA GLN B 2131 -42.27 -35.59 -10.69
C GLN B 2131 -42.00 -34.17 -10.21
N TRP B 2132 -41.95 -33.23 -11.15
CA TRP B 2132 -41.70 -31.83 -10.84
C TRP B 2132 -43.01 -31.05 -10.78
N ALA B 2133 -42.98 -29.94 -10.07
CA ALA B 2133 -44.12 -29.05 -9.98
C ALA B 2133 -44.03 -27.96 -11.03
N SER B 2134 -42.94 -27.19 -11.01
CA SER B 2134 -42.73 -26.12 -11.98
C SER B 2134 -41.31 -25.61 -11.81
N ILE B 2135 -40.51 -25.72 -12.88
CA ILE B 2135 -39.14 -25.22 -12.84
C ILE B 2135 -39.12 -23.79 -13.33
N ALA B 2136 -38.41 -22.94 -12.59
CA ALA B 2136 -38.36 -21.51 -12.90
C ALA B 2136 -37.20 -21.21 -13.84
N ASP B 2137 -37.12 -19.96 -14.26
CA ASP B 2137 -35.99 -19.46 -15.03
C ASP B 2137 -35.96 -20.04 -16.44
N VAL B 2138 -35.61 -21.31 -16.58
CA VAL B 2138 -35.43 -21.88 -17.91
C VAL B 2138 -36.74 -21.93 -18.68
N GLY B 2139 -37.81 -22.38 -18.04
CA GLY B 2139 -39.06 -22.58 -18.74
C GLY B 2139 -39.68 -21.28 -19.23
N PHE B 2140 -40.74 -21.43 -20.01
CA PHE B 2140 -41.46 -20.26 -20.50
C PHE B 2140 -42.02 -19.44 -19.33
N VAL B 2141 -42.37 -20.10 -18.22
CA VAL B 2141 -42.82 -19.36 -17.06
C VAL B 2141 -41.73 -18.43 -16.56
N GLY B 2142 -40.47 -18.86 -16.65
CA GLY B 2142 -39.37 -17.99 -16.29
C GLY B 2142 -39.26 -16.78 -17.20
N THR B 2143 -39.48 -16.96 -18.50
CA THR B 2143 -39.45 -15.84 -19.42
C THR B 2143 -40.60 -14.86 -19.15
N LYS B 2144 -41.80 -15.39 -18.92
CA LYS B 2144 -42.92 -14.53 -18.59
C LYS B 2144 -42.81 -13.96 -17.19
N GLY B 2145 -42.03 -14.62 -16.33
CA GLY B 2145 -41.90 -14.21 -14.94
C GLY B 2145 -42.01 -15.41 -14.01
N ASN B 2146 -41.00 -15.60 -13.16
CA ASN B 2146 -40.93 -16.78 -12.31
C ASN B 2146 -41.66 -16.49 -11.00
N ASN B 2147 -42.92 -16.10 -11.11
CA ASN B 2147 -43.75 -15.89 -9.93
C ASN B 2147 -45.16 -16.44 -10.13
N VAL B 2148 -45.54 -16.71 -11.37
CA VAL B 2148 -46.89 -17.17 -11.65
C VAL B 2148 -47.15 -18.47 -10.90
N VAL B 2149 -48.27 -18.54 -10.21
CA VAL B 2149 -48.61 -19.68 -9.37
C VAL B 2149 -49.61 -20.55 -10.12
N ILE B 2150 -49.40 -21.87 -10.04
CA ILE B 2150 -50.26 -22.86 -10.67
C ILE B 2150 -50.67 -23.85 -9.60
N GLU B 2151 -51.96 -23.91 -9.30
CA GLU B 2151 -52.46 -24.76 -8.22
C GLU B 2151 -51.80 -24.40 -6.89
N GLY B 2152 -51.25 -23.20 -6.79
CA GLY B 2152 -50.57 -22.79 -5.59
C GLY B 2152 -49.14 -23.25 -5.48
N LYS B 2153 -48.51 -23.65 -6.58
CA LYS B 2153 -47.15 -24.18 -6.58
C LYS B 2153 -46.24 -23.11 -7.17
N TRP B 2154 -45.48 -22.46 -6.31
CA TRP B 2154 -44.56 -21.44 -6.75
C TRP B 2154 -43.55 -22.05 -7.73
N PRO B 2155 -43.10 -21.32 -8.73
CA PRO B 2155 -42.11 -21.89 -9.67
C PRO B 2155 -40.77 -22.06 -9.00
N GLN B 2156 -40.36 -23.31 -8.86
CA GLN B 2156 -39.15 -23.66 -8.11
C GLN B 2156 -37.92 -23.08 -8.79
N ARG B 2157 -36.91 -22.74 -7.99
CA ARG B 2157 -35.65 -22.24 -8.53
C ARG B 2157 -34.99 -23.37 -9.31
N MET B 2158 -33.81 -23.10 -9.86
CA MET B 2158 -33.05 -24.13 -10.56
C MET B 2158 -32.10 -24.86 -9.61
N TYR B 2159 -31.17 -24.12 -9.01
CA TYR B 2159 -30.16 -24.78 -8.18
C TYR B 2159 -30.80 -25.63 -7.09
N ASN B 2160 -31.90 -25.16 -6.52
CA ASN B 2160 -32.62 -26.00 -5.57
C ASN B 2160 -33.17 -27.25 -6.26
N CYS B 2161 -33.68 -27.09 -7.48
CA CYS B 2161 -34.11 -28.23 -8.25
C CYS B 2161 -32.96 -29.19 -8.47
N LEU B 2162 -31.77 -28.65 -8.76
CA LEU B 2162 -30.62 -29.51 -9.01
C LEU B 2162 -30.19 -30.24 -7.74
N GLN B 2163 -30.24 -29.58 -6.58
CA GLN B 2163 -29.91 -30.27 -5.34
C GLN B 2163 -30.90 -31.39 -5.04
N VAL B 2164 -32.19 -31.13 -5.25
CA VAL B 2164 -33.17 -32.20 -5.06
C VAL B 2164 -32.91 -33.34 -6.01
N CYS B 2165 -32.55 -33.02 -7.26
CA CYS B 2165 -32.21 -34.08 -8.21
C CYS B 2165 -30.98 -34.85 -7.76
N ASP B 2166 -30.00 -34.14 -7.18
CA ASP B 2166 -28.80 -34.80 -6.69
C ASP B 2166 -29.15 -35.80 -5.60
N TYR B 2167 -30.04 -35.42 -4.68
CA TYR B 2167 -30.47 -36.38 -3.69
C TYR B 2167 -31.24 -37.53 -4.32
N PHE B 2168 -32.09 -37.23 -5.31
CA PHE B 2168 -32.98 -38.25 -5.85
C PHE B 2168 -32.22 -39.29 -6.67
N LEU B 2169 -31.13 -38.89 -7.31
CA LEU B 2169 -30.43 -39.82 -8.19
C LEU B 2169 -29.77 -40.97 -7.43
N SER B 2170 -29.54 -40.82 -6.13
CA SER B 2170 -28.78 -41.79 -5.36
C SER B 2170 -29.58 -42.38 -4.21
N GLN B 2171 -30.89 -42.57 -4.42
CA GLN B 2171 -31.76 -43.14 -3.41
C GLN B 2171 -32.67 -44.18 -4.06
N ASN B 2172 -32.90 -45.27 -3.34
CA ASN B 2172 -33.62 -46.42 -3.90
C ASN B 2172 -35.12 -46.24 -3.66
N ARG B 2173 -35.75 -45.47 -4.54
CA ARG B 2173 -37.20 -45.37 -4.60
C ARG B 2173 -37.62 -45.22 -6.06
N PRO B 2174 -38.63 -45.96 -6.51
CA PRO B 2174 -38.96 -45.91 -7.94
C PRO B 2174 -39.44 -44.55 -8.42
N VAL B 2175 -40.48 -44.00 -7.80
CA VAL B 2175 -41.10 -42.76 -8.27
C VAL B 2175 -41.16 -41.78 -7.12
N VAL B 2176 -40.73 -40.55 -7.38
CA VAL B 2176 -40.67 -39.52 -6.34
C VAL B 2176 -41.26 -38.23 -6.88
N ALA B 2177 -41.40 -37.23 -6.01
CA ALA B 2177 -41.96 -35.95 -6.42
C ALA B 2177 -41.34 -34.83 -5.59
N CYS B 2178 -41.39 -33.61 -6.13
CA CYS B 2178 -40.85 -32.45 -5.45
C CYS B 2178 -41.60 -31.21 -5.91
N HIS B 2179 -42.18 -30.47 -4.97
CA HIS B 2179 -42.95 -29.27 -5.28
C HIS B 2179 -42.71 -28.21 -4.22
N VAL B 2180 -42.83 -26.94 -4.62
CA VAL B 2180 -42.62 -25.81 -3.75
C VAL B 2180 -43.95 -25.08 -3.58
N LEU B 2181 -44.40 -24.94 -2.33
CA LEU B 2181 -45.69 -24.34 -2.07
C LEU B 2181 -45.61 -22.83 -2.08
N ALA B 2182 -46.70 -22.20 -2.47
CA ALA B 2182 -46.78 -20.75 -2.64
C ALA B 2182 -47.54 -20.11 -1.49
N GLU B 2183 -47.08 -18.94 -1.08
CA GLU B 2183 -47.69 -18.20 0.03
C GLU B 2183 -49.17 -17.99 -0.26
N LYS B 2184 -50.03 -18.57 0.55
CA LYS B 2184 -51.47 -18.50 0.34
C LYS B 2184 -51.99 -17.11 0.67
#